data_8R2M
#
_entry.id   8R2M
#
_cell.length_a   1.00
_cell.length_b   1.00
_cell.length_c   1.00
_cell.angle_alpha   90.00
_cell.angle_beta   90.00
_cell.angle_gamma   90.00
#
_symmetry.space_group_name_H-M   'P 1'
#
loop_
_entity.id
_entity.type
_entity.pdbx_description
1 polymer 'DNA-directed RNA polymerase subunit alpha'
2 polymer 'DNA-directed RNA polymerase subunit beta'
3 polymer "DNA-directed RNA polymerase subunit beta'"
4 polymer 'RNA polymerase sigma factor SigA'
5 polymer Helicase
6 polymer 'RNA polymerase-binding protein RbpA'
7 polymer 'DNA 31-MER'
8 polymer 'DNA 22-MER'
9 polymer 'DNA-directed RNA polymerase subunit omega'
10 non-polymer 'ZINC ION'
11 non-polymer 'MAGNESIUM ION'
#
loop_
_entity_poly.entity_id
_entity_poly.type
_entity_poly.pdbx_seq_one_letter_code
_entity_poly.pdbx_strand_id
1 'polypeptide(L)'
;MLISQRPTLSEETVAENRSRFVIEPLEPGFGYTLGNSLRRTLLSSIPGAAVTSIRIDGVLHEFTTVPGVKEDVTDIILNL
KGLVVSSDDDEPVTMYLRKQGPGVVTAGDIVPPAGVTVHNPDMHIATLNDKGKLEVELVVERGRGYVPAVQNKASGAEIG
RIPVDSIYSPVLKVTYKVEATRVEQRTDFDKLIIDVETKNSISPRDALASAGGTLVELFGLARELNADSEHIEIGPSPAE
ADHIASFALPIDDLDLTVRSYNCLKREGVHTVGELVARTESDLLDIRNFGQKSIDEVKIKLHQLGLSLKDSPATFDPSEV
AGYDAATGTWTSDAGYDLDDNQDYAETEQL
;
A,B
2 'polypeptide(L)'
;MLEGCILAVSSQSKSNAITNNSVPGAPNRVSFAKLREPLEVPGLLDVQTDSFEWLVGSDRWRQAAIDRGEENPVGGLEEV
LAELSPIEDFSGSMSLSFSDPRFDEVKASVDECKDKDMTYAAPLFVTAEFINNNTGEIKSQTVFMGDFPMMTEKGTFIIN
GTERVVVSQLVRSPGVYFDETIDKSTEKTLHSVKVIPGRGAWLEFDVDKRDTVGVRIDRKRRQPVTVLLKALGWTNEQIV
ERFGFSEIMMGTLEKDTTSGTDEALLDIYRKLRPGEPPTKESAQTLLENLFFKEKRYDLARVGRYKVNKKLGLNAGKPIT
SSTLTEEDVVATIEYLVRLHEGQTSMTVPGGVEVPVEVDDIDHFGNRRLRTVGELIQNQIRVGLSRMERVVRERMTTQDV
EAITPQTLINIRPVVAAIKEFFGTSQLSQFMDQNNPLSGLTHKRRLSALGPGGLSRERAGLEVRDVHPSHYGRMCPIETP
EGPNIGLIGSLSVYARVNPFGFIETPYRKVENGVVTDQIDYLTADEEDRHVVAQANSPTDENGRFTEDRVMVRKKGGEVE
FVSADQVDYMDVSPRQMVSVATAMIPFLEHDDANRALMGANMQRQAVPLVRSEAPLVGTGMELRAAIDAGDVVVADKTGV
IEEVSADYITVMADDGTRQSYRLRKFARSNHGTCANQRPIVDAGQRVEAGQVIADGPCTQNGEMALGKNLLVAIMPWEGH
NYEDAIILSNRLVEEDVLTSIHIEEHEIDARDTKLGAEEITRDIPNVSDEVLADLDERGIVRIGAEVRDGDILVGKVTPK
GETELTPEERLLRAIFGEKAREVRDTSLKVPHGESGKVIGIRVFSREDDDELPAGVNELVRVYVAQKRKISDGDKLAGRH
GNKGVIGKILPVEDMPFLPDGTPVDIILNTHGVPRRMNIGQILETHLGWVAKAGWNIDVAAGVPDWASKLPEELYSAPAD
STVATPVFDGAQEGELAGLLGSTLPNRDGEVMVDADGKSTLFDGRSGEPFPYPVTVGYMYILKLHHLVDDKIHARSTGPY
SMITQQPLGGKAQFGGQRFGEMECWAMQAYGAAYTLQELLTIKSDDTVGRVKVYEAIVKGENIPEPGIPESFKVLLKELQ
SLCLNVEVLSSDGAAIEMRDGDDEDLERAAANLGINLSRNESASVEDLA
;
C
3 'polypeptide(L)'
;MLDVNFFDELRIGLATADDIRNWSYGEVKKPETINYRTLKPEKDGLFCEKIFGPTRDWECYCGKYKRVRFKGIICERCGV
EVTRAKVRRERMGHIELAAPVTHIWYFKGVPSRLGYLLDLAPKDLEKIIYFAAYVITSVDDEMRHNELSTLEAEMAVEKK
AVEDQRDADLEARAQKLEADLAELEAEGAKSDVRRKVRDSGEREMRQLRDRAQRELDRLDEIWNTFTKLAPKQLIVDEVL
YRELQDRYGEYFTGAMGAESIKKLIENFDIDAEAESLREVIRSGKGQKKLRALKRLKVVAAFQQSGNSPMGMVLDAVPVI
PPELRPMVQLDGGRFATSDLNDLYRRVINRNNRLKRLIDLGAPEIIVNNEKRMLQESVDALFDNGRRGRPVTGPGNRPLK
SLSDLLKGKQGRFRQNLLGKRVDYSGRSVIVVGPQLKLHQCGLPKLMALELFKPFVMKRLVDLNHAQNIKSAKRMVERQR
PQVWDVLEEVIAEHPVLLNRAPTLHRLGIQAFEPQLVEGKAIQLHPLVCEAFNADFDGDQMAVHLPLSAEAQAEARILML
SSNNILSPASGKPLAMPRLDMVTGLYYLTTLVEGATGEYQAATKDAPEQGVYSSPAEAIMAMDRGALSVRAKIKVRLTEL
RPPTDLEAQLFENGWKPGDAWTAETTLGRVMFNELLPKSYPFVNEQMHKKVQARIINDLAERFPMIVVAQTVDKLKDAGF
YWATRSGVTVSMADVLVPPQKQEILERHEAEADAIERKYQRGALNHTERNESLVKIWQDATEEVGKALEEFYPADNPIIT
IVKSGATGNLTQTRTLAGMKGLVTNPKGEFIPRPIKSSFREGLTVLEYFINTHGARKGLADTALRTADSGYLTRRLVDVS
QDVIVREHDCETERGINVTLAERGPDGTLIRDAHVETSAFARTLATDAVDANGNVIIERGHDLGDPAIDALLAAGITTVK
VRSVLTCTSATGVCAMCYGRSMATGKLVDIGEAVGIVAAQSIGEPGTQLTMRTFHQGGVTGGADIVGGLPRVQELFEARV
PRNKAPIADVAGRVRLEESDKFFKITIVPDDGGEEVVYDKLSKRQRLRVITHEDGTEGVLSDGDHVEVGDQLMEGAADPH
EVLRVQGPREVQIHLVKEVQEVYRAQGVSIHDKHIEVIVRQMLRRVTIIDSGSTEFLPGSLTERAEFEAENRRVVAEGGE
PAAGRPVLMGITKASLATDSWLSAASFQETTRVLTDAAINCRSDKLNGLKENVIIGKLIPAGTGISRYRNIQVQPTEEAR
AAAYTIPSYEDQYYSPDFGQATGAAVPLDDYGYSDYR
;
D
4 'polypeptide(L)'
;MAATKASPATEEPVKRTATKTPAKKAPAKRAAKSAAAKAGGKAPAKKAPAKRAAKGTAAKPEDGVTDDLEVTDDLEAEPG
EDLDVEDTDLELDDLDSDDDTAVEDEEEEADAATPAVATAKAADDDIDEPSEKDKASGDFVWDEEESEALRQARKDAELT
ASADSVRAYLKQIGKVALLNAEEEVELAKRIEAGLYATQKLAELAEKGEKLPVQQRRDMQWICRDGDRAKNHLLEANLRL
VVSLAKRYTGRGMAFLDLIQEGNLGLIRAVEKFDYTKGYKFSTYATWWIRQAITRAMADQARTIRIPVHMVEVINKLGRI
QRELLQDLGREPTPEELAKEMDITPEKVLEIQQYAREPISLDQTIGDEGDSQLGDFIEDSEAVVAVDAVSFTLLQDQLQS
VLETLSEREAGVVRLRFGLTDGQPRTLDEIGQVYGVTRERIRQIESKTMSKLRHPSRSQVLRDYLD
;
F
5 'polypeptide(L)'
;MSGRDYEDELQSERDYVAGLYARLDAERAQSQRRYAAALREHGGTAVERDAEVRALAKDIARLNVADNGLCFGRLDTLDD
ARLYIGRLGIFDRDNDFEPLLLDWRAPMARPFYVATAANPENMRRRRQFHTLGRKVVDFTDEILGRPTGAEHDATNDAAL
LAAVNAPRGEGMRDIVATIQAEQDQVIRLDHTGVLVIEGGPGTGKTVVALHRVAYLLYTYRKQMERHGVLVVGPTPAFLD
HIGRVLPSLGESDAVFMTPGDFVPGLHVTAEDTPEAAEVKGSLKILDVLKAAVADRQELPSEPIPIDLSDVTMRIDAETA
KWARDEARKTGLPHNEARAEFVDVVTYVVTERAVARIGRGWLTRDDKHAWEKMRADVVGELEDHEQFNAALDALWPILTP
EDVLAQLYTSHERLRAAGAPECLWRADGEAWTVSDVPLLDELVDLLGRNKAADEAAERERREEEAYAAGVLDLMVDREDL
MDDEDHLLAQDLIDAEELADRFKEQDNRELSERAAADREWTYGHVVVDEAQELSEMDWRLLMRRCPRRSFTIVGDLAQRR
SPAGARSWGAMLDSYVPGRWVYKSLSVNYRTPAEIMAVAAAVLAEFAPDATPPDSVRACGVAPWARQVTDDDIASAIAEF
VSEEAGREGTSVVIGPPDVPGTVPPSETKGLEFDAVLVVEPERILADGPRGAAELYVALTRATQRLGVLYRDALPQALAG
LAEGDAAATVEQRTSA
;
H
6 'polypeptide(L)'
;MADRVLRGSRLGAVSYETDRNHDLAPRQVARYRTDNGEEFDVPFADDAEIPGTWLCRNGLEGTLIEGDVPEPKKVKPPRT
HWDMLLERRSVEELEELLKERLDLIKAKRRGTGS
;
J
7 'polydeoxyribonucleotide'
;(DG)(DC)(DT)(DT)(DG)(DA)(DC)(DA)(DA)(DA)(DA)(DG)(DT)(DG)(DT)(DT)(DA)(DA)(DA)(DT)
(DT)(DG)(DT)(DG)(DC)(DT)(DA)(DT)(DA)(DC)(DT)
;
O
8 'polydeoxyribonucleotide'
;(DC)(DA)(DA)(DT)(DT)(DT)(DA)(DA)(DC)(DA)(DC)(DT)(DT)(DT)(DT)(DG)(DT)(DC)(DA)(DA)
(DG)(DC)
;
P
9 'polypeptide(L)'
;MSTPHADAQLNAADDLGIDSSAASAYDTPLGITNPPIDELLSRASSKYALVIYAAKRARQINDYYNQLGDGILEYVGPLV
EPGLQEKPLSIALREIHGDLLEHTEGE
;
E
#
loop_
_chem_comp.id
_chem_comp.type
_chem_comp.name
_chem_comp.formula
DA DNA linking 2'-DEOXYADENOSINE-5'-MONOPHOSPHATE 'C10 H14 N5 O6 P'
DC DNA linking 2'-DEOXYCYTIDINE-5'-MONOPHOSPHATE 'C9 H14 N3 O7 P'
DG DNA linking 2'-DEOXYGUANOSINE-5'-MONOPHOSPHATE 'C10 H14 N5 O7 P'
DT DNA linking THYMIDINE-5'-MONOPHOSPHATE 'C10 H15 N2 O8 P'
MG non-polymer 'MAGNESIUM ION' 'Mg 2'
ZN non-polymer 'ZINC ION' 'Zn 2'
#
# COMPACT_ATOMS: atom_id res chain seq x y z
N MET A 1 10.69 -17.02 -70.16
CA MET A 1 10.11 -18.40 -70.17
C MET A 1 10.81 -19.31 -69.17
N LEU A 2 10.26 -20.50 -68.98
CA LEU A 2 10.82 -21.45 -68.02
C LEU A 2 12.22 -21.87 -68.44
N ILE A 3 13.08 -22.10 -67.45
CA ILE A 3 14.45 -22.53 -67.69
C ILE A 3 14.72 -23.79 -66.87
N SER A 4 15.68 -24.59 -67.33
CA SER A 4 15.93 -25.90 -66.76
C SER A 4 17.23 -25.98 -65.96
N GLN A 5 18.01 -24.91 -65.88
CA GLN A 5 19.29 -24.96 -65.18
C GLN A 5 19.09 -25.26 -63.70
N ARG A 6 19.52 -26.44 -63.26
CA ARG A 6 19.38 -26.83 -61.87
C ARG A 6 20.41 -26.12 -61.00
N PRO A 7 20.13 -25.96 -59.71
CA PRO A 7 21.11 -25.32 -58.82
C PRO A 7 22.31 -26.21 -58.54
N THR A 8 23.38 -25.57 -58.10
CA THR A 8 24.63 -26.24 -57.79
C THR A 8 25.29 -25.53 -56.60
N LEU A 9 26.17 -26.26 -55.93
CA LEU A 9 26.80 -25.83 -54.69
C LEU A 9 28.31 -25.99 -54.80
N SER A 10 29.04 -25.00 -54.30
CA SER A 10 30.50 -25.03 -54.23
C SER A 10 30.93 -24.46 -52.89
N GLU A 11 32.21 -24.62 -52.57
CA GLU A 11 32.76 -24.21 -51.28
C GLU A 11 34.11 -23.53 -51.45
N GLU A 12 34.41 -22.59 -50.56
CA GLU A 12 35.73 -21.99 -50.44
C GLU A 12 36.12 -21.94 -48.97
N THR A 13 37.37 -22.31 -48.69
CA THR A 13 37.86 -22.33 -47.32
C THR A 13 38.36 -20.96 -46.89
N VAL A 14 38.19 -20.66 -45.60
CA VAL A 14 38.65 -19.40 -45.03
C VAL A 14 39.60 -19.70 -43.88
N ALA A 15 39.46 -20.89 -43.28
CA ALA A 15 40.30 -21.30 -42.18
C ALA A 15 40.09 -22.79 -41.93
N GLU A 16 40.77 -23.32 -40.92
CA GLU A 16 40.62 -24.72 -40.59
C GLU A 16 39.22 -25.04 -40.08
N ASN A 17 38.52 -24.04 -39.54
CA ASN A 17 37.21 -24.24 -38.94
C ASN A 17 36.15 -23.29 -39.48
N ARG A 18 36.37 -22.70 -40.65
CA ARG A 18 35.40 -21.78 -41.24
C ARG A 18 35.36 -22.01 -42.75
N SER A 19 34.18 -21.87 -43.34
CA SER A 19 34.00 -22.11 -44.76
C SER A 19 32.88 -21.22 -45.28
N ARG A 20 32.87 -21.02 -46.61
CA ARG A 20 31.89 -20.19 -47.27
C ARG A 20 31.37 -20.95 -48.50
N PHE A 21 30.10 -21.31 -48.47
CA PHE A 21 29.46 -22.11 -49.51
C PHE A 21 28.59 -21.23 -50.40
N VAL A 22 28.63 -21.48 -51.69
CA VAL A 22 27.88 -20.72 -52.68
C VAL A 22 26.90 -21.66 -53.37
N ILE A 23 25.63 -21.28 -53.36
CA ILE A 23 24.57 -22.04 -54.02
C ILE A 23 23.93 -21.14 -55.05
N GLU A 24 23.83 -21.63 -56.29
CA GLU A 24 23.25 -20.84 -57.37
C GLU A 24 22.97 -21.75 -58.55
N PRO A 25 22.02 -21.37 -59.42
CA PRO A 25 21.12 -20.23 -59.30
C PRO A 25 19.86 -20.56 -58.53
N LEU A 26 19.21 -19.56 -57.96
CA LEU A 26 17.96 -19.71 -57.23
C LEU A 26 16.93 -18.73 -57.77
N GLU A 27 15.66 -19.08 -57.63
CA GLU A 27 14.60 -18.23 -58.14
C GLU A 27 14.58 -16.92 -57.37
N PRO A 28 14.07 -15.84 -57.97
CA PRO A 28 14.07 -14.54 -57.28
C PRO A 28 13.33 -14.61 -55.95
N GLY A 29 13.89 -13.94 -54.95
CA GLY A 29 13.28 -13.89 -53.64
C GLY A 29 13.35 -15.18 -52.85
N PHE A 30 14.20 -16.13 -53.25
CA PHE A 30 14.27 -17.43 -52.62
C PHE A 30 15.54 -17.63 -51.79
N GLY A 31 16.55 -16.79 -51.95
CA GLY A 31 17.80 -16.97 -51.24
C GLY A 31 17.70 -16.80 -49.73
N TYR A 32 17.03 -15.73 -49.29
CA TYR A 32 17.00 -15.43 -47.85
C TYR A 32 16.34 -16.56 -47.06
N THR A 33 15.20 -17.08 -47.54
CA THR A 33 14.51 -18.11 -46.79
C THR A 33 15.34 -19.38 -46.70
N LEU A 34 15.99 -19.78 -47.80
CA LEU A 34 16.84 -20.97 -47.78
C LEU A 34 18.01 -20.79 -46.82
N GLY A 35 18.67 -19.62 -46.89
CA GLY A 35 19.77 -19.35 -45.99
C GLY A 35 19.35 -19.38 -44.53
N ASN A 36 18.19 -18.79 -44.23
CA ASN A 36 17.70 -18.78 -42.86
C ASN A 36 17.35 -20.20 -42.39
N SER A 37 16.76 -21.01 -43.26
CA SER A 37 16.47 -22.39 -42.87
C SER A 37 17.75 -23.15 -42.56
N LEU A 38 18.78 -23.00 -43.42
CA LEU A 38 20.05 -23.66 -43.16
C LEU A 38 20.68 -23.17 -41.87
N ARG A 39 20.64 -21.86 -41.63
CA ARG A 39 21.20 -21.30 -40.41
C ARG A 39 20.50 -21.84 -39.18
N ARG A 40 19.16 -21.88 -39.20
CA ARG A 40 18.42 -22.38 -38.05
C ARG A 40 18.73 -23.84 -37.79
N THR A 41 18.77 -24.65 -38.84
CA THR A 41 19.10 -26.07 -38.65
C THR A 41 20.50 -26.23 -38.08
N LEU A 42 21.47 -25.50 -38.62
CA LEU A 42 22.84 -25.61 -38.16
C LEU A 42 22.96 -25.21 -36.70
N LEU A 43 22.30 -24.12 -36.31
CA LEU A 43 22.43 -23.64 -34.95
C LEU A 43 21.68 -24.54 -33.95
N SER A 44 20.57 -25.15 -34.38
CA SER A 44 19.71 -25.84 -33.43
C SER A 44 20.00 -27.33 -33.32
N SER A 45 20.14 -28.04 -34.45
CA SER A 45 20.03 -29.49 -34.43
C SER A 45 21.24 -30.18 -35.05
N ILE A 46 22.45 -29.76 -34.70
CA ILE A 46 23.67 -30.47 -35.07
C ILE A 46 24.17 -31.23 -33.85
N PRO A 47 24.32 -32.55 -33.92
CA PRO A 47 24.72 -33.31 -32.73
C PRO A 47 26.17 -33.06 -32.34
N GLY A 48 26.48 -33.38 -31.09
CA GLY A 48 27.83 -33.22 -30.59
C GLY A 48 28.01 -33.93 -29.27
N ALA A 49 29.11 -33.61 -28.60
CA ALA A 49 29.44 -34.21 -27.32
C ALA A 49 29.88 -33.12 -26.35
N ALA A 50 29.61 -33.36 -25.06
CA ALA A 50 29.99 -32.41 -24.02
C ALA A 50 30.01 -33.15 -22.69
N VAL A 51 30.65 -32.53 -21.70
CA VAL A 51 30.73 -33.12 -20.36
C VAL A 51 29.37 -33.04 -19.70
N THR A 52 29.04 -34.05 -18.90
CA THR A 52 27.78 -34.13 -18.18
C THR A 52 27.91 -33.97 -16.68
N SER A 53 28.96 -34.52 -16.08
CA SER A 53 29.15 -34.41 -14.64
C SER A 53 30.63 -34.58 -14.33
N ILE A 54 31.02 -34.14 -13.13
CA ILE A 54 32.40 -34.23 -12.68
C ILE A 54 32.43 -34.56 -11.20
N ARG A 55 33.42 -35.35 -10.81
CA ARG A 55 33.76 -35.61 -9.41
C ARG A 55 35.18 -35.18 -9.16
N ILE A 56 35.38 -34.45 -8.05
CA ILE A 56 36.69 -34.02 -7.61
C ILE A 56 37.01 -34.73 -6.30
N ASP A 57 38.30 -34.95 -6.06
CA ASP A 57 38.70 -35.84 -4.96
C ASP A 57 38.18 -35.33 -3.62
N GLY A 58 38.36 -34.05 -3.33
CA GLY A 58 38.14 -33.54 -1.98
C GLY A 58 36.96 -32.60 -1.83
N VAL A 59 35.92 -32.76 -2.64
CA VAL A 59 34.75 -31.90 -2.55
C VAL A 59 33.49 -32.77 -2.50
N LEU A 60 32.45 -32.24 -1.85
CA LEU A 60 31.14 -32.86 -1.84
C LEU A 60 30.10 -32.09 -2.62
N HIS A 61 30.34 -30.81 -2.89
CA HIS A 61 29.41 -29.97 -3.64
C HIS A 61 30.21 -28.86 -4.29
N GLU A 62 29.55 -28.17 -5.23
CA GLU A 62 30.25 -27.19 -6.07
C GLU A 62 30.48 -25.86 -5.38
N PHE A 63 29.86 -25.60 -4.24
CA PHE A 63 30.05 -24.34 -3.52
C PHE A 63 31.12 -24.45 -2.44
N THR A 64 32.34 -24.81 -2.85
CA THR A 64 33.44 -24.97 -1.92
C THR A 64 34.75 -24.69 -2.65
N THR A 65 35.86 -24.95 -1.96
CA THR A 65 37.18 -24.73 -2.50
C THR A 65 38.05 -25.97 -2.30
N VAL A 66 39.04 -26.13 -3.16
CA VAL A 66 40.01 -27.22 -3.08
C VAL A 66 41.29 -26.65 -2.49
N PRO A 67 41.86 -27.25 -1.45
CA PRO A 67 43.11 -26.70 -0.89
C PRO A 67 44.20 -26.59 -1.95
N GLY A 68 44.84 -25.43 -2.02
CA GLY A 68 45.92 -25.20 -2.94
C GLY A 68 45.52 -24.81 -4.34
N VAL A 69 44.23 -24.74 -4.64
CA VAL A 69 43.76 -24.35 -5.97
C VAL A 69 43.29 -22.90 -5.91
N LYS A 70 43.75 -22.12 -6.88
CA LYS A 70 43.38 -20.70 -6.94
C LYS A 70 41.91 -20.52 -7.28
N GLU A 71 41.36 -21.40 -8.12
CA GLU A 71 39.97 -21.28 -8.54
C GLU A 71 39.04 -22.03 -7.58
N ASP A 72 37.83 -21.49 -7.43
CA ASP A 72 36.79 -22.20 -6.72
C ASP A 72 36.21 -23.32 -7.58
N VAL A 73 35.45 -24.20 -6.95
CA VAL A 73 34.88 -25.32 -7.70
C VAL A 73 33.92 -24.81 -8.77
N THR A 74 33.14 -23.77 -8.47
CA THR A 74 32.29 -23.17 -9.49
C THR A 74 33.11 -22.59 -10.63
N ASP A 75 34.22 -21.93 -10.32
CA ASP A 75 35.08 -21.40 -11.36
C ASP A 75 35.68 -22.52 -12.20
N ILE A 76 36.09 -23.62 -11.56
CA ILE A 76 36.63 -24.76 -12.31
C ILE A 76 35.57 -25.33 -13.24
N ILE A 77 34.33 -25.46 -12.75
CA ILE A 77 33.26 -25.99 -13.58
C ILE A 77 33.01 -25.08 -14.78
N LEU A 78 32.93 -23.77 -14.52
CA LEU A 78 32.70 -22.82 -15.60
C LEU A 78 33.82 -22.86 -16.63
N ASN A 79 35.08 -22.97 -16.18
CA ASN A 79 36.18 -23.09 -17.11
C ASN A 79 36.07 -24.39 -17.92
N LEU A 80 35.72 -25.49 -17.26
CA LEU A 80 35.53 -26.75 -17.98
C LEU A 80 34.44 -26.63 -19.03
N LYS A 81 33.45 -25.77 -18.80
CA LYS A 81 32.40 -25.59 -19.79
C LYS A 81 32.93 -25.11 -21.13
N GLY A 82 34.10 -24.47 -21.16
CA GLY A 82 34.73 -24.08 -22.41
C GLY A 82 35.46 -25.19 -23.11
N LEU A 83 35.52 -26.37 -22.49
CA LEU A 83 36.18 -27.51 -23.10
C LEU A 83 35.36 -28.04 -24.28
N VAL A 84 36.02 -28.29 -25.40
CA VAL A 84 35.39 -28.87 -26.58
C VAL A 84 35.90 -30.29 -26.73
N VAL A 85 34.96 -31.24 -26.78
CA VAL A 85 35.29 -32.66 -26.77
C VAL A 85 34.48 -33.38 -27.84
N SER A 86 34.99 -34.53 -28.27
CA SER A 86 34.31 -35.35 -29.25
C SER A 86 34.43 -36.81 -28.84
N SER A 87 33.34 -37.55 -29.03
CA SER A 87 33.29 -38.97 -28.66
C SER A 87 32.69 -39.75 -29.82
N ASP A 88 33.15 -40.99 -30.00
CA ASP A 88 32.69 -41.80 -31.11
C ASP A 88 31.41 -42.56 -30.79
N ASP A 89 31.26 -43.07 -29.57
CA ASP A 89 30.11 -43.87 -29.18
C ASP A 89 29.19 -43.06 -28.28
N ASP A 90 27.89 -43.36 -28.39
CA ASP A 90 26.87 -42.59 -27.70
C ASP A 90 26.85 -42.82 -26.19
N GLU A 91 27.15 -44.03 -25.73
CA GLU A 91 27.05 -44.32 -24.32
C GLU A 91 28.11 -43.52 -23.54
N PRO A 92 27.82 -43.16 -22.29
CA PRO A 92 28.74 -42.31 -21.53
C PRO A 92 30.07 -43.00 -21.29
N VAL A 93 31.13 -42.19 -21.24
CA VAL A 93 32.48 -42.66 -20.95
C VAL A 93 33.10 -41.73 -19.92
N THR A 94 34.16 -42.21 -19.28
CA THR A 94 34.80 -41.51 -18.17
C THR A 94 36.20 -41.07 -18.57
N MET A 95 36.52 -39.82 -18.29
CA MET A 95 37.83 -39.24 -18.51
C MET A 95 38.44 -38.87 -17.16
N TYR A 96 39.78 -38.85 -17.11
CA TYR A 96 40.49 -38.62 -15.86
C TYR A 96 41.51 -37.51 -16.01
N LEU A 97 41.74 -36.80 -14.91
CA LEU A 97 42.70 -35.71 -14.86
C LEU A 97 43.33 -35.69 -13.47
N ARG A 98 44.66 -35.57 -13.41
CA ARG A 98 45.37 -35.52 -12.15
C ARG A 98 46.55 -34.55 -12.25
N LYS A 99 46.80 -33.82 -11.17
CA LYS A 99 47.92 -32.90 -11.12
C LYS A 99 48.29 -32.62 -9.68
N GLN A 100 49.58 -32.37 -9.46
CA GLN A 100 50.09 -32.03 -8.14
C GLN A 100 51.31 -31.14 -8.30
N GLY A 101 51.64 -30.40 -7.24
CA GLY A 101 52.76 -29.51 -7.25
C GLY A 101 52.42 -28.19 -7.89
N PRO A 102 53.36 -27.24 -7.85
CA PRO A 102 53.08 -25.91 -8.40
C PRO A 102 53.00 -25.93 -9.91
N GLY A 103 52.09 -25.15 -10.46
CA GLY A 103 51.97 -25.03 -11.90
C GLY A 103 50.53 -24.74 -12.29
N VAL A 104 50.23 -25.08 -13.54
CA VAL A 104 48.92 -24.83 -14.14
C VAL A 104 48.39 -26.12 -14.74
N VAL A 105 47.09 -26.33 -14.59
CA VAL A 105 46.39 -27.47 -15.18
C VAL A 105 45.60 -26.97 -16.38
N THR A 106 45.87 -27.56 -17.54
CA THR A 106 45.23 -27.20 -18.79
C THR A 106 44.53 -28.42 -19.37
N ALA A 107 43.73 -28.19 -20.40
CA ALA A 107 42.96 -29.28 -21.00
C ALA A 107 43.88 -30.38 -21.52
N GLY A 108 45.10 -30.05 -21.92
CA GLY A 108 46.02 -31.06 -22.41
C GLY A 108 46.37 -32.13 -21.40
N ASP A 109 46.21 -31.84 -20.11
CA ASP A 109 46.52 -32.80 -19.06
C ASP A 109 45.45 -33.87 -18.88
N ILE A 110 44.27 -33.70 -19.48
CA ILE A 110 43.21 -34.68 -19.31
C ILE A 110 43.53 -35.90 -20.17
N VAL A 111 43.39 -37.09 -19.60
CA VAL A 111 43.71 -38.34 -20.27
C VAL A 111 42.41 -38.90 -20.85
N PRO A 112 42.24 -38.92 -22.17
CA PRO A 112 41.01 -39.44 -22.75
C PRO A 112 41.09 -40.95 -22.94
N PRO A 113 39.95 -41.66 -22.86
CA PRO A 113 39.94 -43.07 -23.25
C PRO A 113 39.91 -43.22 -24.76
N ALA A 114 39.85 -44.45 -25.25
CA ALA A 114 39.79 -44.68 -26.69
C ALA A 114 38.50 -44.11 -27.26
N GLY A 115 38.61 -43.47 -28.42
CA GLY A 115 37.46 -42.91 -29.10
C GLY A 115 37.01 -41.55 -28.60
N VAL A 116 37.80 -40.90 -27.75
CA VAL A 116 37.46 -39.57 -27.23
C VAL A 116 38.66 -38.66 -27.45
N THR A 117 38.35 -37.41 -27.82
CA THR A 117 39.41 -36.46 -28.14
C THR A 117 39.01 -35.06 -27.67
N VAL A 118 40.01 -34.30 -27.22
CA VAL A 118 39.84 -32.90 -26.85
C VAL A 118 40.62 -32.07 -27.85
N HIS A 119 39.95 -31.07 -28.44
CA HIS A 119 40.50 -30.33 -29.57
C HIS A 119 41.09 -28.99 -29.17
N ASN A 120 41.06 -28.62 -27.90
CA ASN A 120 41.69 -27.39 -27.41
C ASN A 120 42.51 -27.70 -26.16
N PRO A 121 43.57 -28.49 -26.29
CA PRO A 121 44.39 -28.83 -25.11
C PRO A 121 45.04 -27.64 -24.45
N ASP A 122 45.21 -26.52 -25.17
CA ASP A 122 45.86 -25.35 -24.60
C ASP A 122 44.95 -24.58 -23.65
N MET A 123 43.67 -24.93 -23.55
CA MET A 123 42.75 -24.19 -22.71
C MET A 123 43.16 -24.27 -21.25
N HIS A 124 43.06 -23.15 -20.55
CA HIS A 124 43.42 -23.11 -19.14
C HIS A 124 42.26 -23.60 -18.28
N ILE A 125 42.55 -24.53 -17.37
CA ILE A 125 41.56 -25.06 -16.45
C ILE A 125 41.73 -24.51 -15.05
N ALA A 126 42.96 -24.51 -14.52
CA ALA A 126 43.20 -24.00 -13.17
C ALA A 126 44.69 -23.78 -12.98
N THR A 127 45.02 -23.24 -11.81
CA THR A 127 46.41 -23.07 -11.39
C THR A 127 46.52 -23.38 -9.90
N LEU A 128 47.58 -24.07 -9.51
CA LEU A 128 47.73 -24.54 -8.15
C LEU A 128 49.17 -24.39 -7.70
N ASN A 129 49.36 -24.28 -6.38
CA ASN A 129 50.63 -23.94 -5.78
C ASN A 129 51.34 -25.20 -5.27
N ASP A 130 52.44 -24.98 -4.54
CA ASP A 130 53.29 -26.09 -4.11
C ASP A 130 52.53 -27.14 -3.32
N LYS A 131 51.58 -26.73 -2.48
CA LYS A 131 50.88 -27.65 -1.60
C LYS A 131 49.52 -28.08 -2.12
N GLY A 132 49.19 -27.76 -3.36
CA GLY A 132 47.90 -28.10 -3.92
C GLY A 132 47.92 -29.39 -4.72
N LYS A 133 46.77 -30.06 -4.74
CA LYS A 133 46.56 -31.26 -5.54
C LYS A 133 45.19 -31.19 -6.17
N LEU A 134 45.06 -31.74 -7.38
CA LEU A 134 43.78 -31.77 -8.09
C LEU A 134 43.61 -33.13 -8.75
N GLU A 135 42.40 -33.68 -8.65
CA GLU A 135 42.09 -34.97 -9.24
C GLU A 135 40.61 -34.98 -9.59
N VAL A 136 40.30 -35.12 -10.88
CA VAL A 136 38.93 -34.99 -11.38
C VAL A 136 38.63 -36.14 -12.32
N GLU A 137 37.39 -36.63 -12.26
CA GLU A 137 36.86 -37.56 -13.25
C GLU A 137 35.61 -36.95 -13.87
N LEU A 138 35.54 -37.03 -15.20
CA LEU A 138 34.52 -36.35 -15.98
C LEU A 138 33.72 -37.36 -16.77
N VAL A 139 32.44 -37.09 -16.98
CA VAL A 139 31.57 -37.97 -17.76
C VAL A 139 31.25 -37.28 -19.08
N VAL A 140 31.46 -37.98 -20.19
CA VAL A 140 31.25 -37.44 -21.53
C VAL A 140 30.28 -38.35 -22.27
N GLU A 141 29.32 -37.74 -22.97
CA GLU A 141 28.35 -38.49 -23.74
C GLU A 141 27.86 -37.64 -24.89
N ARG A 142 27.28 -38.30 -25.89
CA ARG A 142 26.76 -37.62 -27.07
C ARG A 142 25.43 -36.96 -26.78
N GLY A 143 25.13 -35.92 -27.56
CA GLY A 143 23.88 -35.21 -27.41
C GLY A 143 23.75 -34.14 -28.48
N ARG A 144 22.71 -33.32 -28.31
CA ARG A 144 22.46 -32.23 -29.23
C ARG A 144 21.69 -31.13 -28.51
N GLY A 145 21.78 -29.92 -29.06
CA GLY A 145 21.12 -28.79 -28.43
C GLY A 145 21.76 -28.45 -27.08
N TYR A 146 20.94 -27.96 -26.16
CA TYR A 146 21.38 -27.58 -24.84
C TYR A 146 20.53 -28.30 -23.80
N VAL A 147 21.18 -28.93 -22.83
CA VAL A 147 20.52 -29.70 -21.79
C VAL A 147 20.99 -29.15 -20.44
N PRO A 148 20.11 -28.62 -19.60
CA PRO A 148 20.53 -28.20 -18.26
C PRO A 148 20.94 -29.39 -17.42
N ALA A 149 21.71 -29.11 -16.37
CA ALA A 149 22.30 -30.17 -15.56
C ALA A 149 21.23 -31.11 -15.01
N VAL A 150 21.49 -32.41 -15.14
CA VAL A 150 20.59 -33.42 -14.60
C VAL A 150 20.89 -33.58 -13.12
N GLN A 151 19.92 -33.21 -12.28
CA GLN A 151 20.13 -33.23 -10.84
C GLN A 151 20.31 -34.65 -10.33
N ASN A 152 21.05 -34.77 -9.22
CA ASN A 152 21.37 -36.09 -8.67
C ASN A 152 20.12 -36.85 -8.27
N LYS A 153 19.14 -36.15 -7.68
CA LYS A 153 17.95 -36.83 -7.15
C LYS A 153 17.24 -37.64 -8.23
N ALA A 154 17.15 -37.09 -9.45
CA ALA A 154 16.47 -37.81 -10.52
C ALA A 154 17.18 -39.12 -10.86
N SER A 155 18.51 -39.10 -10.96
CA SER A 155 19.25 -40.30 -11.31
C SER A 155 19.57 -41.15 -10.08
N GLY A 156 19.39 -40.60 -8.87
CA GLY A 156 19.75 -41.33 -7.68
C GLY A 156 21.24 -41.47 -7.47
N ALA A 157 22.03 -40.59 -8.05
CA ALA A 157 23.49 -40.69 -7.95
C ALA A 157 23.94 -40.44 -6.52
N GLU A 158 25.05 -41.08 -6.15
CA GLU A 158 25.60 -40.93 -4.82
C GLU A 158 26.09 -39.51 -4.60
N ILE A 159 26.06 -39.08 -3.34
CA ILE A 159 26.53 -37.74 -2.99
C ILE A 159 28.00 -37.61 -3.36
N GLY A 160 28.36 -36.48 -3.95
CA GLY A 160 29.70 -36.20 -4.41
C GLY A 160 29.81 -35.89 -5.89
N ARG A 161 28.86 -36.36 -6.71
CA ARG A 161 28.88 -36.06 -8.13
C ARG A 161 28.26 -34.69 -8.37
N ILE A 162 28.88 -33.90 -9.23
CA ILE A 162 28.47 -32.53 -9.49
C ILE A 162 27.98 -32.46 -10.94
N PRO A 163 26.68 -32.49 -11.19
CA PRO A 163 26.20 -32.33 -12.56
C PRO A 163 26.53 -30.96 -13.13
N VAL A 164 26.75 -30.91 -14.43
CA VAL A 164 27.02 -29.67 -15.15
C VAL A 164 26.14 -29.59 -16.37
N ASP A 165 25.84 -28.36 -16.79
CA ASP A 165 25.04 -28.15 -17.99
C ASP A 165 25.86 -28.48 -19.23
N SER A 166 25.19 -29.07 -20.23
CA SER A 166 25.84 -29.57 -21.43
C SER A 166 25.44 -28.72 -22.62
N ILE A 167 26.43 -28.26 -23.39
CA ILE A 167 26.20 -27.50 -24.61
C ILE A 167 26.76 -28.38 -25.74
N TYR A 168 25.88 -29.17 -26.35
CA TYR A 168 26.32 -30.17 -27.32
C TYR A 168 26.59 -29.58 -28.70
N SER A 169 25.94 -28.49 -29.04
CA SER A 169 26.00 -27.98 -30.42
C SER A 169 27.43 -27.59 -30.77
N PRO A 170 28.00 -28.10 -31.86
CA PRO A 170 29.35 -27.70 -32.27
C PRO A 170 29.42 -26.53 -33.24
N VAL A 171 28.29 -26.03 -33.73
CA VAL A 171 28.31 -24.89 -34.64
C VAL A 171 28.48 -23.62 -33.84
N LEU A 172 29.37 -22.74 -34.29
CA LEU A 172 29.75 -21.54 -33.55
C LEU A 172 29.04 -20.28 -34.06
N LYS A 173 29.12 -20.01 -35.35
CA LYS A 173 28.51 -18.81 -35.90
C LYS A 173 28.20 -19.02 -37.38
N VAL A 174 26.96 -18.71 -37.77
CA VAL A 174 26.50 -18.90 -39.13
C VAL A 174 25.85 -17.61 -39.62
N THR A 175 26.14 -17.25 -40.86
CA THR A 175 25.51 -16.09 -41.49
C THR A 175 25.33 -16.39 -42.97
N TYR A 176 24.59 -15.52 -43.66
CA TYR A 176 24.37 -15.70 -45.08
C TYR A 176 24.17 -14.35 -45.76
N LYS A 177 24.41 -14.36 -47.07
CA LYS A 177 24.29 -13.19 -47.93
C LYS A 177 23.63 -13.62 -49.23
N VAL A 178 22.95 -12.69 -49.89
CA VAL A 178 22.27 -12.96 -51.14
C VAL A 178 22.66 -11.88 -52.15
N GLU A 179 22.92 -12.29 -53.38
CA GLU A 179 23.32 -11.36 -54.43
C GLU A 179 22.65 -11.74 -55.75
N ALA A 180 22.69 -10.81 -56.70
CA ALA A 180 22.22 -11.11 -58.04
C ALA A 180 23.27 -11.94 -58.79
N THR A 181 22.84 -13.01 -59.43
CA THR A 181 23.77 -13.94 -60.04
C THR A 181 24.26 -13.43 -61.39
N ARG A 182 25.30 -14.08 -61.91
CA ARG A 182 25.93 -13.72 -63.18
C ARG A 182 25.21 -14.44 -64.31
N VAL A 183 24.04 -13.89 -64.68
CA VAL A 183 23.25 -14.41 -65.80
C VAL A 183 22.75 -13.24 -66.61
N GLU A 184 22.89 -13.35 -67.94
CA GLU A 184 22.47 -12.27 -68.84
C GLU A 184 21.00 -12.37 -69.22
N GLN A 185 20.36 -13.52 -69.01
CA GLN A 185 18.95 -13.68 -69.38
C GLN A 185 18.08 -12.71 -68.60
N ARG A 186 18.29 -12.59 -67.29
CA ARG A 186 17.52 -11.69 -66.46
C ARG A 186 18.31 -11.37 -65.20
N THR A 187 18.04 -10.20 -64.63
CA THR A 187 18.82 -9.64 -63.55
C THR A 187 18.18 -9.84 -62.18
N ASP A 188 17.50 -10.97 -61.96
CA ASP A 188 16.77 -11.20 -60.71
C ASP A 188 17.06 -12.53 -60.05
N PHE A 189 17.82 -13.42 -60.69
CA PHE A 189 18.17 -14.69 -60.06
C PHE A 189 19.14 -14.45 -58.90
N ASP A 190 18.97 -15.24 -57.83
CA ASP A 190 19.71 -15.03 -56.60
C ASP A 190 20.77 -16.11 -56.40
N LYS A 191 21.93 -15.68 -55.93
CA LYS A 191 22.98 -16.55 -55.43
C LYS A 191 23.08 -16.39 -53.92
N LEU A 192 23.23 -17.51 -53.22
CA LEU A 192 23.26 -17.53 -51.76
C LEU A 192 24.66 -17.93 -51.30
N ILE A 193 25.26 -17.09 -50.47
CA ILE A 193 26.58 -17.34 -49.91
C ILE A 193 26.43 -17.50 -48.41
N ILE A 194 26.59 -18.71 -47.91
CA ILE A 194 26.42 -19.03 -46.50
C ILE A 194 27.78 -19.28 -45.88
N ASP A 195 28.11 -18.53 -44.84
CA ASP A 195 29.37 -18.63 -44.14
C ASP A 195 29.13 -19.35 -42.82
N VAL A 196 29.90 -20.42 -42.58
CA VAL A 196 29.73 -21.28 -41.41
C VAL A 196 31.07 -21.37 -40.69
N GLU A 197 31.07 -21.11 -39.39
CA GLU A 197 32.22 -21.30 -38.53
C GLU A 197 31.82 -22.18 -37.36
N THR A 198 32.64 -23.19 -37.09
CA THR A 198 32.37 -24.16 -36.04
C THR A 198 33.60 -24.31 -35.16
N LYS A 199 33.39 -24.75 -33.92
CA LYS A 199 34.49 -25.18 -33.09
C LYS A 199 35.03 -26.50 -33.61
N ASN A 200 36.27 -26.80 -33.26
CA ASN A 200 37.05 -27.82 -33.95
C ASN A 200 36.47 -29.23 -33.79
N SER A 201 35.34 -29.37 -33.10
CA SER A 201 34.73 -30.69 -32.94
C SER A 201 34.47 -31.34 -34.29
N ILE A 202 33.92 -30.59 -35.24
CA ILE A 202 33.64 -31.09 -36.58
C ILE A 202 33.93 -30.00 -37.60
N SER A 203 34.24 -30.42 -38.82
CA SER A 203 34.53 -29.48 -39.89
C SER A 203 33.23 -28.86 -40.42
N PRO A 204 33.31 -27.66 -41.02
CA PRO A 204 32.09 -27.05 -41.56
C PRO A 204 31.36 -27.92 -42.57
N ARG A 205 32.10 -28.66 -43.40
CA ARG A 205 31.46 -29.53 -44.39
C ARG A 205 30.56 -30.55 -43.71
N ASP A 206 31.05 -31.18 -42.65
CA ASP A 206 30.25 -32.18 -41.95
C ASP A 206 29.02 -31.58 -41.31
N ALA A 207 29.14 -30.39 -40.70
CA ALA A 207 27.98 -29.75 -40.10
C ALA A 207 26.94 -29.40 -41.16
N LEU A 208 27.38 -28.84 -42.28
CA LEU A 208 26.44 -28.50 -43.35
C LEU A 208 25.77 -29.75 -43.90
N ALA A 209 26.53 -30.85 -44.05
CA ALA A 209 25.94 -32.09 -44.52
C ALA A 209 24.90 -32.62 -43.53
N SER A 210 25.19 -32.52 -42.23
CA SER A 210 24.23 -32.97 -41.23
C SER A 210 22.95 -32.14 -41.30
N ALA A 211 23.07 -30.82 -41.42
CA ALA A 211 21.89 -29.98 -41.54
C ALA A 211 21.10 -30.32 -42.80
N GLY A 212 21.81 -30.53 -43.91
CA GLY A 212 21.13 -30.88 -45.15
C GLY A 212 20.37 -32.18 -45.03
N GLY A 213 20.99 -33.19 -44.40
CA GLY A 213 20.29 -34.44 -44.18
C GLY A 213 19.08 -34.30 -43.29
N THR A 214 19.21 -33.51 -42.22
CA THR A 214 18.08 -33.29 -41.32
C THR A 214 16.92 -32.66 -42.04
N LEU A 215 17.19 -31.68 -42.91
CA LEU A 215 16.11 -31.03 -43.64
C LEU A 215 15.54 -31.94 -44.73
N VAL A 216 16.41 -32.72 -45.40
CA VAL A 216 15.95 -33.60 -46.46
C VAL A 216 15.01 -34.65 -45.90
N GLU A 217 15.37 -35.26 -44.76
CA GLU A 217 14.52 -36.28 -44.18
C GLU A 217 13.23 -35.70 -43.59
N LEU A 218 13.25 -34.41 -43.23
CA LEU A 218 12.07 -33.79 -42.63
C LEU A 218 11.10 -33.26 -43.67
N PHE A 219 11.56 -32.93 -44.88
CA PHE A 219 10.65 -32.56 -45.96
C PHE A 219 10.08 -33.77 -46.68
N GLY A 220 10.54 -34.97 -46.35
CA GLY A 220 9.91 -36.16 -46.88
C GLY A 220 8.43 -36.24 -46.55
N LEU A 221 8.03 -35.63 -45.43
CA LEU A 221 6.62 -35.62 -45.06
C LEU A 221 5.77 -35.05 -46.18
N ALA A 222 6.17 -33.89 -46.71
CA ALA A 222 5.43 -33.29 -47.81
C ALA A 222 5.74 -33.99 -49.14
N ARG A 223 6.97 -34.49 -49.31
CA ARG A 223 7.33 -35.14 -50.56
C ARG A 223 6.46 -36.36 -50.83
N GLU A 224 6.24 -37.19 -49.81
CA GLU A 224 5.68 -38.51 -50.03
C GLU A 224 4.15 -38.52 -49.96
N LEU A 225 3.52 -37.40 -50.27
CA LEU A 225 2.07 -37.37 -50.39
C LEU A 225 1.57 -38.03 -51.67
N ASN A 226 2.46 -38.31 -52.62
CA ASN A 226 2.07 -38.91 -53.90
C ASN A 226 1.19 -37.96 -54.70
N MET B 1 20.74 -39.78 -34.17
CA MET B 1 19.74 -40.27 -33.18
C MET B 1 18.31 -40.04 -33.69
N LEU B 2 17.39 -40.89 -33.25
CA LEU B 2 16.01 -40.79 -33.70
C LEU B 2 15.35 -39.55 -33.11
N ILE B 3 14.38 -39.01 -33.84
CA ILE B 3 13.65 -37.85 -33.36
C ILE B 3 12.79 -38.23 -32.16
N SER B 4 12.42 -37.21 -31.38
CA SER B 4 11.64 -37.45 -30.17
C SER B 4 10.31 -38.15 -30.50
N GLN B 5 9.55 -37.57 -31.44
CA GLN B 5 8.30 -38.14 -31.89
C GLN B 5 8.18 -37.93 -33.39
N ARG B 6 7.70 -38.95 -34.10
CA ARG B 6 7.59 -38.86 -35.55
C ARG B 6 6.49 -37.87 -35.93
N PRO B 7 6.79 -36.85 -36.73
CA PRO B 7 5.73 -35.95 -37.19
C PRO B 7 4.85 -36.60 -38.23
N THR B 8 3.61 -36.10 -38.31
CA THR B 8 2.66 -36.54 -39.31
C THR B 8 1.97 -35.32 -39.90
N LEU B 9 1.30 -35.50 -41.04
CA LEU B 9 0.60 -34.41 -41.69
C LEU B 9 -0.77 -34.88 -42.15
N SER B 10 -1.72 -33.94 -42.13
CA SER B 10 -3.08 -34.21 -42.60
C SER B 10 -3.62 -32.94 -43.22
N GLU B 11 -4.74 -33.06 -43.93
CA GLU B 11 -5.35 -31.93 -44.61
C GLU B 11 -6.86 -31.89 -44.38
N GLU B 12 -7.39 -30.68 -44.34
CA GLU B 12 -8.83 -30.46 -44.35
C GLU B 12 -9.19 -29.62 -45.57
N THR B 13 -10.25 -30.04 -46.26
CA THR B 13 -10.68 -29.38 -47.50
C THR B 13 -11.63 -28.24 -47.15
N VAL B 14 -11.19 -27.01 -47.40
CA VAL B 14 -12.02 -25.84 -47.15
C VAL B 14 -12.93 -25.55 -48.34
N ALA B 15 -12.43 -25.77 -49.55
CA ALA B 15 -13.21 -25.55 -50.76
C ALA B 15 -12.63 -26.43 -51.87
N GLU B 16 -13.23 -26.31 -53.06
CA GLU B 16 -12.79 -27.13 -54.18
C GLU B 16 -11.33 -26.86 -54.53
N ASN B 17 -10.84 -25.65 -54.25
CA ASN B 17 -9.49 -25.25 -54.62
C ASN B 17 -8.74 -24.64 -53.44
N ARG B 18 -9.13 -24.97 -52.21
CA ARG B 18 -8.44 -24.52 -51.02
C ARG B 18 -8.28 -25.68 -50.06
N SER B 19 -7.11 -25.78 -49.44
CA SER B 19 -6.83 -26.86 -48.50
C SER B 19 -5.95 -26.34 -47.37
N ARG B 20 -6.23 -26.79 -46.15
CA ARG B 20 -5.46 -26.41 -44.98
C ARG B 20 -4.79 -27.65 -44.41
N PHE B 21 -3.47 -27.69 -44.49
CA PHE B 21 -2.67 -28.81 -43.98
C PHE B 21 -2.15 -28.48 -42.59
N VAL B 22 -2.07 -29.53 -41.77
CA VAL B 22 -1.53 -29.44 -40.43
C VAL B 22 -0.44 -30.49 -40.30
N ILE B 23 0.75 -30.08 -39.86
CA ILE B 23 1.88 -30.96 -39.59
C ILE B 23 2.18 -30.89 -38.10
N GLU B 24 2.11 -32.03 -37.43
CA GLU B 24 2.34 -32.09 -35.99
C GLU B 24 2.70 -33.52 -35.61
N PRO B 25 3.47 -33.71 -34.53
CA PRO B 25 4.16 -32.69 -33.73
C PRO B 25 5.57 -32.41 -34.25
N LEU B 26 6.01 -31.17 -34.16
CA LEU B 26 7.34 -30.78 -34.61
C LEU B 26 8.19 -30.37 -33.41
N GLU B 27 9.47 -30.73 -33.47
CA GLU B 27 10.40 -30.39 -32.40
C GLU B 27 10.50 -28.86 -32.30
N PRO B 28 10.67 -28.30 -31.10
CA PRO B 28 10.64 -26.84 -30.96
C PRO B 28 11.60 -26.14 -31.90
N GLY B 29 11.11 -25.08 -32.54
CA GLY B 29 11.90 -24.26 -33.43
C GLY B 29 11.85 -24.68 -34.89
N PHE B 30 11.33 -25.86 -35.21
CA PHE B 30 11.30 -26.33 -36.59
C PHE B 30 10.05 -25.87 -37.34
N GLY B 31 9.01 -25.43 -36.63
CA GLY B 31 7.82 -24.95 -37.31
C GLY B 31 8.11 -23.77 -38.22
N TYR B 32 8.86 -22.78 -37.72
CA TYR B 32 9.27 -21.65 -38.54
C TYR B 32 10.34 -22.05 -39.54
N THR B 33 11.18 -23.02 -39.19
CA THR B 33 12.17 -23.51 -40.15
C THR B 33 11.49 -24.08 -41.38
N LEU B 34 10.33 -24.70 -41.21
CA LEU B 34 9.62 -25.29 -42.34
C LEU B 34 8.74 -24.26 -43.04
N GLY B 35 7.83 -23.62 -42.30
CA GLY B 35 6.70 -22.95 -42.92
C GLY B 35 7.09 -21.90 -43.94
N ASN B 36 8.05 -21.04 -43.60
CA ASN B 36 8.40 -19.96 -44.51
C ASN B 36 9.00 -20.49 -45.81
N SER B 37 9.94 -21.43 -45.70
CA SER B 37 10.55 -22.01 -46.89
C SER B 37 9.50 -22.74 -47.72
N LEU B 38 8.60 -23.47 -47.06
CA LEU B 38 7.55 -24.18 -47.79
C LEU B 38 6.65 -23.21 -48.55
N ARG B 39 6.26 -22.11 -47.90
CA ARG B 39 5.41 -21.12 -48.55
C ARG B 39 6.10 -20.51 -49.76
N ARG B 40 7.36 -20.09 -49.57
CA ARG B 40 8.08 -19.45 -50.67
C ARG B 40 8.29 -20.42 -51.83
N THR B 41 8.62 -21.68 -51.54
CA THR B 41 8.78 -22.68 -52.59
C THR B 41 7.45 -22.89 -53.32
N LEU B 42 6.35 -22.98 -52.58
CA LEU B 42 5.04 -23.16 -53.20
C LEU B 42 4.76 -22.01 -54.16
N LEU B 43 5.05 -20.77 -53.73
CA LEU B 43 4.73 -19.62 -54.56
C LEU B 43 5.67 -19.44 -55.74
N SER B 44 6.93 -19.87 -55.62
CA SER B 44 7.94 -19.51 -56.62
C SER B 44 8.63 -20.69 -57.29
N SER B 45 8.13 -21.92 -57.14
CA SER B 45 8.79 -23.08 -57.72
C SER B 45 7.90 -23.92 -58.63
N ILE B 46 6.60 -23.92 -58.44
CA ILE B 46 5.73 -24.78 -59.25
C ILE B 46 5.65 -24.22 -60.67
N PRO B 47 5.99 -24.99 -61.71
CA PRO B 47 5.90 -24.46 -63.07
C PRO B 47 4.46 -24.31 -63.54
N GLY B 48 4.23 -23.36 -64.45
CA GLY B 48 2.91 -23.13 -64.99
C GLY B 48 2.98 -22.22 -66.19
N ALA B 49 1.83 -22.04 -66.82
CA ALA B 49 1.69 -21.20 -68.00
C ALA B 49 0.74 -20.05 -67.71
N ALA B 50 1.00 -18.91 -68.35
CA ALA B 50 0.18 -17.72 -68.16
C ALA B 50 0.37 -16.79 -69.34
N VAL B 51 -0.58 -15.85 -69.49
CA VAL B 51 -0.50 -14.88 -70.56
C VAL B 51 0.58 -13.85 -70.23
N THR B 52 1.32 -13.43 -71.26
CA THR B 52 2.39 -12.46 -71.10
C THR B 52 2.17 -11.17 -71.89
N SER B 53 1.39 -11.20 -72.96
CA SER B 53 1.12 -10.00 -73.75
C SER B 53 -0.20 -10.18 -74.48
N ILE B 54 -0.82 -9.07 -74.84
CA ILE B 54 -2.07 -9.07 -75.59
C ILE B 54 -2.06 -7.89 -76.56
N ARG B 55 -2.68 -8.10 -77.72
CA ARG B 55 -2.88 -7.03 -78.69
C ARG B 55 -4.35 -7.02 -79.10
N ILE B 56 -4.95 -5.83 -79.06
CA ILE B 56 -6.35 -5.64 -79.37
C ILE B 56 -6.46 -4.96 -80.73
N ASP B 57 -7.40 -5.42 -81.55
CA ASP B 57 -7.49 -4.96 -82.92
C ASP B 57 -7.79 -3.46 -82.99
N GLY B 58 -8.70 -2.98 -82.15
CA GLY B 58 -9.25 -1.65 -82.28
C GLY B 58 -8.59 -0.55 -81.48
N VAL B 59 -7.38 -0.75 -80.99
CA VAL B 59 -6.69 0.29 -80.21
C VAL B 59 -5.23 0.33 -80.64
N LEU B 60 -4.73 1.54 -80.85
CA LEU B 60 -3.33 1.74 -81.24
C LEU B 60 -2.58 2.60 -80.24
N HIS B 61 -3.17 3.73 -79.81
CA HIS B 61 -2.44 4.69 -78.99
C HIS B 61 -3.23 5.29 -77.84
N GLU B 62 -4.56 5.21 -77.82
CA GLU B 62 -5.32 5.84 -76.74
C GLU B 62 -5.45 4.94 -75.52
N PHE B 63 -5.61 3.63 -75.71
CA PHE B 63 -5.55 2.66 -74.62
C PHE B 63 -6.60 2.93 -73.55
N THR B 64 -7.63 3.72 -73.89
CA THR B 64 -8.64 4.12 -72.91
C THR B 64 -9.89 3.26 -73.05
N THR B 65 -10.48 3.23 -74.24
CA THR B 65 -11.70 2.50 -74.50
C THR B 65 -11.57 1.73 -75.81
N VAL B 66 -11.96 0.46 -75.78
CA VAL B 66 -12.05 -0.35 -77.00
C VAL B 66 -13.41 -0.09 -77.66
N PRO B 67 -13.45 0.35 -78.91
CA PRO B 67 -14.75 0.63 -79.53
C PRO B 67 -15.59 -0.63 -79.69
N GLY B 68 -16.90 -0.47 -79.56
CA GLY B 68 -17.82 -1.57 -79.73
C GLY B 68 -17.95 -2.50 -78.55
N VAL B 69 -17.30 -2.19 -77.42
CA VAL B 69 -17.39 -3.01 -76.22
C VAL B 69 -17.42 -2.08 -75.01
N LYS B 70 -18.25 -2.44 -74.03
CA LYS B 70 -18.42 -1.61 -72.84
C LYS B 70 -17.18 -1.62 -71.95
N GLU B 71 -16.49 -2.75 -71.89
CA GLU B 71 -15.32 -2.86 -71.02
C GLU B 71 -14.21 -1.91 -71.48
N ASP B 72 -13.55 -1.30 -70.51
CA ASP B 72 -12.36 -0.50 -70.80
C ASP B 72 -11.18 -1.43 -71.05
N VAL B 73 -10.06 -0.84 -71.50
CA VAL B 73 -8.84 -1.61 -71.68
C VAL B 73 -8.42 -2.21 -70.34
N THR B 74 -8.60 -1.45 -69.26
CA THR B 74 -8.26 -1.96 -67.92
C THR B 74 -9.04 -3.22 -67.61
N ASP B 75 -10.34 -3.21 -67.87
CA ASP B 75 -11.17 -4.39 -67.58
C ASP B 75 -10.74 -5.57 -68.43
N ILE B 76 -10.42 -5.33 -69.70
CA ILE B 76 -10.00 -6.42 -70.58
C ILE B 76 -8.71 -7.05 -70.05
N ILE B 77 -7.73 -6.21 -69.70
CA ILE B 77 -6.46 -6.73 -69.23
C ILE B 77 -6.64 -7.47 -67.91
N LEU B 78 -7.43 -6.90 -66.99
CA LEU B 78 -7.62 -7.52 -65.70
C LEU B 78 -8.32 -8.87 -65.83
N ASN B 79 -9.30 -8.97 -66.72
CA ASN B 79 -9.92 -10.27 -66.98
C ASN B 79 -8.92 -11.25 -67.58
N LEU B 80 -8.24 -10.84 -68.66
CA LEU B 80 -7.34 -11.77 -69.35
C LEU B 80 -6.25 -12.28 -68.42
N LYS B 81 -5.85 -11.47 -67.43
CA LYS B 81 -4.89 -11.94 -66.45
C LYS B 81 -5.44 -13.04 -65.56
N GLY B 82 -6.75 -13.19 -65.48
CA GLY B 82 -7.37 -14.23 -64.67
C GLY B 82 -7.59 -15.55 -65.38
N LEU B 83 -7.20 -15.66 -66.64
CA LEU B 83 -7.40 -16.88 -67.41
C LEU B 83 -6.52 -18.00 -66.87
N VAL B 84 -7.09 -19.20 -66.79
CA VAL B 84 -6.35 -20.39 -66.35
C VAL B 84 -6.00 -21.18 -67.61
N VAL B 85 -4.72 -21.13 -67.99
CA VAL B 85 -4.25 -21.76 -69.23
C VAL B 85 -3.03 -22.61 -68.91
N SER B 86 -2.84 -23.66 -69.72
CA SER B 86 -1.73 -24.59 -69.58
C SER B 86 -1.07 -24.79 -70.93
N SER B 87 0.24 -25.08 -70.90
CA SER B 87 1.00 -25.32 -72.12
C SER B 87 2.08 -26.35 -71.83
N ASP B 88 2.61 -26.94 -72.90
CA ASP B 88 3.59 -28.02 -72.78
C ASP B 88 4.74 -27.88 -73.77
N ASP B 89 5.13 -26.66 -74.12
CA ASP B 89 6.16 -26.43 -75.11
C ASP B 89 7.32 -25.57 -74.63
N ASP B 90 7.20 -24.93 -73.47
CA ASP B 90 8.24 -24.07 -72.90
C ASP B 90 8.57 -22.87 -73.79
N GLU B 91 7.75 -22.61 -74.81
CA GLU B 91 7.98 -21.52 -75.75
C GLU B 91 6.68 -20.78 -75.99
N PRO B 92 6.75 -19.49 -76.31
CA PRO B 92 5.53 -18.70 -76.47
C PRO B 92 4.71 -19.15 -77.67
N VAL B 93 3.38 -19.03 -77.54
CA VAL B 93 2.45 -19.30 -78.63
C VAL B 93 1.38 -18.22 -78.61
N THR B 94 0.74 -18.02 -79.76
CA THR B 94 -0.23 -16.96 -79.94
C THR B 94 -1.62 -17.56 -80.16
N MET B 95 -2.59 -17.10 -79.37
CA MET B 95 -3.99 -17.48 -79.51
C MET B 95 -4.78 -16.28 -79.99
N TYR B 96 -5.94 -16.56 -80.60
CA TYR B 96 -6.83 -15.54 -81.13
C TYR B 96 -8.23 -15.74 -80.57
N LEU B 97 -8.92 -14.62 -80.32
CA LEU B 97 -10.29 -14.63 -79.83
C LEU B 97 -11.09 -13.60 -80.60
N ARG B 98 -12.23 -14.02 -81.15
CA ARG B 98 -13.06 -13.16 -81.98
C ARG B 98 -14.51 -13.25 -81.54
N LYS B 99 -15.23 -12.14 -81.67
CA LYS B 99 -16.66 -12.11 -81.42
C LYS B 99 -17.26 -10.92 -82.15
N GLN B 100 -18.55 -11.04 -82.48
CA GLN B 100 -19.25 -10.01 -83.23
C GLN B 100 -20.68 -9.91 -82.73
N GLY B 101 -21.27 -8.74 -82.88
CA GLY B 101 -22.66 -8.52 -82.57
C GLY B 101 -22.92 -8.47 -81.08
N PRO B 102 -24.17 -8.28 -80.69
CA PRO B 102 -24.52 -8.25 -79.27
C PRO B 102 -24.32 -9.62 -78.62
N GLY B 103 -24.09 -9.59 -77.33
CA GLY B 103 -23.87 -10.79 -76.54
C GLY B 103 -22.66 -10.68 -75.64
N VAL B 104 -22.19 -11.84 -75.20
CA VAL B 104 -21.08 -11.93 -74.26
C VAL B 104 -20.00 -12.81 -74.85
N VAL B 105 -18.74 -12.40 -74.65
CA VAL B 105 -17.57 -13.17 -75.05
C VAL B 105 -16.88 -13.65 -73.79
N THR B 106 -16.62 -14.96 -73.73
CA THR B 106 -16.12 -15.61 -72.53
C THR B 106 -14.88 -16.42 -72.89
N ALA B 107 -14.24 -16.97 -71.85
CA ALA B 107 -13.05 -17.78 -72.07
C ALA B 107 -13.35 -18.99 -72.94
N GLY B 108 -14.58 -19.50 -72.89
CA GLY B 108 -14.95 -20.63 -73.73
C GLY B 108 -14.90 -20.33 -75.21
N ASP B 109 -14.93 -19.05 -75.59
CA ASP B 109 -14.87 -18.67 -76.99
C ASP B 109 -13.44 -18.69 -77.54
N ILE B 110 -12.43 -18.78 -76.67
CA ILE B 110 -11.05 -18.82 -77.12
C ILE B 110 -10.78 -20.17 -77.77
N VAL B 111 -10.19 -20.15 -78.95
CA VAL B 111 -9.84 -21.39 -79.66
C VAL B 111 -8.33 -21.59 -79.54
N PRO B 112 -7.87 -22.53 -78.72
CA PRO B 112 -6.42 -22.70 -78.51
C PRO B 112 -5.82 -23.61 -79.57
N PRO B 113 -4.54 -23.39 -79.93
CA PRO B 113 -3.84 -24.37 -80.76
C PRO B 113 -3.66 -25.70 -80.05
N ALA B 114 -3.05 -26.66 -80.73
CA ALA B 114 -2.81 -27.96 -80.11
C ALA B 114 -1.96 -27.81 -78.85
N GLY B 115 -2.32 -28.59 -77.83
CA GLY B 115 -1.58 -28.58 -76.58
C GLY B 115 -2.10 -27.58 -75.57
N VAL B 116 -2.33 -26.34 -75.99
CA VAL B 116 -2.80 -25.31 -75.09
C VAL B 116 -4.21 -25.65 -74.64
N THR B 117 -4.46 -25.52 -73.33
CA THR B 117 -5.73 -25.90 -72.73
C THR B 117 -6.26 -24.76 -71.86
N VAL B 118 -7.58 -24.62 -71.83
CA VAL B 118 -8.27 -23.65 -70.98
C VAL B 118 -9.13 -24.43 -70.00
N HIS B 119 -9.02 -24.10 -68.71
CA HIS B 119 -9.66 -24.86 -67.66
C HIS B 119 -10.89 -24.18 -67.08
N ASN B 120 -11.14 -22.92 -67.42
CA ASN B 120 -12.30 -22.18 -66.91
C ASN B 120 -12.99 -21.48 -68.08
N PRO B 121 -13.63 -22.24 -68.97
CA PRO B 121 -14.32 -21.62 -70.11
C PRO B 121 -15.50 -20.76 -69.70
N ASP B 122 -16.06 -20.94 -68.51
CA ASP B 122 -17.22 -20.18 -68.07
C ASP B 122 -16.90 -18.74 -67.74
N MET B 123 -15.62 -18.37 -67.68
CA MET B 123 -15.24 -17.06 -67.18
C MET B 123 -15.65 -15.96 -68.16
N HIS B 124 -16.24 -14.89 -67.64
CA HIS B 124 -16.58 -13.74 -68.45
C HIS B 124 -15.34 -12.99 -68.90
N ILE B 125 -15.36 -12.51 -70.14
CA ILE B 125 -14.29 -11.68 -70.67
C ILE B 125 -14.80 -10.29 -71.05
N ALA B 126 -15.89 -10.21 -71.80
CA ALA B 126 -16.42 -8.90 -72.18
C ALA B 126 -17.85 -9.05 -72.69
N THR B 127 -18.50 -7.91 -72.89
CA THR B 127 -19.86 -7.85 -73.41
C THR B 127 -19.88 -6.87 -74.57
N LEU B 128 -20.37 -7.33 -75.72
CA LEU B 128 -20.33 -6.53 -76.94
C LEU B 128 -21.58 -5.66 -77.07
N ASN B 129 -21.43 -4.57 -77.81
CA ASN B 129 -22.57 -3.73 -78.16
C ASN B 129 -23.40 -4.39 -79.25
N ASP B 130 -24.51 -3.73 -79.60
CA ASP B 130 -25.41 -4.28 -80.60
C ASP B 130 -24.81 -4.29 -82.00
N LYS B 131 -23.74 -3.52 -82.24
CA LYS B 131 -23.12 -3.52 -83.56
C LYS B 131 -21.60 -3.49 -83.47
N GLY B 132 -21.02 -3.99 -82.37
CA GLY B 132 -19.58 -3.98 -82.20
C GLY B 132 -18.93 -5.28 -82.63
N LYS B 133 -17.61 -5.23 -82.74
CA LYS B 133 -16.79 -6.39 -83.10
C LYS B 133 -15.51 -6.35 -82.29
N LEU B 134 -15.08 -7.52 -81.79
CA LEU B 134 -13.90 -7.61 -80.95
C LEU B 134 -13.00 -8.73 -81.46
N GLU B 135 -11.70 -8.44 -81.53
CA GLU B 135 -10.69 -9.42 -81.86
C GLU B 135 -9.44 -9.11 -81.06
N VAL B 136 -8.93 -10.11 -80.36
CA VAL B 136 -7.76 -9.93 -79.49
C VAL B 136 -6.86 -11.15 -79.60
N GLU B 137 -5.56 -10.91 -79.65
CA GLU B 137 -4.57 -11.98 -79.69
C GLU B 137 -3.78 -11.97 -78.39
N LEU B 138 -3.49 -13.17 -77.88
CA LEU B 138 -2.86 -13.37 -76.58
C LEU B 138 -1.60 -14.21 -76.76
N VAL B 139 -0.58 -13.92 -75.94
CA VAL B 139 0.67 -14.67 -75.97
C VAL B 139 0.78 -15.46 -74.67
N VAL B 140 0.99 -16.78 -74.78
CA VAL B 140 1.06 -17.66 -73.63
C VAL B 140 2.37 -18.42 -73.67
N GLU B 141 3.06 -18.47 -72.52
CA GLU B 141 4.30 -19.21 -72.40
C GLU B 141 4.43 -19.67 -70.95
N ARG B 142 5.28 -20.69 -70.74
CA ARG B 142 5.46 -21.30 -69.44
C ARG B 142 6.49 -20.54 -68.62
N GLY B 143 6.33 -20.60 -67.30
CA GLY B 143 7.25 -19.91 -66.41
C GLY B 143 7.03 -20.33 -64.98
N ARG B 144 7.63 -19.56 -64.07
CA ARG B 144 7.53 -19.83 -62.64
C ARG B 144 7.27 -18.55 -61.88
N GLY B 145 6.54 -18.66 -60.78
CA GLY B 145 6.36 -17.52 -59.89
C GLY B 145 5.63 -16.38 -60.56
N TYR B 146 6.03 -15.16 -60.20
CA TYR B 146 5.42 -13.94 -60.70
C TYR B 146 6.47 -13.10 -61.40
N VAL B 147 6.12 -12.59 -62.59
CA VAL B 147 7.02 -11.76 -63.38
C VAL B 147 6.26 -10.50 -63.79
N PRO B 148 6.70 -9.31 -63.40
CA PRO B 148 6.02 -8.10 -63.85
C PRO B 148 6.22 -7.86 -65.33
N ALA B 149 5.39 -6.98 -65.88
CA ALA B 149 5.41 -6.71 -67.31
C ALA B 149 6.79 -6.28 -67.76
N VAL B 150 7.25 -6.83 -68.87
CA VAL B 150 8.54 -6.53 -69.46
C VAL B 150 8.31 -5.83 -70.79
N GLN B 151 8.93 -4.66 -70.96
CA GLN B 151 8.72 -3.87 -72.17
C GLN B 151 9.34 -4.55 -73.38
N ASN B 152 8.62 -4.50 -74.50
CA ASN B 152 9.09 -5.01 -75.78
C ASN B 152 9.57 -3.91 -76.71
N LYS B 153 10.22 -2.88 -76.16
CA LYS B 153 10.55 -1.69 -76.95
C LYS B 153 11.40 -2.03 -78.17
N ALA B 154 12.13 -3.15 -78.13
CA ALA B 154 13.01 -3.50 -79.24
C ALA B 154 12.23 -3.67 -80.53
N SER B 155 11.08 -4.35 -80.48
CA SER B 155 10.23 -4.53 -81.66
C SER B 155 9.21 -3.39 -81.77
N GLY B 156 9.72 -2.22 -82.17
CA GLY B 156 8.88 -1.04 -82.28
C GLY B 156 7.84 -1.14 -83.38
N ALA B 157 8.09 -1.95 -84.41
CA ALA B 157 7.14 -2.11 -85.49
C ALA B 157 5.91 -2.91 -85.08
N GLU B 158 6.01 -3.71 -84.02
CA GLU B 158 4.89 -4.49 -83.52
C GLU B 158 4.07 -3.69 -82.51
N ILE B 159 3.46 -2.60 -83.00
CA ILE B 159 2.68 -1.74 -82.14
C ILE B 159 1.42 -2.47 -81.67
N GLY B 160 0.95 -2.11 -80.49
CA GLY B 160 -0.24 -2.71 -79.92
C GLY B 160 0.00 -3.93 -79.05
N ARG B 161 1.24 -4.42 -78.97
CA ARG B 161 1.53 -5.57 -78.13
C ARG B 161 1.69 -5.13 -76.68
N ILE B 162 0.59 -5.16 -75.93
CA ILE B 162 0.59 -4.71 -74.55
C ILE B 162 1.27 -5.76 -73.67
N PRO B 163 2.34 -5.43 -72.96
CA PRO B 163 2.91 -6.38 -72.00
C PRO B 163 2.14 -6.34 -70.69
N VAL B 164 1.83 -7.53 -70.17
CA VAL B 164 1.04 -7.67 -68.95
C VAL B 164 1.77 -8.60 -67.99
N ASP B 165 1.52 -8.39 -66.70
CA ASP B 165 2.13 -9.25 -65.69
C ASP B 165 1.61 -10.67 -65.81
N SER B 166 2.50 -11.64 -65.60
CA SER B 166 2.20 -13.04 -65.81
C SER B 166 2.14 -13.77 -64.47
N ILE B 167 0.98 -14.35 -64.15
CA ILE B 167 0.83 -15.20 -62.99
C ILE B 167 1.14 -16.64 -63.39
N TYR B 168 2.43 -17.01 -63.35
CA TYR B 168 2.80 -18.36 -63.74
C TYR B 168 2.43 -19.36 -62.65
N SER B 169 2.52 -18.97 -61.38
CA SER B 169 2.36 -19.91 -60.29
C SER B 169 0.95 -20.48 -60.29
N PRO B 170 0.78 -21.80 -60.33
CA PRO B 170 -0.56 -22.37 -60.18
C PRO B 170 -1.21 -22.06 -58.85
N VAL B 171 -0.43 -21.79 -57.81
CA VAL B 171 -0.95 -21.48 -56.47
C VAL B 171 -1.00 -19.97 -56.33
N LEU B 172 -2.15 -19.46 -55.88
CA LEU B 172 -2.38 -18.02 -55.82
C LEU B 172 -2.02 -17.43 -54.47
N LYS B 173 -2.51 -18.02 -53.37
CA LYS B 173 -2.31 -17.47 -52.05
C LYS B 173 -1.99 -18.58 -51.06
N VAL B 174 -0.96 -18.36 -50.25
CA VAL B 174 -0.52 -19.31 -49.24
C VAL B 174 -0.21 -18.55 -47.96
N THR B 175 -0.68 -19.07 -46.82
CA THR B 175 -0.41 -18.43 -45.54
C THR B 175 -0.26 -19.48 -44.47
N TYR B 176 0.72 -19.28 -43.58
CA TYR B 176 1.07 -20.29 -42.59
C TYR B 176 1.11 -19.67 -41.20
N LYS B 177 0.90 -20.51 -40.20
CA LYS B 177 1.05 -20.13 -38.80
C LYS B 177 1.59 -21.32 -38.03
N VAL B 178 2.18 -21.02 -36.86
CA VAL B 178 2.78 -22.02 -35.99
C VAL B 178 2.17 -21.89 -34.61
N GLU B 179 1.77 -23.01 -34.02
CA GLU B 179 1.12 -23.03 -32.72
C GLU B 179 1.87 -23.99 -31.79
N ALA B 180 1.75 -23.72 -30.49
CA ALA B 180 2.34 -24.62 -29.51
C ALA B 180 1.46 -25.85 -29.32
N THR B 181 2.11 -26.97 -28.94
CA THR B 181 1.42 -28.22 -28.69
C THR B 181 2.11 -28.92 -27.53
N ARG B 182 1.40 -29.87 -26.93
CA ARG B 182 1.95 -30.68 -25.84
C ARG B 182 2.09 -32.12 -26.30
N VAL B 183 3.26 -32.69 -26.05
CA VAL B 183 3.49 -34.13 -26.15
C VAL B 183 4.10 -34.58 -24.84
N GLU B 184 3.55 -35.65 -24.26
CA GLU B 184 3.88 -36.00 -22.88
C GLU B 184 3.59 -34.77 -22.02
N GLN B 185 4.45 -34.48 -21.04
CA GLN B 185 4.27 -33.31 -20.18
C GLN B 185 5.04 -32.09 -20.66
N ARG B 186 5.55 -32.12 -21.90
CA ARG B 186 6.34 -31.02 -22.45
C ARG B 186 5.52 -30.30 -23.50
N THR B 187 5.53 -28.96 -23.44
CA THR B 187 4.77 -28.12 -24.35
C THR B 187 5.64 -27.39 -25.37
N ASP B 188 6.92 -27.79 -25.50
CA ASP B 188 7.82 -27.06 -26.37
C ASP B 188 7.52 -27.29 -27.85
N PHE B 189 6.87 -28.39 -28.18
CA PHE B 189 6.71 -28.80 -29.57
C PHE B 189 5.75 -27.88 -30.32
N ASP B 190 5.90 -27.84 -31.64
CA ASP B 190 5.11 -26.95 -32.48
C ASP B 190 4.31 -27.74 -33.51
N LYS B 191 3.18 -27.16 -33.92
CA LYS B 191 2.41 -27.63 -35.05
C LYS B 191 2.33 -26.51 -36.08
N LEU B 192 2.49 -26.89 -37.35
CA LEU B 192 2.52 -25.95 -38.46
C LEU B 192 1.25 -26.10 -39.28
N ILE B 193 0.47 -25.02 -39.42
CA ILE B 193 -0.77 -25.02 -40.18
C ILE B 193 -0.57 -24.11 -41.39
N ILE B 194 -0.71 -24.68 -42.59
CA ILE B 194 -0.47 -23.96 -43.83
C ILE B 194 -1.72 -24.06 -44.70
N ASP B 195 -2.22 -22.91 -45.15
CA ASP B 195 -3.42 -22.83 -45.96
C ASP B 195 -3.00 -22.46 -47.38
N VAL B 196 -3.46 -23.25 -48.35
CA VAL B 196 -3.06 -23.12 -49.74
C VAL B 196 -4.31 -22.95 -50.59
N GLU B 197 -4.32 -21.90 -51.41
CA GLU B 197 -5.36 -21.67 -52.41
C GLU B 197 -4.72 -21.77 -53.79
N THR B 198 -5.33 -22.55 -54.68
CA THR B 198 -4.73 -22.87 -55.96
C THR B 198 -5.72 -22.61 -57.09
N LYS B 199 -5.17 -22.44 -58.28
CA LYS B 199 -5.99 -22.34 -59.48
C LYS B 199 -6.72 -23.66 -59.73
N ASN B 200 -7.61 -23.65 -60.72
CA ASN B 200 -8.32 -24.86 -61.11
C ASN B 200 -7.40 -25.86 -61.80
N SER B 201 -6.19 -25.44 -62.18
CA SER B 201 -5.29 -26.31 -62.95
C SER B 201 -4.78 -27.49 -62.11
N ILE B 202 -4.37 -27.24 -60.87
CA ILE B 202 -3.72 -28.26 -60.05
C ILE B 202 -4.35 -28.24 -58.66
N SER B 203 -4.53 -29.43 -58.08
CA SER B 203 -5.06 -29.54 -56.74
C SER B 203 -4.01 -29.08 -55.72
N PRO B 204 -4.45 -28.56 -54.57
CA PRO B 204 -3.47 -28.10 -53.57
C PRO B 204 -2.50 -29.18 -53.11
N ARG B 205 -2.97 -30.43 -52.97
CA ARG B 205 -2.10 -31.49 -52.49
C ARG B 205 -0.96 -31.76 -53.46
N ASP B 206 -1.25 -31.74 -54.76
CA ASP B 206 -0.19 -31.94 -55.75
C ASP B 206 0.83 -30.81 -55.69
N ALA B 207 0.37 -29.57 -55.49
CA ALA B 207 1.29 -28.45 -55.36
C ALA B 207 2.17 -28.61 -54.14
N LEU B 208 1.59 -29.05 -53.02
CA LEU B 208 2.39 -29.28 -51.81
C LEU B 208 3.42 -30.38 -52.04
N ALA B 209 3.03 -31.45 -52.72
CA ALA B 209 3.97 -32.53 -53.01
C ALA B 209 5.10 -32.04 -53.90
N SER B 210 4.78 -31.23 -54.91
CA SER B 210 5.81 -30.69 -55.79
C SER B 210 6.77 -29.78 -55.03
N ALA B 211 6.24 -28.92 -54.14
CA ALA B 211 7.11 -28.08 -53.34
C ALA B 211 8.00 -28.91 -52.43
N GLY B 212 7.45 -29.95 -51.81
CA GLY B 212 8.25 -30.82 -50.97
C GLY B 212 9.37 -31.49 -51.76
N GLY B 213 9.06 -31.97 -52.96
CA GLY B 213 10.09 -32.56 -53.80
C GLY B 213 11.16 -31.58 -54.20
N THR B 214 10.77 -30.35 -54.56
CA THR B 214 11.76 -29.34 -54.89
C THR B 214 12.68 -29.06 -53.71
N LEU B 215 12.11 -28.93 -52.51
CA LEU B 215 12.94 -28.66 -51.34
C LEU B 215 13.86 -29.85 -51.03
N VAL B 216 13.34 -31.08 -51.17
CA VAL B 216 14.17 -32.26 -50.91
C VAL B 216 15.34 -32.30 -51.88
N GLU B 217 15.08 -32.10 -53.18
CA GLU B 217 16.16 -32.10 -54.15
C GLU B 217 17.12 -30.95 -53.91
N LEU B 218 16.63 -29.82 -53.41
CA LEU B 218 17.50 -28.68 -53.17
C LEU B 218 18.45 -28.94 -52.00
N PHE B 219 17.92 -29.49 -50.90
CA PHE B 219 18.77 -29.81 -49.75
C PHE B 219 19.60 -31.06 -49.98
N GLY B 220 19.28 -31.85 -51.01
CA GLY B 220 20.19 -32.91 -51.41
C GLY B 220 21.56 -32.37 -51.78
N LEU B 221 21.61 -31.15 -52.30
CA LEU B 221 22.90 -30.52 -52.59
C LEU B 221 23.75 -30.43 -51.34
N ALA B 222 23.16 -29.96 -50.23
CA ALA B 222 23.89 -29.88 -48.97
C ALA B 222 24.22 -31.27 -48.44
N ARG B 223 23.28 -32.21 -48.55
CA ARG B 223 23.52 -33.54 -48.00
C ARG B 223 24.64 -34.27 -48.74
N GLU B 224 24.81 -33.99 -50.04
CA GLU B 224 25.81 -34.71 -50.82
C GLU B 224 27.23 -34.51 -50.31
N LEU B 225 27.48 -33.45 -49.54
CA LEU B 225 28.84 -33.17 -49.10
C LEU B 225 29.39 -34.31 -48.26
N ASN B 226 28.59 -34.83 -47.32
CA ASN B 226 29.02 -35.97 -46.51
C ASN B 226 27.76 -36.70 -46.06
N ALA B 227 27.45 -37.81 -46.74
CA ALA B 227 26.24 -38.58 -46.45
C ALA B 227 26.35 -39.41 -45.19
N ASP B 228 27.54 -39.52 -44.59
CA ASP B 228 27.74 -40.36 -43.41
C ASP B 228 27.54 -39.60 -42.10
N SER B 229 27.31 -38.29 -42.16
CA SER B 229 27.15 -37.52 -40.93
C SER B 229 25.81 -37.85 -40.26
N GLU B 230 25.79 -37.75 -38.94
CA GLU B 230 24.58 -38.02 -38.19
C GLU B 230 23.56 -36.90 -38.41
N HIS B 231 22.29 -37.29 -38.48
CA HIS B 231 21.21 -36.34 -38.66
C HIS B 231 19.97 -36.87 -37.94
N ILE B 232 19.07 -35.95 -37.62
CA ILE B 232 17.83 -36.31 -36.91
C ILE B 232 17.00 -37.17 -37.85
N GLU B 233 16.71 -38.41 -37.42
CA GLU B 233 16.03 -39.39 -38.25
C GLU B 233 14.60 -39.58 -37.77
N ILE B 234 13.70 -39.88 -38.70
CA ILE B 234 12.30 -40.00 -38.37
C ILE B 234 11.89 -41.44 -38.10
N GLY B 235 12.41 -42.40 -38.86
CA GLY B 235 12.15 -43.80 -38.62
C GLY B 235 11.05 -44.37 -39.50
N PRO B 236 10.90 -45.69 -39.48
CA PRO B 236 9.89 -46.33 -40.34
C PRO B 236 8.47 -45.97 -39.92
N SER B 237 7.56 -46.02 -40.89
CA SER B 237 6.15 -45.73 -40.66
C SER B 237 5.42 -46.90 -40.02
N PRO B 238 5.47 -48.11 -40.60
CA PRO B 238 4.63 -49.19 -40.08
C PRO B 238 5.15 -49.83 -38.81
N ALA B 239 6.36 -49.51 -38.38
CA ALA B 239 6.93 -50.11 -37.17
C ALA B 239 6.09 -49.76 -35.94
N ASN C 21 46.41 8.27 -11.03
CA ASN C 21 45.87 8.68 -9.70
C ASN C 21 46.55 7.86 -8.61
N SER C 22 46.24 8.15 -7.35
CA SER C 22 46.93 7.51 -6.24
C SER C 22 46.73 5.99 -6.26
N VAL C 23 45.51 5.54 -6.54
CA VAL C 23 45.19 4.12 -6.51
C VAL C 23 46.12 3.38 -7.46
N PRO C 24 46.92 2.42 -6.98
CA PRO C 24 47.89 1.77 -7.88
C PRO C 24 47.28 0.82 -8.89
N GLY C 25 46.28 0.03 -8.49
CA GLY C 25 45.76 -1.05 -9.30
C GLY C 25 44.66 -0.69 -10.26
N ALA C 26 44.45 0.59 -10.55
CA ALA C 26 43.35 1.00 -11.41
C ALA C 26 43.54 0.43 -12.81
N PRO C 27 42.55 -0.26 -13.37
CA PRO C 27 42.59 -0.58 -14.80
C PRO C 27 42.54 0.71 -15.62
N ASN C 28 43.20 0.68 -16.78
CA ASN C 28 43.33 1.86 -17.62
C ASN C 28 41.99 2.14 -18.30
N ARG C 29 41.19 2.98 -17.63
CA ARG C 29 39.91 3.42 -18.16
C ARG C 29 40.07 4.85 -18.69
N VAL C 30 40.16 4.99 -20.01
CA VAL C 30 40.28 6.32 -20.60
C VAL C 30 39.05 7.14 -20.25
N SER C 31 39.27 8.44 -20.03
CA SER C 31 38.23 9.34 -19.55
C SER C 31 38.01 10.48 -20.55
N PHE C 32 36.75 10.91 -20.66
CA PHE C 32 36.38 12.04 -21.50
C PHE C 32 36.41 13.36 -20.74
N ALA C 33 36.82 13.36 -19.48
CA ALA C 33 36.79 14.57 -18.68
C ALA C 33 37.70 15.63 -19.29
N LYS C 34 37.25 16.89 -19.20
CA LYS C 34 38.01 18.02 -19.70
C LYS C 34 38.46 18.98 -18.61
N LEU C 35 37.93 18.84 -17.39
CA LEU C 35 38.26 19.74 -16.29
C LEU C 35 39.18 19.04 -15.31
N ARG C 36 40.25 19.73 -14.91
CA ARG C 36 41.20 19.18 -13.96
C ARG C 36 40.65 19.31 -12.54
N GLU C 37 40.62 18.19 -11.83
CA GLU C 37 40.07 18.18 -10.47
C GLU C 37 41.13 18.67 -9.48
N PRO C 38 40.87 19.72 -8.71
CA PRO C 38 41.87 20.18 -7.73
C PRO C 38 41.80 19.47 -6.40
N LEU C 39 40.75 18.69 -6.13
CA LEU C 39 40.54 18.06 -4.84
C LEU C 39 40.20 16.59 -5.05
N GLU C 40 40.82 15.72 -4.27
CA GLU C 40 40.58 14.28 -4.37
C GLU C 40 39.38 13.89 -3.51
N VAL C 41 38.62 12.91 -4.02
CA VAL C 41 37.39 12.50 -3.32
C VAL C 41 37.77 12.02 -1.92
N PRO C 42 37.11 12.50 -0.86
CA PRO C 42 37.49 12.09 0.50
C PRO C 42 37.05 10.68 0.81
N GLY C 43 37.52 10.18 1.94
CA GLY C 43 37.10 8.88 2.43
C GLY C 43 35.60 8.83 2.60
N LEU C 44 34.93 8.01 1.77
CA LEU C 44 33.47 8.01 1.76
C LEU C 44 32.86 7.54 3.07
N LEU C 45 33.62 6.79 3.87
CA LEU C 45 33.13 6.29 5.16
C LEU C 45 33.60 7.14 6.33
N ASP C 46 34.19 8.31 6.07
CA ASP C 46 34.71 9.13 7.16
C ASP C 46 33.61 9.57 8.11
N VAL C 47 32.40 9.77 7.61
CA VAL C 47 31.32 10.29 8.46
C VAL C 47 31.07 9.36 9.64
N GLN C 48 31.34 8.06 9.48
CA GLN C 48 31.13 7.10 10.57
C GLN C 48 32.39 6.96 11.43
N THR C 49 33.53 6.69 10.79
CA THR C 49 34.74 6.40 11.53
C THR C 49 35.21 7.61 12.33
N ASP C 50 35.16 8.80 11.74
CA ASP C 50 35.60 9.99 12.46
C ASP C 50 34.72 10.25 13.67
N SER C 51 33.40 10.11 13.52
CA SER C 51 32.50 10.31 14.65
C SER C 51 32.78 9.30 15.75
N PHE C 52 32.96 8.03 15.39
CA PHE C 52 33.22 7.03 16.42
C PHE C 52 34.57 7.27 17.10
N GLU C 53 35.59 7.65 16.34
CA GLU C 53 36.88 7.96 16.94
C GLU C 53 36.77 9.15 17.90
N TRP C 54 35.95 10.13 17.54
CA TRP C 54 35.68 11.23 18.48
C TRP C 54 35.03 10.70 19.75
N LEU C 55 34.08 9.78 19.60
CA LEU C 55 33.38 9.25 20.78
C LEU C 55 34.36 8.62 21.77
N VAL C 56 35.25 7.75 21.27
CA VAL C 56 36.19 7.06 22.15
C VAL C 56 37.47 7.84 22.38
N GLY C 57 37.66 8.97 21.71
CA GLY C 57 38.83 9.78 21.92
C GLY C 57 40.13 9.10 21.51
N SER C 58 40.13 8.49 20.33
CA SER C 58 41.33 7.82 19.85
C SER C 58 42.45 8.82 19.65
N ASP C 59 43.69 8.34 19.74
CA ASP C 59 44.85 9.23 19.65
C ASP C 59 44.93 9.91 18.29
N ARG C 60 44.46 9.24 17.22
CA ARG C 60 44.47 9.87 15.90
C ARG C 60 43.60 11.12 15.89
N TRP C 61 42.39 11.02 16.41
CA TRP C 61 41.51 12.18 16.47
C TRP C 61 42.09 13.26 17.38
N ARG C 62 42.70 12.85 18.49
CA ARG C 62 43.28 13.83 19.40
C ARG C 62 44.40 14.62 18.73
N GLN C 63 45.26 13.92 17.96
CA GLN C 63 46.33 14.61 17.25
C GLN C 63 45.77 15.49 16.14
N ALA C 64 44.75 15.00 15.42
CA ALA C 64 44.16 15.79 14.34
C ALA C 64 43.52 17.07 14.88
N ALA C 65 42.85 17.00 16.02
CA ALA C 65 42.25 18.20 16.60
C ALA C 65 43.31 19.24 16.93
N ILE C 66 44.45 18.80 17.45
CA ILE C 66 45.56 19.73 17.68
C ILE C 66 46.04 20.32 16.37
N ASP C 67 46.15 19.48 15.33
CA ASP C 67 46.58 20.00 14.03
C ASP C 67 45.61 21.02 13.48
N ARG C 68 44.35 20.97 13.91
CA ARG C 68 43.34 21.94 13.48
C ARG C 68 43.39 23.24 14.26
N GLY C 69 44.33 23.39 15.19
CA GLY C 69 44.45 24.59 15.98
C GLY C 69 43.71 24.57 17.30
N GLU C 70 43.17 23.42 17.70
CA GLU C 70 42.47 23.32 18.97
C GLU C 70 43.44 23.14 20.12
N GLU C 71 42.97 23.45 21.33
CA GLU C 71 43.74 23.31 22.54
C GLU C 71 42.98 22.47 23.55
N ASN C 72 43.65 21.47 24.12
CA ASN C 72 43.08 20.60 25.13
C ASN C 72 41.74 20.02 24.69
N PRO C 73 41.72 19.22 23.62
CA PRO C 73 40.45 18.63 23.17
C PRO C 73 40.04 17.47 24.07
N VAL C 74 38.73 17.28 24.19
CA VAL C 74 38.15 16.26 25.05
C VAL C 74 37.30 15.32 24.21
N GLY C 75 37.45 14.02 24.42
CA GLY C 75 36.67 13.05 23.68
C GLY C 75 35.22 13.04 24.11
N GLY C 76 34.41 12.31 23.34
CA GLY C 76 32.99 12.25 23.63
C GLY C 76 32.66 11.60 24.96
N LEU C 77 33.33 10.50 25.29
CA LEU C 77 33.09 9.84 26.57
C LEU C 77 33.69 10.62 27.73
N GLU C 78 34.84 11.26 27.52
CA GLU C 78 35.41 12.13 28.55
C GLU C 78 34.45 13.27 28.87
N GLU C 79 33.79 13.81 27.85
CA GLU C 79 32.81 14.88 28.08
C GLU C 79 31.69 14.40 28.99
N VAL C 80 31.15 13.21 28.71
CA VAL C 80 30.06 12.68 29.52
C VAL C 80 30.54 12.46 30.95
N LEU C 81 31.72 11.86 31.12
CA LEU C 81 32.19 11.58 32.47
C LEU C 81 32.45 12.87 33.23
N ALA C 82 32.99 13.89 32.57
CA ALA C 82 33.21 15.18 33.22
C ALA C 82 31.89 15.85 33.59
N GLU C 83 30.88 15.75 32.73
CA GLU C 83 29.58 16.29 33.06
C GLU C 83 28.99 15.58 34.27
N LEU C 84 29.14 14.26 34.34
CA LEU C 84 28.67 13.52 35.50
C LEU C 84 29.40 13.96 36.76
N SER C 85 30.72 14.11 36.67
CA SER C 85 31.49 14.50 37.84
C SER C 85 31.33 15.99 38.12
N PRO C 86 31.38 16.42 39.38
CA PRO C 86 31.50 15.59 40.59
C PRO C 86 30.16 15.22 41.20
N ILE C 87 30.00 13.96 41.57
CA ILE C 87 28.82 13.52 42.30
C ILE C 87 28.96 14.01 43.73
N GLU C 88 28.13 14.98 44.12
CA GLU C 88 28.21 15.61 45.43
C GLU C 88 26.90 15.39 46.17
N ASP C 89 26.98 14.77 47.33
CA ASP C 89 25.82 14.66 48.21
C ASP C 89 25.59 15.98 48.94
N PHE C 90 24.33 16.29 49.19
CA PHE C 90 24.00 17.55 49.84
C PHE C 90 24.62 17.64 51.21
N SER C 91 24.88 18.88 51.64
CA SER C 91 25.66 19.18 52.84
C SER C 91 27.16 19.01 52.56
N GLY C 92 27.50 18.54 51.36
CA GLY C 92 28.89 18.54 50.93
C GLY C 92 29.84 17.78 51.80
N SER C 93 29.45 16.60 52.31
CA SER C 93 30.32 15.85 53.20
C SER C 93 31.23 14.87 52.45
N MET C 94 30.92 14.55 51.20
CA MET C 94 31.77 13.68 50.40
C MET C 94 31.52 13.98 48.93
N SER C 95 32.33 13.37 48.08
CA SER C 95 32.20 13.55 46.64
C SER C 95 32.81 12.37 45.92
N LEU C 96 32.40 12.19 44.66
CA LEU C 96 32.93 11.15 43.78
C LEU C 96 33.21 11.76 42.41
N SER C 97 34.21 11.24 41.71
CA SER C 97 34.61 11.80 40.42
C SER C 97 35.13 10.68 39.51
N PHE C 98 34.41 10.43 38.41
CA PHE C 98 34.89 9.50 37.39
C PHE C 98 35.84 10.23 36.45
N SER C 99 36.78 9.48 35.87
CA SER C 99 37.73 10.08 34.94
C SER C 99 38.54 8.98 34.27
N ASP C 100 39.35 9.39 33.29
CA ASP C 100 40.33 8.55 32.62
C ASP C 100 39.72 7.26 32.08
N PRO C 101 38.88 7.33 31.04
CA PRO C 101 38.38 6.11 30.42
C PRO C 101 39.47 5.41 29.61
N ARG C 102 39.49 4.08 29.67
CA ARG C 102 40.47 3.27 28.96
C ARG C 102 39.77 2.10 28.30
N PHE C 103 40.30 1.68 27.15
CA PHE C 103 39.78 0.54 26.40
C PHE C 103 40.88 -0.52 26.27
N ASP C 104 40.53 -1.76 26.59
CA ASP C 104 41.44 -2.88 26.37
C ASP C 104 41.15 -3.52 25.01
N GLU C 105 41.97 -4.52 24.66
CA GLU C 105 41.81 -5.19 23.39
C GLU C 105 40.46 -5.88 23.30
N VAL C 106 39.91 -5.91 22.09
CA VAL C 106 38.60 -6.52 21.88
C VAL C 106 38.63 -7.99 22.28
N LYS C 107 37.51 -8.47 22.81
CA LYS C 107 37.47 -9.84 23.33
C LYS C 107 37.67 -10.88 22.25
N ALA C 108 37.06 -10.68 21.08
CA ALA C 108 37.11 -11.69 20.02
C ALA C 108 37.17 -11.00 18.67
N SER C 109 37.63 -11.76 17.67
CA SER C 109 37.75 -11.24 16.32
C SER C 109 36.39 -11.10 15.66
N VAL C 110 36.34 -10.25 14.63
CA VAL C 110 35.07 -10.00 13.93
C VAL C 110 34.55 -11.29 13.32
N ASP C 111 35.42 -12.05 12.65
CA ASP C 111 34.99 -13.30 12.03
C ASP C 111 34.49 -14.28 13.08
N GLU C 112 35.21 -14.40 14.19
CA GLU C 112 34.76 -15.29 15.26
C GLU C 112 33.45 -14.79 15.87
N CYS C 113 33.30 -13.48 16.03
CA CYS C 113 32.04 -12.95 16.56
C CYS C 113 30.87 -13.31 15.64
N LYS C 114 31.05 -13.17 14.33
CA LYS C 114 29.99 -13.53 13.40
C LYS C 114 29.72 -15.03 13.45
N ASP C 115 30.77 -15.84 13.50
CA ASP C 115 30.59 -17.29 13.44
C ASP C 115 29.89 -17.80 14.70
N LYS C 116 30.33 -17.37 15.88
CA LYS C 116 29.82 -17.88 17.14
C LYS C 116 28.66 -17.07 17.70
N ASP C 117 28.21 -16.03 16.98
CA ASP C 117 27.05 -15.24 17.39
C ASP C 117 27.31 -14.53 18.72
N MET C 118 28.33 -13.68 18.71
CA MET C 118 28.65 -12.81 19.84
C MET C 118 28.54 -11.35 19.41
N THR C 119 28.88 -10.46 20.33
CA THR C 119 28.91 -9.02 20.08
C THR C 119 30.36 -8.55 20.09
N TYR C 120 30.78 -7.88 19.02
CA TYR C 120 32.14 -7.37 18.92
C TYR C 120 32.27 -6.15 19.83
N ALA C 121 32.96 -6.32 20.95
CA ALA C 121 33.04 -5.26 21.95
C ALA C 121 34.39 -5.34 22.66
N ALA C 122 34.75 -4.23 23.32
CA ALA C 122 35.97 -4.15 24.11
C ALA C 122 35.65 -3.75 25.56
N PRO C 123 36.39 -4.25 26.54
CA PRO C 123 36.14 -3.83 27.93
C PRO C 123 36.43 -2.34 28.11
N LEU C 124 35.67 -1.69 28.99
CA LEU C 124 35.85 -0.28 29.28
C LEU C 124 36.21 -0.11 30.76
N PHE C 125 37.27 0.64 31.02
CA PHE C 125 37.75 0.89 32.37
C PHE C 125 37.88 2.39 32.62
N VAL C 126 37.60 2.80 33.86
CA VAL C 126 37.75 4.18 34.30
C VAL C 126 38.32 4.18 35.72
N THR C 127 38.81 5.35 36.12
CA THR C 127 39.24 5.57 37.50
C THR C 127 38.20 6.43 38.22
N ALA C 128 38.02 6.16 39.52
CA ALA C 128 37.00 6.82 40.32
C ALA C 128 37.65 7.34 41.60
N GLU C 129 37.80 8.66 41.70
CA GLU C 129 38.34 9.30 42.89
C GLU C 129 37.18 9.59 43.84
N PHE C 130 37.18 8.93 44.99
CA PHE C 130 36.21 9.17 46.05
C PHE C 130 36.88 9.97 47.16
N ILE C 131 36.26 11.09 47.52
CA ILE C 131 36.82 12.05 48.47
C ILE C 131 35.88 12.15 49.65
N ASN C 132 36.41 11.97 50.85
CA ASN C 132 35.69 12.16 52.10
C ASN C 132 36.26 13.41 52.76
N ASN C 133 35.47 14.49 52.71
CA ASN C 133 35.96 15.78 53.21
C ASN C 133 35.96 15.85 54.73
N ASN C 134 34.95 15.25 55.38
CA ASN C 134 34.88 15.28 56.84
C ASN C 134 36.05 14.58 57.50
N THR C 135 36.78 13.74 56.76
CA THR C 135 38.02 13.14 57.25
C THR C 135 39.19 13.37 56.30
N GLY C 136 38.96 13.90 55.10
CA GLY C 136 40.02 14.20 54.17
C GLY C 136 40.56 13.02 53.39
N GLU C 137 39.90 11.87 53.45
CA GLU C 137 40.42 10.68 52.79
C GLU C 137 40.16 10.73 51.29
N ILE C 138 41.02 10.05 50.53
CA ILE C 138 40.86 9.93 49.08
C ILE C 138 41.19 8.50 48.68
N LYS C 139 40.35 7.90 47.85
CA LYS C 139 40.54 6.55 47.35
C LYS C 139 40.28 6.51 45.86
N SER C 140 40.85 5.50 45.19
CA SER C 140 40.63 5.34 43.76
C SER C 140 41.18 4.01 43.30
N GLN C 141 40.46 3.39 42.36
CA GLN C 141 40.91 2.18 41.69
C GLN C 141 40.15 2.04 40.38
N THR C 142 40.67 1.19 39.51
CA THR C 142 40.02 0.96 38.22
C THR C 142 38.68 0.27 38.42
N VAL C 143 37.67 0.70 37.67
CA VAL C 143 36.32 0.16 37.75
C VAL C 143 35.93 -0.34 36.36
N PHE C 144 35.41 -1.56 36.30
CA PHE C 144 35.01 -2.16 35.03
C PHE C 144 33.60 -1.71 34.67
N MET C 145 33.48 -0.91 33.60
CA MET C 145 32.20 -0.35 33.19
C MET C 145 31.49 -1.17 32.13
N GLY C 146 31.99 -2.36 31.80
CA GLY C 146 31.29 -3.27 30.92
C GLY C 146 31.94 -3.36 29.55
N ASP C 147 31.35 -4.23 28.73
CA ASP C 147 31.75 -4.36 27.34
C ASP C 147 31.07 -3.29 26.48
N PHE C 148 31.88 -2.54 25.74
CA PHE C 148 31.42 -1.47 24.88
C PHE C 148 31.51 -1.93 23.44
N PRO C 149 30.42 -2.00 22.68
CA PRO C 149 30.53 -2.40 21.28
C PRO C 149 31.44 -1.45 20.52
N MET C 150 32.23 -2.02 19.62
CA MET C 150 33.24 -1.28 18.87
C MET C 150 32.92 -1.28 17.39
N MET C 151 33.13 -0.13 16.75
CA MET C 151 32.96 -0.05 15.31
C MET C 151 34.14 -0.72 14.62
N THR C 152 33.85 -1.76 13.85
CA THR C 152 34.90 -2.44 13.10
C THR C 152 35.40 -1.54 11.97
N GLU C 153 36.62 -1.81 11.52
CA GLU C 153 37.15 -1.11 10.35
C GLU C 153 36.20 -1.33 9.18
N LYS C 154 35.93 -0.25 8.45
CA LYS C 154 34.92 -0.13 7.39
C LYS C 154 33.54 0.19 7.95
N GLY C 155 33.42 0.44 9.25
CA GLY C 155 32.26 1.15 9.78
C GLY C 155 30.99 0.34 9.96
N THR C 156 31.01 -0.71 10.78
CA THR C 156 29.80 -1.45 11.13
C THR C 156 29.94 -2.01 12.54
N PHE C 157 28.80 -2.32 13.15
CA PHE C 157 28.77 -2.91 14.48
C PHE C 157 28.24 -4.34 14.41
N ILE C 158 28.96 -5.27 15.04
CA ILE C 158 28.54 -6.67 15.10
C ILE C 158 27.78 -6.86 16.41
N ILE C 159 26.46 -7.01 16.31
CA ILE C 159 25.59 -7.17 17.46
C ILE C 159 24.91 -8.53 17.34
N ASN C 160 25.15 -9.40 18.32
CA ASN C 160 24.53 -10.72 18.37
C ASN C 160 24.67 -11.45 17.04
N GLY C 161 25.88 -11.36 16.47
CA GLY C 161 26.17 -12.02 15.21
C GLY C 161 25.79 -11.22 13.98
N THR C 162 24.68 -10.48 14.07
CA THR C 162 24.22 -9.68 12.94
C THR C 162 25.13 -8.46 12.77
N GLU C 163 25.10 -7.90 11.56
CA GLU C 163 25.85 -6.69 11.24
C GLU C 163 24.88 -5.53 11.12
N ARG C 164 25.17 -4.43 11.80
CA ARG C 164 24.26 -3.30 11.92
C ARG C 164 24.99 -2.00 11.63
N VAL C 165 24.22 -1.03 11.13
CA VAL C 165 24.69 0.30 10.80
C VAL C 165 23.84 1.30 11.56
N VAL C 166 24.51 2.30 12.15
CA VAL C 166 23.82 3.39 12.84
C VAL C 166 23.75 4.56 11.87
N VAL C 167 22.55 4.88 11.41
CA VAL C 167 22.36 5.93 10.41
C VAL C 167 22.32 7.28 11.10
N SER C 168 23.05 8.25 10.55
CA SER C 168 23.02 9.60 11.10
C SER C 168 21.62 10.18 10.99
N GLN C 169 21.26 10.99 11.98
CA GLN C 169 19.91 11.55 12.09
C GLN C 169 19.96 13.06 11.87
N LEU C 170 19.15 13.54 10.93
CA LEU C 170 19.08 14.97 10.64
C LEU C 170 17.99 15.59 11.50
N VAL C 171 18.36 16.53 12.36
CA VAL C 171 17.44 17.09 13.34
C VAL C 171 17.63 18.59 13.43
N ARG C 172 16.54 19.32 13.65
CA ARG C 172 16.60 20.77 13.80
C ARG C 172 17.42 21.13 15.04
N SER C 173 18.38 22.03 14.87
CA SER C 173 19.32 22.32 15.94
C SER C 173 18.68 23.24 16.99
N PRO C 174 19.08 23.13 18.25
CA PRO C 174 18.60 24.07 19.27
C PRO C 174 19.03 25.49 18.94
N GLY C 175 18.19 26.44 19.33
CA GLY C 175 18.48 27.84 19.11
C GLY C 175 17.22 28.68 19.16
N VAL C 176 17.35 29.92 18.71
CA VAL C 176 16.25 30.87 18.67
C VAL C 176 15.78 31.00 17.23
N TYR C 177 14.47 30.93 17.02
CA TYR C 177 13.88 30.90 15.68
C TYR C 177 12.71 31.87 15.63
N PHE C 178 12.91 33.00 14.93
CA PHE C 178 11.85 33.98 14.75
C PHE C 178 11.05 33.67 13.49
N ASP C 179 9.74 33.87 13.57
CA ASP C 179 8.86 33.64 12.44
C ASP C 179 7.77 34.71 12.42
N GLU C 180 7.25 34.97 11.22
CA GLU C 180 6.22 35.97 10.99
C GLU C 180 5.13 35.38 10.11
N THR C 181 3.87 35.68 10.46
CA THR C 181 2.73 35.19 9.70
C THR C 181 1.72 36.31 9.56
N ILE C 182 1.21 36.50 8.34
CA ILE C 182 0.20 37.51 8.07
C ILE C 182 -1.18 36.89 8.24
N ASP C 183 -2.04 37.56 8.99
CA ASP C 183 -3.37 37.06 9.31
C ASP C 183 -4.41 37.91 8.59
N LYS C 184 -5.31 37.25 7.85
CA LYS C 184 -6.35 37.94 7.11
C LYS C 184 -7.40 38.57 8.02
N SER C 185 -7.43 38.22 9.30
CA SER C 185 -8.40 38.83 10.20
C SER C 185 -8.23 40.34 10.26
N THR C 186 -6.99 40.81 10.33
CA THR C 186 -6.69 42.23 10.28
C THR C 186 -5.59 42.56 9.27
N GLU C 187 -5.11 41.57 8.51
CA GLU C 187 -4.03 41.76 7.55
C GLU C 187 -2.74 42.23 8.23
N LYS C 188 -2.59 41.91 9.51
CA LYS C 188 -1.37 42.26 10.24
C LYS C 188 -0.37 41.11 10.20
N THR C 189 0.91 41.46 10.25
CA THR C 189 2.00 40.48 10.24
C THR C 189 2.42 40.22 11.68
N LEU C 190 1.77 39.24 12.30
CA LEU C 190 2.11 38.86 13.66
C LEU C 190 3.45 38.13 13.68
N HIS C 191 4.13 38.20 14.82
CA HIS C 191 5.46 37.62 14.97
C HIS C 191 5.49 36.72 16.20
N SER C 192 6.34 35.70 16.14
CA SER C 192 6.55 34.79 17.26
C SER C 192 8.00 34.30 17.23
N VAL C 193 8.45 33.80 18.38
CA VAL C 193 9.81 33.30 18.53
C VAL C 193 9.77 32.11 19.47
N LYS C 194 10.61 31.11 19.19
CA LYS C 194 10.73 29.92 20.01
C LYS C 194 12.20 29.70 20.34
N VAL C 195 12.48 29.40 21.61
CA VAL C 195 13.82 29.04 22.06
C VAL C 195 13.76 27.57 22.48
N ILE C 196 14.45 26.73 21.73
CA ILE C 196 14.37 25.28 21.88
C ILE C 196 15.72 24.77 22.37
N PRO C 197 15.81 24.16 23.53
CA PRO C 197 17.09 23.62 24.00
C PRO C 197 17.29 22.16 23.60
N GLY C 198 18.51 21.67 23.84
CA GLY C 198 18.76 20.25 23.75
C GLY C 198 18.31 19.47 24.95
N ARG C 199 18.03 20.16 26.06
CA ARG C 199 17.53 19.54 27.28
C ARG C 199 16.77 20.58 28.09
N GLY C 200 15.69 20.16 28.72
CA GLY C 200 14.90 21.04 29.55
C GLY C 200 13.61 21.48 28.89
N ALA C 201 12.95 22.43 29.55
CA ALA C 201 11.66 22.92 29.10
C ALA C 201 11.83 23.92 27.96
N TRP C 202 10.71 24.28 27.34
CA TRP C 202 10.67 25.19 26.21
C TRP C 202 10.23 26.58 26.65
N LEU C 203 10.49 27.56 25.79
CA LEU C 203 10.12 28.94 26.01
C LEU C 203 9.85 29.60 24.67
N GLU C 204 8.79 30.41 24.62
CA GLU C 204 8.41 31.08 23.38
C GLU C 204 7.72 32.40 23.71
N PHE C 205 7.77 33.32 22.73
CA PHE C 205 7.09 34.61 22.83
C PHE C 205 6.29 34.83 21.55
N ASP C 206 5.26 35.67 21.66
CA ASP C 206 4.42 35.97 20.51
C ASP C 206 3.80 37.35 20.68
N VAL C 207 3.43 37.95 19.55
CA VAL C 207 2.75 39.24 19.51
C VAL C 207 1.34 39.00 19.00
N ASP C 208 0.34 39.35 19.80
CA ASP C 208 -1.04 39.11 19.44
C ASP C 208 -1.54 40.20 18.49
N LYS C 209 -2.70 39.94 17.87
CA LYS C 209 -3.31 40.91 16.97
C LYS C 209 -3.83 42.15 17.68
N ARG C 210 -3.90 42.14 19.01
CA ARG C 210 -4.38 43.27 19.78
C ARG C 210 -3.24 44.18 20.23
N ASP C 211 -2.09 44.12 19.56
CA ASP C 211 -0.93 44.97 19.88
C ASP C 211 -0.44 44.71 21.30
N THR C 212 -0.12 43.44 21.57
CA THR C 212 0.39 43.04 22.86
C THR C 212 1.39 41.91 22.68
N VAL C 213 2.27 41.75 23.66
CA VAL C 213 3.31 40.73 23.65
C VAL C 213 2.98 39.71 24.74
N GLY C 214 3.04 38.44 24.39
CA GLY C 214 2.71 37.37 25.31
C GLY C 214 3.84 36.38 25.51
N VAL C 215 3.81 35.65 26.63
CA VAL C 215 4.82 34.66 26.96
C VAL C 215 4.13 33.34 27.28
N ARG C 216 4.74 32.26 26.81
CA ARG C 216 4.26 30.91 27.10
C ARG C 216 5.44 30.07 27.57
N ILE C 217 5.34 29.52 28.77
CA ILE C 217 6.39 28.70 29.37
C ILE C 217 5.89 27.26 29.42
N ASP C 218 6.65 26.35 28.82
CA ASP C 218 6.29 24.94 28.79
C ASP C 218 4.92 24.72 28.15
N ARG C 219 4.58 25.55 27.17
CA ARG C 219 3.33 25.46 26.43
C ARG C 219 2.10 25.70 27.31
N LYS C 220 2.26 26.44 28.40
CA LYS C 220 1.15 26.75 29.28
C LYS C 220 0.32 27.89 28.69
N ARG C 221 -0.73 28.29 29.43
CA ARG C 221 -1.63 29.31 28.93
C ARG C 221 -0.90 30.63 28.72
N ARG C 222 -1.31 31.35 27.67
CA ARG C 222 -0.64 32.59 27.32
C ARG C 222 -0.73 33.60 28.45
N GLN C 223 0.37 34.30 28.69
CA GLN C 223 0.48 35.30 29.73
C GLN C 223 1.27 36.50 29.19
N PRO C 224 1.08 37.68 29.76
CA PRO C 224 1.80 38.85 29.27
C PRO C 224 3.30 38.75 29.54
N VAL C 225 4.08 39.42 28.68
CA VAL C 225 5.53 39.40 28.81
C VAL C 225 5.96 40.13 30.08
N THR C 226 5.24 41.18 30.45
CA THR C 226 5.63 41.96 31.64
C THR C 226 5.67 41.09 32.88
N VAL C 227 4.86 40.03 32.93
CA VAL C 227 4.91 39.11 34.07
C VAL C 227 6.30 38.47 34.15
N LEU C 228 6.79 37.95 33.03
CA LEU C 228 8.14 37.36 33.03
C LEU C 228 9.20 38.42 33.33
N LEU C 229 9.06 39.60 32.75
CA LEU C 229 10.05 40.66 32.98
C LEU C 229 10.15 41.00 34.46
N LYS C 230 8.99 41.20 35.11
CA LYS C 230 8.99 41.53 36.53
C LYS C 230 9.38 40.36 37.40
N ALA C 231 9.21 39.12 36.91
CA ALA C 231 9.69 37.96 37.66
C ALA C 231 11.20 38.01 37.83
N LEU C 232 11.92 38.40 36.77
CA LEU C 232 13.37 38.54 36.85
C LEU C 232 13.79 39.75 37.67
N GLY C 233 12.86 40.62 38.05
CA GLY C 233 13.17 41.80 38.84
C GLY C 233 13.06 43.11 38.11
N TRP C 234 12.65 43.10 36.83
CA TRP C 234 12.54 44.34 36.09
C TRP C 234 11.35 45.16 36.59
N THR C 235 11.47 46.48 36.43
CA THR C 235 10.47 47.43 36.90
C THR C 235 10.02 48.32 35.75
N ASN C 236 9.18 49.30 36.07
CA ASN C 236 8.66 50.19 35.03
C ASN C 236 9.78 50.98 34.38
N GLU C 237 10.72 51.50 35.18
CA GLU C 237 11.74 52.39 34.65
C GLU C 237 12.64 51.68 33.63
N GLN C 238 13.07 50.46 33.94
CA GLN C 238 13.97 49.75 33.02
C GLN C 238 13.25 49.43 31.71
N ILE C 239 12.00 48.99 31.79
CA ILE C 239 11.25 48.68 30.58
C ILE C 239 11.06 49.93 29.74
N VAL C 240 10.72 51.06 30.38
CA VAL C 240 10.57 52.30 29.64
C VAL C 240 11.89 52.69 28.98
N GLU C 241 13.00 52.55 29.72
CA GLU C 241 14.29 52.95 29.19
C GLU C 241 14.67 52.14 27.96
N ARG C 242 14.58 50.82 28.06
CA ARG C 242 15.10 49.98 26.97
C ARG C 242 14.11 49.82 25.83
N PHE C 243 12.84 49.54 26.16
CA PHE C 243 11.84 49.23 25.15
C PHE C 243 10.85 50.36 24.90
N GLY C 244 11.11 51.56 25.41
CA GLY C 244 10.16 52.66 25.29
C GLY C 244 9.83 53.06 23.87
N PHE C 245 10.66 52.67 22.89
CA PHE C 245 10.42 53.05 21.51
C PHE C 245 9.28 52.25 20.88
N SER C 246 8.88 51.13 21.49
CA SER C 246 7.86 50.25 20.94
C SER C 246 6.54 50.47 21.67
N GLU C 247 5.46 50.62 20.89
CA GLU C 247 4.14 50.88 21.48
C GLU C 247 3.51 49.63 22.07
N ILE C 248 3.78 48.44 21.48
CA ILE C 248 3.09 47.23 21.90
C ILE C 248 3.44 46.89 23.34
N MET C 249 4.73 46.96 23.70
CA MET C 249 5.12 46.63 25.06
C MET C 249 4.59 47.65 26.05
N MET C 250 4.56 48.93 25.66
CA MET C 250 3.99 49.96 26.53
C MET C 250 2.51 49.69 26.79
N GLY C 251 1.77 49.30 25.74
CA GLY C 251 0.37 48.97 25.93
C GLY C 251 0.17 47.76 26.81
N THR C 252 1.00 46.73 26.61
CA THR C 252 0.92 45.55 27.46
C THR C 252 1.19 45.90 28.92
N LEU C 253 2.21 46.75 29.16
CA LEU C 253 2.52 47.17 30.51
C LEU C 253 1.36 47.96 31.11
N GLU C 254 0.74 48.84 30.32
CA GLU C 254 -0.39 49.61 30.83
C GLU C 254 -1.56 48.70 31.19
N LYS C 255 -1.84 47.70 30.35
CA LYS C 255 -2.95 46.79 30.64
C LYS C 255 -2.65 45.87 31.81
N ASP C 256 -1.38 45.49 32.00
CA ASP C 256 -1.03 44.55 33.04
C ASP C 256 -1.31 45.14 34.41
N THR C 257 -1.89 44.32 35.30
CA THR C 257 -2.18 44.72 36.67
C THR C 257 -1.03 44.45 37.62
N THR C 258 0.03 43.79 37.17
CA THR C 258 1.15 43.47 38.04
C THR C 258 1.80 44.73 38.58
N SER C 259 2.05 44.76 39.88
CA SER C 259 2.74 45.87 40.54
C SER C 259 3.68 45.27 41.59
N GLY C 260 4.98 45.38 41.35
CA GLY C 260 5.96 44.77 42.23
C GLY C 260 6.46 43.44 41.69
N THR C 261 7.74 43.14 41.93
CA THR C 261 8.31 41.92 41.37
C THR C 261 7.64 40.68 41.95
N ASP C 262 7.37 40.68 43.25
CA ASP C 262 6.74 39.52 43.88
C ASP C 262 5.35 39.24 43.33
N GLU C 263 4.67 40.27 42.80
CA GLU C 263 3.33 40.06 42.28
C GLU C 263 3.35 39.14 41.06
N ALA C 264 4.36 39.27 40.20
CA ALA C 264 4.46 38.38 39.05
C ALA C 264 4.62 36.92 39.49
N LEU C 265 5.45 36.68 40.50
CA LEU C 265 5.59 35.33 41.02
C LEU C 265 4.29 34.83 41.61
N LEU C 266 3.53 35.70 42.26
CA LEU C 266 2.23 35.31 42.80
C LEU C 266 1.33 34.78 41.69
N ASP C 267 1.31 35.45 40.54
CA ASP C 267 0.49 34.97 39.42
C ASP C 267 1.05 33.69 38.82
N ILE C 268 2.38 33.60 38.68
CA ILE C 268 2.97 32.47 37.97
C ILE C 268 2.83 31.18 38.77
N TYR C 269 3.11 31.23 40.08
CA TYR C 269 3.31 30.02 40.84
C TYR C 269 2.07 29.14 40.84
N ARG C 270 0.90 29.72 41.10
CA ARG C 270 -0.31 28.92 41.25
C ARG C 270 -0.72 28.20 39.97
N LYS C 271 -0.22 28.66 38.81
CA LYS C 271 -0.57 27.99 37.56
C LYS C 271 -0.06 26.55 37.55
N LEU C 272 1.17 26.34 38.00
CA LEU C 272 1.73 24.99 38.05
C LEU C 272 1.32 24.23 39.31
N ARG C 273 0.96 24.94 40.38
CA ARG C 273 0.56 24.33 41.65
C ARG C 273 -0.78 24.93 42.05
N PRO C 274 -1.88 24.44 41.47
CA PRO C 274 -3.19 25.06 41.74
C PRO C 274 -3.56 25.12 43.21
N GLY C 275 -3.23 24.08 43.99
CA GLY C 275 -3.69 23.98 45.36
C GLY C 275 -2.77 24.53 46.42
N GLU C 276 -1.52 24.86 46.08
CA GLU C 276 -0.56 25.32 47.06
C GLU C 276 -0.32 26.81 46.92
N PRO C 277 -0.66 27.64 47.91
CA PRO C 277 -0.34 29.06 47.79
C PRO C 277 1.15 29.28 47.74
N PRO C 278 1.60 30.32 47.03
CA PRO C 278 3.03 30.49 46.81
C PRO C 278 3.77 30.94 48.06
N THR C 279 5.07 30.65 48.08
CA THR C 279 6.00 31.18 49.06
C THR C 279 7.12 31.88 48.31
N LYS C 280 7.60 33.00 48.87
CA LYS C 280 8.50 33.87 48.13
C LYS C 280 9.76 33.15 47.69
N GLU C 281 10.40 32.41 48.60
CA GLU C 281 11.67 31.78 48.27
C GLU C 281 11.51 30.75 47.15
N SER C 282 10.58 29.81 47.32
CA SER C 282 10.40 28.78 46.31
C SER C 282 9.92 29.37 44.99
N ALA C 283 8.99 30.32 45.05
CA ALA C 283 8.48 30.93 43.82
C ALA C 283 9.59 31.64 43.06
N GLN C 284 10.45 32.38 43.77
CA GLN C 284 11.52 33.11 43.11
C GLN C 284 12.57 32.15 42.56
N THR C 285 12.90 31.09 43.30
CA THR C 285 13.90 30.14 42.85
C THR C 285 13.38 29.21 41.76
N LEU C 286 12.07 29.12 41.59
CA LEU C 286 11.51 28.22 40.57
C LEU C 286 11.95 28.63 39.17
N LEU C 287 11.91 29.93 38.87
CA LEU C 287 12.30 30.40 37.55
C LEU C 287 13.75 30.08 37.26
N GLU C 288 14.63 30.33 38.23
CA GLU C 288 16.05 30.05 38.04
C GLU C 288 16.29 28.55 37.81
N ASN C 289 15.64 27.70 38.60
CA ASN C 289 15.78 26.27 38.43
C ASN C 289 15.23 25.81 37.08
N LEU C 290 14.08 26.36 36.69
CA LEU C 290 13.40 25.90 35.48
C LEU C 290 14.26 26.14 34.24
N PHE C 291 14.88 27.32 34.14
CA PHE C 291 15.59 27.72 32.94
C PHE C 291 17.07 27.99 33.18
N PHE C 292 17.42 28.72 34.24
CA PHE C 292 18.75 29.27 34.41
C PHE C 292 19.68 28.37 35.21
N LYS C 293 19.41 27.06 35.23
CA LYS C 293 20.28 26.08 35.85
C LYS C 293 20.69 25.05 34.80
N GLU C 294 21.99 24.83 34.66
CA GLU C 294 22.48 23.82 33.73
C GLU C 294 22.09 22.42 34.15
N LYS C 295 21.63 22.24 35.39
CA LYS C 295 21.20 20.92 35.84
C LYS C 295 19.97 20.44 35.05
N ARG C 296 19.03 21.34 34.78
CA ARG C 296 17.77 20.98 34.16
C ARG C 296 17.53 21.62 32.80
N TYR C 297 18.43 22.50 32.34
CA TYR C 297 18.31 23.14 31.04
C TYR C 297 19.69 23.16 30.40
N ASP C 298 19.75 22.88 29.10
CA ASP C 298 21.03 22.75 28.41
C ASP C 298 20.86 23.05 26.94
N LEU C 299 21.71 23.94 26.41
CA LEU C 299 21.78 24.16 24.97
C LEU C 299 22.70 23.18 24.27
N ALA C 300 23.47 22.40 25.01
CA ALA C 300 24.28 21.31 24.46
C ALA C 300 25.36 21.82 23.52
N ARG C 301 25.90 23.00 23.83
CA ARG C 301 27.12 23.50 23.20
C ARG C 301 26.91 23.92 21.75
N VAL C 302 25.71 23.68 21.21
CA VAL C 302 25.42 24.11 19.84
C VAL C 302 24.36 25.20 19.84
N GLY C 303 23.35 25.07 20.69
CA GLY C 303 22.40 26.14 20.86
C GLY C 303 23.05 27.41 21.36
N ARG C 304 24.05 27.27 22.23
CA ARG C 304 24.82 28.42 22.68
C ARG C 304 25.48 29.12 21.50
N TYR C 305 26.13 28.34 20.63
CA TYR C 305 26.80 28.93 19.48
C TYR C 305 25.81 29.63 18.56
N LYS C 306 24.68 28.99 18.28
CA LYS C 306 23.70 29.59 17.38
C LYS C 306 23.10 30.86 17.97
N VAL C 307 22.80 30.85 19.27
CA VAL C 307 22.24 32.04 19.91
C VAL C 307 23.26 33.16 19.91
N ASN C 308 24.53 32.85 20.19
CA ASN C 308 25.57 33.87 20.16
C ASN C 308 25.69 34.48 18.76
N LYS C 309 25.66 33.63 17.73
CA LYS C 309 25.79 34.13 16.37
C LYS C 309 24.59 35.00 15.99
N LYS C 310 23.39 34.58 16.38
CA LYS C 310 22.18 35.28 15.94
C LYS C 310 21.99 36.59 16.70
N LEU C 311 21.96 36.53 18.03
CA LEU C 311 21.74 37.72 18.84
C LEU C 311 23.00 38.58 18.99
N GLY C 312 24.16 38.08 18.57
CA GLY C 312 25.39 38.83 18.69
C GLY C 312 25.98 38.89 20.08
N LEU C 313 25.60 37.97 20.96
CA LEU C 313 26.05 38.01 22.35
C LEU C 313 27.25 37.09 22.56
N ASN C 314 28.19 37.55 23.38
CA ASN C 314 29.28 36.74 23.90
C ASN C 314 30.18 36.16 22.81
N ALA C 315 30.22 36.80 21.64
CA ALA C 315 31.06 36.31 20.56
C ALA C 315 32.54 36.52 20.88
N GLY C 316 33.37 35.62 20.35
CA GLY C 316 34.82 35.75 20.45
C GLY C 316 35.49 34.87 21.48
N LYS C 317 34.74 34.00 22.18
CA LYS C 317 35.35 33.12 23.16
C LYS C 317 34.53 31.84 23.26
N PRO C 318 35.17 30.70 23.59
CA PRO C 318 34.43 29.42 23.73
C PRO C 318 33.67 29.34 25.05
N ILE C 319 32.47 29.90 25.05
CA ILE C 319 31.67 29.96 26.28
C ILE C 319 31.40 28.55 26.77
N THR C 320 31.81 28.26 28.01
CA THR C 320 31.49 26.98 28.63
C THR C 320 30.04 26.89 29.07
N SER C 321 29.41 28.02 29.36
CA SER C 321 28.03 28.01 29.83
C SER C 321 27.10 27.49 28.73
N SER C 322 26.07 26.76 29.14
CA SER C 322 25.04 26.25 28.24
C SER C 322 23.64 26.49 28.78
N THR C 323 23.51 27.33 29.80
CA THR C 323 22.22 27.61 30.40
C THR C 323 21.69 28.97 29.95
N LEU C 324 20.37 29.13 30.06
CA LEU C 324 19.75 30.42 29.75
C LEU C 324 20.18 31.46 30.78
N THR C 325 20.22 32.71 30.33
CA THR C 325 20.66 33.84 31.13
C THR C 325 19.63 34.96 31.03
N GLU C 326 19.75 35.95 31.91
CA GLU C 326 18.85 37.09 31.86
C GLU C 326 19.09 37.93 30.61
N GLU C 327 20.35 38.17 30.26
CA GLU C 327 20.64 39.07 29.14
C GLU C 327 20.14 38.49 27.82
N ASP C 328 20.29 37.18 27.62
CA ASP C 328 19.90 36.59 26.34
C ASP C 328 18.39 36.53 26.16
N VAL C 329 17.64 36.29 27.24
CA VAL C 329 16.18 36.23 27.13
C VAL C 329 15.64 37.61 26.78
N VAL C 330 16.10 38.65 27.49
CA VAL C 330 15.65 40.00 27.19
C VAL C 330 16.13 40.41 25.80
N ALA C 331 17.32 39.96 25.40
CA ALA C 331 17.79 40.24 24.04
C ALA C 331 16.87 39.61 23.00
N THR C 332 16.42 38.38 23.24
CA THR C 332 15.49 37.73 22.31
C THR C 332 14.17 38.49 22.26
N ILE C 333 13.66 38.92 23.41
CA ILE C 333 12.41 39.66 23.44
C ILE C 333 12.56 40.97 22.67
N GLU C 334 13.67 41.68 22.90
CA GLU C 334 13.92 42.93 22.18
C GLU C 334 14.05 42.68 20.69
N TYR C 335 14.71 41.58 20.31
CA TYR C 335 14.84 41.25 18.90
C TYR C 335 13.47 41.04 18.27
N LEU C 336 12.58 40.32 18.96
CA LEU C 336 11.23 40.13 18.47
C LEU C 336 10.51 41.47 18.30
N VAL C 337 10.63 42.33 19.31
CA VAL C 337 9.94 43.62 19.25
C VAL C 337 10.46 44.46 18.08
N ARG C 338 11.78 44.52 17.93
CA ARG C 338 12.35 45.28 16.81
C ARG C 338 11.92 44.69 15.48
N LEU C 339 11.89 43.37 15.36
CA LEU C 339 11.44 42.74 14.13
C LEU C 339 10.02 43.15 13.80
N HIS C 340 9.14 43.14 14.82
CA HIS C 340 7.79 43.67 14.61
C HIS C 340 7.83 45.17 14.32
N GLU C 341 8.69 45.90 15.03
CA GLU C 341 8.78 47.35 14.83
C GLU C 341 9.18 47.69 13.40
N GLY C 342 10.01 46.86 12.79
CA GLY C 342 10.43 47.05 11.42
C GLY C 342 11.91 47.29 11.21
N GLN C 343 12.75 47.07 12.21
CA GLN C 343 14.18 47.28 12.05
C GLN C 343 14.78 46.23 11.13
N THR C 344 15.78 46.65 10.35
CA THR C 344 16.52 45.75 9.48
C THR C 344 17.91 45.40 10.00
N SER C 345 18.48 46.24 10.85
CA SER C 345 19.74 45.95 11.50
C SER C 345 19.64 46.34 12.97
N MET C 346 20.24 45.52 13.83
CA MET C 346 20.10 45.68 15.27
C MET C 346 21.46 45.55 15.93
N THR C 347 21.60 46.20 17.09
CA THR C 347 22.80 46.12 17.90
C THR C 347 22.41 45.92 19.36
N VAL C 348 23.32 45.34 20.13
CA VAL C 348 23.07 45.00 21.53
C VAL C 348 24.19 45.62 22.38
N PRO C 349 23.89 46.15 23.56
CA PRO C 349 24.97 46.66 24.41
C PRO C 349 25.95 45.56 24.77
N GLY C 350 27.23 45.81 24.53
CA GLY C 350 28.25 44.80 24.73
C GLY C 350 28.31 43.73 23.68
N GLY C 351 27.57 43.88 22.58
CA GLY C 351 27.54 42.89 21.53
C GLY C 351 27.94 43.45 20.18
N VAL C 352 27.50 42.81 19.10
CA VAL C 352 27.84 43.22 17.75
C VAL C 352 26.55 43.37 16.94
N GLU C 353 26.60 44.21 15.92
CA GLU C 353 25.43 44.45 15.08
C GLU C 353 25.09 43.21 14.27
N VAL C 354 23.79 42.94 14.14
CA VAL C 354 23.33 41.79 13.36
C VAL C 354 22.11 42.19 12.55
N PRO C 355 21.90 41.54 11.41
CA PRO C 355 20.70 41.81 10.62
C PRO C 355 19.45 41.26 11.28
N VAL C 356 18.31 41.80 10.85
CA VAL C 356 17.00 41.45 11.42
C VAL C 356 16.18 40.79 10.32
N GLU C 357 15.79 39.53 10.54
CA GLU C 357 14.91 38.82 9.63
C GLU C 357 14.43 37.55 10.31
N VAL C 358 13.40 36.93 9.72
CA VAL C 358 12.91 35.66 10.25
C VAL C 358 13.85 34.53 9.87
N ASP C 359 13.68 33.39 10.54
CA ASP C 359 14.57 32.25 10.38
C ASP C 359 13.84 31.13 9.62
N ASP C 360 14.50 30.58 8.61
CA ASP C 360 13.96 29.45 7.85
C ASP C 360 14.45 28.16 8.51
N ILE C 361 13.50 27.38 9.05
CA ILE C 361 13.86 26.18 9.79
C ILE C 361 14.34 25.05 8.90
N ASP C 362 14.11 25.13 7.59
CA ASP C 362 14.57 24.10 6.66
C ASP C 362 16.00 24.30 6.18
N HIS C 363 16.61 25.44 6.52
CA HIS C 363 17.97 25.73 6.08
C HIS C 363 18.96 24.87 6.85
N PHE C 364 19.96 24.33 6.15
CA PHE C 364 21.00 23.56 6.83
C PHE C 364 21.86 24.39 7.76
N GLY C 365 21.76 25.72 7.70
CA GLY C 365 22.34 26.52 8.76
C GLY C 365 21.61 26.40 10.08
N ASN C 366 20.47 25.70 10.08
CA ASN C 366 19.68 25.48 11.28
C ASN C 366 19.49 24.01 11.62
N ARG C 367 19.59 23.10 10.64
CA ARG C 367 19.44 21.67 10.87
C ARG C 367 20.81 21.02 10.96
N ARG C 368 21.06 20.29 12.04
CA ARG C 368 22.33 19.63 12.28
C ARG C 368 22.16 18.12 12.11
N LEU C 369 23.28 17.41 12.23
CA LEU C 369 23.34 15.98 11.97
C LEU C 369 23.93 15.27 13.19
N ARG C 370 23.09 14.52 13.90
CA ARG C 370 23.57 13.62 14.94
C ARG C 370 24.26 12.44 14.28
N THR C 371 25.57 12.34 14.45
CA THR C 371 26.32 11.21 13.94
C THR C 371 26.19 10.03 14.92
N VAL C 372 26.83 8.91 14.58
CA VAL C 372 26.77 7.72 15.43
C VAL C 372 27.30 8.03 16.81
N GLY C 373 28.39 8.81 16.88
CA GLY C 373 29.00 9.08 18.17
C GLY C 373 28.05 9.77 19.13
N GLU C 374 27.36 10.81 18.66
CA GLU C 374 26.42 11.53 19.52
C GLU C 374 25.23 10.65 19.90
N LEU C 375 24.76 9.82 18.96
CA LEU C 375 23.64 8.95 19.27
C LEU C 375 24.00 7.97 20.37
N ILE C 376 25.21 7.41 20.32
CA ILE C 376 25.65 6.52 21.39
C ILE C 376 25.87 7.31 22.69
N GLN C 377 26.40 8.53 22.57
CA GLN C 377 26.69 9.32 23.74
C GLN C 377 25.43 9.67 24.52
N ASN C 378 24.33 9.93 23.82
CA ASN C 378 23.08 10.25 24.51
C ASN C 378 22.64 9.10 25.41
N GLN C 379 22.68 7.87 24.89
CA GLN C 379 22.29 6.72 25.68
C GLN C 379 23.28 6.45 26.80
N ILE C 380 24.57 6.68 26.56
CA ILE C 380 25.55 6.56 27.65
C ILE C 380 25.20 7.55 28.75
N ARG C 381 24.82 8.78 28.37
CA ARG C 381 24.45 9.78 29.37
C ARG C 381 23.22 9.35 30.15
N VAL C 382 22.22 8.78 29.47
CA VAL C 382 21.02 8.32 30.17
C VAL C 382 21.38 7.22 31.16
N GLY C 383 22.17 6.24 30.72
CA GLY C 383 22.57 5.17 31.61
C GLY C 383 23.34 5.66 32.81
N LEU C 384 24.29 6.57 32.58
CA LEU C 384 25.05 7.13 33.68
C LEU C 384 24.20 8.01 34.58
N SER C 385 23.13 8.62 34.05
CA SER C 385 22.21 9.35 34.91
C SER C 385 21.46 8.42 35.84
N ARG C 386 21.00 7.28 35.33
CA ARG C 386 20.38 6.29 36.21
C ARG C 386 21.37 5.78 37.24
N MET C 387 22.61 5.51 36.80
CA MET C 387 23.65 5.07 37.74
C MET C 387 23.89 6.13 38.81
N GLU C 388 23.90 7.40 38.42
CA GLU C 388 24.10 8.49 39.36
C GLU C 388 22.96 8.55 40.37
N ARG C 389 21.71 8.39 39.91
CA ARG C 389 20.60 8.38 40.85
C ARG C 389 20.75 7.25 41.85
N VAL C 390 21.09 6.05 41.38
CA VAL C 390 21.25 4.93 42.30
C VAL C 390 22.37 5.20 43.29
N VAL C 391 23.50 5.71 42.82
CA VAL C 391 24.65 5.92 43.70
C VAL C 391 24.34 6.99 44.74
N ARG C 392 23.71 8.10 44.32
CA ARG C 392 23.40 9.16 45.27
C ARG C 392 22.33 8.72 46.27
N GLU C 393 21.44 7.83 45.86
CA GLU C 393 20.47 7.29 46.82
C GLU C 393 21.14 6.38 47.83
N ARG C 394 22.05 5.50 47.37
CA ARG C 394 22.60 4.48 48.24
C ARG C 394 23.80 4.95 49.05
N MET C 395 24.44 6.05 48.68
CA MET C 395 25.57 6.54 49.47
C MET C 395 25.14 7.10 50.82
N THR C 396 23.84 7.33 51.03
CA THR C 396 23.37 7.83 52.31
C THR C 396 23.17 6.72 53.34
N THR C 397 23.27 5.46 52.93
CA THR C 397 22.90 4.33 53.79
C THR C 397 24.01 3.28 53.75
N GLN C 398 25.25 3.71 53.95
CA GLN C 398 26.37 2.78 54.04
C GLN C 398 27.40 3.36 54.99
N ASP C 399 28.26 2.48 55.52
CA ASP C 399 29.27 2.88 56.49
C ASP C 399 30.19 3.92 55.89
N VAL C 400 30.40 5.01 56.64
CA VAL C 400 31.26 6.10 56.17
C VAL C 400 32.69 5.82 56.61
N GLU C 401 33.64 6.13 55.73
CA GLU C 401 35.08 5.94 55.89
C GLU C 401 35.47 4.48 55.69
N ALA C 402 34.52 3.56 55.55
CA ALA C 402 34.81 2.17 55.23
C ALA C 402 34.25 1.74 53.88
N ILE C 403 33.47 2.60 53.22
CA ILE C 403 32.95 2.28 51.89
C ILE C 403 34.07 2.36 50.87
N THR C 404 33.88 1.68 49.75
CA THR C 404 34.85 1.65 48.66
C THR C 404 34.14 1.96 47.35
N PRO C 405 34.76 2.75 46.45
CA PRO C 405 34.06 3.11 45.21
C PRO C 405 33.60 1.91 44.39
N GLN C 406 34.39 0.84 44.34
CA GLN C 406 34.01 -0.31 43.52
C GLN C 406 32.84 -1.08 44.12
N THR C 407 32.51 -0.84 45.39
CA THR C 407 31.45 -1.58 46.06
C THR C 407 30.09 -0.89 46.00
N LEU C 408 30.01 0.33 45.46
CA LEU C 408 28.73 1.00 45.30
C LEU C 408 28.47 1.49 43.88
N ILE C 409 29.47 1.50 43.01
CA ILE C 409 29.24 1.85 41.61
C ILE C 409 28.54 0.67 40.93
N ASN C 410 27.31 0.90 40.48
CA ASN C 410 26.51 -0.13 39.83
C ASN C 410 26.48 0.15 38.33
N ILE C 411 27.04 -0.77 37.54
CA ILE C 411 27.18 -0.58 36.10
C ILE C 411 26.05 -1.20 35.31
N ARG C 412 25.06 -1.80 35.97
CA ARG C 412 23.98 -2.46 35.24
C ARG C 412 23.18 -1.50 34.36
N PRO C 413 22.73 -0.33 34.84
CA PRO C 413 21.88 0.51 33.98
C PRO C 413 22.55 0.98 32.70
N VAL C 414 23.85 1.30 32.75
CA VAL C 414 24.53 1.78 31.55
C VAL C 414 24.66 0.66 30.53
N VAL C 415 24.99 -0.55 30.98
CA VAL C 415 25.07 -1.69 30.07
C VAL C 415 23.70 -1.98 29.47
N ALA C 416 22.66 -1.88 30.30
CA ALA C 416 21.30 -2.10 29.79
C ALA C 416 20.92 -1.07 28.73
N ALA C 417 21.27 0.20 28.96
CA ALA C 417 20.97 1.23 27.97
C ALA C 417 21.73 0.98 26.67
N ILE C 418 23.01 0.61 26.78
CA ILE C 418 23.80 0.33 25.57
C ILE C 418 23.19 -0.84 24.81
N LYS C 419 22.80 -1.90 25.53
CA LYS C 419 22.20 -3.05 24.87
C LYS C 419 20.88 -2.66 24.20
N GLU C 420 20.07 -1.86 24.88
CA GLU C 420 18.79 -1.46 24.31
C GLU C 420 18.97 -0.63 23.04
N PHE C 421 19.95 0.27 23.05
CA PHE C 421 20.14 1.14 21.89
C PHE C 421 20.46 0.33 20.63
N PHE C 422 21.46 -0.54 20.71
CA PHE C 422 21.87 -1.29 19.54
C PHE C 422 20.82 -2.32 19.14
N GLY C 423 19.92 -2.68 20.04
CA GLY C 423 18.95 -3.72 19.77
C GLY C 423 17.61 -3.20 19.26
N THR C 424 17.06 -2.18 19.92
CA THR C 424 15.70 -1.72 19.63
C THR C 424 15.63 -0.34 19.00
N SER C 425 16.70 0.45 19.06
CA SER C 425 16.65 1.79 18.49
C SER C 425 16.35 1.73 17.00
N GLN C 426 15.52 2.67 16.54
CA GLN C 426 15.14 2.71 15.14
C GLN C 426 16.32 3.01 14.21
N LEU C 427 17.38 3.62 14.74
CA LEU C 427 18.51 4.00 13.90
C LEU C 427 19.46 2.84 13.66
N SER C 428 19.65 1.96 14.65
CA SER C 428 20.55 0.82 14.51
C SER C 428 19.87 -0.21 13.62
N GLN C 429 20.05 -0.04 12.31
CA GLN C 429 19.37 -0.86 11.33
C GLN C 429 20.26 -2.01 10.86
N PHE C 430 19.61 -3.03 10.31
CA PHE C 430 20.35 -4.14 9.72
C PHE C 430 21.20 -3.66 8.55
N MET C 431 22.45 -4.11 8.50
CA MET C 431 23.32 -3.78 7.37
C MET C 431 22.67 -4.28 6.08
N ASP C 432 22.66 -3.42 5.06
CA ASP C 432 22.07 -3.75 3.77
C ASP C 432 23.16 -4.32 2.87
N GLN C 433 23.29 -5.65 2.92
CA GLN C 433 24.37 -6.33 2.21
C GLN C 433 23.90 -6.89 0.88
N ASN C 434 22.94 -6.22 0.23
CA ASN C 434 22.52 -6.66 -1.10
C ASN C 434 23.70 -6.65 -2.07
N ASN C 435 24.52 -5.61 -2.00
CA ASN C 435 25.73 -5.52 -2.82
C ASN C 435 26.60 -4.42 -2.22
N PRO C 436 27.86 -4.32 -2.65
CA PRO C 436 28.75 -3.32 -2.04
C PRO C 436 28.20 -1.91 -2.10
N LEU C 437 27.55 -1.51 -3.19
CA LEU C 437 27.02 -0.17 -3.29
C LEU C 437 25.88 0.06 -2.30
N SER C 438 25.04 -0.96 -2.09
CA SER C 438 23.95 -0.81 -1.14
C SER C 438 24.49 -0.55 0.27
N GLY C 439 25.48 -1.33 0.69
CA GLY C 439 26.08 -1.11 1.99
C GLY C 439 26.78 0.23 2.08
N LEU C 440 27.50 0.62 1.02
CA LEU C 440 28.21 1.90 1.05
C LEU C 440 27.24 3.06 1.19
N THR C 441 26.12 3.02 0.45
CA THR C 441 25.14 4.10 0.51
C THR C 441 24.29 4.04 1.77
N HIS C 442 24.21 2.87 2.42
CA HIS C 442 23.49 2.78 3.69
C HIS C 442 24.28 3.41 4.82
N LYS C 443 25.61 3.27 4.80
CA LYS C 443 26.43 3.80 5.89
C LYS C 443 26.35 5.31 5.97
N ARG C 444 26.37 5.99 4.82
CA ARG C 444 26.34 7.44 4.77
C ARG C 444 24.95 7.98 4.45
N ARG C 445 23.91 7.30 4.94
CA ARG C 445 22.54 7.75 4.77
C ARG C 445 22.16 8.73 5.88
N LEU C 446 21.31 9.69 5.53
CA LEU C 446 20.77 10.65 6.48
C LEU C 446 19.27 10.39 6.63
N SER C 447 18.81 10.25 7.86
CA SER C 447 17.41 9.98 8.16
C SER C 447 16.82 11.12 8.97
N ALA C 448 15.71 11.67 8.50
CA ALA C 448 15.04 12.75 9.20
C ALA C 448 14.04 12.25 10.23
N LEU C 449 13.76 10.95 10.26
CA LEU C 449 12.79 10.38 11.19
C LEU C 449 13.51 9.70 12.35
N GLY C 450 12.73 9.04 13.20
CA GLY C 450 13.26 8.38 14.38
C GLY C 450 13.01 9.21 15.63
N PRO C 451 13.37 8.66 16.79
CA PRO C 451 13.16 9.40 18.04
C PRO C 451 13.90 10.73 18.03
N GLY C 452 13.23 11.77 18.53
CA GLY C 452 13.78 13.10 18.51
C GLY C 452 13.63 13.83 17.19
N GLY C 453 13.03 13.20 16.19
CA GLY C 453 12.85 13.82 14.89
C GLY C 453 11.39 13.85 14.45
N LEU C 454 11.15 13.63 13.17
CA LEU C 454 9.80 13.63 12.62
C LEU C 454 9.30 12.20 12.50
N SER C 455 8.10 12.04 11.93
CA SER C 455 7.49 10.73 11.72
C SER C 455 6.93 10.66 10.31
N ARG C 456 6.74 9.43 9.85
CA ARG C 456 6.36 9.20 8.45
C ARG C 456 5.02 9.82 8.11
N GLU C 457 4.04 9.72 9.00
CA GLU C 457 2.67 10.15 8.72
C GLU C 457 2.43 11.63 9.02
N ARG C 458 3.46 12.37 9.42
CA ARG C 458 3.36 13.79 9.74
C ARG C 458 4.33 14.60 8.87
N ALA C 459 4.40 15.90 9.15
CA ALA C 459 5.34 16.85 8.58
C ALA C 459 4.97 17.30 7.17
N GLY C 460 3.94 16.72 6.55
CA GLY C 460 3.46 17.22 5.28
C GLY C 460 4.54 17.26 4.21
N LEU C 461 4.49 18.31 3.40
CA LEU C 461 5.38 18.45 2.24
C LEU C 461 6.61 19.31 2.56
N GLU C 462 6.50 20.26 3.49
CA GLU C 462 7.54 21.25 3.68
C GLU C 462 8.89 20.60 4.04
N VAL C 463 8.87 19.64 4.96
CA VAL C 463 10.11 19.06 5.43
C VAL C 463 10.85 18.30 4.34
N ARG C 464 10.13 17.79 3.34
CA ARG C 464 10.70 16.88 2.36
C ARG C 464 10.96 17.49 1.00
N ASP C 465 10.58 18.75 0.79
CA ASP C 465 10.87 19.40 -0.48
C ASP C 465 12.32 19.85 -0.55
N VAL C 466 12.84 19.92 -1.77
CA VAL C 466 14.23 20.33 -1.98
C VAL C 466 14.36 21.82 -1.64
N HIS C 467 15.59 22.22 -1.31
CA HIS C 467 15.89 23.56 -0.81
C HIS C 467 17.24 23.95 -1.40
N PRO C 468 17.46 25.24 -1.71
CA PRO C 468 18.73 25.62 -2.33
C PRO C 468 19.96 25.30 -1.51
N SER C 469 19.83 25.14 -0.19
CA SER C 469 21.00 24.86 0.64
C SER C 469 21.50 23.43 0.50
N HIS C 470 20.74 22.55 -0.12
CA HIS C 470 21.14 21.16 -0.28
C HIS C 470 22.32 21.00 -1.22
N TYR C 471 22.63 22.01 -2.04
CA TYR C 471 23.69 21.88 -3.03
C TYR C 471 25.01 21.55 -2.37
N GLY C 472 25.56 20.39 -2.73
CA GLY C 472 26.86 19.97 -2.24
C GLY C 472 26.84 19.36 -0.85
N ARG C 473 25.68 19.28 -0.20
CA ARG C 473 25.58 18.74 1.15
C ARG C 473 24.68 17.51 1.19
N MET C 474 23.51 17.56 0.58
CA MET C 474 22.59 16.43 0.51
C MET C 474 22.10 16.28 -0.91
N CYS C 475 22.17 15.06 -1.43
CA CYS C 475 21.83 14.82 -2.83
C CYS C 475 20.34 15.01 -3.05
N PRO C 476 19.93 15.76 -4.07
CA PRO C 476 18.49 15.91 -4.34
C PRO C 476 17.88 14.77 -5.14
N ILE C 477 18.69 13.97 -5.84
CA ILE C 477 18.16 12.93 -6.71
C ILE C 477 17.86 11.67 -5.91
N GLU C 478 18.87 11.13 -5.24
CA GLU C 478 18.73 9.85 -4.56
C GLU C 478 17.86 10.00 -3.31
N THR C 479 16.77 9.24 -3.26
CA THR C 479 15.88 9.21 -2.10
C THR C 479 14.84 8.11 -2.30
N PRO C 480 14.33 7.51 -1.23
CA PRO C 480 13.29 6.49 -1.41
C PRO C 480 12.08 7.03 -2.15
N GLU C 481 11.52 6.20 -3.02
CA GLU C 481 10.36 6.58 -3.83
C GLU C 481 9.03 6.32 -3.13
N GLY C 482 9.03 5.65 -1.99
CA GLY C 482 7.81 5.35 -1.28
C GLY C 482 7.33 6.52 -0.45
N PRO C 483 6.68 6.25 0.69
CA PRO C 483 6.23 7.34 1.56
C PRO C 483 7.34 8.06 2.30
N ASN C 484 8.56 7.52 2.30
CA ASN C 484 9.69 8.16 2.97
C ASN C 484 10.41 9.16 2.07
N ILE C 485 9.78 9.63 1.00
CA ILE C 485 10.43 10.55 0.09
C ILE C 485 10.84 11.81 0.83
N GLY C 486 12.11 12.21 0.64
CA GLY C 486 12.63 13.43 1.22
C GLY C 486 13.03 13.27 2.67
N LEU C 487 12.37 12.36 3.39
CA LEU C 487 12.72 12.10 4.78
C LEU C 487 14.02 11.33 4.91
N ILE C 488 14.47 10.69 3.83
CA ILE C 488 15.71 9.92 3.82
C ILE C 488 16.52 10.36 2.60
N GLY C 489 17.80 10.62 2.80
CA GLY C 489 18.67 11.06 1.71
C GLY C 489 20.08 10.53 1.85
N SER C 490 20.96 10.96 0.96
CA SER C 490 22.35 10.51 0.95
C SER C 490 23.28 11.71 1.00
N LEU C 491 24.34 11.60 1.80
CA LEU C 491 25.33 12.65 1.88
C LEU C 491 26.05 12.81 0.54
N SER C 492 26.39 14.05 0.22
CA SER C 492 27.07 14.33 -1.03
C SER C 492 28.45 13.67 -1.04
N VAL C 493 29.05 13.63 -2.24
CA VAL C 493 30.35 12.98 -2.39
C VAL C 493 31.42 13.74 -1.61
N TYR C 494 31.46 15.06 -1.74
CA TYR C 494 32.51 15.88 -1.17
C TYR C 494 32.18 16.40 0.22
N ALA C 495 30.95 16.22 0.70
CA ALA C 495 30.54 16.82 1.95
C ALA C 495 31.21 16.15 3.14
N ARG C 496 31.47 16.92 4.19
CA ARG C 496 31.97 16.42 5.45
C ARG C 496 31.19 17.07 6.58
N VAL C 497 31.17 16.38 7.72
CA VAL C 497 30.36 16.80 8.86
C VAL C 497 31.21 17.69 9.79
N ASN C 498 30.68 18.87 10.09
CA ASN C 498 31.35 19.78 11.01
C ASN C 498 31.35 19.19 12.42
N PRO C 499 32.31 19.56 13.27
CA PRO C 499 32.29 19.05 14.64
C PRO C 499 31.01 19.36 15.39
N PHE C 500 30.41 20.54 15.14
CA PHE C 500 29.15 20.88 15.77
C PHE C 500 27.98 20.06 15.23
N GLY C 501 28.14 19.44 14.07
CA GLY C 501 27.09 18.65 13.45
C GLY C 501 26.56 19.19 12.14
N PHE C 502 27.02 20.37 11.70
CA PHE C 502 26.59 20.91 10.44
C PHE C 502 27.35 20.26 9.29
N ILE C 503 26.80 20.41 8.08
CA ILE C 503 27.39 19.83 6.88
C ILE C 503 28.21 20.92 6.18
N GLU C 504 29.49 20.64 5.97
CA GLU C 504 30.39 21.54 5.26
C GLU C 504 30.64 21.03 3.84
N THR C 505 30.98 21.95 2.95
CA THR C 505 31.30 21.60 1.57
C THR C 505 32.49 22.44 1.11
N PRO C 506 33.36 21.90 0.26
CA PRO C 506 34.56 22.65 -0.13
C PRO C 506 34.30 23.57 -1.31
N TYR C 507 35.00 24.71 -1.31
CA TYR C 507 34.98 25.66 -2.41
C TYR C 507 36.37 26.22 -2.65
N ARG C 508 36.65 26.57 -3.90
CA ARG C 508 37.91 27.21 -4.25
C ARG C 508 37.79 28.72 -4.09
N LYS C 509 38.82 29.32 -3.51
CA LYS C 509 38.83 30.77 -3.35
C LYS C 509 39.36 31.45 -4.61
N VAL C 510 38.68 32.50 -5.05
CA VAL C 510 39.05 33.25 -6.23
C VAL C 510 39.21 34.71 -5.84
N GLU C 511 40.31 35.32 -6.28
CA GLU C 511 40.65 36.70 -5.93
C GLU C 511 40.68 37.55 -7.19
N ASN C 512 39.78 38.52 -7.26
CA ASN C 512 39.79 39.54 -8.31
C ASN C 512 39.94 38.93 -9.70
N GLY C 513 39.13 37.93 -10.02
CA GLY C 513 39.06 37.39 -11.36
C GLY C 513 40.03 36.28 -11.68
N VAL C 514 40.86 35.86 -10.73
CA VAL C 514 41.77 34.73 -10.92
C VAL C 514 41.53 33.72 -9.81
N VAL C 515 41.39 32.45 -10.19
CA VAL C 515 41.18 31.41 -9.18
C VAL C 515 42.47 31.17 -8.41
N THR C 516 42.34 30.49 -7.28
CA THR C 516 43.47 30.14 -6.44
C THR C 516 43.19 28.79 -5.80
N ASP C 517 44.17 27.88 -5.85
CA ASP C 517 43.96 26.52 -5.36
C ASP C 517 44.12 26.45 -3.85
N GLN C 518 43.42 27.31 -3.13
CA GLN C 518 43.24 27.17 -1.69
C GLN C 518 41.77 26.89 -1.42
N ILE C 519 41.48 25.70 -0.90
CA ILE C 519 40.12 25.20 -0.79
C ILE C 519 39.67 25.36 0.66
N ASP C 520 38.52 26.00 0.83
CA ASP C 520 37.95 26.26 2.16
C ASP C 520 36.64 25.50 2.29
N TYR C 521 36.44 24.85 3.43
CA TYR C 521 35.21 24.12 3.71
C TYR C 521 34.23 25.06 4.40
N LEU C 522 33.13 25.37 3.73
CA LEU C 522 32.15 26.34 4.19
C LEU C 522 30.91 25.61 4.69
N THR C 523 30.36 26.08 5.80
CA THR C 523 29.07 25.59 6.29
C THR C 523 27.93 26.27 5.54
N ALA C 524 26.72 25.79 5.78
CA ALA C 524 25.56 26.26 5.02
C ALA C 524 25.32 27.75 5.18
N ASP C 525 25.36 28.25 6.43
CA ASP C 525 25.02 29.65 6.66
C ASP C 525 26.12 30.61 6.21
N GLU C 526 27.37 30.16 6.19
CA GLU C 526 28.46 31.01 5.72
C GLU C 526 28.47 31.17 4.21
N GLU C 527 27.93 30.20 3.48
CA GLU C 527 27.90 30.29 2.02
C GLU C 527 27.03 31.45 1.55
N ASP C 528 25.96 31.76 2.29
CA ASP C 528 25.04 32.82 1.89
C ASP C 528 25.69 34.19 1.90
N ARG C 529 26.85 34.35 2.54
CA ARG C 529 27.56 35.62 2.56
C ARG C 529 28.42 35.84 1.33
N HIS C 530 28.45 34.89 0.40
CA HIS C 530 29.31 34.97 -0.78
C HIS C 530 28.50 34.58 -2.00
N VAL C 531 29.12 34.73 -3.16
CA VAL C 531 28.57 34.29 -4.44
C VAL C 531 29.52 33.27 -5.04
N VAL C 532 29.00 32.11 -5.41
CA VAL C 532 29.80 30.96 -5.80
C VAL C 532 29.53 30.67 -7.27
N ALA C 533 30.60 30.49 -8.05
CA ALA C 533 30.48 30.25 -9.48
C ALA C 533 30.46 28.76 -9.79
N GLN C 534 30.06 28.44 -11.02
CA GLN C 534 30.03 27.06 -11.47
C GLN C 534 31.45 26.53 -11.65
N ALA C 535 31.60 25.21 -11.53
CA ALA C 535 32.91 24.60 -11.65
C ALA C 535 33.40 24.59 -13.09
N ASN C 536 32.48 24.53 -14.06
CA ASN C 536 32.84 24.36 -15.45
C ASN C 536 33.09 25.67 -16.19
N SER C 537 33.00 26.81 -15.52
CA SER C 537 33.23 28.08 -16.19
C SER C 537 34.68 28.13 -16.68
N PRO C 538 34.91 28.48 -17.95
CA PRO C 538 36.27 28.42 -18.48
C PRO C 538 37.19 29.46 -17.86
N THR C 539 38.48 29.12 -17.83
CA THR C 539 39.52 29.98 -17.29
C THR C 539 40.73 29.98 -18.22
N ASP C 540 41.49 31.07 -18.17
CA ASP C 540 42.72 31.14 -18.94
C ASP C 540 43.77 30.19 -18.35
N GLU C 541 44.84 29.97 -19.11
CA GLU C 541 45.91 29.09 -18.66
C GLU C 541 46.49 29.55 -17.33
N ASN C 542 46.45 30.86 -17.06
CA ASN C 542 46.96 31.39 -15.81
C ASN C 542 45.95 31.33 -14.67
N GLY C 543 44.70 30.91 -14.95
CA GLY C 543 43.67 30.86 -13.95
C GLY C 543 42.69 32.01 -13.98
N ARG C 544 42.89 33.00 -14.84
CA ARG C 544 41.97 34.12 -14.95
C ARG C 544 40.70 33.70 -15.69
N PHE C 545 39.57 34.22 -15.25
CA PHE C 545 38.32 33.96 -15.96
C PHE C 545 38.40 34.56 -17.36
N THR C 546 38.02 33.76 -18.36
CA THR C 546 38.07 34.19 -19.74
C THR C 546 36.80 34.91 -20.18
N GLU C 547 35.69 34.69 -19.50
CA GLU C 547 34.44 35.35 -19.83
C GLU C 547 34.30 36.66 -19.07
N ASP C 548 33.37 37.51 -19.53
CA ASP C 548 33.08 38.75 -18.83
C ASP C 548 32.06 38.55 -17.72
N ARG C 549 31.14 37.60 -17.89
CA ARG C 549 30.10 37.32 -16.91
C ARG C 549 30.03 35.83 -16.69
N VAL C 550 29.70 35.43 -15.45
CA VAL C 550 29.68 34.04 -15.05
C VAL C 550 28.40 33.75 -14.27
N MET C 551 27.90 32.53 -14.40
CA MET C 551 26.66 32.11 -13.78
C MET C 551 26.93 31.61 -12.36
N VAL C 552 26.25 32.22 -11.37
CA VAL C 552 26.58 32.03 -9.96
C VAL C 552 25.30 31.84 -9.16
N ARG C 553 25.46 31.27 -7.96
CA ARG C 553 24.40 31.27 -6.97
C ARG C 553 24.47 32.53 -6.11
N LYS C 554 23.31 32.96 -5.63
CA LYS C 554 23.19 34.15 -4.79
C LYS C 554 22.80 33.75 -3.38
N LYS C 555 22.81 34.76 -2.49
CA LYS C 555 22.55 34.50 -1.08
C LYS C 555 21.15 33.93 -0.84
N GLY C 556 20.18 34.27 -1.69
CA GLY C 556 18.83 33.77 -1.53
C GLY C 556 18.55 32.43 -2.17
N GLY C 557 19.56 31.79 -2.76
CA GLY C 557 19.37 30.54 -3.46
C GLY C 557 19.06 30.68 -4.93
N GLU C 558 18.87 31.90 -5.42
CA GLU C 558 18.63 32.12 -6.84
C GLU C 558 19.92 31.96 -7.63
N VAL C 559 19.77 31.69 -8.94
CA VAL C 559 20.87 31.57 -9.87
C VAL C 559 20.82 32.71 -10.87
N GLU C 560 21.91 33.47 -10.96
CA GLU C 560 21.95 34.66 -11.80
C GLU C 560 23.33 34.82 -12.40
N PHE C 561 23.38 35.56 -13.51
CA PHE C 561 24.66 35.98 -14.06
C PHE C 561 25.23 37.14 -13.26
N VAL C 562 26.56 37.20 -13.19
CA VAL C 562 27.25 38.22 -12.40
C VAL C 562 28.60 38.50 -13.05
N SER C 563 29.05 39.75 -12.94
CA SER C 563 30.34 40.12 -13.48
C SER C 563 31.45 39.30 -12.81
N ALA C 564 32.46 38.92 -13.60
CA ALA C 564 33.55 38.11 -13.07
C ALA C 564 34.31 38.80 -11.95
N ASP C 565 34.20 40.13 -11.84
CA ASP C 565 34.91 40.84 -10.78
C ASP C 565 34.33 40.52 -9.41
N GLN C 566 33.03 40.23 -9.33
CA GLN C 566 32.35 40.12 -8.05
C GLN C 566 32.39 38.71 -7.45
N VAL C 567 32.91 37.72 -8.17
CA VAL C 567 32.93 36.36 -7.64
C VAL C 567 33.99 36.23 -6.56
N ASP C 568 33.71 35.41 -5.55
CA ASP C 568 34.65 35.17 -4.46
C ASP C 568 34.82 33.70 -4.10
N TYR C 569 34.04 32.79 -4.66
CA TYR C 569 34.22 31.35 -4.45
C TYR C 569 33.80 30.60 -5.70
N MET C 570 34.27 29.36 -5.81
CA MET C 570 34.05 28.54 -6.99
C MET C 570 33.88 27.09 -6.58
N ASP C 571 33.02 26.37 -7.31
CA ASP C 571 32.77 24.96 -7.02
C ASP C 571 34.02 24.13 -7.27
N VAL C 572 34.20 23.09 -6.46
CA VAL C 572 35.37 22.23 -6.60
C VAL C 572 35.31 21.44 -7.89
N SER C 573 34.17 20.83 -8.19
CA SER C 573 34.02 20.01 -9.39
C SER C 573 32.54 19.89 -9.69
N PRO C 574 32.18 19.55 -10.94
CA PRO C 574 30.76 19.41 -11.28
C PRO C 574 30.04 18.33 -10.49
N ARG C 575 30.75 17.31 -10.00
CA ARG C 575 30.12 16.21 -9.28
C ARG C 575 29.78 16.57 -7.84
N GLN C 576 29.88 17.84 -7.45
CA GLN C 576 29.76 18.20 -6.05
C GLN C 576 28.36 17.94 -5.51
N MET C 577 27.33 18.07 -6.34
CA MET C 577 25.96 17.99 -5.85
C MET C 577 25.40 16.57 -5.80
N VAL C 578 26.05 15.61 -6.46
CA VAL C 578 25.50 14.26 -6.58
C VAL C 578 26.09 13.38 -5.49
N SER C 579 25.38 12.30 -5.18
CA SER C 579 25.86 11.31 -4.21
C SER C 579 26.70 10.25 -4.90
N VAL C 580 27.11 9.24 -4.12
CA VAL C 580 27.95 8.18 -4.66
C VAL C 580 27.17 7.39 -5.72
N ALA C 581 25.95 6.96 -5.40
CA ALA C 581 25.18 6.18 -6.36
C ALA C 581 24.81 7.00 -7.59
N THR C 582 24.34 8.24 -7.40
CA THR C 582 23.94 9.05 -8.54
C THR C 582 25.13 9.33 -9.45
N ALA C 583 26.33 9.39 -8.89
CA ALA C 583 27.53 9.62 -9.70
C ALA C 583 27.86 8.44 -10.59
N MET C 584 27.22 7.28 -10.37
CA MET C 584 27.49 6.11 -11.21
C MET C 584 26.85 6.23 -12.57
N ILE C 585 25.72 6.92 -12.67
CA ILE C 585 24.93 6.96 -13.90
C ILE C 585 25.66 7.81 -14.94
N PRO C 586 26.01 7.26 -16.10
CA PRO C 586 26.57 8.09 -17.16
C PRO C 586 25.50 8.90 -17.86
N PHE C 587 25.91 10.01 -18.47
CA PHE C 587 25.00 10.90 -19.18
C PHE C 587 23.82 11.29 -18.30
N LEU C 588 24.13 11.71 -17.07
CA LEU C 588 23.07 12.04 -16.12
C LEU C 588 22.25 13.24 -16.57
N GLU C 589 22.83 14.12 -17.40
CA GLU C 589 22.08 15.29 -17.86
C GLU C 589 20.87 14.87 -18.68
N HIS C 590 21.02 13.87 -19.53
CA HIS C 590 19.99 13.48 -20.49
C HIS C 590 18.87 12.65 -19.88
N ASP C 591 18.93 12.39 -18.57
CA ASP C 591 17.88 11.67 -17.87
C ASP C 591 17.17 12.64 -16.92
N ASP C 592 15.85 12.66 -16.97
CA ASP C 592 15.07 13.51 -16.09
C ASP C 592 15.24 13.06 -14.64
N ALA C 593 15.11 14.02 -13.72
CA ALA C 593 15.31 13.72 -12.30
C ALA C 593 14.40 12.58 -11.85
N ASN C 594 13.17 12.53 -12.38
CA ASN C 594 12.25 11.47 -11.98
C ASN C 594 12.81 10.09 -12.30
N ARG C 595 13.44 9.94 -13.47
CA ARG C 595 14.03 8.67 -13.85
C ARG C 595 15.44 8.50 -13.30
N ALA C 596 16.16 9.60 -13.08
CA ALA C 596 17.46 9.49 -12.43
C ALA C 596 17.33 8.93 -11.02
N LEU C 597 16.27 9.32 -10.31
CA LEU C 597 16.01 8.76 -8.99
C LEU C 597 15.82 7.26 -9.06
N MET C 598 15.02 6.80 -10.04
CA MET C 598 14.79 5.37 -10.19
C MET C 598 16.08 4.64 -10.53
N GLY C 599 16.89 5.22 -11.42
CA GLY C 599 18.16 4.60 -11.76
C GLY C 599 19.09 4.48 -10.58
N ALA C 600 19.17 5.54 -9.76
CA ALA C 600 20.01 5.49 -8.58
C ALA C 600 19.50 4.44 -7.59
N ASN C 601 18.18 4.34 -7.43
CA ASN C 601 17.61 3.41 -6.47
C ASN C 601 17.79 1.95 -6.90
N MET C 602 17.66 1.67 -8.21
CA MET C 602 17.75 0.28 -8.65
C MET C 602 19.14 -0.30 -8.46
N GLN C 603 20.20 0.50 -8.63
CA GLN C 603 21.55 -0.04 -8.48
C GLN C 603 21.75 -0.67 -7.11
N ARG C 604 21.04 -0.19 -6.09
CA ARG C 604 21.14 -0.78 -4.77
C ARG C 604 20.45 -2.13 -4.66
N GLN C 605 19.68 -2.53 -5.67
CA GLN C 605 18.95 -3.78 -5.65
C GLN C 605 19.56 -4.86 -6.53
N ALA C 606 20.66 -4.56 -7.22
CA ALA C 606 21.28 -5.54 -8.10
C ALA C 606 21.91 -6.67 -7.27
N VAL C 607 21.67 -7.91 -7.69
CA VAL C 607 22.23 -9.07 -7.02
C VAL C 607 23.62 -9.37 -7.59
N PRO C 608 24.54 -9.91 -6.80
CA PRO C 608 25.85 -10.29 -7.37
C PRO C 608 25.73 -11.51 -8.26
N LEU C 609 26.30 -11.42 -9.45
CA LEU C 609 26.29 -12.53 -10.39
C LEU C 609 27.48 -13.45 -10.14
N VAL C 610 27.48 -14.60 -10.82
CA VAL C 610 28.52 -15.61 -10.58
C VAL C 610 29.89 -15.04 -10.94
N ARG C 611 30.02 -14.46 -12.13
CA ARG C 611 31.22 -13.73 -12.54
C ARG C 611 30.80 -12.32 -12.95
N SER C 612 31.27 -11.33 -12.21
CA SER C 612 30.97 -9.94 -12.51
C SER C 612 32.00 -9.38 -13.49
N GLU C 613 31.57 -8.43 -14.31
CA GLU C 613 32.43 -7.78 -15.27
C GLU C 613 32.14 -6.28 -15.27
N ALA C 614 33.20 -5.47 -15.34
CA ALA C 614 33.04 -4.03 -15.26
C ALA C 614 32.37 -3.51 -16.52
N PRO C 615 31.63 -2.40 -16.41
CA PRO C 615 30.93 -1.87 -17.59
C PRO C 615 31.90 -1.30 -18.61
N LEU C 616 31.54 -1.45 -19.89
CA LEU C 616 32.34 -0.84 -20.96
C LEU C 616 32.31 0.68 -20.84
N VAL C 617 31.12 1.25 -20.69
CA VAL C 617 30.95 2.70 -20.53
C VAL C 617 30.51 2.95 -19.09
N GLY C 618 31.30 3.70 -18.35
CA GLY C 618 31.00 3.97 -16.96
C GLY C 618 31.48 5.34 -16.50
N THR C 619 31.63 5.49 -15.19
CA THR C 619 32.08 6.73 -14.58
C THR C 619 33.31 6.46 -13.72
N GLY C 620 34.10 7.51 -13.50
CA GLY C 620 35.30 7.37 -12.69
C GLY C 620 35.03 6.92 -11.27
N MET C 621 33.79 7.10 -10.79
CA MET C 621 33.43 6.65 -9.45
C MET C 621 33.52 5.14 -9.30
N GLU C 622 33.20 4.39 -10.36
CA GLU C 622 33.11 2.93 -10.26
C GLU C 622 34.29 2.34 -9.52
N LEU C 623 35.46 2.99 -9.59
CA LEU C 623 36.63 2.48 -8.88
C LEU C 623 36.55 2.76 -7.39
N ARG C 624 36.49 4.06 -7.03
CA ARG C 624 36.61 4.41 -5.62
C ARG C 624 35.47 3.80 -4.81
N ALA C 625 34.24 3.87 -5.32
CA ALA C 625 33.12 3.31 -4.59
C ALA C 625 33.34 1.84 -4.25
N ALA C 626 34.10 1.13 -5.08
CA ALA C 626 34.40 -0.26 -4.78
C ALA C 626 35.42 -0.40 -3.66
N ILE C 627 36.47 0.43 -3.69
CA ILE C 627 37.52 0.31 -2.68
C ILE C 627 37.03 0.81 -1.33
N ASP C 628 36.32 1.94 -1.32
CA ASP C 628 35.87 2.52 -0.06
C ASP C 628 34.74 1.71 0.57
N ALA C 629 34.07 0.85 -0.19
CA ALA C 629 33.01 0.03 0.38
C ALA C 629 33.54 -0.98 1.38
N GLY C 630 34.82 -1.33 1.30
CA GLY C 630 35.42 -2.26 2.23
C GLY C 630 35.19 -3.72 1.92
N ASP C 631 34.48 -4.02 0.82
CA ASP C 631 34.25 -5.41 0.45
C ASP C 631 35.47 -6.08 -0.18
N VAL C 632 36.29 -5.32 -0.89
CA VAL C 632 37.49 -5.85 -1.52
C VAL C 632 38.60 -5.96 -0.49
N VAL C 633 39.67 -6.67 -0.83
CA VAL C 633 40.84 -6.82 0.03
C VAL C 633 41.98 -6.03 -0.60
N VAL C 634 42.62 -5.19 0.21
CA VAL C 634 43.71 -4.34 -0.25
C VAL C 634 44.96 -4.66 0.56
N ALA C 635 46.12 -4.55 -0.08
CA ALA C 635 47.38 -4.80 0.60
C ALA C 635 47.66 -3.71 1.62
N ASP C 636 47.99 -4.12 2.84
CA ASP C 636 48.29 -3.16 3.90
C ASP C 636 49.67 -2.53 3.74
N LYS C 637 50.65 -3.30 3.26
CA LYS C 637 52.01 -2.82 3.13
C LYS C 637 52.58 -3.25 1.79
N THR C 638 53.51 -2.45 1.27
CA THR C 638 54.16 -2.78 0.02
C THR C 638 55.01 -4.04 0.17
N GLY C 639 54.94 -4.91 -0.83
CA GLY C 639 55.68 -6.15 -0.78
C GLY C 639 55.47 -6.97 -2.03
N VAL C 640 55.75 -8.26 -1.92
CA VAL C 640 55.62 -9.21 -3.02
C VAL C 640 54.72 -10.34 -2.57
N ILE C 641 53.76 -10.70 -3.42
CA ILE C 641 52.86 -11.81 -3.10
C ILE C 641 53.68 -13.08 -3.00
N GLU C 642 53.62 -13.73 -1.84
CA GLU C 642 54.41 -14.92 -1.56
C GLU C 642 53.65 -16.21 -1.83
N GLU C 643 52.37 -16.26 -1.49
CA GLU C 643 51.55 -17.45 -1.72
C GLU C 643 50.10 -17.02 -1.89
N VAL C 644 49.44 -17.60 -2.89
CA VAL C 644 48.06 -17.24 -3.23
C VAL C 644 47.25 -18.52 -3.30
N SER C 645 46.05 -18.48 -2.71
CA SER C 645 45.13 -19.62 -2.73
C SER C 645 43.72 -19.10 -2.69
N ALA C 646 42.77 -19.97 -3.06
CA ALA C 646 41.37 -19.58 -3.09
C ALA C 646 40.88 -19.15 -1.70
N ASP C 647 41.56 -19.59 -0.64
CA ASP C 647 41.13 -19.30 0.72
C ASP C 647 41.89 -18.17 1.38
N TYR C 648 43.17 -17.99 1.06
CA TYR C 648 43.98 -16.98 1.73
C TYR C 648 45.09 -16.50 0.81
N ILE C 649 45.60 -15.31 1.11
CA ILE C 649 46.72 -14.70 0.40
C ILE C 649 47.77 -14.30 1.41
N THR C 650 49.01 -14.73 1.18
CA THR C 650 50.14 -14.40 2.04
C THR C 650 51.09 -13.49 1.29
N VAL C 651 51.43 -12.34 1.89
CA VAL C 651 52.26 -11.34 1.26
C VAL C 651 53.44 -11.03 2.17
N MET C 652 54.63 -10.98 1.59
CA MET C 652 55.86 -10.64 2.30
C MET C 652 56.16 -9.16 2.08
N ALA C 653 56.13 -8.39 3.16
CA ALA C 653 56.36 -6.96 3.06
C ALA C 653 57.85 -6.66 2.89
N ASP C 654 58.13 -5.49 2.32
CA ASP C 654 59.52 -5.07 2.11
C ASP C 654 60.26 -4.85 3.42
N ASP C 655 59.56 -4.63 4.52
CA ASP C 655 60.17 -4.39 5.81
C ASP C 655 60.46 -5.68 6.58
N GLY C 656 60.19 -6.84 5.99
CA GLY C 656 60.43 -8.11 6.63
C GLY C 656 59.22 -8.73 7.29
N THR C 657 58.10 -8.01 7.36
CA THR C 657 56.88 -8.52 7.98
C THR C 657 56.07 -9.30 6.95
N ARG C 658 55.34 -10.30 7.42
CA ARG C 658 54.50 -11.15 6.59
C ARG C 658 53.05 -11.01 7.04
N GLN C 659 52.16 -10.79 6.07
CA GLN C 659 50.74 -10.62 6.33
C GLN C 659 49.96 -11.73 5.64
N SER C 660 48.86 -12.13 6.28
CA SER C 660 47.98 -13.16 5.75
C SER C 660 46.55 -12.65 5.79
N TYR C 661 45.89 -12.67 4.63
CA TYR C 661 44.49 -12.25 4.50
C TYR C 661 43.64 -13.46 4.16
N ARG C 662 42.59 -13.68 4.96
CA ARG C 662 41.66 -14.78 4.72
C ARG C 662 40.49 -14.28 3.90
N LEU C 663 40.18 -14.99 2.83
CA LEU C 663 39.09 -14.61 1.94
C LEU C 663 37.83 -15.38 2.32
N ARG C 664 36.76 -14.64 2.62
CA ARG C 664 35.49 -15.27 2.97
C ARG C 664 34.87 -15.89 1.72
N LYS C 665 34.49 -17.15 1.82
CA LYS C 665 34.01 -17.93 0.68
C LYS C 665 32.53 -18.27 0.87
N PHE C 666 31.71 -17.89 -0.10
CA PHE C 666 30.31 -18.25 -0.14
C PHE C 666 29.61 -17.95 1.19
N ALA C 667 29.89 -16.80 1.76
CA ALA C 667 29.23 -16.39 3.00
C ALA C 667 27.88 -15.78 2.70
N ARG C 668 26.88 -16.15 3.50
CA ARG C 668 25.53 -15.64 3.31
C ARG C 668 25.43 -14.21 3.83
N SER C 669 24.93 -13.32 2.99
CA SER C 669 24.71 -11.94 3.38
C SER C 669 23.38 -11.80 4.12
N ASN C 670 23.06 -10.58 4.54
CA ASN C 670 21.82 -10.35 5.28
C ASN C 670 20.60 -10.70 4.45
N HIS C 671 20.66 -10.50 3.13
CA HIS C 671 19.53 -10.72 2.26
C HIS C 671 19.64 -12.01 1.46
N GLY C 672 20.55 -12.91 1.83
CA GLY C 672 20.68 -14.20 1.17
C GLY C 672 21.58 -14.22 -0.04
N THR C 673 22.13 -13.08 -0.44
CA THR C 673 23.01 -13.03 -1.60
C THR C 673 24.41 -13.54 -1.22
N CYS C 674 25.00 -14.32 -2.12
CA CYS C 674 26.33 -14.86 -1.88
C CYS C 674 27.37 -13.75 -1.89
N ALA C 675 28.40 -13.91 -1.06
CA ALA C 675 29.41 -12.87 -0.88
C ALA C 675 30.82 -13.42 -1.08
N ASN C 676 31.02 -14.15 -2.17
CA ASN C 676 32.30 -14.82 -2.42
C ASN C 676 33.36 -13.81 -2.84
N GLN C 677 34.55 -13.93 -2.26
CA GLN C 677 35.72 -13.18 -2.69
C GLN C 677 36.67 -14.10 -3.46
N ARG C 678 37.43 -13.51 -4.38
CA ARG C 678 38.38 -14.26 -5.19
C ARG C 678 39.67 -13.48 -5.38
N PRO C 679 40.82 -14.14 -5.44
CA PRO C 679 42.08 -13.43 -5.63
C PRO C 679 42.30 -13.03 -7.08
N ILE C 680 43.07 -11.96 -7.26
CA ILE C 680 43.41 -11.46 -8.59
C ILE C 680 44.91 -11.22 -8.71
N VAL C 681 45.70 -11.92 -7.89
CA VAL C 681 47.15 -11.75 -7.88
C VAL C 681 47.81 -13.10 -8.11
N ASP C 682 49.04 -13.04 -8.63
CA ASP C 682 49.84 -14.21 -8.92
C ASP C 682 51.07 -14.23 -8.02
N ALA C 683 51.51 -15.44 -7.67
CA ALA C 683 52.68 -15.58 -6.80
C ALA C 683 53.88 -14.90 -7.42
N GLY C 684 54.59 -14.11 -6.63
CA GLY C 684 55.75 -13.37 -7.07
C GLY C 684 55.46 -11.97 -7.57
N GLN C 685 54.19 -11.59 -7.68
CA GLN C 685 53.83 -10.26 -8.14
C GLN C 685 54.05 -9.24 -7.02
N ARG C 686 54.60 -8.09 -7.38
CA ARG C 686 54.83 -7.01 -6.42
C ARG C 686 53.60 -6.11 -6.38
N VAL C 687 53.16 -5.77 -5.17
CA VAL C 687 51.95 -4.99 -4.96
C VAL C 687 52.28 -3.78 -4.09
N GLU C 688 51.86 -2.60 -4.53
CA GLU C 688 52.00 -1.40 -3.74
C GLU C 688 50.95 -1.37 -2.63
N ALA C 689 51.26 -0.64 -1.56
CA ALA C 689 50.32 -0.50 -0.46
C ALA C 689 49.02 0.11 -0.96
N GLY C 690 47.91 -0.49 -0.53
CA GLY C 690 46.60 -0.05 -0.97
C GLY C 690 46.12 -0.68 -2.26
N GLN C 691 46.95 -1.48 -2.92
CA GLN C 691 46.53 -2.14 -4.15
C GLN C 691 45.53 -3.24 -3.87
N VAL C 692 44.51 -3.35 -4.74
CA VAL C 692 43.51 -4.39 -4.60
C VAL C 692 44.13 -5.72 -4.98
N ILE C 693 43.95 -6.73 -4.12
CA ILE C 693 44.48 -8.07 -4.35
C ILE C 693 43.39 -9.13 -4.34
N ALA C 694 42.13 -8.74 -4.24
CA ALA C 694 41.02 -9.70 -4.29
C ALA C 694 39.72 -8.95 -4.50
N ASP C 695 38.92 -9.41 -5.45
CA ASP C 695 37.64 -8.78 -5.72
C ASP C 695 36.59 -9.20 -4.70
N GLY C 696 35.62 -8.31 -4.49
CA GLY C 696 34.43 -8.65 -3.74
C GLY C 696 33.40 -9.25 -4.66
N PRO C 697 32.15 -9.34 -4.21
CA PRO C 697 31.11 -9.93 -5.07
C PRO C 697 30.93 -9.17 -6.38
N CYS C 698 30.54 -7.91 -6.31
CA CYS C 698 30.27 -7.10 -7.50
C CYS C 698 31.46 -6.21 -7.85
N THR C 699 32.63 -6.79 -8.09
CA THR C 699 33.79 -6.04 -8.52
C THR C 699 34.66 -6.87 -9.46
N GLN C 700 35.38 -6.19 -10.34
CA GLN C 700 36.35 -6.81 -11.22
C GLN C 700 37.59 -5.93 -11.31
N ASN C 701 38.73 -6.49 -10.93
CA ASN C 701 40.00 -5.75 -10.94
C ASN C 701 39.91 -4.47 -10.13
N GLY C 702 39.12 -4.50 -9.05
CA GLY C 702 38.95 -3.36 -8.18
C GLY C 702 37.83 -2.41 -8.55
N GLU C 703 37.32 -2.49 -9.78
CA GLU C 703 36.19 -1.66 -10.18
C GLU C 703 34.88 -2.38 -9.92
N MET C 704 33.87 -1.61 -9.51
CA MET C 704 32.57 -2.20 -9.23
C MET C 704 31.91 -2.69 -10.51
N ALA C 705 31.20 -3.82 -10.38
CA ALA C 705 30.51 -4.45 -11.50
C ALA C 705 29.17 -4.97 -11.00
N LEU C 706 28.12 -4.17 -11.16
CA LEU C 706 26.80 -4.54 -10.67
C LEU C 706 26.00 -5.33 -11.68
N GLY C 707 26.36 -5.26 -12.97
CA GLY C 707 25.58 -5.93 -14.01
C GLY C 707 26.42 -6.52 -15.11
N LYS C 708 25.85 -6.58 -16.32
CA LYS C 708 26.50 -7.19 -17.47
C LYS C 708 26.33 -6.30 -18.68
N ASN C 709 27.39 -6.22 -19.50
CA ASN C 709 27.31 -5.55 -20.80
C ASN C 709 26.82 -6.56 -21.83
N LEU C 710 25.78 -6.19 -22.59
CA LEU C 710 25.23 -7.10 -23.58
C LEU C 710 24.60 -6.31 -24.71
N LEU C 711 24.43 -7.00 -25.85
CA LEU C 711 24.03 -6.37 -27.11
C LEU C 711 22.52 -6.15 -27.12
N VAL C 712 22.11 -4.89 -27.30
CA VAL C 712 20.72 -4.48 -27.28
C VAL C 712 20.33 -3.89 -28.62
N ALA C 713 19.16 -4.27 -29.12
CA ALA C 713 18.57 -3.71 -30.33
C ALA C 713 17.26 -3.04 -29.94
N ILE C 714 17.10 -1.78 -30.34
CA ILE C 714 15.94 -0.97 -29.95
C ILE C 714 14.91 -1.08 -31.06
N MET C 715 13.88 -1.91 -30.83
CA MET C 715 12.81 -2.07 -31.79
C MET C 715 11.68 -2.91 -31.21
N PRO C 716 10.42 -2.63 -31.53
CA PRO C 716 9.35 -3.55 -31.15
C PRO C 716 9.51 -4.89 -31.85
N TRP C 717 9.12 -5.95 -31.16
CA TRP C 717 9.31 -7.31 -31.67
C TRP C 717 8.09 -8.15 -31.32
N GLU C 718 7.14 -8.24 -32.26
CA GLU C 718 6.02 -9.16 -32.19
C GLU C 718 5.18 -8.97 -30.92
N GLY C 719 5.33 -7.83 -30.24
CA GLY C 719 4.54 -7.55 -29.06
C GLY C 719 5.00 -8.24 -27.80
N HIS C 720 6.09 -9.02 -27.85
CA HIS C 720 6.57 -9.68 -26.64
C HIS C 720 7.22 -8.68 -25.68
N ASN C 721 7.76 -7.58 -26.20
CA ASN C 721 8.28 -6.50 -25.38
C ASN C 721 7.28 -5.37 -25.23
N TYR C 722 5.98 -5.69 -25.26
CA TYR C 722 4.93 -4.69 -25.13
C TYR C 722 4.77 -4.29 -23.67
N GLU C 723 4.58 -2.98 -23.45
CA GLU C 723 4.40 -2.43 -22.10
C GLU C 723 5.58 -2.77 -21.20
N ASP C 724 6.75 -2.26 -21.57
CA ASP C 724 7.98 -2.33 -20.78
C ASP C 724 8.52 -3.74 -20.64
N ALA C 725 7.92 -4.73 -21.30
CA ALA C 725 8.44 -6.09 -21.21
C ALA C 725 9.78 -6.19 -21.96
N ILE C 726 10.52 -7.26 -21.65
CA ILE C 726 11.86 -7.46 -22.17
C ILE C 726 11.97 -8.85 -22.77
N ILE C 727 12.76 -8.97 -23.83
CA ILE C 727 13.01 -10.23 -24.52
C ILE C 727 14.49 -10.54 -24.38
N LEU C 728 14.80 -11.77 -23.97
CA LEU C 728 16.17 -12.21 -23.77
C LEU C 728 16.50 -13.35 -24.71
N SER C 729 17.76 -13.39 -25.15
CA SER C 729 18.26 -14.53 -25.90
C SER C 729 18.53 -15.70 -24.96
N ASN C 730 18.30 -16.92 -25.45
CA ASN C 730 18.53 -18.09 -24.63
C ASN C 730 20.00 -18.27 -24.26
N ARG C 731 20.90 -17.57 -24.96
CA ARG C 731 22.32 -17.66 -24.62
C ARG C 731 22.56 -17.29 -23.16
N LEU C 732 21.86 -16.26 -22.66
CA LEU C 732 22.05 -15.84 -21.28
C LEU C 732 21.71 -16.95 -20.30
N VAL C 733 20.91 -17.94 -20.71
CA VAL C 733 20.63 -19.09 -19.85
C VAL C 733 21.66 -20.19 -20.07
N GLU C 734 22.16 -20.33 -21.29
CA GLU C 734 23.12 -21.39 -21.59
C GLU C 734 24.48 -21.11 -20.95
N GLU C 735 24.94 -19.87 -21.03
CA GLU C 735 26.28 -19.50 -20.62
C GLU C 735 26.35 -18.85 -19.24
N ASP C 736 25.26 -18.93 -18.47
CA ASP C 736 25.24 -18.40 -17.10
C ASP C 736 25.64 -16.94 -17.07
N VAL C 737 25.14 -16.16 -18.04
CA VAL C 737 25.45 -14.74 -18.07
C VAL C 737 24.80 -14.01 -16.89
N LEU C 738 23.58 -14.41 -16.52
CA LEU C 738 22.84 -13.76 -15.45
C LEU C 738 22.47 -14.75 -14.34
N THR C 739 23.32 -15.73 -14.08
CA THR C 739 23.10 -16.68 -13.01
C THR C 739 23.65 -16.13 -11.70
N SER C 740 22.96 -16.41 -10.61
CA SER C 740 23.37 -15.92 -9.30
C SER C 740 23.16 -16.99 -8.24
N ILE C 741 24.04 -17.00 -7.24
CA ILE C 741 23.98 -17.95 -6.15
C ILE C 741 23.16 -17.34 -5.02
N HIS C 742 22.21 -18.11 -4.49
CA HIS C 742 21.40 -17.70 -3.36
C HIS C 742 21.54 -18.71 -2.23
N ILE C 743 21.61 -18.21 -1.00
CA ILE C 743 21.82 -19.06 0.17
C ILE C 743 20.76 -18.71 1.20
N GLU C 744 20.12 -19.74 1.76
CA GLU C 744 19.09 -19.58 2.77
C GLU C 744 19.48 -20.35 4.03
N GLU C 745 18.97 -19.89 5.16
CA GLU C 745 19.29 -20.46 6.47
C GLU C 745 18.02 -20.96 7.12
N HIS C 746 18.04 -22.21 7.57
CA HIS C 746 16.91 -22.82 8.27
C HIS C 746 17.36 -23.21 9.67
N GLU C 747 16.60 -22.78 10.68
CA GLU C 747 17.00 -22.91 12.08
C GLU C 747 15.93 -23.65 12.85
N ILE C 748 16.35 -24.57 13.71
CA ILE C 748 15.45 -25.31 14.59
C ILE C 748 16.11 -25.49 15.94
N ASP C 749 15.33 -25.28 17.01
CA ASP C 749 15.82 -25.38 18.37
C ASP C 749 15.04 -26.44 19.13
N ALA C 750 15.76 -27.25 19.90
CA ALA C 750 15.16 -28.25 20.77
C ALA C 750 15.25 -27.74 22.21
N ARG C 751 14.10 -27.62 22.86
CA ARG C 751 13.93 -27.11 24.21
C ARG C 751 13.31 -28.20 25.08
N ASP C 752 12.88 -27.84 26.28
CA ASP C 752 12.27 -28.80 27.20
C ASP C 752 10.83 -28.40 27.48
N THR C 753 10.03 -29.39 27.89
CA THR C 753 8.62 -29.19 28.19
C THR C 753 8.28 -29.95 29.46
N LYS C 754 7.04 -29.76 29.93
CA LYS C 754 6.60 -30.42 31.16
C LYS C 754 6.58 -31.94 31.02
N LEU C 755 6.37 -32.45 29.81
CA LEU C 755 6.32 -33.89 29.58
C LEU C 755 7.69 -34.50 29.34
N GLY C 756 8.75 -33.71 29.42
CA GLY C 756 10.10 -34.19 29.18
C GLY C 756 10.79 -33.37 28.10
N ALA C 757 12.05 -33.73 27.86
CA ALA C 757 12.86 -33.01 26.89
C ALA C 757 12.68 -33.60 25.50
N GLU C 758 12.29 -32.76 24.54
CA GLU C 758 12.25 -33.16 23.15
C GLU C 758 13.67 -33.32 22.62
N GLU C 759 13.84 -34.29 21.72
CA GLU C 759 15.16 -34.72 21.30
C GLU C 759 15.26 -34.73 19.78
N ILE C 760 16.50 -34.68 19.30
CA ILE C 760 16.80 -34.76 17.87
C ILE C 760 17.32 -36.16 17.59
N THR C 761 16.64 -36.88 16.70
CA THR C 761 17.00 -38.25 16.39
C THR C 761 16.75 -38.52 14.92
N ARG C 762 17.51 -39.46 14.36
CA ARG C 762 17.29 -39.88 12.98
C ARG C 762 15.94 -40.57 12.83
N ASP C 763 15.64 -41.52 13.71
CA ASP C 763 14.39 -42.24 13.64
C ASP C 763 13.23 -41.38 14.14
N ILE C 764 12.17 -41.31 13.34
CA ILE C 764 10.97 -40.57 13.72
C ILE C 764 9.74 -41.37 13.31
N PRO C 765 8.64 -41.20 14.05
CA PRO C 765 7.49 -42.08 13.84
C PRO C 765 6.90 -41.96 12.45
N ASN C 766 6.57 -43.11 11.86
CA ASN C 766 5.80 -43.21 10.63
C ASN C 766 6.40 -42.34 9.52
N VAL C 767 7.61 -42.70 9.11
CA VAL C 767 8.25 -42.12 7.93
C VAL C 767 8.92 -43.23 7.15
N SER C 768 8.82 -43.17 5.82
CA SER C 768 9.41 -44.20 4.99
C SER C 768 10.93 -44.23 5.15
N ASP C 769 11.50 -45.42 5.00
CA ASP C 769 12.94 -45.57 5.16
C ASP C 769 13.70 -44.68 4.18
N GLU C 770 13.17 -44.50 2.97
CA GLU C 770 13.85 -43.67 1.98
C GLU C 770 13.97 -42.23 2.46
N VAL C 771 12.95 -41.73 3.17
CA VAL C 771 12.98 -40.33 3.59
C VAL C 771 14.17 -40.06 4.50
N LEU C 772 14.43 -40.96 5.44
CA LEU C 772 15.54 -40.81 6.38
C LEU C 772 16.83 -41.45 5.87
N ALA C 773 16.97 -41.61 4.55
CA ALA C 773 18.17 -42.19 3.99
C ALA C 773 19.34 -41.21 3.98
N ASP C 774 19.07 -39.92 3.82
CA ASP C 774 20.09 -38.89 3.78
C ASP C 774 20.31 -38.19 5.11
N LEU C 775 20.04 -38.88 6.23
CA LEU C 775 20.15 -38.30 7.56
C LEU C 775 21.36 -38.89 8.27
N ASP C 776 22.11 -38.03 8.97
CA ASP C 776 23.27 -38.48 9.72
C ASP C 776 22.85 -39.32 10.92
N GLU C 777 23.85 -39.84 11.62
CA GLU C 777 23.57 -40.62 12.84
C GLU C 777 22.91 -39.74 13.90
N ARG C 778 23.27 -38.45 13.94
CA ARG C 778 22.73 -37.52 14.92
C ARG C 778 21.42 -36.88 14.45
N GLY C 779 20.88 -37.28 13.31
CA GLY C 779 19.59 -36.79 12.86
C GLY C 779 19.63 -35.55 11.99
N ILE C 780 20.81 -35.04 11.67
CA ILE C 780 20.94 -33.87 10.81
C ILE C 780 21.12 -34.32 9.37
N VAL C 781 20.64 -33.50 8.44
CA VAL C 781 20.76 -33.84 7.03
C VAL C 781 22.23 -33.83 6.63
N ARG C 782 22.63 -34.88 5.91
CA ARG C 782 24.03 -35.01 5.52
C ARG C 782 24.46 -33.86 4.63
N ILE C 783 25.64 -33.31 4.90
CA ILE C 783 26.13 -32.18 4.12
C ILE C 783 26.35 -32.62 2.69
N GLY C 784 26.03 -31.73 1.75
CA GLY C 784 26.15 -32.01 0.34
C GLY C 784 24.98 -32.71 -0.29
N ALA C 785 23.98 -33.09 0.49
CA ALA C 785 22.81 -33.77 -0.05
C ALA C 785 21.89 -32.79 -0.74
N GLU C 786 21.25 -33.25 -1.82
CA GLU C 786 20.27 -32.45 -2.53
C GLU C 786 18.94 -32.50 -1.80
N VAL C 787 18.36 -31.33 -1.51
CA VAL C 787 17.14 -31.22 -0.74
C VAL C 787 16.06 -30.58 -1.59
N ARG C 788 14.85 -31.08 -1.45
CA ARG C 788 13.69 -30.56 -2.16
C ARG C 788 12.57 -30.34 -1.15
N ASP C 789 11.66 -29.43 -1.49
CA ASP C 789 10.62 -29.01 -0.55
C ASP C 789 9.92 -30.22 0.05
N GLY C 790 9.71 -30.18 1.37
CA GLY C 790 9.12 -31.26 2.10
C GLY C 790 10.11 -32.28 2.64
N ASP C 791 11.38 -32.19 2.26
CA ASP C 791 12.37 -33.13 2.75
C ASP C 791 12.76 -32.79 4.19
N ILE C 792 13.29 -33.79 4.88
CA ILE C 792 13.67 -33.62 6.28
C ILE C 792 15.05 -32.96 6.35
N LEU C 793 15.13 -31.84 7.08
CA LEU C 793 16.41 -31.20 7.35
C LEU C 793 16.96 -31.61 8.72
N VAL C 794 16.09 -31.70 9.72
CA VAL C 794 16.49 -32.11 11.07
C VAL C 794 15.37 -32.94 11.68
N GLY C 795 15.66 -34.18 12.03
CA GLY C 795 14.67 -35.05 12.64
C GLY C 795 14.49 -34.76 14.12
N LYS C 796 13.27 -34.38 14.51
CA LYS C 796 12.99 -33.98 15.87
C LYS C 796 11.65 -34.56 16.31
N VAL C 797 11.55 -34.91 17.59
CA VAL C 797 10.35 -35.50 18.16
C VAL C 797 10.09 -34.88 19.52
N THR C 798 8.81 -34.85 19.91
CA THR C 798 8.43 -34.28 21.21
C THR C 798 7.51 -35.24 21.95
N PRO C 799 7.60 -35.32 23.28
CA PRO C 799 6.71 -36.23 24.02
C PRO C 799 5.25 -35.91 23.76
N LYS C 800 4.44 -36.96 23.62
CA LYS C 800 3.03 -36.80 23.28
C LYS C 800 2.11 -36.78 24.49
N GLY C 801 2.29 -37.71 25.43
CA GLY C 801 1.44 -37.74 26.61
C GLY C 801 0.16 -38.51 26.35
N GLU C 802 -0.95 -37.99 26.87
CA GLU C 802 -2.22 -38.68 26.74
C GLU C 802 -2.65 -38.75 25.27
N THR C 803 -3.11 -39.92 24.85
CA THR C 803 -3.60 -40.12 23.49
C THR C 803 -5.09 -40.43 23.50
N GLU C 804 -5.50 -41.45 24.23
CA GLU C 804 -6.89 -41.90 24.27
C GLU C 804 -7.46 -41.97 22.86
N LEU C 805 -6.92 -42.89 22.07
CA LEU C 805 -7.23 -42.94 20.65
C LEU C 805 -8.69 -43.28 20.42
N THR C 806 -9.20 -42.83 19.28
CA THR C 806 -10.58 -43.08 18.92
C THR C 806 -10.78 -44.57 18.61
N PRO C 807 -12.03 -45.07 18.75
CA PRO C 807 -12.24 -46.50 18.52
C PRO C 807 -11.82 -46.99 17.14
N GLU C 808 -12.05 -46.18 16.09
CA GLU C 808 -11.62 -46.58 14.76
C GLU C 808 -10.10 -46.71 14.69
N GLU C 809 -9.39 -45.73 15.23
CA GLU C 809 -7.92 -45.80 15.25
C GLU C 809 -7.46 -46.97 16.10
N ARG C 810 -8.16 -47.25 17.20
CA ARG C 810 -7.82 -48.40 18.02
C ARG C 810 -7.93 -49.70 17.21
N LEU C 811 -9.04 -49.85 16.49
CA LEU C 811 -9.23 -51.05 15.66
C LEU C 811 -8.16 -51.16 14.59
N LEU C 812 -7.86 -50.05 13.91
CA LEU C 812 -6.84 -50.08 12.86
C LEU C 812 -5.48 -50.47 13.45
N ARG C 813 -5.08 -49.83 14.55
CA ARG C 813 -3.80 -50.17 15.15
C ARG C 813 -3.77 -51.61 15.66
N ALA C 814 -4.93 -52.18 16.00
CA ALA C 814 -4.98 -53.61 16.29
C ALA C 814 -4.81 -54.43 15.02
N ILE C 815 -5.26 -53.93 13.87
CA ILE C 815 -5.19 -54.68 12.63
C ILE C 815 -3.73 -54.91 12.23
N PHE C 816 -2.91 -53.87 12.33
CA PHE C 816 -1.46 -54.00 12.12
C PHE C 816 -0.69 -54.21 13.42
N GLY C 817 -1.19 -53.74 14.55
CA GLY C 817 -0.48 -53.90 15.81
C GLY C 817 0.65 -52.93 16.03
N GLU C 818 0.80 -51.90 15.22
CA GLU C 818 1.89 -50.95 15.40
C GLU C 818 1.77 -50.24 16.75
N LYS C 819 2.92 -50.00 17.38
CA LYS C 819 2.93 -49.34 18.67
C LYS C 819 2.41 -47.91 18.56
N ALA C 820 1.81 -47.44 19.65
CA ALA C 820 1.43 -46.04 19.77
C ALA C 820 2.65 -45.27 20.27
N ARG C 821 3.34 -44.61 19.34
CA ARG C 821 4.61 -43.96 19.68
C ARG C 821 4.44 -42.97 20.81
N GLU C 822 5.36 -42.99 21.76
CA GLU C 822 5.34 -42.07 22.88
C GLU C 822 5.64 -40.64 22.48
N VAL C 823 6.08 -40.41 21.24
CA VAL C 823 6.49 -39.10 20.77
C VAL C 823 5.79 -38.77 19.46
N ARG C 824 5.75 -37.49 19.14
CA ARG C 824 5.13 -36.96 17.95
C ARG C 824 6.17 -36.23 17.12
N ASP C 825 6.04 -36.32 15.80
CA ASP C 825 7.02 -35.76 14.89
C ASP C 825 6.83 -34.25 14.77
N THR C 826 7.93 -33.51 14.95
CA THR C 826 7.97 -32.06 14.75
C THR C 826 9.24 -31.69 13.99
N SER C 827 9.63 -32.54 13.05
CA SER C 827 10.90 -32.36 12.35
C SER C 827 10.88 -31.09 11.50
N LEU C 828 12.05 -30.46 11.37
CA LEU C 828 12.22 -29.33 10.48
C LEU C 828 12.25 -29.81 9.04
N LYS C 829 11.43 -29.20 8.18
CA LYS C 829 11.31 -29.60 6.79
C LYS C 829 11.58 -28.40 5.88
N VAL C 830 12.04 -28.69 4.67
CA VAL C 830 12.28 -27.62 3.70
C VAL C 830 10.97 -26.92 3.39
N PRO C 831 10.90 -25.59 3.45
CA PRO C 831 9.64 -24.90 3.15
C PRO C 831 9.13 -25.22 1.75
N HIS C 832 7.85 -24.92 1.50
CA HIS C 832 7.27 -25.16 0.19
C HIS C 832 7.92 -24.26 -0.85
N GLY C 833 8.29 -24.85 -1.99
CA GLY C 833 8.86 -24.08 -3.08
C GLY C 833 10.32 -23.72 -2.92
N GLU C 834 11.10 -24.55 -2.23
CA GLU C 834 12.53 -24.31 -2.07
C GLU C 834 13.30 -25.60 -2.34
N SER C 835 14.56 -25.43 -2.75
CA SER C 835 15.43 -26.55 -3.05
C SER C 835 16.86 -26.04 -3.16
N GLY C 836 17.81 -26.96 -3.09
CA GLY C 836 19.21 -26.59 -3.23
C GLY C 836 20.11 -27.65 -2.62
N LYS C 837 21.36 -27.27 -2.43
CA LYS C 837 22.37 -28.13 -1.83
C LYS C 837 22.70 -27.66 -0.42
N VAL C 838 22.82 -28.62 0.50
CA VAL C 838 23.19 -28.31 1.88
C VAL C 838 24.68 -28.04 1.91
N ILE C 839 25.06 -26.78 2.15
CA ILE C 839 26.46 -26.38 2.10
C ILE C 839 27.09 -26.21 3.49
N GLY C 840 26.30 -26.30 4.55
CA GLY C 840 26.86 -26.15 5.88
C GLY C 840 25.87 -26.34 7.00
N ILE C 841 26.39 -26.72 8.17
CA ILE C 841 25.58 -26.91 9.37
C ILE C 841 26.34 -26.34 10.55
N ARG C 842 25.63 -25.62 11.42
CA ARG C 842 26.22 -25.08 12.64
C ARG C 842 25.33 -25.47 13.81
N VAL C 843 25.93 -26.11 14.82
CA VAL C 843 25.18 -26.74 15.90
C VAL C 843 25.67 -26.19 17.25
N PHE C 844 24.71 -25.81 18.10
CA PHE C 844 24.96 -25.39 19.47
C PHE C 844 24.34 -26.38 20.43
N SER C 845 25.09 -26.75 21.46
CA SER C 845 24.59 -27.67 22.48
C SER C 845 24.89 -27.10 23.86
N ARG C 846 23.91 -27.15 24.75
CA ARG C 846 24.12 -26.69 26.12
C ARG C 846 25.08 -27.59 26.87
N GLU C 847 25.17 -28.87 26.49
CA GLU C 847 26.12 -29.76 27.13
C GLU C 847 27.56 -29.34 26.90
N ASP C 848 27.80 -28.47 25.90
CA ASP C 848 29.12 -27.91 25.66
C ASP C 848 29.26 -26.50 26.24
N ASP C 849 28.32 -26.08 27.09
CA ASP C 849 28.38 -24.79 27.76
C ASP C 849 28.31 -23.65 26.76
N ASP C 850 27.28 -23.67 25.92
CA ASP C 850 27.03 -22.58 24.99
C ASP C 850 26.18 -21.50 25.67
N GLU C 851 25.91 -20.43 24.94
CA GLU C 851 25.13 -19.30 25.43
C GLU C 851 23.69 -19.36 24.96
N LEU C 852 23.13 -20.56 24.87
CA LEU C 852 21.77 -20.71 24.37
C LEU C 852 20.77 -20.01 25.30
N PRO C 853 19.65 -19.53 24.75
CA PRO C 853 18.65 -18.87 25.60
C PRO C 853 18.17 -19.77 26.71
N ALA C 854 17.58 -19.15 27.73
CA ALA C 854 17.07 -19.90 28.87
C ALA C 854 16.00 -20.89 28.43
N GLY C 855 16.11 -22.13 28.91
CA GLY C 855 15.17 -23.17 28.57
C GLY C 855 15.45 -23.87 27.26
N VAL C 856 16.51 -23.50 26.54
CA VAL C 856 16.86 -24.12 25.27
C VAL C 856 18.00 -25.11 25.53
N ASN C 857 17.99 -26.21 24.77
CA ASN C 857 18.98 -27.25 24.90
C ASN C 857 19.87 -27.41 23.68
N GLU C 858 19.30 -27.39 22.48
CA GLU C 858 20.07 -27.58 21.26
C GLU C 858 19.58 -26.61 20.19
N LEU C 859 20.48 -26.21 19.31
CA LEU C 859 20.14 -25.35 18.18
C LEU C 859 20.88 -25.85 16.95
N VAL C 860 20.18 -25.95 15.82
CA VAL C 860 20.75 -26.43 14.57
C VAL C 860 20.40 -25.44 13.47
N ARG C 861 21.41 -25.03 12.70
CA ARG C 861 21.24 -24.15 11.55
C ARG C 861 21.80 -24.84 10.33
N VAL C 862 20.99 -24.97 9.29
CA VAL C 862 21.36 -25.63 8.05
C VAL C 862 21.29 -24.60 6.93
N TYR C 863 22.36 -24.53 6.12
CA TYR C 863 22.43 -23.58 5.02
C TYR C 863 22.20 -24.32 3.71
N VAL C 864 21.23 -23.84 2.93
CA VAL C 864 20.86 -24.45 1.65
C VAL C 864 21.15 -23.45 0.56
N ALA C 865 21.96 -23.85 -0.43
CA ALA C 865 22.36 -22.98 -1.51
C ALA C 865 21.78 -23.47 -2.83
N GLN C 866 21.37 -22.53 -3.68
CA GLN C 866 20.84 -22.84 -4.99
C GLN C 866 21.42 -21.85 -6.00
N LYS C 867 21.35 -22.25 -7.27
CA LYS C 867 22.01 -21.56 -8.37
C LYS C 867 20.93 -21.09 -9.34
N ARG C 868 20.41 -19.89 -9.11
CA ARG C 868 19.26 -19.39 -9.86
C ARG C 868 19.71 -18.87 -11.22
N LYS C 869 19.06 -19.34 -12.28
CA LYS C 869 19.25 -18.83 -13.62
C LYS C 869 18.17 -17.79 -13.94
N ILE C 870 18.44 -16.97 -14.94
CA ILE C 870 17.44 -15.99 -15.37
C ILE C 870 16.29 -16.72 -16.04
N SER C 871 15.07 -16.36 -15.65
CA SER C 871 13.88 -17.03 -16.17
C SER C 871 12.77 -16.01 -16.33
N ASP C 872 11.65 -16.47 -16.89
CA ASP C 872 10.52 -15.59 -17.13
C ASP C 872 10.03 -14.97 -15.83
N GLY C 873 9.74 -13.66 -15.89
CA GLY C 873 9.24 -12.94 -14.75
C GLY C 873 10.31 -12.27 -13.89
N ASP C 874 11.58 -12.58 -14.12
CA ASP C 874 12.65 -11.93 -13.38
C ASP C 874 12.85 -10.51 -13.88
N LYS C 875 12.91 -9.56 -12.96
CA LYS C 875 12.99 -8.15 -13.31
C LYS C 875 14.43 -7.77 -13.67
N LEU C 876 14.59 -7.11 -14.81
CA LEU C 876 15.86 -6.54 -15.23
C LEU C 876 15.73 -5.04 -15.31
N ALA C 877 16.85 -4.34 -15.15
CA ALA C 877 16.84 -2.88 -15.14
C ALA C 877 18.19 -2.36 -15.59
N GLY C 878 18.18 -1.10 -16.04
CA GLY C 878 19.38 -0.40 -16.43
C GLY C 878 19.75 0.68 -15.41
N ARG C 879 20.77 1.44 -15.76
CA ARG C 879 21.24 2.51 -14.90
C ARG C 879 20.47 3.81 -15.08
N HIS C 880 19.55 3.87 -16.05
CA HIS C 880 18.83 5.10 -16.37
C HIS C 880 17.36 5.02 -15.96
N GLY C 881 16.99 4.09 -15.09
CA GLY C 881 15.63 4.01 -14.61
C GLY C 881 14.67 3.30 -15.54
N ASN C 882 15.16 2.41 -16.39
CA ASN C 882 14.32 1.63 -17.30
C ASN C 882 14.38 0.17 -16.88
N LYS C 883 13.27 -0.37 -16.39
CA LYS C 883 13.21 -1.74 -15.92
C LYS C 883 11.96 -2.41 -16.45
N GLY C 884 12.01 -3.74 -16.48
CA GLY C 884 10.87 -4.53 -16.93
C GLY C 884 11.07 -5.99 -16.62
N VAL C 885 9.98 -6.74 -16.74
CA VAL C 885 9.99 -8.17 -16.49
C VAL C 885 10.24 -8.91 -17.79
N ILE C 886 11.02 -9.99 -17.72
CA ILE C 886 11.35 -10.78 -18.89
C ILE C 886 10.08 -11.51 -19.34
N GLY C 887 9.50 -11.07 -20.46
CA GLY C 887 8.28 -11.68 -20.95
C GLY C 887 8.48 -12.93 -21.77
N LYS C 888 9.67 -13.12 -22.35
CA LYS C 888 9.92 -14.28 -23.20
C LYS C 888 11.42 -14.44 -23.38
N ILE C 889 11.88 -15.69 -23.31
CA ILE C 889 13.27 -16.05 -23.60
C ILE C 889 13.24 -16.90 -24.87
N LEU C 890 13.80 -16.37 -25.95
CA LEU C 890 13.74 -17.05 -27.25
C LEU C 890 15.05 -17.76 -27.55
N PRO C 891 15.02 -18.81 -28.36
CA PRO C 891 16.26 -19.48 -28.75
C PRO C 891 17.13 -18.56 -29.58
N VAL C 892 18.43 -18.89 -29.63
CA VAL C 892 19.40 -18.01 -30.28
C VAL C 892 19.02 -17.77 -31.72
N GLU C 893 18.62 -18.82 -32.44
CA GLU C 893 18.31 -18.68 -33.87
C GLU C 893 17.12 -17.77 -34.12
N ASP C 894 16.24 -17.57 -33.15
CA ASP C 894 15.10 -16.69 -33.34
C ASP C 894 15.44 -15.22 -33.13
N MET C 895 16.57 -14.93 -32.49
CA MET C 895 16.94 -13.55 -32.23
C MET C 895 17.38 -12.86 -33.52
N PRO C 896 17.07 -11.57 -33.70
CA PRO C 896 17.66 -10.83 -34.82
C PRO C 896 19.18 -10.82 -34.71
N PHE C 897 19.85 -10.91 -35.85
CA PHE C 897 21.30 -10.99 -35.88
C PHE C 897 21.86 -9.97 -36.88
N LEU C 898 23.07 -9.50 -36.57
CA LEU C 898 23.74 -8.55 -37.43
C LEU C 898 24.17 -9.23 -38.74
N PRO C 899 24.48 -8.46 -39.77
CA PRO C 899 24.84 -9.07 -41.06
C PRO C 899 25.98 -10.07 -40.95
N ASP C 900 26.82 -9.94 -39.92
CA ASP C 900 27.92 -10.87 -39.71
C ASP C 900 27.51 -12.12 -38.97
N GLY C 901 26.25 -12.24 -38.55
CA GLY C 901 25.75 -13.43 -37.90
C GLY C 901 25.64 -13.35 -36.39
N THR C 902 26.05 -12.24 -35.79
CA THR C 902 25.99 -12.12 -34.34
C THR C 902 24.56 -11.83 -33.89
N PRO C 903 23.94 -12.68 -33.07
CA PRO C 903 22.58 -12.38 -32.60
C PRO C 903 22.59 -11.31 -31.51
N VAL C 904 21.49 -10.58 -31.43
CA VAL C 904 21.32 -9.56 -30.40
C VAL C 904 20.85 -10.23 -29.11
N ASP C 905 21.48 -9.86 -28.00
CA ASP C 905 21.18 -10.53 -26.73
C ASP C 905 19.86 -10.07 -26.13
N ILE C 906 19.48 -8.80 -26.32
CA ILE C 906 18.28 -8.26 -25.71
C ILE C 906 17.61 -7.31 -26.70
N ILE C 907 16.28 -7.23 -26.61
CA ILE C 907 15.48 -6.32 -27.44
C ILE C 907 14.62 -5.46 -26.51
N LEU C 908 14.67 -4.16 -26.71
CA LEU C 908 13.91 -3.20 -25.91
C LEU C 908 12.93 -2.46 -26.79
N ASN C 909 11.76 -2.14 -26.23
CA ASN C 909 10.72 -1.48 -27.00
C ASN C 909 11.08 -0.01 -27.23
N THR C 910 10.71 0.49 -28.42
CA THR C 910 11.00 1.87 -28.77
C THR C 910 10.06 2.85 -28.08
N HIS C 911 8.78 2.49 -27.94
CA HIS C 911 7.79 3.43 -27.44
C HIS C 911 8.04 3.85 -26.00
N GLY C 912 8.86 3.11 -25.25
CA GLY C 912 9.11 3.46 -23.86
C GLY C 912 10.15 4.52 -23.64
N VAL C 913 11.05 4.71 -24.61
CA VAL C 913 12.16 5.64 -24.45
C VAL C 913 11.70 7.09 -24.56
N PRO C 914 11.12 7.52 -25.69
CA PRO C 914 10.93 8.96 -25.89
C PRO C 914 10.02 9.63 -24.87
N ARG C 915 8.98 8.93 -24.39
CA ARG C 915 8.00 9.57 -23.52
C ARG C 915 8.40 9.55 -22.05
N ARG C 916 9.34 8.69 -21.65
CA ARG C 916 9.80 8.66 -20.27
C ARG C 916 10.94 9.62 -20.01
N MET C 917 11.45 10.31 -21.03
CA MET C 917 12.47 11.34 -20.86
C MET C 917 13.71 10.78 -20.20
N ASN C 918 14.16 9.62 -20.68
CA ASN C 918 15.39 8.98 -20.23
C ASN C 918 16.26 8.63 -21.43
N ILE C 919 16.43 9.59 -22.33
CA ILE C 919 17.18 9.38 -23.56
C ILE C 919 18.64 9.05 -23.31
N GLY C 920 19.13 9.25 -22.08
CA GLY C 920 20.51 8.93 -21.79
C GLY C 920 20.86 7.48 -22.07
N GLN C 921 19.87 6.59 -22.03
CA GLN C 921 20.14 5.19 -22.31
C GLN C 921 20.57 5.01 -23.77
N ILE C 922 20.04 5.82 -24.68
CA ILE C 922 20.45 5.74 -26.08
C ILE C 922 21.90 6.19 -26.22
N LEU C 923 22.28 7.25 -25.50
CA LEU C 923 23.66 7.70 -25.52
C LEU C 923 24.59 6.61 -25.00
N GLU C 924 24.18 5.96 -23.90
CA GLU C 924 24.96 4.85 -23.36
C GLU C 924 25.07 3.72 -24.36
N THR C 925 23.96 3.43 -25.06
CA THR C 925 23.96 2.36 -26.05
C THR C 925 24.96 2.65 -27.18
N HIS C 926 24.98 3.89 -27.66
CA HIS C 926 25.92 4.25 -28.71
C HIS C 926 27.36 4.18 -28.22
N LEU C 927 27.62 4.74 -27.03
CA LEU C 927 29.00 4.75 -26.53
C LEU C 927 29.47 3.34 -26.19
N GLY C 928 28.55 2.46 -25.82
CA GLY C 928 28.93 1.08 -25.58
C GLY C 928 29.42 0.38 -26.83
N TRP C 929 28.72 0.59 -27.94
CA TRP C 929 29.19 0.05 -29.22
C TRP C 929 30.52 0.67 -29.60
N VAL C 930 30.67 1.98 -29.39
CA VAL C 930 31.94 2.62 -29.68
C VAL C 930 33.07 2.00 -28.87
N ALA C 931 32.80 1.64 -27.61
CA ALA C 931 33.81 1.05 -26.76
C ALA C 931 34.12 -0.39 -27.18
N LYS C 932 33.09 -1.18 -27.47
CA LYS C 932 33.31 -2.58 -27.82
C LYS C 932 34.21 -2.71 -29.04
N ALA C 933 33.90 -1.99 -30.10
CA ALA C 933 34.72 -1.97 -31.31
C ALA C 933 35.57 -0.72 -31.30
N GLY C 934 36.88 -0.89 -31.34
CA GLY C 934 37.79 0.23 -31.27
C GLY C 934 37.51 1.27 -32.34
N TRP C 935 38.06 2.46 -32.12
CA TRP C 935 37.91 3.57 -33.05
C TRP C 935 39.27 4.21 -33.29
N ASN C 936 39.38 4.88 -34.43
CA ASN C 936 40.62 5.55 -34.81
C ASN C 936 40.26 6.78 -35.63
N ILE C 937 40.31 7.95 -34.99
CA ILE C 937 39.98 9.19 -35.69
C ILE C 937 41.02 9.43 -36.77
N ASP C 938 40.53 9.72 -37.98
CA ASP C 938 41.41 9.88 -39.15
C ASP C 938 42.09 11.24 -39.07
N VAL C 939 43.17 11.29 -38.30
CA VAL C 939 43.97 12.52 -38.15
C VAL C 939 45.03 12.46 -39.24
N ALA C 940 44.67 12.92 -40.43
CA ALA C 940 45.56 12.96 -41.58
C ALA C 940 45.97 14.36 -41.99
N ALA C 941 45.05 15.33 -41.90
CA ALA C 941 45.30 16.72 -42.23
C ALA C 941 44.85 17.61 -41.08
N GLY C 942 45.26 17.24 -39.87
CA GLY C 942 44.82 17.94 -38.68
C GLY C 942 43.61 17.29 -38.04
N VAL C 943 43.43 17.56 -36.75
CA VAL C 943 42.31 16.97 -36.01
C VAL C 943 41.00 17.52 -36.57
N PRO C 944 39.94 16.70 -36.68
CA PRO C 944 38.65 17.25 -37.13
C PRO C 944 38.13 18.28 -36.14
N ASP C 945 37.32 19.21 -36.65
CA ASP C 945 36.81 20.30 -35.82
C ASP C 945 36.06 19.75 -34.62
N TRP C 946 35.20 18.75 -34.82
CA TRP C 946 34.42 18.20 -33.72
C TRP C 946 35.32 17.54 -32.68
N ALA C 947 36.48 17.04 -33.09
CA ALA C 947 37.42 16.39 -32.17
C ALA C 947 38.44 17.35 -31.59
N SER C 948 38.34 18.64 -31.87
CA SER C 948 39.33 19.60 -31.38
C SER C 948 39.37 19.64 -29.86
N LYS C 949 38.24 19.36 -29.21
CA LYS C 949 38.16 19.41 -27.75
C LYS C 949 38.51 18.08 -27.08
N LEU C 950 38.69 17.01 -27.85
CA LEU C 950 38.97 15.72 -27.25
C LEU C 950 40.41 15.68 -26.73
N PRO C 951 40.66 15.00 -25.62
CA PRO C 951 42.05 14.78 -25.19
C PRO C 951 42.79 13.87 -26.16
N GLU C 952 44.10 14.04 -26.23
CA GLU C 952 44.91 13.25 -27.14
C GLU C 952 44.80 11.75 -26.87
N GLU C 953 44.44 11.36 -25.65
CA GLU C 953 44.33 9.95 -25.31
C GLU C 953 43.16 9.27 -26.00
N LEU C 954 42.15 10.03 -26.41
CA LEU C 954 40.92 9.46 -26.96
C LEU C 954 40.94 9.37 -28.49
N TYR C 955 42.04 9.73 -29.14
CA TYR C 955 42.08 9.67 -30.60
C TYR C 955 41.91 8.25 -31.11
N SER C 956 42.43 7.26 -30.39
CA SER C 956 42.33 5.87 -30.82
C SER C 956 42.28 4.97 -29.60
N ALA C 957 41.72 3.77 -29.80
CA ALA C 957 41.62 2.78 -28.74
C ALA C 957 41.33 1.43 -29.37
N PRO C 958 41.79 0.34 -28.76
CA PRO C 958 41.52 -0.99 -29.34
C PRO C 958 40.14 -1.50 -29.00
N ALA C 959 39.80 -2.70 -29.50
CA ALA C 959 38.51 -3.29 -29.19
C ALA C 959 38.42 -3.66 -27.71
N ASP C 960 37.20 -3.70 -27.20
CA ASP C 960 36.94 -4.02 -25.80
C ASP C 960 37.66 -3.04 -24.87
N SER C 961 37.66 -1.76 -25.24
CA SER C 961 38.32 -0.72 -24.46
C SER C 961 37.29 0.00 -23.61
N THR C 962 37.49 -0.03 -22.29
CA THR C 962 36.59 0.67 -21.38
C THR C 962 36.83 2.17 -21.45
N VAL C 963 35.75 2.93 -21.28
CA VAL C 963 35.81 4.39 -21.31
C VAL C 963 35.07 4.93 -20.10
N ALA C 964 35.39 6.17 -19.73
CA ALA C 964 34.77 6.85 -18.60
C ALA C 964 34.19 8.17 -19.07
N THR C 965 32.94 8.42 -18.69
CA THR C 965 32.22 9.65 -19.04
C THR C 965 31.60 10.22 -17.77
N PRO C 966 32.32 11.09 -17.06
CA PRO C 966 31.79 11.61 -15.80
C PRO C 966 30.40 12.22 -15.97
N VAL C 967 29.68 12.31 -14.86
CA VAL C 967 28.27 12.66 -14.89
C VAL C 967 28.01 14.08 -15.35
N PHE C 968 28.94 15.02 -15.10
CA PHE C 968 28.74 16.39 -15.56
C PHE C 968 29.96 16.93 -16.31
N ASP C 969 30.89 16.07 -16.73
CA ASP C 969 31.98 16.49 -17.59
C ASP C 969 32.26 15.46 -18.67
N GLY C 970 31.23 14.75 -19.12
CA GLY C 970 31.40 13.64 -20.04
C GLY C 970 31.42 14.08 -21.50
N ALA C 971 31.32 13.08 -22.37
CA ALA C 971 31.38 13.35 -23.80
C ALA C 971 30.19 14.18 -24.24
N GLN C 972 30.45 15.11 -25.16
CA GLN C 972 29.40 15.97 -25.69
C GLN C 972 28.62 15.24 -26.78
N GLU C 973 27.48 15.84 -27.15
CA GLU C 973 26.65 15.23 -28.19
C GLU C 973 27.36 15.21 -29.54
N GLY C 974 28.26 16.17 -29.78
CA GLY C 974 28.93 16.23 -31.06
C GLY C 974 30.04 15.22 -31.22
N GLU C 975 30.69 14.84 -30.11
CA GLU C 975 31.79 13.87 -30.18
C GLU C 975 31.28 12.45 -30.38
N LEU C 976 30.08 12.14 -29.89
CA LEU C 976 29.52 10.81 -30.07
C LEU C 976 29.32 10.51 -31.55
N ALA C 977 28.83 11.49 -32.32
CA ALA C 977 28.63 11.26 -33.75
C ALA C 977 29.95 10.93 -34.44
N GLY C 978 31.01 11.69 -34.13
CA GLY C 978 32.30 11.42 -34.74
C GLY C 978 32.85 10.06 -34.34
N LEU C 979 32.73 9.71 -33.06
CA LEU C 979 33.21 8.40 -32.62
C LEU C 979 32.44 7.29 -33.29
N LEU C 980 31.13 7.45 -33.45
CA LEU C 980 30.35 6.45 -34.18
C LEU C 980 30.81 6.36 -35.64
N GLY C 981 31.10 7.49 -36.27
CA GLY C 981 31.54 7.51 -37.64
C GLY C 981 32.98 7.09 -37.84
N SER C 982 33.75 6.91 -36.78
CA SER C 982 35.15 6.49 -36.87
C SER C 982 35.38 5.13 -36.20
N THR C 983 34.37 4.27 -36.13
CA THR C 983 34.54 2.97 -35.53
C THR C 983 35.36 2.06 -36.45
N LEU C 984 36.17 1.20 -35.84
CA LEU C 984 37.03 0.32 -36.61
C LEU C 984 36.21 -0.77 -37.32
N PRO C 985 36.73 -1.31 -38.43
CA PRO C 985 36.04 -2.42 -39.09
C PRO C 985 36.01 -3.66 -38.21
N ASN C 986 35.02 -4.52 -38.45
CA ASN C 986 34.86 -5.73 -37.66
C ASN C 986 35.88 -6.77 -38.11
N ARG C 987 35.72 -7.99 -37.58
CA ARG C 987 36.62 -9.10 -37.85
C ARG C 987 36.83 -9.30 -39.35
N ASP C 988 35.75 -9.25 -40.12
CA ASP C 988 35.81 -9.57 -41.55
C ASP C 988 36.21 -8.39 -42.40
N GLY C 989 36.35 -7.20 -41.83
CA GLY C 989 36.76 -6.03 -42.58
C GLY C 989 35.65 -5.10 -43.00
N GLU C 990 34.49 -5.17 -42.36
CA GLU C 990 33.37 -4.31 -42.69
C GLU C 990 32.77 -3.76 -41.41
N VAL C 991 32.08 -2.62 -41.54
CA VAL C 991 31.48 -1.93 -40.40
C VAL C 991 30.04 -2.39 -40.27
N MET C 992 29.67 -2.81 -39.05
CA MET C 992 28.34 -3.33 -38.81
C MET C 992 27.33 -2.21 -38.54
N VAL C 993 27.76 -1.13 -37.92
CA VAL C 993 26.89 -0.02 -37.51
C VAL C 993 27.34 1.24 -38.23
N ASP C 994 26.38 1.94 -38.84
CA ASP C 994 26.66 3.15 -39.59
C ASP C 994 26.89 4.32 -38.62
N ALA C 995 27.16 5.50 -39.19
CA ALA C 995 27.40 6.68 -38.37
C ALA C 995 26.18 7.08 -37.56
N ASP C 996 24.98 6.67 -37.96
CA ASP C 996 23.76 6.99 -37.24
C ASP C 996 23.48 6.02 -36.10
N GLY C 997 24.31 4.99 -35.91
CA GLY C 997 24.11 4.05 -34.84
C GLY C 997 23.08 2.98 -35.12
N LYS C 998 22.83 2.67 -36.39
CA LYS C 998 21.83 1.68 -36.78
C LYS C 998 22.47 0.63 -37.66
N SER C 999 21.87 -0.57 -37.65
CA SER C 999 22.36 -1.70 -38.43
C SER C 999 21.20 -2.38 -39.13
N THR C 1000 21.51 -3.09 -40.21
CA THR C 1000 20.50 -3.80 -41.00
C THR C 1000 20.36 -5.20 -40.42
N LEU C 1001 19.49 -5.34 -39.44
CA LEU C 1001 19.28 -6.63 -38.78
C LEU C 1001 18.50 -7.57 -39.69
N PHE C 1002 18.71 -8.87 -39.47
CA PHE C 1002 18.01 -9.92 -40.19
C PHE C 1002 17.01 -10.60 -39.26
N ASP C 1003 15.80 -10.83 -39.77
CA ASP C 1003 14.78 -11.52 -38.98
C ASP C 1003 15.14 -12.99 -38.83
N GLY C 1004 15.20 -13.46 -37.58
CA GLY C 1004 15.62 -14.82 -37.33
C GLY C 1004 14.59 -15.87 -37.67
N ARG C 1005 13.32 -15.49 -37.76
CA ARG C 1005 12.25 -16.45 -37.98
C ARG C 1005 11.89 -16.58 -39.47
N SER C 1006 11.70 -15.46 -40.15
CA SER C 1006 11.35 -15.48 -41.57
C SER C 1006 12.57 -15.39 -42.48
N GLY C 1007 13.73 -15.01 -41.95
CA GLY C 1007 14.93 -14.89 -42.73
C GLY C 1007 15.07 -13.60 -43.51
N GLU C 1008 13.96 -12.92 -43.83
CA GLU C 1008 14.04 -11.69 -44.58
C GLU C 1008 14.67 -10.59 -43.73
N PRO C 1009 15.49 -9.72 -44.33
CA PRO C 1009 16.02 -8.58 -43.58
C PRO C 1009 14.91 -7.61 -43.23
N PHE C 1010 15.06 -6.93 -42.10
CA PHE C 1010 14.06 -5.97 -41.69
C PHE C 1010 14.04 -4.79 -42.65
N PRO C 1011 12.87 -4.21 -42.92
CA PRO C 1011 12.81 -3.17 -43.96
C PRO C 1011 13.68 -1.96 -43.69
N TYR C 1012 13.88 -1.60 -42.43
CA TYR C 1012 14.62 -0.39 -42.08
C TYR C 1012 15.71 -0.73 -41.06
N PRO C 1013 16.79 0.05 -41.03
CA PRO C 1013 17.84 -0.18 -40.04
C PRO C 1013 17.33 0.05 -38.63
N VAL C 1014 17.92 -0.67 -37.68
CA VAL C 1014 17.51 -0.64 -36.29
C VAL C 1014 18.70 -0.26 -35.42
N THR C 1015 18.45 0.57 -34.41
CA THR C 1015 19.51 0.99 -33.51
C THR C 1015 20.03 -0.21 -32.73
N VAL C 1016 21.34 -0.37 -32.69
CA VAL C 1016 22.00 -1.48 -32.02
C VAL C 1016 23.19 -0.95 -31.23
N GLY C 1017 23.43 -1.53 -30.06
CA GLY C 1017 24.58 -1.12 -29.27
C GLY C 1017 24.80 -2.06 -28.12
N TYR C 1018 25.66 -1.65 -27.19
CA TYR C 1018 25.96 -2.42 -26.00
C TYR C 1018 25.48 -1.65 -24.76
N MET C 1019 24.66 -2.30 -23.95
CA MET C 1019 24.08 -1.68 -22.77
C MET C 1019 24.44 -2.47 -21.52
N TYR C 1020 24.58 -1.76 -20.41
CA TYR C 1020 24.84 -2.37 -19.11
C TYR C 1020 23.52 -2.57 -18.38
N ILE C 1021 23.17 -3.83 -18.12
CA ILE C 1021 21.89 -4.15 -17.50
C ILE C 1021 22.14 -4.91 -16.20
N LEU C 1022 21.25 -4.68 -15.23
CA LEU C 1022 21.37 -5.19 -13.88
C LEU C 1022 20.26 -6.20 -13.62
N LYS C 1023 20.57 -7.22 -12.83
CA LYS C 1023 19.57 -8.18 -12.37
C LYS C 1023 19.11 -7.77 -10.99
N LEU C 1024 17.90 -7.22 -10.90
CA LEU C 1024 17.41 -6.72 -9.62
C LEU C 1024 17.08 -7.88 -8.68
N HIS C 1025 17.12 -7.60 -7.39
CA HIS C 1025 16.83 -8.58 -6.36
C HIS C 1025 15.34 -8.75 -6.11
N HIS C 1026 14.49 -8.09 -6.89
CA HIS C 1026 13.05 -8.18 -6.70
C HIS C 1026 12.50 -9.47 -7.32
N LEU C 1027 13.07 -10.60 -6.94
CA LEU C 1027 12.51 -11.88 -7.34
C LEU C 1027 11.22 -12.15 -6.58
N VAL C 1028 10.21 -12.66 -7.28
CA VAL C 1028 8.87 -12.79 -6.71
C VAL C 1028 8.75 -14.10 -5.95
N ASP C 1029 9.88 -14.77 -5.72
CA ASP C 1029 9.83 -16.03 -4.98
C ASP C 1029 9.16 -15.85 -3.62
N ASP C 1030 9.38 -14.70 -2.98
CA ASP C 1030 8.68 -14.36 -1.75
C ASP C 1030 7.41 -13.56 -2.00
N LYS C 1031 7.06 -13.34 -3.26
CA LYS C 1031 5.83 -12.65 -3.63
C LYS C 1031 4.84 -13.53 -4.38
N ILE C 1032 5.23 -14.76 -4.75
CA ILE C 1032 4.31 -15.71 -5.36
C ILE C 1032 3.64 -16.50 -4.25
N HIS C 1033 2.31 -16.47 -4.21
CA HIS C 1033 1.54 -17.15 -3.17
C HIS C 1033 0.43 -17.97 -3.80
N ALA C 1034 0.10 -19.07 -3.14
CA ALA C 1034 -1.03 -19.90 -3.52
C ALA C 1034 -1.57 -20.57 -2.27
N ARG C 1035 -2.90 -20.72 -2.20
CA ARG C 1035 -3.52 -21.27 -1.00
C ARG C 1035 -4.86 -21.89 -1.38
N SER C 1036 -4.98 -23.20 -1.19
CA SER C 1036 -6.28 -23.84 -1.21
C SER C 1036 -6.87 -23.94 0.19
N THR C 1037 -6.06 -24.39 1.15
CA THR C 1037 -6.42 -24.39 2.55
C THR C 1037 -5.13 -24.39 3.38
N GLY C 1038 -5.18 -23.70 4.51
CA GLY C 1038 -3.99 -23.55 5.34
C GLY C 1038 -4.31 -23.10 6.74
N PRO C 1039 -3.33 -22.46 7.40
CA PRO C 1039 -3.53 -22.06 8.80
C PRO C 1039 -4.57 -20.95 8.94
N TYR C 1040 -5.19 -20.92 10.12
CA TYR C 1040 -6.16 -19.90 10.48
C TYR C 1040 -5.77 -19.28 11.80
N SER C 1041 -6.09 -18.00 11.98
CA SER C 1041 -5.67 -17.26 13.16
C SER C 1041 -6.48 -17.66 14.38
N MET C 1042 -5.84 -17.53 15.55
CA MET C 1042 -6.51 -17.90 16.80
C MET C 1042 -7.68 -16.99 17.11
N ILE C 1043 -7.45 -15.68 17.07
CA ILE C 1043 -8.44 -14.70 17.53
C ILE C 1043 -9.54 -14.51 16.49
N THR C 1044 -9.18 -14.05 15.30
CA THR C 1044 -10.12 -13.94 14.19
C THR C 1044 -9.98 -15.19 13.33
N GLN C 1045 -11.11 -15.82 13.04
CA GLN C 1045 -11.07 -17.11 12.34
C GLN C 1045 -10.72 -16.99 10.88
N GLN C 1046 -10.30 -15.83 10.40
CA GLN C 1046 -9.95 -15.65 9.00
C GLN C 1046 -8.54 -16.16 8.73
N PRO C 1047 -8.24 -16.52 7.48
CA PRO C 1047 -6.88 -16.96 7.14
C PRO C 1047 -5.85 -15.86 7.39
N LEU C 1048 -4.64 -16.28 7.72
CA LEU C 1048 -3.51 -15.36 7.82
C LEU C 1048 -2.73 -15.38 6.51
N GLY C 1049 -1.87 -14.37 6.35
CA GLY C 1049 -1.06 -14.29 5.13
C GLY C 1049 -0.04 -13.19 5.23
N GLY C 1050 0.90 -13.22 4.27
CA GLY C 1050 1.96 -12.24 4.19
C GLY C 1050 3.14 -12.48 5.10
N LYS C 1051 3.06 -13.45 6.02
CA LYS C 1051 4.16 -13.73 6.92
C LYS C 1051 4.35 -15.21 7.17
N ALA C 1052 3.76 -16.07 6.34
CA ALA C 1052 3.87 -17.52 6.52
C ALA C 1052 3.46 -18.20 5.22
N GLN C 1053 3.66 -19.52 5.19
CA GLN C 1053 3.30 -20.29 4.02
C GLN C 1053 1.78 -20.31 3.84
N PHE C 1054 1.36 -20.40 2.58
CA PHE C 1054 -0.06 -20.50 2.24
C PHE C 1054 -0.84 -19.31 2.80
N GLY C 1055 -0.34 -18.11 2.52
CA GLY C 1055 -1.04 -16.90 2.92
C GLY C 1055 -2.26 -16.64 2.04
N GLY C 1056 -3.25 -15.99 2.64
CA GLY C 1056 -4.47 -15.65 1.92
C GLY C 1056 -4.45 -14.21 1.43
N GLN C 1057 -5.09 -13.99 0.27
CA GLN C 1057 -5.16 -12.65 -0.30
C GLN C 1057 -6.29 -11.86 0.32
N ARG C 1058 -6.09 -10.55 0.44
CA ARG C 1058 -7.04 -9.66 1.10
C ARG C 1058 -8.02 -9.13 0.06
N PHE C 1059 -9.30 -9.47 0.23
CA PHE C 1059 -10.37 -8.98 -0.65
C PHE C 1059 -10.88 -7.67 -0.06
N GLY C 1060 -10.41 -6.56 -0.61
CA GLY C 1060 -10.61 -5.25 -0.02
C GLY C 1060 -11.98 -4.67 -0.29
N GLU C 1061 -12.15 -3.43 0.16
CA GLU C 1061 -13.43 -2.75 0.04
C GLU C 1061 -13.76 -2.45 -1.42
N MET C 1062 -12.79 -1.92 -2.16
CA MET C 1062 -13.04 -1.57 -3.56
C MET C 1062 -13.38 -2.79 -4.39
N GLU C 1063 -12.82 -3.95 -4.04
CA GLU C 1063 -13.21 -5.18 -4.73
C GLU C 1063 -14.67 -5.52 -4.43
N CYS C 1064 -15.14 -5.28 -3.20
CA CYS C 1064 -16.55 -5.46 -2.90
C CYS C 1064 -17.42 -4.50 -3.70
N TRP C 1065 -16.95 -3.25 -3.85
CA TRP C 1065 -17.68 -2.31 -4.69
C TRP C 1065 -17.78 -2.82 -6.13
N ALA C 1066 -16.68 -3.36 -6.66
CA ALA C 1066 -16.72 -3.92 -8.01
C ALA C 1066 -17.69 -5.09 -8.10
N MET C 1067 -17.67 -5.96 -7.09
CA MET C 1067 -18.61 -7.08 -7.07
C MET C 1067 -20.05 -6.59 -7.10
N GLN C 1068 -20.36 -5.58 -6.29
CA GLN C 1068 -21.72 -5.05 -6.25
C GLN C 1068 -22.09 -4.38 -7.56
N ALA C 1069 -21.14 -3.66 -8.17
CA ALA C 1069 -21.40 -3.00 -9.45
C ALA C 1069 -21.69 -4.00 -10.55
N TYR C 1070 -20.97 -5.13 -10.56
CA TYR C 1070 -21.29 -6.19 -11.52
C TYR C 1070 -22.67 -6.77 -11.31
N GLY C 1071 -23.30 -6.51 -10.16
CA GLY C 1071 -24.49 -7.24 -9.79
C GLY C 1071 -24.21 -8.64 -9.33
N ALA C 1072 -22.96 -8.92 -8.97
CA ALA C 1072 -22.54 -10.28 -8.61
C ALA C 1072 -22.78 -10.49 -7.12
N ALA C 1073 -23.80 -11.30 -6.80
CA ALA C 1073 -24.19 -11.54 -5.43
C ALA C 1073 -23.58 -12.82 -4.86
N TYR C 1074 -23.74 -13.94 -5.58
CA TYR C 1074 -23.29 -15.23 -5.05
C TYR C 1074 -21.78 -15.27 -4.87
N THR C 1075 -21.03 -14.74 -5.84
CA THR C 1075 -19.58 -14.74 -5.74
C THR C 1075 -19.12 -13.97 -4.52
N LEU C 1076 -19.70 -12.77 -4.30
CA LEU C 1076 -19.32 -11.98 -3.14
C LEU C 1076 -19.66 -12.70 -1.85
N GLN C 1077 -20.85 -13.31 -1.79
CA GLN C 1077 -21.25 -14.01 -0.57
C GLN C 1077 -20.29 -15.14 -0.26
N GLU C 1078 -19.96 -15.97 -1.26
CA GLU C 1078 -19.04 -17.08 -1.00
C GLU C 1078 -17.64 -16.58 -0.67
N LEU C 1079 -17.22 -15.45 -1.25
CA LEU C 1079 -15.93 -14.89 -0.90
C LEU C 1079 -15.89 -14.43 0.55
N LEU C 1080 -16.98 -13.82 1.03
CA LEU C 1080 -16.98 -13.22 2.36
C LEU C 1080 -17.36 -14.20 3.47
N THR C 1081 -18.03 -15.30 3.15
CA THR C 1081 -18.52 -16.22 4.17
C THR C 1081 -17.84 -17.58 4.11
N ILE C 1082 -17.91 -18.27 2.97
CA ILE C 1082 -17.38 -19.63 2.89
C ILE C 1082 -15.85 -19.61 2.88
N LYS C 1083 -15.27 -18.88 1.93
CA LYS C 1083 -13.83 -18.91 1.75
C LYS C 1083 -13.06 -18.29 2.90
N SER C 1084 -13.69 -17.45 3.72
CA SER C 1084 -12.96 -16.65 4.69
C SER C 1084 -13.29 -17.00 6.13
N ASP C 1085 -14.56 -16.91 6.54
CA ASP C 1085 -14.90 -16.82 7.95
C ASP C 1085 -15.88 -17.87 8.45
N ASP C 1086 -16.69 -18.46 7.58
CA ASP C 1086 -17.70 -19.43 8.02
C ASP C 1086 -16.98 -20.69 8.47
N THR C 1087 -16.75 -20.82 9.78
CA THR C 1087 -15.97 -21.95 10.29
C THR C 1087 -16.65 -23.27 9.96
N VAL C 1088 -17.97 -23.35 10.13
CA VAL C 1088 -18.69 -24.58 9.84
C VAL C 1088 -18.71 -24.85 8.34
N GLY C 1089 -18.81 -23.80 7.51
CA GLY C 1089 -18.99 -24.01 6.09
C GLY C 1089 -17.72 -24.39 5.35
N ARG C 1090 -16.56 -24.07 5.90
CA ARG C 1090 -15.31 -24.38 5.21
C ARG C 1090 -15.12 -25.89 5.03
N VAL C 1091 -15.29 -26.64 6.12
CA VAL C 1091 -15.11 -28.09 6.05
C VAL C 1091 -16.17 -28.71 5.15
N LYS C 1092 -17.40 -28.19 5.22
CA LYS C 1092 -18.46 -28.72 4.37
C LYS C 1092 -18.15 -28.49 2.90
N VAL C 1093 -17.66 -27.30 2.55
CA VAL C 1093 -17.29 -27.03 1.16
C VAL C 1093 -16.13 -27.91 0.73
N TYR C 1094 -15.15 -28.10 1.62
CA TYR C 1094 -14.02 -28.96 1.27
C TYR C 1094 -14.45 -30.38 1.00
N GLU C 1095 -15.31 -30.95 1.86
CA GLU C 1095 -15.77 -32.31 1.64
C GLU C 1095 -16.66 -32.41 0.41
N ALA C 1096 -17.46 -31.36 0.14
CA ALA C 1096 -18.27 -31.36 -1.07
C ALA C 1096 -17.40 -31.38 -2.31
N ILE C 1097 -16.32 -30.60 -2.33
CA ILE C 1097 -15.40 -30.60 -3.46
C ILE C 1097 -14.73 -31.96 -3.59
N VAL C 1098 -14.27 -32.53 -2.48
CA VAL C 1098 -13.55 -33.80 -2.52
C VAL C 1098 -14.46 -34.91 -3.04
N LYS C 1099 -15.69 -34.97 -2.54
CA LYS C 1099 -16.62 -36.03 -2.94
C LYS C 1099 -17.29 -35.76 -4.28
N GLY C 1100 -17.08 -34.58 -4.86
CA GLY C 1100 -17.68 -34.26 -6.14
C GLY C 1100 -19.12 -33.77 -6.05
N GLU C 1101 -19.60 -33.46 -4.86
CA GLU C 1101 -20.95 -32.95 -4.68
C GLU C 1101 -20.97 -31.44 -4.83
N ASN C 1102 -22.15 -30.91 -5.16
CA ASN C 1102 -22.31 -29.48 -5.34
C ASN C 1102 -22.20 -28.76 -4.00
N ILE C 1103 -21.70 -27.53 -4.05
CA ILE C 1103 -21.37 -26.79 -2.82
C ILE C 1103 -22.67 -26.43 -2.09
N PRO C 1104 -22.72 -26.56 -0.77
CA PRO C 1104 -23.92 -26.16 -0.04
C PRO C 1104 -23.98 -24.64 0.17
N GLU C 1105 -25.11 -24.19 0.71
CA GLU C 1105 -25.28 -22.78 0.95
C GLU C 1105 -24.36 -22.30 2.07
N PRO C 1106 -23.96 -21.03 2.07
CA PRO C 1106 -23.13 -20.51 3.16
C PRO C 1106 -23.90 -20.37 4.45
N GLY C 1107 -23.15 -20.22 5.54
CA GLY C 1107 -23.70 -19.93 6.84
C GLY C 1107 -23.46 -18.49 7.26
N ILE C 1108 -23.72 -18.23 8.54
CA ILE C 1108 -23.51 -16.89 9.10
C ILE C 1108 -22.03 -16.74 9.45
N PRO C 1109 -21.34 -15.71 8.95
CA PRO C 1109 -19.93 -15.55 9.28
C PRO C 1109 -19.73 -15.31 10.78
N GLU C 1110 -18.61 -15.78 11.30
CA GLU C 1110 -18.30 -15.64 12.71
C GLU C 1110 -18.26 -14.16 13.11
N SER C 1111 -17.94 -13.29 12.14
CA SER C 1111 -17.83 -11.87 12.46
C SER C 1111 -19.14 -11.32 12.99
N PHE C 1112 -20.26 -11.67 12.35
CA PHE C 1112 -21.55 -11.14 12.76
C PHE C 1112 -21.94 -11.66 14.15
N LYS C 1113 -21.72 -12.95 14.41
CA LYS C 1113 -22.06 -13.51 15.72
C LYS C 1113 -21.21 -12.89 16.81
N VAL C 1114 -19.92 -12.68 16.54
CA VAL C 1114 -19.07 -12.00 17.50
C VAL C 1114 -19.55 -10.58 17.72
N LEU C 1115 -20.05 -9.92 16.68
CA LEU C 1115 -20.57 -8.56 16.83
C LEU C 1115 -21.78 -8.55 17.76
N LEU C 1116 -22.71 -9.49 17.56
CA LEU C 1116 -23.86 -9.56 18.46
C LEU C 1116 -23.44 -9.84 19.90
N LYS C 1117 -22.52 -10.79 20.09
CA LYS C 1117 -22.07 -11.09 21.45
C LYS C 1117 -21.40 -9.88 22.09
N GLU C 1118 -20.61 -9.14 21.31
CA GLU C 1118 -19.91 -7.97 21.82
C GLU C 1118 -20.90 -6.88 22.20
N LEU C 1119 -21.91 -6.63 21.35
CA LEU C 1119 -22.91 -5.63 21.70
C LEU C 1119 -23.68 -6.04 22.94
N GLN C 1120 -24.01 -7.33 23.07
CA GLN C 1120 -24.72 -7.80 24.26
C GLN C 1120 -23.87 -7.65 25.50
N SER C 1121 -22.56 -7.87 25.40
CA SER C 1121 -21.66 -7.74 26.53
C SER C 1121 -21.53 -6.30 27.00
N LEU C 1122 -22.02 -5.32 26.23
CA LEU C 1122 -21.91 -3.92 26.57
C LEU C 1122 -23.25 -3.34 27.02
N CYS C 1123 -24.17 -4.21 27.47
CA CYS C 1123 -25.47 -3.80 28.00
C CYS C 1123 -26.39 -3.23 26.93
N LEU C 1124 -26.24 -3.68 25.68
CA LEU C 1124 -27.11 -3.31 24.59
C LEU C 1124 -27.94 -4.52 24.18
N ASN C 1125 -29.26 -4.38 24.21
CA ASN C 1125 -30.17 -5.46 23.85
C ASN C 1125 -30.33 -5.47 22.33
N VAL C 1126 -29.61 -6.35 21.66
CA VAL C 1126 -29.61 -6.47 20.21
C VAL C 1126 -30.14 -7.84 19.85
N GLU C 1127 -31.14 -7.90 18.96
CA GLU C 1127 -31.75 -9.15 18.57
C GLU C 1127 -32.28 -9.04 17.15
N VAL C 1128 -32.47 -10.21 16.53
CA VAL C 1128 -32.97 -10.30 15.16
C VAL C 1128 -34.35 -10.93 15.21
N LEU C 1129 -35.31 -10.31 14.51
CA LEU C 1129 -36.68 -10.77 14.54
C LEU C 1129 -37.31 -10.56 13.16
N SER C 1130 -38.42 -11.26 12.93
CA SER C 1130 -39.14 -11.17 11.67
C SER C 1130 -40.63 -10.92 11.90
N VAL D 4 -32.54 -19.82 9.46
CA VAL D 4 -31.67 -18.62 9.49
C VAL D 4 -31.71 -17.91 8.13
N ASN D 5 -31.13 -16.72 8.07
CA ASN D 5 -31.04 -15.88 6.89
C ASN D 5 -32.39 -15.30 6.45
N PHE D 6 -33.47 -15.59 7.17
CA PHE D 6 -34.76 -14.96 6.93
C PHE D 6 -34.93 -13.68 7.73
N PHE D 7 -33.82 -13.07 8.17
CA PHE D 7 -33.90 -11.89 9.02
C PHE D 7 -34.67 -10.77 8.30
N ASP D 8 -35.61 -10.17 9.01
CA ASP D 8 -36.37 -9.03 8.50
C ASP D 8 -35.85 -7.70 8.98
N GLU D 9 -35.43 -7.61 10.25
CA GLU D 9 -34.88 -6.37 10.78
C GLU D 9 -34.04 -6.70 12.00
N LEU D 10 -33.21 -5.73 12.39
CA LEU D 10 -32.34 -5.84 13.56
C LEU D 10 -32.55 -4.60 14.42
N ARG D 11 -32.93 -4.79 15.67
CA ARG D 11 -33.25 -3.68 16.56
C ARG D 11 -32.30 -3.66 17.75
N ILE D 12 -31.99 -2.46 18.21
CA ILE D 12 -31.09 -2.22 19.33
C ILE D 12 -31.82 -1.35 20.35
N GLY D 13 -31.78 -1.77 21.62
CA GLY D 13 -32.47 -1.03 22.66
C GLY D 13 -31.79 -1.22 24.00
N LEU D 14 -32.24 -0.44 24.97
CA LEU D 14 -31.68 -0.51 26.31
C LEU D 14 -31.89 -1.90 26.90
N ALA D 15 -30.91 -2.38 27.65
CA ALA D 15 -30.97 -3.67 28.32
C ALA D 15 -31.07 -3.45 29.82
N THR D 16 -32.12 -3.99 30.42
CA THR D 16 -32.31 -3.89 31.87
C THR D 16 -31.59 -5.03 32.57
N ALA D 17 -31.58 -4.96 33.90
CA ALA D 17 -30.91 -5.99 34.69
C ALA D 17 -31.52 -7.36 34.43
N ASP D 18 -32.83 -7.41 34.19
CA ASP D 18 -33.49 -8.69 33.94
C ASP D 18 -32.95 -9.36 32.68
N ASP D 19 -32.76 -8.59 31.62
CA ASP D 19 -32.23 -9.16 30.38
C ASP D 19 -30.80 -9.67 30.57
N ILE D 20 -29.97 -8.90 31.28
CA ILE D 20 -28.60 -9.32 31.53
C ILE D 20 -28.57 -10.61 32.35
N ARG D 21 -29.42 -10.68 33.37
CA ARG D 21 -29.51 -11.88 34.19
C ARG D 21 -30.08 -13.07 33.43
N ASN D 22 -30.91 -12.81 32.40
CA ASN D 22 -31.43 -13.88 31.57
C ASN D 22 -30.40 -14.41 30.58
N TRP D 23 -29.55 -13.54 30.04
CA TRP D 23 -28.53 -13.99 29.11
C TRP D 23 -27.54 -14.95 29.77
N SER D 24 -27.21 -14.71 31.03
CA SER D 24 -26.11 -15.40 31.67
C SER D 24 -26.49 -16.83 32.04
N TYR D 25 -25.48 -17.70 32.07
CA TYR D 25 -25.60 -19.06 32.56
C TYR D 25 -25.10 -19.21 33.98
N GLY D 26 -24.74 -18.12 34.63
CA GLY D 26 -24.17 -18.14 35.96
C GLY D 26 -23.25 -16.95 36.16
N GLU D 27 -23.08 -16.58 37.43
CA GLU D 27 -22.32 -15.39 37.76
C GLU D 27 -20.89 -15.72 38.16
N VAL D 28 -19.99 -14.77 37.90
CA VAL D 28 -18.57 -14.91 38.23
C VAL D 28 -18.41 -14.42 39.66
N LYS D 29 -18.11 -15.33 40.59
CA LYS D 29 -18.02 -15.01 42.00
C LYS D 29 -16.60 -14.76 42.48
N LYS D 30 -15.59 -15.11 41.69
CA LYS D 30 -14.20 -14.99 42.11
C LYS D 30 -13.35 -14.50 40.96
N PRO D 31 -12.21 -13.85 41.25
CA PRO D 31 -11.44 -13.19 40.19
C PRO D 31 -10.43 -14.08 39.48
N GLU D 32 -10.06 -15.22 40.06
CA GLU D 32 -9.02 -16.05 39.48
C GLU D 32 -9.45 -16.59 38.11
N THR D 33 -8.45 -16.90 37.27
CA THR D 33 -8.72 -17.32 35.91
C THR D 33 -8.33 -18.78 35.66
N ILE D 34 -7.06 -19.12 35.88
CA ILE D 34 -6.55 -20.47 35.65
C ILE D 34 -5.52 -20.80 36.71
N ASN D 35 -5.42 -22.08 37.08
CA ASN D 35 -4.46 -22.51 38.07
C ASN D 35 -3.06 -22.58 37.46
N TYR D 36 -2.06 -22.20 38.27
CA TYR D 36 -0.70 -22.07 37.75
C TYR D 36 -0.07 -23.43 37.47
N ARG D 37 -0.39 -24.45 38.27
CA ARG D 37 0.26 -25.75 38.15
C ARG D 37 -0.36 -26.60 37.05
N THR D 38 -1.64 -26.93 37.18
CA THR D 38 -2.31 -27.85 36.25
C THR D 38 -2.89 -27.14 35.04
N LEU D 39 -2.87 -25.81 35.01
CA LEU D 39 -3.34 -25.04 33.86
C LEU D 39 -4.77 -25.43 33.50
N LYS D 40 -5.63 -25.50 34.53
CA LYS D 40 -7.04 -25.79 34.36
C LYS D 40 -7.87 -24.58 34.75
N PRO D 41 -9.03 -24.38 34.14
CA PRO D 41 -9.91 -23.29 34.57
C PRO D 41 -10.39 -23.51 36.00
N GLU D 42 -10.48 -22.42 36.75
CA GLU D 42 -10.75 -22.54 38.18
C GLU D 42 -12.23 -22.69 38.44
N LYS D 43 -12.57 -23.00 39.70
CA LYS D 43 -13.90 -23.48 40.02
C LYS D 43 -14.97 -22.44 39.70
N ASP D 44 -14.76 -21.19 40.11
CA ASP D 44 -15.72 -20.12 39.88
C ASP D 44 -15.07 -18.88 39.26
N GLY D 45 -13.97 -19.05 38.53
CA GLY D 45 -13.24 -17.93 37.99
C GLY D 45 -13.84 -17.40 36.70
N LEU D 46 -13.10 -16.48 36.09
CA LEU D 46 -13.53 -15.88 34.82
C LEU D 46 -13.52 -16.87 33.67
N PHE D 47 -12.88 -18.04 33.84
CA PHE D 47 -12.80 -19.06 32.80
C PHE D 47 -13.49 -20.34 33.20
N CYS D 48 -14.40 -20.30 34.18
CA CYS D 48 -15.03 -21.51 34.69
C CYS D 48 -15.75 -22.26 33.57
N GLU D 49 -15.60 -23.59 33.58
CA GLU D 49 -16.30 -24.43 32.62
C GLU D 49 -17.77 -24.64 32.99
N LYS D 50 -18.10 -24.62 34.28
CA LYS D 50 -19.51 -24.73 34.67
C LYS D 50 -20.32 -23.58 34.11
N ILE D 51 -19.73 -22.39 34.00
CA ILE D 51 -20.45 -21.23 33.50
C ILE D 51 -20.42 -21.20 31.98
N PHE D 52 -19.22 -21.18 31.40
CA PHE D 52 -19.05 -20.91 29.97
C PHE D 52 -18.91 -22.16 29.12
N GLY D 53 -18.98 -23.35 29.71
CA GLY D 53 -18.98 -24.57 28.94
C GLY D 53 -17.67 -25.34 28.99
N PRO D 54 -17.69 -26.58 28.52
CA PRO D 54 -16.50 -27.43 28.63
C PRO D 54 -15.35 -26.95 27.76
N THR D 55 -14.14 -27.30 28.18
CA THR D 55 -12.94 -26.95 27.43
C THR D 55 -12.61 -27.96 26.34
N ARG D 56 -13.08 -29.20 26.47
CA ARG D 56 -12.80 -30.26 25.51
C ARG D 56 -14.10 -30.86 25.02
N ASP D 57 -14.14 -31.20 23.74
CA ASP D 57 -15.39 -31.61 23.10
C ASP D 57 -16.00 -32.81 23.81
N TRP D 58 -17.29 -32.71 24.14
CA TRP D 58 -18.05 -33.80 24.74
C TRP D 58 -17.29 -34.45 25.89
N GLU D 59 -16.55 -33.65 26.64
CA GLU D 59 -15.77 -34.12 27.78
C GLU D 59 -16.03 -33.22 28.98
N CYS D 60 -16.11 -33.83 30.16
CA CYS D 60 -16.36 -33.08 31.38
C CYS D 60 -15.05 -32.58 31.98
N TYR D 61 -15.17 -31.60 32.88
CA TYR D 61 -13.99 -31.08 33.56
C TYR D 61 -13.30 -32.15 34.38
N CYS D 62 -14.07 -32.97 35.08
CA CYS D 62 -13.52 -34.04 35.91
C CYS D 62 -13.29 -35.34 35.15
N GLY D 63 -13.66 -35.40 33.88
CA GLY D 63 -13.44 -36.58 33.07
C GLY D 63 -14.42 -37.70 33.29
N LYS D 64 -15.44 -37.51 34.14
CA LYS D 64 -16.40 -38.57 34.38
C LYS D 64 -17.19 -38.91 33.12
N TYR D 65 -17.56 -37.90 32.33
CA TYR D 65 -18.28 -38.09 31.08
C TYR D 65 -17.42 -37.58 29.93
N LYS D 66 -17.05 -38.50 29.03
CA LYS D 66 -16.18 -38.15 27.90
C LYS D 66 -16.66 -38.83 26.63
N ARG D 67 -17.97 -39.02 26.49
CA ARG D 67 -18.51 -39.72 25.33
C ARG D 67 -19.67 -38.93 24.76
N VAL D 68 -19.75 -38.88 23.43
CA VAL D 68 -20.78 -38.09 22.76
C VAL D 68 -22.18 -38.58 23.12
N ARG D 69 -22.32 -39.82 23.57
CA ARG D 69 -23.63 -40.32 23.97
C ARG D 69 -24.23 -39.45 25.06
N PHE D 70 -23.39 -38.80 25.86
CA PHE D 70 -23.84 -37.97 26.97
C PHE D 70 -24.14 -36.53 26.55
N LYS D 71 -24.42 -36.29 25.26
CA LYS D 71 -24.67 -34.94 24.79
C LYS D 71 -25.80 -34.29 25.59
N GLY D 72 -25.55 -33.08 26.06
CA GLY D 72 -26.51 -32.35 26.84
C GLY D 72 -26.56 -32.73 28.31
N ILE D 73 -25.74 -33.68 28.75
CA ILE D 73 -25.78 -34.13 30.14
C ILE D 73 -25.00 -33.16 31.01
N ILE D 74 -25.59 -32.80 32.15
CA ILE D 74 -24.91 -31.98 33.15
C ILE D 74 -24.31 -32.91 34.19
N CYS D 75 -22.99 -32.82 34.37
CA CYS D 75 -22.31 -33.67 35.33
C CYS D 75 -22.79 -33.35 36.74
N GLU D 76 -23.36 -34.35 37.41
CA GLU D 76 -23.82 -34.15 38.77
C GLU D 76 -22.68 -33.85 39.74
N ARG D 77 -21.45 -34.25 39.40
CA ARG D 77 -20.34 -34.04 40.32
C ARG D 77 -19.89 -32.59 40.32
N CYS D 78 -19.81 -31.96 39.14
CA CYS D 78 -19.29 -30.61 39.05
C CYS D 78 -20.11 -29.68 38.16
N GLY D 79 -21.19 -30.14 37.53
CA GLY D 79 -22.10 -29.27 36.83
C GLY D 79 -21.69 -28.85 35.43
N VAL D 80 -20.57 -29.36 34.92
CA VAL D 80 -20.14 -29.00 33.57
C VAL D 80 -20.99 -29.75 32.55
N GLU D 81 -21.44 -29.02 31.52
CA GLU D 81 -22.28 -29.61 30.50
C GLU D 81 -21.43 -30.31 29.45
N VAL D 82 -21.93 -31.44 28.96
CA VAL D 82 -21.23 -32.21 27.93
C VAL D 82 -21.67 -31.65 26.57
N THR D 83 -20.78 -30.87 25.94
CA THR D 83 -21.08 -30.27 24.65
C THR D 83 -19.77 -29.85 24.00
N ARG D 84 -19.87 -29.44 22.73
CA ARG D 84 -18.68 -29.04 21.99
C ARG D 84 -18.07 -27.80 22.61
N ALA D 85 -16.74 -27.73 22.57
CA ALA D 85 -16.03 -26.61 23.19
C ALA D 85 -16.35 -25.28 22.52
N LYS D 86 -16.93 -25.31 21.31
CA LYS D 86 -17.22 -24.08 20.61
C LYS D 86 -18.23 -23.21 21.36
N VAL D 87 -18.98 -23.80 22.30
CA VAL D 87 -19.96 -23.03 23.06
C VAL D 87 -19.30 -21.95 23.90
N ARG D 88 -18.00 -22.08 24.18
CA ARG D 88 -17.31 -21.06 24.95
C ARG D 88 -17.18 -19.74 24.21
N ARG D 89 -17.55 -19.69 22.93
CA ARG D 89 -17.64 -18.45 22.18
C ARG D 89 -19.02 -17.81 22.24
N GLU D 90 -19.97 -18.44 22.94
CA GLU D 90 -21.35 -17.98 22.97
C GLU D 90 -21.89 -17.79 24.38
N ARG D 91 -21.51 -18.65 25.32
CA ARG D 91 -22.06 -18.59 26.67
C ARG D 91 -21.60 -17.31 27.37
N MET D 92 -22.51 -16.70 28.11
CA MET D 92 -22.26 -15.44 28.81
C MET D 92 -22.47 -15.60 30.31
N GLY D 93 -21.80 -14.73 31.07
CA GLY D 93 -21.98 -14.64 32.49
C GLY D 93 -22.36 -13.22 32.90
N HIS D 94 -22.51 -13.03 34.21
CA HIS D 94 -22.87 -11.74 34.76
C HIS D 94 -22.30 -11.60 36.16
N ILE D 95 -22.28 -10.37 36.66
CA ILE D 95 -21.72 -10.05 37.97
C ILE D 95 -22.76 -9.23 38.71
N GLU D 96 -23.42 -9.87 39.70
CA GLU D 96 -24.33 -9.14 40.58
C GLU D 96 -23.51 -8.36 41.60
N LEU D 97 -23.52 -7.04 41.48
CA LEU D 97 -22.68 -6.17 42.31
C LEU D 97 -23.53 -5.56 43.42
N ALA D 98 -22.91 -5.34 44.57
CA ALA D 98 -23.64 -4.97 45.79
C ALA D 98 -24.42 -3.68 45.65
N ALA D 99 -23.86 -2.67 44.97
CA ALA D 99 -24.49 -1.37 44.86
C ALA D 99 -24.69 -1.00 43.41
N PRO D 100 -25.77 -0.31 43.06
CA PRO D 100 -25.99 0.06 41.65
C PRO D 100 -24.92 1.00 41.14
N VAL D 101 -24.67 0.91 39.84
CA VAL D 101 -23.69 1.75 39.16
C VAL D 101 -24.31 2.26 37.87
N THR D 102 -24.10 3.54 37.58
CA THR D 102 -24.63 4.14 36.37
C THR D 102 -23.84 3.69 35.14
N HIS D 103 -24.53 3.56 34.02
CA HIS D 103 -23.87 3.26 32.76
C HIS D 103 -23.22 4.52 32.22
N ILE D 104 -21.90 4.47 32.01
CA ILE D 104 -21.14 5.69 31.74
C ILE D 104 -21.56 6.32 30.41
N TRP D 105 -22.06 5.53 29.47
CA TRP D 105 -22.44 6.08 28.17
C TRP D 105 -23.44 7.22 28.31
N TYR D 106 -24.29 7.18 29.32
CA TYR D 106 -25.36 8.17 29.45
C TYR D 106 -25.02 9.26 30.46
N PHE D 107 -23.98 9.09 31.27
CA PHE D 107 -23.53 10.15 32.16
C PHE D 107 -22.68 11.15 31.37
N LYS D 108 -21.57 10.68 30.79
CA LYS D 108 -20.71 11.51 29.97
C LYS D 108 -21.08 11.44 28.49
N GLY D 109 -22.34 11.65 28.15
CA GLY D 109 -22.77 11.51 26.77
C GLY D 109 -22.41 12.68 25.89
N VAL D 110 -22.39 13.89 26.45
CA VAL D 110 -22.14 15.10 25.67
C VAL D 110 -23.11 15.14 24.50
N PRO D 111 -24.41 15.40 24.70
CA PRO D 111 -25.02 15.77 25.99
C PRO D 111 -25.19 14.62 26.96
N SER D 112 -25.28 14.93 28.25
CA SER D 112 -25.53 13.93 29.28
C SER D 112 -27.01 13.58 29.28
N ARG D 113 -27.37 12.49 28.61
CA ARG D 113 -28.78 12.12 28.49
C ARG D 113 -29.41 11.94 29.86
N LEU D 114 -28.67 11.38 30.82
CA LEU D 114 -29.21 11.19 32.15
C LEU D 114 -29.65 12.52 32.77
N GLY D 115 -28.76 13.51 32.75
CA GLY D 115 -29.09 14.80 33.33
C GLY D 115 -30.23 15.48 32.59
N TYR D 116 -30.22 15.41 31.26
CA TYR D 116 -31.32 15.97 30.48
C TYR D 116 -32.64 15.32 30.86
N LEU D 117 -32.63 14.03 31.19
CA LEU D 117 -33.87 13.35 31.58
C LEU D 117 -34.31 13.78 32.97
N LEU D 118 -33.44 13.63 33.96
CA LEU D 118 -33.80 13.93 35.34
C LEU D 118 -33.49 15.37 35.73
N ASP D 119 -33.04 16.19 34.79
CA ASP D 119 -32.97 17.64 34.98
C ASP D 119 -31.96 18.04 36.04
N LEU D 120 -30.72 17.60 35.90
CA LEU D 120 -29.59 18.18 36.62
C LEU D 120 -28.45 18.39 35.64
N ALA D 121 -27.78 19.53 35.78
CA ALA D 121 -26.77 19.93 34.81
C ALA D 121 -25.49 19.13 34.99
N PRO D 122 -24.66 19.04 33.95
CA PRO D 122 -23.36 18.38 34.11
C PRO D 122 -22.47 19.16 35.07
N LYS D 123 -21.55 18.44 35.70
CA LYS D 123 -20.69 18.91 36.78
C LYS D 123 -21.44 18.94 38.10
N ASP D 124 -22.75 18.66 38.09
CA ASP D 124 -23.53 18.43 39.30
C ASP D 124 -23.79 16.95 39.51
N LEU D 125 -24.21 16.24 38.46
CA LEU D 125 -24.28 14.79 38.53
C LEU D 125 -22.90 14.18 38.74
N GLU D 126 -21.85 14.85 38.28
CA GLU D 126 -20.49 14.36 38.50
C GLU D 126 -20.19 14.26 40.00
N LYS D 127 -20.56 15.30 40.76
CA LYS D 127 -20.41 15.24 42.21
C LYS D 127 -21.36 14.22 42.82
N ILE D 128 -22.57 14.12 42.28
CA ILE D 128 -23.53 13.13 42.78
C ILE D 128 -22.97 11.72 42.59
N ILE D 129 -22.51 11.41 41.39
CA ILE D 129 -22.20 10.04 41.03
C ILE D 129 -21.01 9.53 41.84
N TYR D 130 -19.97 10.36 41.98
CA TYR D 130 -18.68 9.93 42.50
C TYR D 130 -18.50 10.33 43.97
N PHE D 131 -19.60 10.47 44.70
CA PHE D 131 -19.58 10.57 46.16
C PHE D 131 -18.84 11.83 46.62
N ALA D 132 -19.28 12.98 46.11
CA ALA D 132 -18.70 14.26 46.48
C ALA D 132 -19.73 15.30 46.90
N ALA D 133 -21.02 14.96 46.92
CA ALA D 133 -22.05 15.90 47.32
C ALA D 133 -23.35 15.15 47.55
N TYR D 134 -24.04 15.51 48.63
CA TYR D 134 -25.32 14.89 48.96
C TYR D 134 -26.43 15.50 48.11
N VAL D 135 -27.54 14.77 48.00
CA VAL D 135 -28.71 15.27 47.30
C VAL D 135 -29.97 14.71 47.98
N ILE D 136 -30.96 15.58 48.14
CA ILE D 136 -32.22 15.19 48.76
C ILE D 136 -33.09 14.52 47.71
N THR D 137 -33.52 13.28 47.99
CA THR D 137 -34.35 12.53 47.05
C THR D 137 -35.84 12.63 47.35
N SER D 138 -36.22 13.08 48.53
CA SER D 138 -37.63 13.18 48.90
C SER D 138 -37.80 14.15 50.04
N VAL D 139 -38.80 15.02 49.91
CA VAL D 139 -39.18 15.95 50.97
C VAL D 139 -40.68 15.77 51.21
N ASP D 140 -41.04 15.43 52.44
CA ASP D 140 -42.44 15.19 52.81
C ASP D 140 -43.08 16.53 53.17
N ASP D 141 -43.58 17.20 52.13
CA ASP D 141 -44.15 18.53 52.33
C ASP D 141 -45.34 18.49 53.27
N GLU D 142 -46.26 17.55 53.06
CA GLU D 142 -47.43 17.45 53.92
C GLU D 142 -47.03 17.10 55.34
N MET D 143 -46.09 16.15 55.50
CA MET D 143 -45.70 15.72 56.84
C MET D 143 -45.05 16.86 57.62
N ARG D 144 -44.14 17.60 56.99
CA ARG D 144 -43.47 18.69 57.70
C ARG D 144 -44.43 19.84 57.95
N HIS D 145 -45.33 20.11 57.00
CA HIS D 145 -46.32 21.17 57.21
C HIS D 145 -47.22 20.87 58.40
N ASN D 146 -47.40 19.59 58.73
CA ASN D 146 -48.24 19.22 59.85
C ASN D 146 -47.70 19.72 61.18
N GLU D 147 -46.40 20.05 61.25
CA GLU D 147 -45.80 20.46 62.52
C GLU D 147 -44.84 21.64 62.35
N LEU D 148 -44.95 22.40 61.27
CA LEU D 148 -43.96 23.45 61.01
C LEU D 148 -43.90 24.46 62.15
N SER D 149 -45.07 24.84 62.69
CA SER D 149 -45.09 25.83 63.77
C SER D 149 -44.49 25.25 65.05
N THR D 150 -44.89 24.04 65.42
CA THR D 150 -44.21 23.37 66.53
C THR D 150 -42.71 23.24 66.26
N LEU D 151 -42.34 22.99 65.01
CA LEU D 151 -40.92 22.90 64.68
C LEU D 151 -40.24 24.28 64.83
N GLU D 152 -40.95 25.34 64.48
CA GLU D 152 -40.41 26.70 64.68
C GLU D 152 -40.16 26.96 66.16
N ALA D 153 -41.11 26.57 67.01
CA ALA D 153 -40.93 26.75 68.44
C ALA D 153 -39.76 25.92 68.96
N GLU D 154 -39.60 24.71 68.42
CA GLU D 154 -38.45 23.89 68.82
C GLU D 154 -37.13 24.59 68.45
N MET D 155 -37.04 25.16 67.25
CA MET D 155 -35.83 25.90 66.90
C MET D 155 -35.64 27.12 67.78
N ALA D 156 -36.73 27.79 68.15
CA ALA D 156 -36.64 28.95 69.02
C ALA D 156 -36.06 28.57 70.38
N VAL D 157 -36.54 27.47 70.96
CA VAL D 157 -35.99 27.04 72.25
C VAL D 157 -34.55 26.56 72.09
N GLU D 158 -34.22 25.97 70.93
CA GLU D 158 -32.83 25.59 70.69
C GLU D 158 -31.93 26.82 70.72
N LYS D 159 -32.38 27.92 70.11
CA LYS D 159 -31.60 29.16 70.17
C LYS D 159 -31.59 29.76 71.56
N LYS D 160 -32.67 29.61 72.32
CA LYS D 160 -32.68 30.07 73.71
C LYS D 160 -31.64 29.32 74.53
N ALA D 161 -31.42 28.04 74.21
CA ALA D 161 -30.40 27.27 74.92
C ALA D 161 -29.03 27.92 74.81
N VAL D 162 -28.73 28.54 73.66
CA VAL D 162 -27.47 29.25 73.50
C VAL D 162 -27.55 30.66 74.07
N GLU D 163 -28.72 31.29 73.98
CA GLU D 163 -28.89 32.64 74.52
C GLU D 163 -28.61 32.68 76.01
N ASP D 164 -29.19 31.74 76.75
CA ASP D 164 -28.99 31.70 78.20
C ASP D 164 -27.52 31.45 78.54
N GLN D 165 -26.87 30.54 77.81
CA GLN D 165 -25.46 30.27 78.05
C GLN D 165 -24.62 31.50 77.79
N ARG D 166 -24.92 32.23 76.71
CA ARG D 166 -24.18 33.45 76.41
C ARG D 166 -24.37 34.48 77.51
N ASP D 167 -25.61 34.64 78.00
CA ASP D 167 -25.85 35.61 79.07
C ASP D 167 -25.08 35.24 80.32
N ALA D 168 -25.11 33.95 80.69
CA ALA D 168 -24.39 33.51 81.88
C ALA D 168 -22.89 33.71 81.72
N ASP D 169 -22.35 33.39 80.54
CA ASP D 169 -20.92 33.57 80.32
C ASP D 169 -20.53 35.04 80.39
N LEU D 170 -21.34 35.93 79.82
CA LEU D 170 -21.03 37.36 79.90
C LEU D 170 -21.10 37.87 81.33
N GLU D 171 -22.09 37.41 82.10
CA GLU D 171 -22.16 37.82 83.50
C GLU D 171 -20.95 37.33 84.28
N ALA D 172 -20.54 36.07 84.04
CA ALA D 172 -19.35 35.55 84.71
C ALA D 172 -18.11 36.34 84.33
N ARG D 173 -17.99 36.70 83.05
CA ARG D 173 -16.85 37.50 82.62
C ARG D 173 -16.84 38.87 83.29
N ALA D 174 -18.01 39.51 83.40
CA ALA D 174 -18.07 40.79 84.09
C ALA D 174 -17.66 40.65 85.56
N GLN D 175 -18.16 39.60 86.22
CA GLN D 175 -17.80 39.37 87.63
C GLN D 175 -16.29 39.15 87.77
N LYS D 176 -15.70 38.36 86.87
CA LYS D 176 -14.27 38.13 86.92
C LYS D 176 -13.49 39.42 86.67
N LEU D 177 -13.99 40.25 85.75
CA LEU D 177 -13.36 41.55 85.51
C LEU D 177 -13.38 42.40 86.77
N GLU D 178 -14.50 42.39 87.50
CA GLU D 178 -14.54 43.09 88.78
C GLU D 178 -13.54 42.50 89.76
N ALA D 179 -13.44 41.17 89.81
CA ALA D 179 -12.46 40.52 90.68
C ALA D 179 -11.04 40.85 90.23
N ASP D 180 -10.80 40.81 88.92
CA ASP D 180 -9.47 41.16 88.41
C ASP D 180 -9.14 42.61 88.72
N LEU D 181 -10.13 43.50 88.63
CA LEU D 181 -9.90 44.90 88.95
C LEU D 181 -9.46 45.06 90.40
N ALA D 182 -10.11 44.34 91.31
CA ALA D 182 -9.81 44.50 92.73
C ALA D 182 -8.40 44.04 93.06
N GLU D 183 -7.97 42.90 92.52
CA GLU D 183 -6.73 42.27 92.93
C GLU D 183 -5.50 42.78 92.19
N LEU D 184 -5.67 43.63 91.18
CA LEU D 184 -4.55 44.16 90.42
C LEU D 184 -4.53 45.67 90.32
N GLU D 185 -5.70 46.34 90.29
CA GLU D 185 -5.73 47.79 90.17
C GLU D 185 -5.33 48.50 91.45
N ALA D 186 -5.46 47.85 92.61
CA ALA D 186 -5.17 48.51 93.86
C ALA D 186 -3.71 48.94 93.95
N GLU D 187 -2.79 48.07 93.54
CA GLU D 187 -1.37 48.39 93.62
C GLU D 187 -1.00 49.48 92.62
N GLY D 188 -0.04 50.32 93.02
CA GLY D 188 0.49 51.33 92.13
C GLY D 188 1.54 50.76 91.20
N ALA D 189 1.21 49.67 90.52
CA ALA D 189 2.14 48.99 89.65
C ALA D 189 2.23 49.70 88.30
N LYS D 190 3.12 49.20 87.45
CA LYS D 190 3.32 49.80 86.13
C LYS D 190 2.05 49.69 85.31
N SER D 191 1.89 50.65 84.37
CA SER D 191 0.64 50.73 83.62
C SER D 191 0.32 49.42 82.90
N ASP D 192 1.33 48.68 82.47
CA ASP D 192 1.07 47.41 81.80
C ASP D 192 0.38 46.43 82.73
N VAL D 193 0.71 46.46 84.02
CA VAL D 193 0.03 45.59 84.99
C VAL D 193 -1.46 45.91 85.04
N ARG D 194 -1.83 47.14 84.71
CA ARG D 194 -3.24 47.55 84.73
C ARG D 194 -3.92 47.29 83.40
N ARG D 195 -3.24 47.58 82.29
CA ARG D 195 -3.85 47.43 80.98
C ARG D 195 -4.07 45.97 80.61
N LYS D 196 -3.30 45.06 81.21
CA LYS D 196 -3.45 43.64 80.88
C LYS D 196 -4.84 43.14 81.24
N VAL D 197 -5.40 43.57 82.37
CA VAL D 197 -6.72 43.11 82.77
C VAL D 197 -7.76 43.61 81.79
N ARG D 198 -7.69 44.88 81.39
CA ARG D 198 -8.63 45.40 80.40
C ARG D 198 -8.53 44.62 79.09
N ASP D 199 -7.30 44.40 78.63
CA ASP D 199 -7.10 43.68 77.37
C ASP D 199 -7.72 42.30 77.45
N SER D 200 -7.38 41.55 78.50
CA SER D 200 -7.89 40.18 78.63
C SER D 200 -9.41 40.16 78.73
N GLY D 201 -9.98 41.04 79.55
CA GLY D 201 -11.42 41.07 79.72
C GLY D 201 -12.16 41.42 78.45
N GLU D 202 -11.71 42.46 77.76
CA GLU D 202 -12.38 42.87 76.52
C GLU D 202 -12.23 41.79 75.45
N ARG D 203 -11.06 41.17 75.36
CA ARG D 203 -10.86 40.10 74.39
C ARG D 203 -11.77 38.92 74.71
N GLU D 204 -11.94 38.61 76.00
CA GLU D 204 -12.85 37.53 76.38
C GLU D 204 -14.29 37.86 76.04
N MET D 205 -14.71 39.10 76.28
CA MET D 205 -16.07 39.49 75.89
C MET D 205 -16.26 39.36 74.38
N ARG D 206 -15.27 39.83 73.60
CA ARG D 206 -15.37 39.72 72.15
C ARG D 206 -15.43 38.27 71.71
N GLN D 207 -14.61 37.40 72.32
CA GLN D 207 -14.61 35.99 71.95
C GLN D 207 -15.95 35.35 72.29
N LEU D 208 -16.50 35.64 73.47
CA LEU D 208 -17.78 35.06 73.87
C LEU D 208 -18.89 35.50 72.93
N ARG D 209 -18.95 36.80 72.63
CA ARG D 209 -19.99 37.29 71.73
C ARG D 209 -19.81 36.74 70.32
N ASP D 210 -18.57 36.60 69.86
CA ASP D 210 -18.33 35.99 68.55
C ASP D 210 -18.77 34.54 68.51
N ARG D 211 -18.49 33.79 69.58
CA ARG D 211 -18.96 32.41 69.65
C ARG D 211 -20.48 32.35 69.60
N ALA D 212 -21.14 33.21 70.37
CA ALA D 212 -22.60 33.23 70.36
C ALA D 212 -23.14 33.58 68.97
N GLN D 213 -22.53 34.58 68.33
CA GLN D 213 -22.99 35.00 67.00
C GLN D 213 -22.77 33.90 65.97
N ARG D 214 -21.63 33.19 66.04
CA ARG D 214 -21.39 32.11 65.11
C ARG D 214 -22.37 30.96 65.34
N GLU D 215 -22.70 30.68 66.60
CA GLU D 215 -23.71 29.67 66.88
C GLU D 215 -25.07 30.08 66.32
N LEU D 216 -25.44 31.36 66.47
CA LEU D 216 -26.69 31.83 65.91
C LEU D 216 -26.69 31.71 64.39
N ASP D 217 -25.55 32.03 63.76
CA ASP D 217 -25.44 31.88 62.32
C ASP D 217 -25.60 30.42 61.92
N ARG D 218 -25.04 29.50 62.70
CA ARG D 218 -25.19 28.08 62.42
C ARG D 218 -26.67 27.67 62.48
N LEU D 219 -27.37 28.08 63.53
CA LEU D 219 -28.78 27.69 63.64
C LEU D 219 -29.60 28.33 62.51
N ASP D 220 -29.32 29.58 62.17
CA ASP D 220 -30.02 30.22 61.06
C ASP D 220 -29.76 29.49 59.75
N GLU D 221 -28.52 29.07 59.52
CA GLU D 221 -28.20 28.32 58.31
C GLU D 221 -28.98 27.01 58.28
N ILE D 222 -29.02 26.30 59.40
CA ILE D 222 -29.76 25.04 59.45
C ILE D 222 -31.22 25.27 59.13
N TRP D 223 -31.84 26.28 59.78
CA TRP D 223 -33.26 26.53 59.56
C TRP D 223 -33.54 26.95 58.13
N ASN D 224 -32.68 27.81 57.57
CA ASN D 224 -32.90 28.28 56.20
C ASN D 224 -32.75 27.14 55.19
N THR D 225 -31.75 26.28 55.39
CA THR D 225 -31.57 25.15 54.48
C THR D 225 -32.63 24.09 54.67
N PHE D 226 -33.29 24.04 55.81
CA PHE D 226 -34.42 23.13 55.96
C PHE D 226 -35.69 23.69 55.32
N THR D 227 -36.02 24.95 55.59
CA THR D 227 -37.31 25.48 55.15
C THR D 227 -37.43 25.46 53.63
N LYS D 228 -36.34 25.77 52.93
CA LYS D 228 -36.33 25.77 51.48
C LYS D 228 -35.92 24.43 50.89
N LEU D 229 -35.86 23.38 51.71
CA LEU D 229 -35.48 22.07 51.21
C LEU D 229 -36.50 21.55 50.20
N ALA D 230 -36.00 20.85 49.19
CA ALA D 230 -36.81 20.33 48.10
C ALA D 230 -36.11 19.12 47.50
N PRO D 231 -36.84 18.25 46.80
CA PRO D 231 -36.17 17.15 46.11
C PRO D 231 -35.24 17.65 45.02
N LYS D 232 -34.16 16.88 44.80
CA LYS D 232 -33.12 17.20 43.82
C LYS D 232 -32.30 18.43 44.20
N GLN D 233 -32.34 18.82 45.48
CA GLN D 233 -31.49 19.89 45.97
C GLN D 233 -30.11 19.35 46.34
N LEU D 234 -29.09 20.15 46.07
CA LEU D 234 -27.71 19.75 46.26
C LEU D 234 -27.14 20.36 47.53
N ILE D 235 -26.44 19.56 48.33
CA ILE D 235 -25.79 19.99 49.56
C ILE D 235 -24.33 19.57 49.48
N VAL D 236 -23.42 20.51 49.75
CA VAL D 236 -21.99 20.25 49.65
C VAL D 236 -21.40 20.08 51.04
N ASP D 237 -21.94 20.81 52.01
CA ASP D 237 -21.44 20.73 53.38
C ASP D 237 -21.81 19.39 54.00
N GLU D 238 -20.84 18.73 54.61
CA GLU D 238 -21.10 17.42 55.20
C GLU D 238 -21.80 17.54 56.55
N VAL D 239 -21.20 18.27 57.48
CA VAL D 239 -21.78 18.40 58.82
C VAL D 239 -23.16 19.05 58.76
N LEU D 240 -23.41 19.88 57.75
CA LEU D 240 -24.75 20.45 57.59
C LEU D 240 -25.78 19.35 57.36
N TYR D 241 -25.45 18.36 56.53
CA TYR D 241 -26.38 17.25 56.33
C TYR D 241 -26.58 16.46 57.61
N ARG D 242 -25.52 16.32 58.42
CA ARG D 242 -25.69 15.63 59.69
C ARG D 242 -26.65 16.39 60.59
N GLU D 243 -26.53 17.72 60.62
CA GLU D 243 -27.44 18.53 61.43
C GLU D 243 -28.88 18.37 60.95
N LEU D 244 -29.10 18.49 59.65
CA LEU D 244 -30.46 18.33 59.12
C LEU D 244 -31.01 16.94 59.42
N GLN D 245 -30.20 15.91 59.23
CA GLN D 245 -30.67 14.55 59.49
C GLN D 245 -31.03 14.36 60.95
N ASP D 246 -30.18 14.82 61.86
CA ASP D 246 -30.47 14.65 63.29
C ASP D 246 -31.71 15.44 63.70
N ARG D 247 -31.88 16.65 63.19
CA ARG D 247 -33.02 17.47 63.59
C ARG D 247 -34.33 16.99 62.97
N TYR D 248 -34.31 16.59 61.70
CA TYR D 248 -35.53 16.49 60.92
C TYR D 248 -35.60 15.23 60.07
N GLY D 249 -34.86 14.18 60.46
CA GLY D 249 -34.69 13.02 59.59
C GLY D 249 -35.97 12.28 59.26
N GLU D 250 -37.04 12.50 60.02
CA GLU D 250 -38.29 11.79 59.79
C GLU D 250 -39.12 12.37 58.66
N TYR D 251 -38.79 13.59 58.20
CA TYR D 251 -39.61 14.29 57.21
C TYR D 251 -38.87 14.55 55.91
N PHE D 252 -37.66 14.01 55.73
CA PHE D 252 -36.95 14.16 54.47
C PHE D 252 -35.97 13.00 54.33
N THR D 253 -35.58 12.74 53.08
CA THR D 253 -34.66 11.66 52.76
C THR D 253 -33.60 12.18 51.80
N GLY D 254 -32.35 11.84 52.08
CA GLY D 254 -31.25 12.22 51.22
C GLY D 254 -30.32 11.04 50.99
N ALA D 255 -29.52 11.15 49.92
CA ALA D 255 -28.62 10.09 49.55
C ALA D 255 -27.49 10.68 48.71
N MET D 256 -26.51 9.83 48.40
CA MET D 256 -25.36 10.21 47.58
C MET D 256 -24.89 8.99 46.81
N GLY D 257 -24.32 9.23 45.64
CA GLY D 257 -23.91 8.14 44.76
C GLY D 257 -25.02 7.70 43.83
N ALA D 258 -24.72 6.65 43.06
CA ALA D 258 -25.68 6.16 42.07
C ALA D 258 -26.96 5.65 42.71
N GLU D 259 -26.91 5.23 43.97
CA GLU D 259 -28.14 4.84 44.66
C GLU D 259 -29.10 6.01 44.74
N SER D 260 -28.59 7.22 44.97
CA SER D 260 -29.45 8.40 44.98
C SER D 260 -30.13 8.60 43.63
N ILE D 261 -29.37 8.41 42.55
CA ILE D 261 -29.94 8.57 41.21
C ILE D 261 -31.02 7.52 40.96
N LYS D 262 -30.76 6.27 41.35
CA LYS D 262 -31.76 5.22 41.17
C LYS D 262 -33.04 5.56 41.94
N LYS D 263 -32.91 5.97 43.20
CA LYS D 263 -34.07 6.35 43.98
C LYS D 263 -34.78 7.54 43.37
N LEU D 264 -34.03 8.49 42.82
CA LEU D 264 -34.62 9.68 42.21
C LEU D 264 -35.46 9.30 41.00
N ILE D 265 -34.96 8.41 40.16
CA ILE D 265 -35.68 8.05 38.94
C ILE D 265 -36.75 6.99 39.20
N GLU D 266 -36.71 6.32 40.37
CA GLU D 266 -37.66 5.26 40.63
C GLU D 266 -39.11 5.72 40.45
N ASN D 267 -39.47 6.84 41.10
CA ASN D 267 -40.83 7.36 41.03
C ASN D 267 -40.94 8.60 40.15
N PHE D 268 -39.97 8.80 39.26
CA PHE D 268 -40.00 9.93 38.34
C PHE D 268 -41.04 9.69 37.25
N ASP D 269 -41.88 10.70 37.00
CA ASP D 269 -42.94 10.59 36.00
C ASP D 269 -42.46 11.24 34.71
N ILE D 270 -42.44 10.45 33.63
CA ILE D 270 -41.92 10.95 32.36
C ILE D 270 -42.88 11.97 31.75
N ASP D 271 -44.19 11.74 31.87
CA ASP D 271 -45.16 12.58 31.18
C ASP D 271 -45.06 14.03 31.63
N ALA D 272 -44.85 14.26 32.93
CA ALA D 272 -44.84 15.62 33.44
C ALA D 272 -43.72 16.44 32.81
N GLU D 273 -42.52 15.88 32.71
CA GLU D 273 -41.42 16.61 32.09
C GLU D 273 -41.70 16.91 30.63
N ALA D 274 -42.25 15.94 29.89
CA ALA D 274 -42.56 16.16 28.49
C ALA D 274 -43.57 17.29 28.34
N GLU D 275 -44.62 17.28 29.16
CA GLU D 275 -45.63 18.34 29.07
C GLU D 275 -45.05 19.69 29.45
N SER D 276 -44.20 19.74 30.48
CA SER D 276 -43.60 21.01 30.88
C SER D 276 -42.71 21.57 29.77
N LEU D 277 -41.89 20.72 29.17
CA LEU D 277 -41.03 21.19 28.07
C LEU D 277 -41.86 21.62 26.87
N ARG D 278 -42.93 20.87 26.57
CA ARG D 278 -43.79 21.25 25.45
C ARG D 278 -44.45 22.60 25.70
N GLU D 279 -44.90 22.85 26.93
CA GLU D 279 -45.49 24.13 27.25
C GLU D 279 -44.47 25.26 27.14
N VAL D 280 -43.24 25.01 27.62
CA VAL D 280 -42.19 26.02 27.50
C VAL D 280 -41.92 26.33 26.04
N ILE D 281 -41.91 25.30 25.18
CA ILE D 281 -41.72 25.52 23.75
C ILE D 281 -42.87 26.34 23.19
N ARG D 282 -44.11 26.03 23.61
CA ARG D 282 -45.26 26.80 23.15
C ARG D 282 -45.13 28.26 23.53
N SER D 283 -44.71 28.53 24.77
CA SER D 283 -44.36 29.89 25.18
C SER D 283 -42.95 30.21 24.70
N GLY D 284 -42.77 30.26 23.38
CA GLY D 284 -41.45 30.36 22.80
C GLY D 284 -40.79 31.71 22.91
N LYS D 285 -41.52 32.75 23.30
CA LYS D 285 -40.94 34.08 23.39
C LYS D 285 -39.83 34.15 24.44
N GLY D 286 -39.80 33.22 25.38
CA GLY D 286 -38.71 33.16 26.34
C GLY D 286 -37.48 32.49 25.73
N GLN D 287 -36.30 32.95 26.16
CA GLN D 287 -35.06 32.39 25.65
C GLN D 287 -34.84 30.96 26.15
N LYS D 288 -35.60 30.51 27.14
CA LYS D 288 -35.51 29.13 27.59
C LYS D 288 -36.01 28.16 26.54
N LYS D 289 -36.66 28.66 25.49
CA LYS D 289 -37.18 27.81 24.42
C LYS D 289 -36.11 26.87 23.87
N LEU D 290 -34.90 27.40 23.66
CA LEU D 290 -33.84 26.59 23.05
C LEU D 290 -33.47 25.41 23.94
N ARG D 291 -33.23 25.66 25.22
CA ARG D 291 -32.86 24.59 26.13
C ARG D 291 -33.99 23.60 26.31
N ALA D 292 -35.22 24.09 26.41
CA ALA D 292 -36.37 23.18 26.54
C ALA D 292 -36.51 22.30 25.32
N LEU D 293 -36.33 22.88 24.12
CA LEU D 293 -36.38 22.08 22.90
C LEU D 293 -35.27 21.04 22.87
N LYS D 294 -34.07 21.41 23.31
CA LYS D 294 -32.97 20.45 23.35
C LYS D 294 -33.28 19.30 24.29
N ARG D 295 -33.87 19.59 25.45
CA ARG D 295 -34.21 18.53 26.41
C ARG D 295 -35.34 17.65 25.89
N LEU D 296 -36.31 18.27 25.20
CA LEU D 296 -37.51 17.53 24.82
C LEU D 296 -37.20 16.35 23.92
N LYS D 297 -36.16 16.47 23.08
CA LYS D 297 -35.83 15.34 22.21
C LYS D 297 -35.55 14.09 23.03
N VAL D 298 -34.65 14.18 24.01
CA VAL D 298 -34.31 13.04 24.84
C VAL D 298 -35.52 12.61 25.67
N VAL D 299 -36.23 13.59 26.24
CA VAL D 299 -37.35 13.24 27.12
C VAL D 299 -38.41 12.46 26.36
N ALA D 300 -38.75 12.90 25.15
CA ALA D 300 -39.70 12.17 24.33
C ALA D 300 -39.14 10.83 23.88
N ALA D 301 -37.84 10.78 23.55
CA ALA D 301 -37.24 9.51 23.20
C ALA D 301 -37.46 8.47 24.30
N PHE D 302 -37.27 8.87 25.55
CA PHE D 302 -37.60 7.99 26.65
C PHE D 302 -39.11 7.88 26.86
N GLN D 303 -39.86 8.92 26.52
CA GLN D 303 -41.32 8.85 26.64
C GLN D 303 -41.92 7.85 25.68
N GLN D 304 -41.25 7.59 24.56
CA GLN D 304 -41.75 6.66 23.55
C GLN D 304 -41.10 5.29 23.71
N SER D 305 -41.65 4.32 22.99
CA SER D 305 -41.19 2.94 22.89
C SER D 305 -41.51 2.12 24.13
N GLY D 306 -42.07 2.71 25.19
CA GLY D 306 -42.50 1.94 26.33
C GLY D 306 -41.39 1.56 27.30
N ASN D 307 -40.17 1.38 26.78
CA ASN D 307 -39.07 0.95 27.62
C ASN D 307 -38.77 1.97 28.71
N SER D 308 -38.50 1.48 29.91
CA SER D 308 -38.27 2.35 31.05
C SER D 308 -36.89 2.99 30.98
N PRO D 309 -36.67 4.11 31.69
CA PRO D 309 -35.35 4.73 31.69
C PRO D 309 -34.42 4.20 32.77
N MET D 310 -34.88 3.28 33.63
CA MET D 310 -34.04 2.77 34.70
C MET D 310 -32.87 1.95 34.18
N GLY D 311 -32.84 1.62 32.89
CA GLY D 311 -31.73 0.86 32.34
C GLY D 311 -30.40 1.57 32.44
N MET D 312 -30.40 2.87 32.70
CA MET D 312 -29.15 3.63 32.82
C MET D 312 -28.41 3.33 34.12
N VAL D 313 -29.04 2.64 35.07
CA VAL D 313 -28.38 2.22 36.31
C VAL D 313 -28.36 0.69 36.32
N LEU D 314 -27.19 0.14 36.61
CA LEU D 314 -26.94 -1.30 36.46
C LEU D 314 -26.92 -1.96 37.83
N ASP D 315 -27.83 -2.91 38.05
CA ASP D 315 -27.76 -3.80 39.19
C ASP D 315 -26.98 -5.07 38.88
N ALA D 316 -26.62 -5.30 37.62
CA ALA D 316 -25.78 -6.43 37.22
C ALA D 316 -25.19 -6.12 35.86
N VAL D 317 -24.02 -6.69 35.58
CA VAL D 317 -23.33 -6.45 34.33
C VAL D 317 -23.00 -7.79 33.67
N PRO D 318 -23.02 -7.89 32.35
CA PRO D 318 -22.72 -9.17 31.70
C PRO D 318 -21.23 -9.40 31.54
N VAL D 319 -20.88 -10.67 31.32
CA VAL D 319 -19.50 -11.09 31.12
C VAL D 319 -19.39 -11.71 29.73
N ILE D 320 -18.47 -11.20 28.93
CA ILE D 320 -18.27 -11.66 27.56
C ILE D 320 -17.76 -13.10 27.59
N PRO D 321 -18.08 -13.94 26.61
CA PRO D 321 -17.63 -15.34 26.67
C PRO D 321 -16.12 -15.41 26.67
N PRO D 322 -15.55 -16.45 27.30
CA PRO D 322 -14.08 -16.48 27.46
C PRO D 322 -13.31 -16.41 26.16
N GLU D 323 -13.74 -17.12 25.12
CA GLU D 323 -12.94 -17.23 23.92
C GLU D 323 -12.85 -15.93 23.13
N LEU D 324 -13.74 -14.98 23.38
CA LEU D 324 -13.59 -13.65 22.81
C LEU D 324 -12.57 -12.81 23.56
N ARG D 325 -12.12 -13.28 24.73
CA ARG D 325 -11.05 -12.67 25.51
C ARG D 325 -10.12 -13.79 25.97
N PRO D 326 -9.54 -14.54 25.04
CA PRO D 326 -8.92 -15.82 25.40
C PRO D 326 -7.57 -15.63 26.09
N MET D 327 -7.16 -16.71 26.76
CA MET D 327 -5.80 -16.85 27.28
C MET D 327 -5.14 -18.00 26.53
N VAL D 328 -4.07 -17.69 25.81
CA VAL D 328 -3.42 -18.65 24.92
C VAL D 328 -1.96 -18.75 25.30
N GLN D 329 -1.44 -19.97 25.33
CA GLN D 329 -0.03 -20.20 25.62
C GLN D 329 0.74 -20.32 24.31
N LEU D 330 1.65 -19.39 24.08
CA LEU D 330 2.42 -19.39 22.85
C LEU D 330 3.44 -20.53 22.88
N ASP D 331 4.08 -20.75 21.72
CA ASP D 331 5.15 -21.73 21.65
C ASP D 331 6.25 -21.37 22.65
N GLY D 332 6.69 -22.36 23.42
CA GLY D 332 7.64 -22.15 24.49
C GLY D 332 7.04 -21.99 25.86
N GLY D 333 5.71 -21.97 25.96
CA GLY D 333 5.04 -21.91 27.25
C GLY D 333 4.68 -20.51 27.74
N ARG D 334 5.11 -19.46 27.04
CA ARG D 334 4.76 -18.12 27.46
C ARG D 334 3.30 -17.82 27.15
N PHE D 335 2.59 -17.26 28.12
CA PHE D 335 1.17 -16.99 27.99
C PHE D 335 0.89 -15.59 27.45
N ALA D 336 -0.15 -15.50 26.63
CA ALA D 336 -0.66 -14.22 26.14
C ALA D 336 -2.14 -14.13 26.48
N THR D 337 -2.57 -12.96 26.94
CA THR D 337 -3.93 -12.78 27.40
C THR D 337 -4.44 -11.41 26.98
N SER D 338 -5.74 -11.34 26.70
CA SER D 338 -6.36 -10.07 26.36
C SER D 338 -6.49 -9.19 27.59
N ASP D 339 -6.64 -7.88 27.36
CA ASP D 339 -6.76 -6.95 28.46
C ASP D 339 -8.09 -7.09 29.19
N LEU D 340 -9.14 -7.52 28.48
CA LEU D 340 -10.47 -7.53 29.07
C LEU D 340 -10.52 -8.34 30.35
N ASN D 341 -9.99 -9.56 30.33
CA ASN D 341 -10.06 -10.43 31.50
C ASN D 341 -9.27 -9.89 32.68
N ASP D 342 -8.57 -8.77 32.52
CA ASP D 342 -8.00 -8.04 33.66
C ASP D 342 -8.97 -6.99 34.18
N LEU D 343 -9.57 -6.20 33.28
CA LEU D 343 -10.54 -5.21 33.71
C LEU D 343 -11.65 -5.86 34.52
N TYR D 344 -12.27 -6.91 33.95
CA TYR D 344 -13.29 -7.63 34.70
C TYR D 344 -12.78 -8.03 36.08
N ARG D 345 -11.54 -8.50 36.15
CA ARG D 345 -10.99 -8.91 37.43
C ARG D 345 -11.12 -7.81 38.47
N ARG D 346 -10.74 -6.57 38.11
CA ARG D 346 -10.88 -5.47 39.05
C ARG D 346 -12.32 -5.36 39.53
N VAL D 347 -13.27 -5.40 38.59
CA VAL D 347 -14.67 -5.26 38.98
C VAL D 347 -15.05 -6.39 39.94
N ILE D 348 -14.51 -7.59 39.72
CA ILE D 348 -14.81 -8.70 40.61
C ILE D 348 -14.20 -8.47 41.98
N ASN D 349 -13.00 -7.89 42.03
CA ASN D 349 -12.34 -7.65 43.31
C ASN D 349 -13.10 -6.61 44.12
N ARG D 350 -13.20 -5.39 43.60
CA ARG D 350 -13.77 -4.30 44.38
C ARG D 350 -15.21 -4.59 44.79
N ASN D 351 -15.95 -5.32 43.94
CA ASN D 351 -17.29 -5.73 44.34
C ASN D 351 -17.24 -6.62 45.57
N ASN D 352 -16.44 -7.69 45.51
CA ASN D 352 -16.41 -8.64 46.61
C ASN D 352 -16.01 -7.96 47.92
N ARG D 353 -14.93 -7.17 47.89
CA ARG D 353 -14.54 -6.44 49.08
C ARG D 353 -15.70 -5.63 49.63
N LEU D 354 -16.44 -4.93 48.75
CA LEU D 354 -17.61 -4.19 49.21
C LEU D 354 -18.58 -5.11 49.92
N LYS D 355 -18.92 -6.23 49.29
CA LYS D 355 -19.83 -7.19 49.90
C LYS D 355 -19.29 -7.70 51.22
N ARG D 356 -17.97 -7.68 51.41
CA ARG D 356 -17.39 -7.98 52.71
C ARG D 356 -17.47 -6.78 53.64
N LEU D 357 -17.07 -5.60 53.13
CA LEU D 357 -16.98 -4.42 53.97
C LEU D 357 -18.33 -4.05 54.58
N ILE D 358 -19.41 -4.21 53.82
CA ILE D 358 -20.74 -3.90 54.35
C ILE D 358 -21.12 -4.86 55.46
N ASP D 359 -20.68 -6.12 55.36
CA ASP D 359 -21.12 -7.14 56.31
C ASP D 359 -20.70 -6.78 57.73
N LEU D 360 -19.46 -6.30 57.90
CA LEU D 360 -18.98 -5.96 59.23
C LEU D 360 -19.34 -4.54 59.66
N GLY D 361 -20.09 -3.81 58.84
CA GLY D 361 -20.56 -2.49 59.23
C GLY D 361 -19.49 -1.45 59.41
N ALA D 362 -18.57 -1.33 58.45
CA ALA D 362 -17.52 -0.34 58.55
C ALA D 362 -18.09 1.07 58.43
N PRO D 363 -17.39 2.08 58.91
CA PRO D 363 -17.89 3.46 58.82
C PRO D 363 -18.15 3.88 57.39
N GLU D 364 -19.04 4.85 57.22
CA GLU D 364 -19.42 5.32 55.89
C GLU D 364 -18.22 5.89 55.13
N ILE D 365 -17.25 6.44 55.85
CA ILE D 365 -16.06 6.99 55.20
C ILE D 365 -15.32 5.91 54.41
N ILE D 366 -15.46 4.64 54.78
CA ILE D 366 -14.82 3.55 54.05
C ILE D 366 -15.75 2.94 53.01
N VAL D 367 -17.01 2.76 53.39
CA VAL D 367 -17.99 2.13 52.48
C VAL D 367 -18.22 3.01 51.26
N ASN D 368 -18.34 4.32 51.44
CA ASN D 368 -18.54 5.21 50.31
C ASN D 368 -17.33 5.25 49.39
N ASN D 369 -16.12 5.23 49.94
CA ASN D 369 -14.93 5.14 49.09
C ASN D 369 -14.92 3.83 48.32
N GLU D 370 -15.34 2.73 48.95
CA GLU D 370 -15.42 1.46 48.26
C GLU D 370 -16.42 1.53 47.10
N LYS D 371 -17.58 2.15 47.34
CA LYS D 371 -18.58 2.29 46.28
C LYS D 371 -18.04 3.14 45.14
N ARG D 372 -17.35 4.23 45.46
CA ARG D 372 -16.73 5.06 44.42
C ARG D 372 -15.74 4.25 43.61
N MET D 373 -14.92 3.43 44.28
CA MET D 373 -13.98 2.58 43.57
C MET D 373 -14.68 1.59 42.66
N LEU D 374 -15.75 0.96 43.14
CA LEU D 374 -16.49 0.00 42.33
C LEU D 374 -17.05 0.67 41.08
N GLN D 375 -17.64 1.86 41.24
CA GLN D 375 -18.22 2.53 40.09
C GLN D 375 -17.13 2.96 39.10
N GLU D 376 -16.00 3.44 39.62
CA GLU D 376 -14.90 3.79 38.72
C GLU D 376 -14.39 2.57 37.97
N SER D 377 -14.30 1.42 38.63
CA SER D 377 -13.86 0.21 37.96
C SER D 377 -14.82 -0.19 36.85
N VAL D 378 -16.13 -0.12 37.13
CA VAL D 378 -17.10 -0.45 36.08
C VAL D 378 -17.00 0.53 34.92
N ASP D 379 -16.85 1.82 35.21
CA ASP D 379 -16.73 2.81 34.17
C ASP D 379 -15.50 2.56 33.30
N ALA D 380 -14.38 2.22 33.92
CA ALA D 380 -13.18 1.87 33.15
C ALA D 380 -13.39 0.61 32.34
N LEU D 381 -14.15 -0.35 32.86
CA LEU D 381 -14.45 -1.56 32.10
C LEU D 381 -15.22 -1.24 30.84
N PHE D 382 -16.25 -0.40 30.95
CA PHE D 382 -17.07 -0.10 29.78
C PHE D 382 -16.33 0.82 28.80
N ASP D 383 -15.88 1.99 29.27
CA ASP D 383 -15.22 2.95 28.39
C ASP D 383 -14.01 3.51 29.14
N ASN D 384 -12.85 2.91 28.92
CA ASN D 384 -11.62 3.37 29.54
C ASN D 384 -11.19 4.70 28.92
N GLY D 385 -10.98 5.69 29.76
CA GLY D 385 -10.59 7.03 29.32
C GLY D 385 -11.71 8.05 29.36
N ARG D 386 -12.96 7.61 29.48
CA ARG D 386 -14.07 8.55 29.62
C ARG D 386 -14.03 9.26 30.97
N ARG D 387 -13.41 8.66 31.99
CA ARG D 387 -13.28 9.31 33.28
C ARG D 387 -12.23 10.42 33.24
N GLY D 388 -11.16 10.21 32.50
CA GLY D 388 -9.99 11.07 32.55
C GLY D 388 -8.77 10.30 32.04
N ARG D 389 -7.72 10.31 32.85
CA ARG D 389 -6.54 9.52 32.50
C ARG D 389 -6.90 8.04 32.61
N PRO D 390 -6.69 7.25 31.55
CA PRO D 390 -7.12 5.85 31.59
C PRO D 390 -6.18 4.98 32.41
N VAL D 391 -6.71 3.83 32.83
CA VAL D 391 -5.89 2.82 33.50
C VAL D 391 -4.92 2.23 32.49
N THR D 392 -3.76 1.80 32.98
CA THR D 392 -2.69 1.34 32.10
C THR D 392 -2.25 -0.08 32.39
N GLY D 393 -2.24 -0.51 33.65
CA GLY D 393 -1.77 -1.83 34.00
C GLY D 393 -0.30 -2.03 33.66
N PRO D 394 0.05 -3.18 33.09
CA PRO D 394 1.47 -3.43 32.77
C PRO D 394 1.96 -2.49 31.68
N GLY D 395 3.27 -2.24 31.73
CA GLY D 395 3.85 -1.28 30.81
C GLY D 395 3.31 0.12 31.06
N ASN D 396 3.25 0.92 30.00
CA ASN D 396 2.71 2.27 30.07
C ASN D 396 1.75 2.49 28.90
N ARG D 397 0.89 1.50 28.66
CA ARG D 397 -0.09 1.54 27.60
C ARG D 397 -1.50 1.40 28.19
N PRO D 398 -2.48 2.10 27.64
CA PRO D 398 -3.85 1.97 28.15
C PRO D 398 -4.41 0.59 27.86
N LEU D 399 -5.25 0.11 28.77
CA LEU D 399 -5.91 -1.17 28.57
C LEU D 399 -7.14 -0.98 27.70
N LYS D 400 -7.34 -1.89 26.75
CA LYS D 400 -8.49 -1.80 25.85
C LYS D 400 -9.77 -2.18 26.59
N SER D 401 -10.74 -1.27 26.59
CA SER D 401 -12.04 -1.56 27.17
C SER D 401 -12.94 -2.24 26.14
N LEU D 402 -14.16 -2.54 26.55
CA LEU D 402 -15.13 -3.10 25.62
C LEU D 402 -15.41 -2.13 24.47
N SER D 403 -15.65 -0.86 24.80
CA SER D 403 -15.96 0.12 23.77
C SER D 403 -14.82 0.26 22.77
N ASP D 404 -13.58 0.13 23.23
CA ASP D 404 -12.43 0.23 22.34
C ASP D 404 -12.42 -0.85 21.28
N LEU D 405 -13.16 -1.95 21.48
CA LEU D 405 -13.24 -2.99 20.48
C LEU D 405 -14.24 -2.66 19.37
N LEU D 406 -15.04 -1.61 19.54
CA LEU D 406 -15.98 -1.15 18.53
C LEU D 406 -15.73 0.26 18.04
N LYS D 407 -14.84 1.01 18.71
CA LYS D 407 -14.71 2.45 18.49
C LYS D 407 -13.66 2.79 17.44
N GLY D 408 -12.40 2.41 17.68
CA GLY D 408 -11.29 2.89 16.88
C GLY D 408 -11.18 2.21 15.54
N LYS D 409 -10.03 2.45 14.90
CA LYS D 409 -9.76 1.84 13.60
C LYS D 409 -9.87 0.33 13.68
N GLN D 410 -9.31 -0.26 14.73
CA GLN D 410 -9.49 -1.68 14.99
C GLN D 410 -10.83 -1.91 15.66
N GLY D 411 -11.66 -2.75 15.07
CA GLY D 411 -12.98 -3.01 15.60
C GLY D 411 -13.84 -3.72 14.59
N ARG D 412 -15.01 -4.15 15.06
CA ARG D 412 -15.94 -4.91 14.25
C ARG D 412 -16.89 -4.03 13.44
N PHE D 413 -16.74 -2.70 13.54
CA PHE D 413 -17.50 -1.77 12.71
C PHE D 413 -16.65 -1.04 11.68
N ARG D 414 -15.34 -0.96 11.88
CA ARG D 414 -14.42 -0.39 10.91
C ARG D 414 -13.64 -1.45 10.15
N GLN D 415 -13.05 -2.40 10.88
CA GLN D 415 -12.24 -3.44 10.25
C GLN D 415 -13.08 -4.49 9.55
N ASN D 416 -14.36 -4.63 9.91
CA ASN D 416 -15.20 -5.65 9.29
C ASN D 416 -15.55 -5.29 7.85
N LEU D 417 -15.73 -4.00 7.58
CA LEU D 417 -16.10 -3.58 6.22
C LEU D 417 -14.90 -3.57 5.28
N LEU D 418 -13.68 -3.67 5.80
CA LEU D 418 -12.49 -3.69 4.97
C LEU D 418 -12.21 -5.07 4.39
N GLY D 419 -13.18 -5.97 4.41
CA GLY D 419 -13.04 -7.26 3.79
C GLY D 419 -12.33 -8.26 4.68
N LYS D 420 -12.14 -9.46 4.13
CA LYS D 420 -11.50 -10.55 4.84
C LYS D 420 -10.57 -11.28 3.88
N ARG D 421 -9.54 -11.90 4.45
CA ARG D 421 -8.68 -12.78 3.65
C ARG D 421 -9.42 -14.05 3.30
N VAL D 422 -9.20 -14.55 2.09
CA VAL D 422 -9.96 -15.66 1.54
C VAL D 422 -9.00 -16.77 1.13
N ASP D 423 -9.49 -18.01 1.19
CA ASP D 423 -8.73 -19.15 0.69
C ASP D 423 -8.93 -19.26 -0.81
N TYR D 424 -8.35 -20.29 -1.42
CA TYR D 424 -8.46 -20.52 -2.86
C TYR D 424 -8.08 -19.26 -3.64
N SER D 425 -6.97 -18.65 -3.23
CA SER D 425 -6.50 -17.42 -3.85
C SER D 425 -4.98 -17.43 -3.90
N GLY D 426 -4.44 -16.59 -4.78
CA GLY D 426 -3.01 -16.48 -4.94
C GLY D 426 -2.64 -15.12 -5.52
N ARG D 427 -1.34 -14.94 -5.74
CA ARG D 427 -0.83 -13.68 -6.27
C ARG D 427 0.42 -13.98 -7.08
N SER D 428 0.67 -13.16 -8.10
CA SER D 428 1.86 -13.38 -8.91
C SER D 428 2.11 -12.20 -9.84
N VAL D 429 3.37 -12.07 -10.25
CA VAL D 429 3.74 -11.03 -11.22
C VAL D 429 3.21 -11.41 -12.60
N ILE D 430 3.09 -10.42 -13.47
CA ILE D 430 2.50 -10.59 -14.80
C ILE D 430 3.53 -10.33 -15.87
N VAL D 431 3.37 -11.02 -17.01
CA VAL D 431 4.12 -10.77 -18.23
C VAL D 431 3.11 -10.72 -19.37
N VAL D 432 3.54 -10.13 -20.48
CA VAL D 432 2.63 -9.93 -21.61
C VAL D 432 2.58 -11.21 -22.45
N GLY D 433 1.37 -11.74 -22.61
CA GLY D 433 1.14 -12.84 -23.53
C GLY D 433 0.46 -12.36 -24.79
N PRO D 434 1.23 -12.18 -25.88
CA PRO D 434 0.63 -11.68 -27.12
C PRO D 434 -0.14 -12.74 -27.89
N GLN D 435 0.12 -14.02 -27.65
CA GLN D 435 -0.56 -15.09 -28.36
C GLN D 435 -1.90 -15.46 -27.75
N LEU D 436 -2.25 -14.87 -26.60
CA LEU D 436 -3.50 -15.21 -25.94
C LEU D 436 -4.69 -14.59 -26.66
N LYS D 437 -5.82 -15.30 -26.62
CA LYS D 437 -7.09 -14.73 -27.05
C LYS D 437 -7.69 -13.92 -25.92
N LEU D 438 -8.61 -13.03 -26.27
CA LEU D 438 -9.09 -12.04 -25.31
C LEU D 438 -9.67 -12.68 -24.06
N HIS D 439 -10.18 -13.91 -24.17
CA HIS D 439 -10.81 -14.57 -23.03
C HIS D 439 -9.86 -15.54 -22.31
N GLN D 440 -8.59 -15.60 -22.68
CA GLN D 440 -7.64 -16.53 -22.11
C GLN D 440 -6.61 -15.82 -21.24
N CYS D 441 -6.07 -16.56 -20.28
CA CYS D 441 -4.99 -16.08 -19.44
C CYS D 441 -4.08 -17.25 -19.06
N GLY D 442 -2.79 -16.97 -18.97
CA GLY D 442 -1.82 -18.00 -18.62
C GLY D 442 -1.58 -18.07 -17.12
N LEU D 443 -1.81 -19.24 -16.54
CA LEU D 443 -1.69 -19.43 -15.10
C LEU D 443 -0.44 -20.24 -14.80
N PRO D 444 0.40 -19.80 -13.85
CA PRO D 444 1.62 -20.57 -13.55
C PRO D 444 1.29 -22.00 -13.15
N LYS D 445 2.16 -22.93 -13.55
CA LYS D 445 1.89 -24.35 -13.37
C LYS D 445 1.78 -24.72 -11.90
N LEU D 446 2.78 -24.38 -11.10
CA LEU D 446 2.76 -24.72 -9.68
C LEU D 446 1.71 -23.94 -8.90
N MET D 447 1.53 -22.65 -9.21
CA MET D 447 0.45 -21.91 -8.57
C MET D 447 -0.90 -22.51 -8.92
N ALA D 448 -1.10 -22.91 -10.18
CA ALA D 448 -2.34 -23.55 -10.56
C ALA D 448 -2.56 -24.85 -9.79
N LEU D 449 -1.50 -25.66 -9.66
CA LEU D 449 -1.63 -26.91 -8.91
C LEU D 449 -2.01 -26.65 -7.46
N GLU D 450 -1.32 -25.71 -6.81
CA GLU D 450 -1.61 -25.43 -5.41
C GLU D 450 -3.01 -24.85 -5.26
N LEU D 451 -3.49 -24.12 -6.26
CA LEU D 451 -4.81 -23.50 -6.16
C LEU D 451 -5.92 -24.52 -6.39
N PHE D 452 -5.68 -25.51 -7.25
CA PHE D 452 -6.68 -26.50 -7.60
C PHE D 452 -6.50 -27.83 -6.87
N LYS D 453 -5.60 -27.89 -5.89
CA LYS D 453 -5.29 -29.13 -5.17
C LYS D 453 -6.48 -30.05 -4.93
N PRO D 454 -7.57 -29.64 -4.27
CA PRO D 454 -8.67 -30.60 -4.04
C PRO D 454 -9.33 -31.13 -5.31
N PHE D 455 -9.54 -30.27 -6.30
CA PHE D 455 -10.07 -30.74 -7.57
C PHE D 455 -9.13 -31.77 -8.19
N VAL D 456 -7.83 -31.55 -8.06
CA VAL D 456 -6.86 -32.51 -8.58
C VAL D 456 -6.93 -33.83 -7.82
N MET D 457 -7.06 -33.76 -6.49
CA MET D 457 -7.09 -34.99 -5.71
C MET D 457 -8.32 -35.83 -6.02
N LYS D 458 -9.47 -35.19 -6.25
CA LYS D 458 -10.65 -35.97 -6.60
C LYS D 458 -10.39 -36.81 -7.84
N ARG D 459 -9.91 -36.17 -8.91
CA ARG D 459 -9.63 -36.91 -10.15
C ARG D 459 -8.51 -37.92 -9.96
N LEU D 460 -7.53 -37.61 -9.12
CA LEU D 460 -6.48 -38.60 -8.85
C LEU D 460 -7.06 -39.84 -8.17
N VAL D 461 -8.01 -39.66 -7.26
CA VAL D 461 -8.57 -40.80 -6.53
C VAL D 461 -9.46 -41.63 -7.46
N ASP D 462 -10.37 -41.00 -8.19
CA ASP D 462 -11.31 -41.78 -8.99
C ASP D 462 -10.67 -42.38 -10.25
N LEU D 463 -9.52 -41.86 -10.66
CA LEU D 463 -8.75 -42.46 -11.76
C LEU D 463 -7.87 -43.60 -11.27
N ASN D 464 -7.89 -43.90 -9.97
CA ASN D 464 -7.12 -44.98 -9.37
C ASN D 464 -5.61 -44.74 -9.46
N HIS D 465 -5.20 -43.49 -9.66
CA HIS D 465 -3.79 -43.16 -9.53
C HIS D 465 -3.34 -43.15 -8.07
N ALA D 466 -4.26 -42.91 -7.14
CA ALA D 466 -3.97 -42.95 -5.72
C ALA D 466 -5.05 -43.77 -5.03
N GLN D 467 -4.67 -44.42 -3.92
CA GLN D 467 -5.58 -45.34 -3.25
C GLN D 467 -6.73 -44.61 -2.58
N ASN D 468 -6.47 -43.45 -1.98
CA ASN D 468 -7.54 -42.70 -1.32
C ASN D 468 -7.12 -41.24 -1.23
N ILE D 469 -7.95 -40.44 -0.54
CA ILE D 469 -7.77 -39.00 -0.53
C ILE D 469 -6.46 -38.63 0.15
N LYS D 470 -6.11 -39.31 1.25
CA LYS D 470 -4.85 -39.00 1.93
C LYS D 470 -3.65 -39.29 1.03
N SER D 471 -3.69 -40.43 0.32
CA SER D 471 -2.61 -40.77 -0.60
C SER D 471 -2.51 -39.75 -1.72
N ALA D 472 -3.65 -39.32 -2.25
CA ALA D 472 -3.63 -38.31 -3.30
C ALA D 472 -3.08 -36.99 -2.78
N LYS D 473 -3.43 -36.62 -1.55
CA LYS D 473 -2.89 -35.42 -0.94
C LYS D 473 -1.38 -35.49 -0.87
N ARG D 474 -0.85 -36.60 -0.35
CA ARG D 474 0.60 -36.74 -0.25
C ARG D 474 1.25 -36.72 -1.63
N MET D 475 0.65 -37.40 -2.60
CA MET D 475 1.23 -37.48 -3.94
C MET D 475 1.26 -36.10 -4.60
N VAL D 476 0.19 -35.33 -4.46
CA VAL D 476 0.17 -33.97 -4.98
C VAL D 476 1.22 -33.12 -4.29
N GLU D 477 1.33 -33.27 -2.96
CA GLU D 477 2.36 -32.51 -2.24
C GLU D 477 3.75 -32.82 -2.76
N ARG D 478 3.96 -34.02 -3.30
CA ARG D 478 5.25 -34.41 -3.86
C ARG D 478 5.40 -34.05 -5.33
N GLN D 479 4.34 -33.56 -5.98
CA GLN D 479 4.39 -33.18 -7.39
C GLN D 479 4.86 -34.35 -8.25
N ARG D 480 4.32 -35.53 -7.99
CA ARG D 480 4.68 -36.71 -8.77
C ARG D 480 4.20 -36.53 -10.21
N PRO D 481 4.87 -37.14 -11.19
CA PRO D 481 4.61 -36.79 -12.59
C PRO D 481 3.15 -36.92 -13.03
N GLN D 482 2.40 -37.87 -12.47
CA GLN D 482 1.02 -38.08 -12.92
C GLN D 482 0.13 -36.89 -12.63
N VAL D 483 0.57 -35.97 -11.76
CA VAL D 483 -0.29 -34.87 -11.33
C VAL D 483 -0.67 -33.99 -12.52
N TRP D 484 0.30 -33.67 -13.38
CA TRP D 484 0.08 -32.65 -14.41
C TRP D 484 -0.97 -33.09 -15.42
N ASP D 485 -1.00 -34.37 -15.80
CA ASP D 485 -2.00 -34.84 -16.75
C ASP D 485 -3.42 -34.62 -16.22
N VAL D 486 -3.60 -34.70 -14.90
CA VAL D 486 -4.91 -34.49 -14.31
C VAL D 486 -5.17 -33.00 -14.11
N LEU D 487 -4.13 -32.24 -13.78
CA LEU D 487 -4.30 -30.80 -13.60
C LEU D 487 -4.74 -30.13 -14.89
N GLU D 488 -4.15 -30.55 -16.02
CA GLU D 488 -4.57 -30.03 -17.31
C GLU D 488 -6.03 -30.35 -17.62
N GLU D 489 -6.54 -31.46 -17.09
CA GLU D 489 -7.89 -31.90 -17.42
C GLU D 489 -8.92 -31.19 -16.56
N VAL D 490 -8.68 -31.15 -15.24
CA VAL D 490 -9.66 -30.56 -14.34
C VAL D 490 -9.72 -29.05 -14.50
N ILE D 491 -8.63 -28.42 -14.95
CA ILE D 491 -8.59 -26.97 -15.09
C ILE D 491 -9.41 -26.48 -16.28
N ALA D 492 -9.81 -27.38 -17.17
CA ALA D 492 -10.50 -26.96 -18.39
C ALA D 492 -11.85 -26.34 -18.08
N GLU D 493 -12.14 -25.22 -18.74
CA GLU D 493 -13.44 -24.56 -18.66
C GLU D 493 -13.80 -24.15 -17.24
N HIS D 494 -12.82 -23.86 -16.41
CA HIS D 494 -13.06 -23.33 -15.07
C HIS D 494 -12.61 -21.89 -15.03
N PRO D 495 -13.51 -20.91 -15.06
CA PRO D 495 -13.07 -19.51 -15.05
C PRO D 495 -12.39 -19.14 -13.74
N VAL D 496 -11.43 -18.22 -13.85
CA VAL D 496 -10.67 -17.74 -12.71
C VAL D 496 -10.66 -16.21 -12.75
N LEU D 497 -10.80 -15.59 -11.58
CA LEU D 497 -10.92 -14.14 -11.49
C LEU D 497 -9.55 -13.52 -11.27
N LEU D 498 -9.23 -12.52 -12.08
CA LEU D 498 -8.00 -11.75 -11.95
C LEU D 498 -8.34 -10.32 -11.52
N ASN D 499 -7.54 -9.79 -10.60
CA ASN D 499 -7.77 -8.47 -10.03
C ASN D 499 -6.44 -7.77 -9.80
N ARG D 500 -6.44 -6.45 -9.95
CA ARG D 500 -5.28 -5.61 -9.65
C ARG D 500 -5.72 -4.47 -8.75
N ALA D 501 -5.03 -4.31 -7.63
CA ALA D 501 -5.32 -3.19 -6.74
C ALA D 501 -4.50 -1.97 -7.16
N PRO D 502 -5.06 -0.75 -7.05
CA PRO D 502 -6.41 -0.44 -6.57
C PRO D 502 -7.49 -0.74 -7.61
N THR D 503 -8.66 -1.17 -7.14
CA THR D 503 -9.79 -1.47 -8.02
C THR D 503 -10.66 -0.23 -8.13
N LEU D 504 -10.25 0.68 -9.03
CA LEU D 504 -10.95 1.95 -9.16
C LEU D 504 -12.36 1.76 -9.71
N HIS D 505 -12.54 0.86 -10.67
CA HIS D 505 -13.85 0.65 -11.28
C HIS D 505 -14.05 -0.85 -11.51
N ARG D 506 -15.29 -1.22 -11.83
CA ARG D 506 -15.67 -2.63 -11.80
C ARG D 506 -14.86 -3.47 -12.78
N LEU D 507 -14.33 -2.86 -13.84
CA LEU D 507 -13.51 -3.61 -14.78
C LEU D 507 -12.14 -3.98 -14.23
N GLY D 508 -11.86 -3.65 -12.97
CA GLY D 508 -10.63 -4.09 -12.32
C GLY D 508 -10.63 -5.54 -11.91
N ILE D 509 -11.77 -6.21 -11.98
CA ILE D 509 -11.88 -7.64 -11.73
C ILE D 509 -12.50 -8.27 -12.97
N GLN D 510 -11.84 -9.29 -13.52
CA GLN D 510 -12.33 -9.91 -14.75
C GLN D 510 -12.04 -11.40 -14.73
N ALA D 511 -12.95 -12.17 -15.33
CA ALA D 511 -12.82 -13.61 -15.39
C ALA D 511 -12.15 -14.05 -16.69
N PHE D 512 -11.25 -15.02 -16.56
CA PHE D 512 -10.50 -15.54 -17.71
C PHE D 512 -10.50 -17.05 -17.66
N GLU D 513 -10.33 -17.67 -18.82
CA GLU D 513 -10.14 -19.11 -18.90
C GLU D 513 -8.68 -19.44 -18.73
N PRO D 514 -8.28 -20.13 -17.66
CA PRO D 514 -6.85 -20.36 -17.42
C PRO D 514 -6.31 -21.53 -18.22
N GLN D 515 -5.05 -21.39 -18.63
CA GLN D 515 -4.31 -22.45 -19.28
C GLN D 515 -2.91 -22.52 -18.70
N LEU D 516 -2.42 -23.74 -18.48
CA LEU D 516 -1.16 -23.92 -17.78
C LEU D 516 0.02 -23.44 -18.62
N VAL D 517 0.93 -22.72 -17.98
CA VAL D 517 2.20 -22.33 -18.56
C VAL D 517 3.28 -22.50 -17.50
N GLU D 518 4.43 -23.04 -17.90
CA GLU D 518 5.53 -23.14 -16.97
C GLU D 518 6.08 -21.75 -16.65
N GLY D 519 6.91 -21.69 -15.62
CA GLY D 519 7.35 -20.42 -15.09
C GLY D 519 6.51 -19.98 -13.91
N LYS D 520 6.67 -18.71 -13.53
CA LYS D 520 6.03 -18.16 -12.34
C LYS D 520 5.21 -16.91 -12.60
N ALA D 521 5.26 -16.35 -13.80
CA ALA D 521 4.57 -15.10 -14.10
C ALA D 521 3.27 -15.37 -14.85
N ILE D 522 2.19 -14.74 -14.40
CA ILE D 522 0.91 -14.84 -15.08
C ILE D 522 0.99 -14.11 -16.40
N GLN D 523 0.51 -14.75 -17.47
CA GLN D 523 0.51 -14.15 -18.80
C GLN D 523 -0.83 -13.43 -19.00
N LEU D 524 -0.77 -12.13 -19.23
CA LEU D 524 -1.95 -11.29 -19.34
C LEU D 524 -2.12 -10.81 -20.78
N HIS D 525 -3.36 -10.77 -21.23
CA HIS D 525 -3.65 -10.33 -22.59
C HIS D 525 -3.32 -8.85 -22.74
N PRO D 526 -2.64 -8.45 -23.83
CA PRO D 526 -2.23 -7.04 -23.95
C PRO D 526 -3.39 -6.05 -24.02
N LEU D 527 -4.57 -6.48 -24.46
CA LEU D 527 -5.67 -5.54 -24.64
C LEU D 527 -6.27 -5.10 -23.31
N VAL D 528 -6.42 -6.03 -22.36
CA VAL D 528 -7.06 -5.70 -21.09
C VAL D 528 -6.19 -4.82 -20.20
N CYS D 529 -4.94 -4.58 -20.58
CA CYS D 529 -4.08 -3.73 -19.76
C CYS D 529 -4.67 -2.35 -19.55
N GLU D 530 -5.45 -1.86 -20.52
CA GLU D 530 -6.11 -0.57 -20.35
C GLU D 530 -7.13 -0.63 -19.22
N ALA D 531 -7.90 -1.71 -19.14
CA ALA D 531 -8.90 -1.82 -18.08
C ALA D 531 -8.25 -1.93 -16.71
N PHE D 532 -7.22 -2.78 -16.59
CA PHE D 532 -6.52 -2.95 -15.32
C PHE D 532 -5.55 -1.81 -15.02
N ASN D 533 -5.22 -0.98 -16.01
CA ASN D 533 -4.21 0.06 -15.83
C ASN D 533 -2.86 -0.54 -15.47
N ALA D 534 -2.60 -1.76 -15.95
CA ALA D 534 -1.40 -2.49 -15.58
C ALA D 534 -0.31 -2.32 -16.63
N ASP D 535 0.94 -2.28 -16.17
CA ASP D 535 2.11 -2.27 -17.04
C ASP D 535 3.10 -3.30 -16.52
N PHE D 536 3.75 -3.99 -17.45
CA PHE D 536 4.65 -5.08 -17.08
C PHE D 536 6.03 -4.52 -16.71
N ASP D 537 6.05 -3.80 -15.61
CA ASP D 537 7.29 -3.30 -15.02
C ASP D 537 7.44 -3.72 -13.56
N GLY D 538 6.65 -4.70 -13.12
CA GLY D 538 6.74 -5.20 -11.77
C GLY D 538 5.40 -5.32 -11.06
N ASP D 539 4.31 -5.04 -11.78
CA ASP D 539 2.99 -5.14 -11.16
C ASP D 539 2.63 -6.59 -10.89
N GLN D 540 1.73 -6.79 -9.93
CA GLN D 540 1.28 -8.12 -9.53
C GLN D 540 -0.23 -8.18 -9.54
N MET D 541 -0.75 -9.36 -9.87
CA MET D 541 -2.19 -9.62 -9.91
C MET D 541 -2.57 -10.62 -8.82
N ALA D 542 -3.75 -10.42 -8.25
CA ALA D 542 -4.35 -11.41 -7.38
C ALA D 542 -5.34 -12.28 -8.17
N VAL D 543 -5.37 -13.56 -7.83
CA VAL D 543 -6.14 -14.56 -8.56
C VAL D 543 -7.05 -15.27 -7.58
N HIS D 544 -8.33 -15.41 -7.95
CA HIS D 544 -9.33 -16.06 -7.12
C HIS D 544 -10.02 -17.15 -7.93
N LEU D 545 -10.48 -18.19 -7.22
CA LEU D 545 -11.07 -19.36 -7.87
C LEU D 545 -12.52 -19.52 -7.43
N PRO D 546 -13.49 -19.23 -8.28
CA PRO D 546 -14.89 -19.52 -7.91
C PRO D 546 -15.10 -21.01 -7.68
N LEU D 547 -15.92 -21.33 -6.68
CA LEU D 547 -16.17 -22.73 -6.30
C LEU D 547 -17.58 -23.19 -6.68
N SER D 548 -18.60 -22.46 -6.20
CA SER D 548 -19.97 -22.91 -6.39
C SER D 548 -20.40 -22.78 -7.85
N ALA D 549 -21.41 -23.56 -8.23
CA ALA D 549 -21.92 -23.51 -9.58
C ALA D 549 -22.48 -22.12 -9.89
N GLU D 550 -23.20 -21.52 -8.94
CA GLU D 550 -23.66 -20.15 -9.13
C GLU D 550 -22.49 -19.22 -9.40
N ALA D 551 -21.43 -19.34 -8.61
CA ALA D 551 -20.27 -18.47 -8.80
C ALA D 551 -19.62 -18.70 -10.15
N GLN D 552 -19.49 -19.96 -10.57
CA GLN D 552 -18.86 -20.25 -11.85
C GLN D 552 -19.66 -19.66 -13.01
N ALA D 553 -20.95 -19.96 -13.06
CA ALA D 553 -21.79 -19.38 -14.11
C ALA D 553 -21.81 -17.86 -14.02
N GLU D 554 -21.67 -17.33 -12.80
CA GLU D 554 -21.73 -15.90 -12.57
C GLU D 554 -20.52 -15.19 -13.15
N ALA D 555 -19.33 -15.78 -12.97
CA ALA D 555 -18.12 -15.23 -13.57
C ALA D 555 -18.04 -15.55 -15.05
N ARG D 556 -18.58 -16.70 -15.46
CA ARG D 556 -18.50 -17.09 -16.87
C ARG D 556 -19.35 -16.21 -17.76
N ILE D 557 -20.45 -15.65 -17.23
CA ILE D 557 -21.38 -14.88 -18.04
C ILE D 557 -21.15 -13.39 -17.80
N LEU D 558 -21.34 -12.94 -16.56
CA LEU D 558 -21.28 -11.51 -16.26
C LEU D 558 -19.88 -10.96 -16.47
N MET D 559 -18.87 -11.59 -15.88
CA MET D 559 -17.55 -11.00 -15.75
C MET D 559 -16.56 -11.43 -16.82
N LEU D 560 -16.96 -12.25 -17.77
CA LEU D 560 -16.01 -12.73 -18.77
C LEU D 560 -15.39 -11.54 -19.50
N SER D 561 -14.08 -11.61 -19.73
CA SER D 561 -13.36 -10.47 -20.27
C SER D 561 -13.87 -10.07 -21.64
N SER D 562 -14.18 -11.05 -22.49
CA SER D 562 -14.65 -10.75 -23.84
C SER D 562 -16.00 -10.07 -23.85
N ASN D 563 -16.74 -10.07 -22.73
CA ASN D 563 -18.05 -9.45 -22.65
C ASN D 563 -18.01 -8.02 -22.11
N ASN D 564 -16.82 -7.50 -21.79
CA ASN D 564 -16.70 -6.17 -21.19
C ASN D 564 -15.85 -5.26 -22.06
N ILE D 565 -16.10 -5.26 -23.37
CA ILE D 565 -15.30 -4.45 -24.28
C ILE D 565 -15.47 -2.97 -23.99
N LEU D 566 -16.71 -2.53 -23.74
CA LEU D 566 -17.04 -1.12 -23.64
C LEU D 566 -16.91 -0.63 -22.21
N SER D 567 -16.43 0.60 -22.05
CA SER D 567 -16.31 1.20 -20.74
C SER D 567 -17.69 1.58 -20.21
N PRO D 568 -18.01 1.28 -18.95
CA PRO D 568 -19.33 1.66 -18.42
C PRO D 568 -19.50 3.15 -18.23
N ALA D 569 -18.41 3.92 -18.15
CA ALA D 569 -18.51 5.34 -17.80
C ALA D 569 -19.02 6.19 -18.96
N SER D 570 -18.60 5.90 -20.20
CA SER D 570 -18.97 6.73 -21.33
C SER D 570 -19.39 5.89 -22.53
N GLY D 571 -19.29 4.57 -22.42
CA GLY D 571 -19.61 3.70 -23.53
C GLY D 571 -18.53 3.58 -24.59
N LYS D 572 -17.40 4.26 -24.42
CA LYS D 572 -16.33 4.15 -25.39
C LYS D 572 -15.69 2.76 -25.30
N PRO D 573 -15.16 2.25 -26.41
CA PRO D 573 -14.42 0.99 -26.34
C PRO D 573 -13.19 1.14 -25.45
N LEU D 574 -12.89 0.09 -24.70
CA LEU D 574 -11.77 0.10 -23.77
C LEU D 574 -10.71 -0.94 -24.11
N ALA D 575 -11.12 -2.12 -24.58
CA ALA D 575 -10.19 -3.14 -25.04
C ALA D 575 -10.03 -3.00 -26.55
N MET D 576 -9.20 -2.03 -26.94
CA MET D 576 -8.96 -1.70 -28.33
C MET D 576 -7.46 -1.50 -28.53
N PRO D 577 -6.98 -1.52 -29.77
CA PRO D 577 -5.55 -1.40 -30.01
C PRO D 577 -4.97 -0.13 -29.40
N ARG D 578 -3.76 -0.25 -28.86
CA ARG D 578 -3.08 0.87 -28.21
C ARG D 578 -1.57 0.68 -28.35
N LEU D 579 -0.86 1.80 -28.19
CA LEU D 579 0.60 1.79 -28.33
C LEU D 579 1.05 1.08 -29.61
N ASP D 580 1.83 0.01 -29.46
CA ASP D 580 2.44 -0.63 -30.63
C ASP D 580 1.37 -1.08 -31.62
N MET D 581 0.27 -1.65 -31.13
CA MET D 581 -0.78 -2.11 -32.02
C MET D 581 -1.25 -0.99 -32.94
N VAL D 582 -1.30 0.24 -32.42
CA VAL D 582 -1.65 1.37 -33.27
C VAL D 582 -0.55 1.65 -34.28
N THR D 583 0.70 1.73 -33.80
CA THR D 583 1.80 2.12 -34.67
C THR D 583 1.88 1.22 -35.90
N GLY D 584 1.51 -0.04 -35.77
CA GLY D 584 1.45 -0.91 -36.91
C GLY D 584 0.30 -0.52 -37.82
N LEU D 585 -0.92 -0.55 -37.29
CA LEU D 585 -2.10 -0.29 -38.12
C LEU D 585 -2.02 1.08 -38.77
N TYR D 586 -1.38 2.04 -38.11
CA TYR D 586 -1.11 3.33 -38.73
C TYR D 586 -0.20 3.14 -39.95
N TYR D 587 1.01 2.62 -39.71
CA TYR D 587 1.96 2.43 -40.81
C TYR D 587 1.37 1.55 -41.90
N LEU D 588 0.62 0.52 -41.51
CA LEU D 588 0.05 -0.38 -42.51
C LEU D 588 -0.88 0.36 -43.46
N THR D 589 -1.55 1.41 -42.99
CA THR D 589 -2.58 2.09 -43.78
C THR D 589 -2.13 3.45 -44.30
N THR D 590 -0.92 3.89 -43.98
CA THR D 590 -0.43 5.17 -44.50
C THR D 590 -0.22 5.06 -46.00
N LEU D 591 -0.48 6.18 -46.69
CA LEU D 591 -0.25 6.29 -48.13
C LEU D 591 0.88 7.28 -48.37
N VAL D 592 1.90 6.85 -49.12
CA VAL D 592 3.09 7.65 -49.36
C VAL D 592 3.25 7.84 -50.86
N GLU D 593 3.55 9.07 -51.26
CA GLU D 593 3.72 9.40 -52.67
C GLU D 593 5.07 8.89 -53.17
N GLY D 594 5.08 8.47 -54.44
CA GLY D 594 6.31 8.02 -55.05
C GLY D 594 6.78 6.65 -54.61
N ALA D 595 5.89 5.81 -54.10
CA ALA D 595 6.29 4.48 -53.67
C ALA D 595 6.56 3.58 -54.87
N THR D 596 7.24 2.46 -54.60
CA THR D 596 7.53 1.49 -55.64
C THR D 596 6.24 0.85 -56.13
N GLY D 597 6.14 0.70 -57.46
CA GLY D 597 4.94 0.11 -58.03
C GLY D 597 3.72 1.01 -57.96
N GLU D 598 3.91 2.31 -57.80
CA GLU D 598 2.78 3.22 -57.66
C GLU D 598 1.97 3.27 -58.95
N TYR D 599 0.66 3.43 -58.79
CA TYR D 599 -0.22 3.51 -59.94
C TYR D 599 -0.06 4.85 -60.66
N GLN D 600 -0.11 4.82 -61.98
CA GLN D 600 -0.05 6.03 -62.80
C GLN D 600 -0.94 5.85 -64.01
N ALA D 601 -1.43 6.97 -64.52
CA ALA D 601 -2.42 6.95 -65.59
C ALA D 601 -1.80 6.42 -66.89
N ALA D 602 -2.65 6.28 -67.90
CA ALA D 602 -2.20 5.79 -69.19
C ALA D 602 -1.36 6.85 -69.91
N THR D 603 -0.57 6.39 -70.87
CA THR D 603 0.32 7.25 -71.63
C THR D 603 0.58 6.57 -72.97
N LYS D 604 1.02 7.36 -73.94
CA LYS D 604 1.32 6.84 -75.27
C LYS D 604 2.15 5.56 -75.16
N ASP D 605 1.67 4.51 -75.81
CA ASP D 605 2.33 3.21 -75.83
C ASP D 605 2.45 2.59 -74.43
N ALA D 606 1.62 3.04 -73.49
CA ALA D 606 1.69 2.50 -72.13
C ALA D 606 0.35 2.67 -71.42
N PRO D 607 -0.36 1.57 -71.12
CA PRO D 607 -1.61 1.69 -70.36
C PRO D 607 -1.38 1.96 -68.88
N GLU D 608 -2.46 1.98 -68.11
CA GLU D 608 -2.35 1.99 -66.66
C GLU D 608 -1.32 0.96 -66.21
N GLN D 609 -0.44 1.36 -65.29
CA GLN D 609 0.70 0.55 -64.91
C GLN D 609 0.53 -0.15 -63.57
N GLY D 610 -0.27 0.41 -62.67
CA GLY D 610 -0.36 -0.12 -61.32
C GLY D 610 -1.70 -0.72 -60.96
N VAL D 611 -2.31 -1.47 -61.87
CA VAL D 611 -3.59 -2.13 -61.64
C VAL D 611 -3.33 -3.62 -61.48
N TYR D 612 -3.90 -4.20 -60.43
CA TYR D 612 -3.73 -5.61 -60.12
C TYR D 612 -5.07 -6.33 -60.16
N SER D 613 -5.04 -7.58 -60.63
CA SER D 613 -6.27 -8.34 -60.83
C SER D 613 -6.94 -8.77 -59.52
N SER D 614 -6.19 -8.87 -58.43
CA SER D 614 -6.77 -9.27 -57.16
C SER D 614 -5.77 -9.06 -56.03
N PRO D 615 -6.21 -9.11 -54.77
CA PRO D 615 -5.25 -8.94 -53.66
C PRO D 615 -4.15 -9.97 -53.66
N ALA D 616 -4.42 -11.19 -54.13
CA ALA D 616 -3.37 -12.21 -54.17
C ALA D 616 -2.24 -11.79 -55.09
N GLU D 617 -2.57 -11.25 -56.26
CA GLU D 617 -1.53 -10.77 -57.18
C GLU D 617 -0.76 -9.60 -56.55
N ALA D 618 -1.44 -8.73 -55.83
CA ALA D 618 -0.76 -7.62 -55.16
C ALA D 618 0.23 -8.15 -54.12
N ILE D 619 -0.17 -9.17 -53.35
CA ILE D 619 0.73 -9.76 -52.37
C ILE D 619 1.92 -10.40 -53.07
N MET D 620 1.68 -11.12 -54.17
CA MET D 620 2.76 -11.76 -54.89
C MET D 620 3.75 -10.72 -55.44
N ALA D 621 3.24 -9.60 -55.94
CA ALA D 621 4.12 -8.53 -56.39
C ALA D 621 4.89 -7.92 -55.23
N MET D 622 4.23 -7.74 -54.09
CA MET D 622 4.90 -7.17 -52.92
C MET D 622 6.05 -8.05 -52.47
N ASP D 623 5.86 -9.38 -52.50
CA ASP D 623 6.93 -10.27 -52.08
C ASP D 623 8.16 -10.11 -52.96
N ARG D 624 7.96 -9.96 -54.26
CA ARG D 624 9.08 -9.76 -55.19
C ARG D 624 9.72 -8.39 -55.07
N GLY D 625 9.11 -7.47 -54.32
CA GLY D 625 9.65 -6.13 -54.16
C GLY D 625 9.20 -5.15 -55.22
N ALA D 626 8.36 -5.56 -56.17
CA ALA D 626 7.90 -4.65 -57.21
C ALA D 626 6.84 -3.67 -56.69
N LEU D 627 6.21 -3.97 -55.55
CA LEU D 627 5.16 -3.13 -55.00
C LEU D 627 5.42 -2.90 -53.53
N SER D 628 5.05 -1.72 -53.05
CA SER D 628 5.16 -1.36 -51.64
C SER D 628 3.78 -1.41 -50.99
N VAL D 629 3.72 -1.93 -49.77
CA VAL D 629 2.45 -2.08 -49.08
C VAL D 629 1.76 -0.74 -48.90
N ARG D 630 2.50 0.36 -48.90
CA ARG D 630 1.95 1.69 -48.73
C ARG D 630 1.80 2.44 -50.05
N ALA D 631 1.94 1.74 -51.19
CA ALA D 631 1.85 2.38 -52.49
C ALA D 631 0.40 2.48 -52.95
N LYS D 632 0.16 3.44 -53.84
CA LYS D 632 -1.17 3.63 -54.40
C LYS D 632 -1.38 2.70 -55.59
N ILE D 633 -2.51 2.01 -55.62
CA ILE D 633 -2.81 1.03 -56.66
C ILE D 633 -4.31 0.98 -56.90
N LYS D 634 -4.69 0.29 -57.96
CA LYS D 634 -6.08 -0.06 -58.24
C LYS D 634 -6.17 -1.58 -58.26
N VAL D 635 -7.09 -2.14 -57.47
CA VAL D 635 -7.18 -3.58 -57.29
C VAL D 635 -8.64 -4.00 -57.40
N ARG D 636 -8.89 -5.12 -58.06
CA ARG D 636 -10.24 -5.66 -58.19
C ARG D 636 -10.55 -6.50 -56.96
N LEU D 637 -11.43 -5.99 -56.11
CA LEU D 637 -11.88 -6.71 -54.92
C LEU D 637 -13.19 -7.44 -55.21
N THR D 638 -13.31 -8.64 -54.64
CA THR D 638 -14.50 -9.45 -54.83
C THR D 638 -15.10 -9.98 -53.53
N GLU D 639 -14.40 -9.92 -52.40
CA GLU D 639 -14.91 -10.40 -51.13
C GLU D 639 -15.16 -9.30 -50.11
N LEU D 640 -14.83 -8.06 -50.43
CA LEU D 640 -14.99 -6.93 -49.53
C LEU D 640 -16.12 -6.05 -50.04
N ARG D 641 -17.06 -5.71 -49.16
CA ARG D 641 -18.20 -4.90 -49.57
C ARG D 641 -17.72 -3.50 -49.95
N PRO D 642 -18.22 -2.92 -51.04
CA PRO D 642 -17.80 -1.58 -51.43
C PRO D 642 -18.35 -0.53 -50.47
N PRO D 643 -17.77 0.66 -50.44
CA PRO D 643 -18.34 1.73 -49.62
C PRO D 643 -19.79 2.00 -50.01
N THR D 644 -20.53 2.62 -49.08
CA THR D 644 -21.96 2.82 -49.30
C THR D 644 -22.22 3.64 -50.56
N ASP D 645 -21.47 4.71 -50.76
CA ASP D 645 -21.65 5.57 -51.93
C ASP D 645 -21.17 4.91 -53.22
N LEU D 646 -20.21 3.97 -53.13
CA LEU D 646 -19.84 3.19 -54.30
C LEU D 646 -20.84 2.08 -54.56
N GLU D 647 -21.40 1.48 -53.50
CA GLU D 647 -22.42 0.47 -53.67
C GLU D 647 -23.67 1.04 -54.33
N ALA D 648 -24.05 2.26 -53.93
CA ALA D 648 -25.22 2.89 -54.54
C ALA D 648 -25.01 3.07 -56.05
N GLN D 649 -23.78 3.34 -56.47
CA GLN D 649 -23.52 3.61 -57.88
C GLN D 649 -23.35 2.33 -58.68
N LEU D 650 -22.70 1.31 -58.10
CA LEU D 650 -22.33 0.12 -58.86
C LEU D 650 -23.37 -0.98 -58.79
N PHE D 651 -24.11 -1.09 -57.69
CA PHE D 651 -25.05 -2.20 -57.47
C PHE D 651 -26.40 -1.61 -57.05
N GLU D 652 -27.30 -1.47 -58.04
CA GLU D 652 -28.62 -0.92 -57.76
C GLU D 652 -29.50 -1.87 -56.96
N ASN D 653 -29.11 -3.14 -56.84
CA ASN D 653 -29.90 -4.13 -56.12
C ASN D 653 -29.11 -4.75 -54.97
N GLY D 654 -28.05 -4.10 -54.51
CA GLY D 654 -27.28 -4.60 -53.39
C GLY D 654 -26.10 -5.44 -53.80
N TRP D 655 -24.99 -5.31 -53.07
CA TRP D 655 -23.80 -6.09 -53.36
C TRP D 655 -23.88 -7.45 -52.70
N LYS D 656 -23.51 -8.50 -53.44
CA LYS D 656 -23.46 -9.86 -52.93
C LYS D 656 -22.03 -10.39 -53.01
N PRO D 657 -21.69 -11.40 -52.21
CA PRO D 657 -20.34 -11.95 -52.27
C PRO D 657 -20.00 -12.45 -53.67
N GLY D 658 -18.76 -12.20 -54.08
CA GLY D 658 -18.29 -12.61 -55.40
C GLY D 658 -18.46 -11.57 -56.48
N ASP D 659 -19.15 -10.47 -56.21
CA ASP D 659 -19.31 -9.40 -57.19
C ASP D 659 -18.06 -8.53 -57.19
N ALA D 660 -17.45 -8.37 -58.35
CA ALA D 660 -16.17 -7.67 -58.44
C ALA D 660 -16.38 -6.16 -58.58
N TRP D 661 -15.46 -5.40 -57.98
CA TRP D 661 -15.44 -3.96 -58.14
C TRP D 661 -14.01 -3.47 -57.96
N THR D 662 -13.63 -2.45 -58.74
CA THR D 662 -12.27 -1.95 -58.75
C THR D 662 -12.13 -0.83 -57.72
N ALA D 663 -11.22 -1.01 -56.77
CA ALA D 663 -10.99 -0.05 -55.70
C ALA D 663 -9.66 0.65 -55.92
N GLU D 664 -9.68 1.98 -55.82
CA GLU D 664 -8.47 2.80 -55.91
C GLU D 664 -7.96 3.01 -54.48
N THR D 665 -7.04 2.14 -54.05
CA THR D 665 -6.63 2.12 -52.66
C THR D 665 -5.20 1.59 -52.59
N THR D 666 -4.73 1.27 -51.39
CA THR D 666 -3.40 0.74 -51.17
C THR D 666 -3.52 -0.68 -50.61
N LEU D 667 -2.53 -1.52 -50.95
CA LEU D 667 -2.58 -2.91 -50.53
C LEU D 667 -2.69 -3.02 -49.01
N GLY D 668 -2.05 -2.10 -48.28
CA GLY D 668 -2.14 -2.13 -46.83
C GLY D 668 -3.56 -1.96 -46.35
N ARG D 669 -4.30 -1.02 -46.93
CA ARG D 669 -5.69 -0.82 -46.53
C ARG D 669 -6.55 -2.02 -46.90
N VAL D 670 -6.28 -2.64 -48.05
CA VAL D 670 -7.02 -3.84 -48.43
C VAL D 670 -6.78 -4.95 -47.43
N MET D 671 -5.53 -5.14 -47.02
CA MET D 671 -5.23 -6.16 -46.02
C MET D 671 -5.89 -5.84 -44.69
N PHE D 672 -5.91 -4.56 -44.30
CA PHE D 672 -6.53 -4.18 -43.05
C PHE D 672 -8.03 -4.48 -43.07
N ASN D 673 -8.72 -4.03 -44.11
CA ASN D 673 -10.16 -4.25 -44.18
C ASN D 673 -10.53 -5.72 -44.25
N GLU D 674 -9.58 -6.58 -44.63
CA GLU D 674 -9.84 -8.02 -44.61
C GLU D 674 -10.01 -8.55 -43.20
N LEU D 675 -9.52 -7.81 -42.19
CA LEU D 675 -9.71 -8.23 -40.81
C LEU D 675 -11.13 -7.96 -40.33
N LEU D 676 -11.72 -6.84 -40.76
CA LEU D 676 -13.07 -6.51 -40.35
C LEU D 676 -14.06 -7.51 -40.93
N PRO D 677 -15.23 -7.67 -40.33
CA PRO D 677 -16.19 -8.67 -40.81
C PRO D 677 -16.62 -8.39 -42.24
N LYS D 678 -17.18 -9.41 -42.88
CA LYS D 678 -17.50 -9.34 -44.30
C LYS D 678 -18.51 -8.23 -44.58
N SER D 679 -19.54 -8.11 -43.73
CA SER D 679 -20.62 -7.18 -44.00
C SER D 679 -20.18 -5.72 -43.87
N TYR D 680 -19.08 -5.44 -43.20
CA TYR D 680 -18.71 -4.05 -42.94
C TYR D 680 -18.21 -3.39 -44.23
N PRO D 681 -18.71 -2.21 -44.58
CA PRO D 681 -18.25 -1.56 -45.80
C PRO D 681 -16.76 -1.24 -45.76
N PHE D 682 -16.13 -1.24 -46.93
CA PHE D 682 -14.73 -0.88 -47.06
C PHE D 682 -14.51 0.54 -46.52
N VAL D 683 -13.42 0.72 -45.77
CA VAL D 683 -13.19 2.01 -45.11
C VAL D 683 -12.34 2.93 -45.98
N ASN D 684 -11.10 2.53 -46.24
CA ASN D 684 -10.17 3.33 -47.06
C ASN D 684 -9.78 4.62 -46.35
N GLU D 685 -9.18 4.49 -45.17
CA GLU D 685 -8.74 5.63 -44.39
C GLU D 685 -7.43 5.29 -43.68
N GLN D 686 -6.65 6.32 -43.38
CA GLN D 686 -5.48 6.17 -42.53
C GLN D 686 -5.94 6.04 -41.09
N MET D 687 -5.48 4.99 -40.40
CA MET D 687 -6.09 4.55 -39.15
C MET D 687 -5.40 5.22 -37.97
N HIS D 688 -5.67 6.52 -37.81
CA HIS D 688 -5.30 7.23 -36.60
C HIS D 688 -6.10 6.66 -35.43
N LYS D 689 -5.52 6.76 -34.23
CA LYS D 689 -6.15 6.27 -33.00
C LYS D 689 -7.64 6.58 -32.99
N LYS D 690 -8.00 7.82 -33.33
CA LYS D 690 -9.40 8.22 -33.33
C LYS D 690 -10.20 7.42 -34.37
N VAL D 691 -9.60 7.17 -35.53
CA VAL D 691 -10.31 6.44 -36.57
C VAL D 691 -10.56 4.99 -36.13
N GLN D 692 -9.55 4.37 -35.51
CA GLN D 692 -9.75 3.01 -35.01
C GLN D 692 -10.82 2.98 -33.93
N ALA D 693 -10.81 3.96 -33.03
CA ALA D 693 -11.84 4.02 -31.99
C ALA D 693 -13.23 4.16 -32.63
N ARG D 694 -13.34 5.03 -33.63
CA ARG D 694 -14.62 5.21 -34.32
C ARG D 694 -15.08 3.91 -34.96
N ILE D 695 -14.16 3.20 -35.63
CA ILE D 695 -14.54 1.96 -36.30
C ILE D 695 -15.00 0.91 -35.30
N ILE D 696 -14.27 0.77 -34.19
CA ILE D 696 -14.66 -0.21 -33.18
C ILE D 696 -16.00 0.15 -32.57
N ASN D 697 -16.22 1.44 -32.28
CA ASN D 697 -17.49 1.85 -31.70
C ASN D 697 -18.65 1.57 -32.66
N ASP D 698 -18.47 1.88 -33.94
CA ASP D 698 -19.50 1.60 -34.93
C ASP D 698 -19.76 0.09 -35.04
N LEU D 699 -18.69 -0.71 -35.01
CA LEU D 699 -18.84 -2.15 -35.12
C LEU D 699 -19.61 -2.72 -33.93
N ALA D 700 -19.35 -2.19 -32.73
CA ALA D 700 -20.05 -2.68 -31.55
C ALA D 700 -21.55 -2.48 -31.66
N GLU D 701 -21.97 -1.33 -32.20
CA GLU D 701 -23.40 -1.03 -32.29
C GLU D 701 -24.10 -1.96 -33.29
N ARG D 702 -23.42 -2.30 -34.39
CA ARG D 702 -24.07 -2.98 -35.50
C ARG D 702 -23.93 -4.49 -35.46
N PHE D 703 -23.04 -5.04 -34.64
CA PHE D 703 -22.74 -6.46 -34.62
C PHE D 703 -22.77 -7.00 -33.20
N PRO D 704 -22.98 -8.30 -33.03
CA PRO D 704 -22.91 -8.89 -31.69
C PRO D 704 -21.50 -8.83 -31.12
N MET D 705 -21.43 -8.95 -29.80
CA MET D 705 -20.15 -8.74 -29.10
C MET D 705 -19.10 -9.76 -29.52
N ILE D 706 -19.50 -10.99 -29.85
CA ILE D 706 -18.54 -12.00 -30.25
C ILE D 706 -17.74 -11.53 -31.46
N VAL D 707 -18.43 -10.94 -32.45
CA VAL D 707 -17.75 -10.42 -33.62
C VAL D 707 -16.75 -9.34 -33.23
N VAL D 708 -17.13 -8.47 -32.30
CA VAL D 708 -16.22 -7.40 -31.88
C VAL D 708 -14.98 -7.98 -31.20
N ALA D 709 -15.17 -9.00 -30.35
CA ALA D 709 -14.02 -9.60 -29.69
C ALA D 709 -13.08 -10.25 -30.69
N GLN D 710 -13.62 -11.00 -31.65
CA GLN D 710 -12.76 -11.61 -32.67
C GLN D 710 -12.07 -10.55 -33.50
N THR D 711 -12.78 -9.47 -33.84
CA THR D 711 -12.18 -8.40 -34.62
C THR D 711 -11.04 -7.73 -33.88
N VAL D 712 -11.21 -7.47 -32.58
CA VAL D 712 -10.13 -6.84 -31.83
C VAL D 712 -8.94 -7.79 -31.69
N ASP D 713 -9.19 -9.10 -31.56
CA ASP D 713 -8.07 -10.03 -31.55
C ASP D 713 -7.30 -9.98 -32.87
N LYS D 714 -8.02 -9.99 -33.99
CA LYS D 714 -7.35 -9.93 -35.29
C LYS D 714 -6.58 -8.63 -35.45
N LEU D 715 -7.17 -7.51 -35.00
CA LEU D 715 -6.49 -6.23 -35.09
C LEU D 715 -5.23 -6.23 -34.22
N LYS D 716 -5.28 -6.83 -33.04
CA LYS D 716 -4.10 -6.97 -32.21
C LYS D 716 -3.00 -7.70 -32.97
N ASP D 717 -3.34 -8.84 -33.56
CA ASP D 717 -2.34 -9.63 -34.27
C ASP D 717 -1.72 -8.82 -35.41
N ALA D 718 -2.56 -8.20 -36.25
CA ALA D 718 -2.04 -7.46 -37.38
C ALA D 718 -1.20 -6.26 -36.92
N GLY D 719 -1.65 -5.57 -35.88
CA GLY D 719 -0.92 -4.42 -35.40
C GLY D 719 0.45 -4.78 -34.87
N PHE D 720 0.53 -5.87 -34.09
CA PHE D 720 1.84 -6.31 -33.62
C PHE D 720 2.73 -6.70 -34.80
N TYR D 721 2.18 -7.46 -35.75
CA TYR D 721 2.99 -7.92 -36.87
C TYR D 721 3.57 -6.74 -37.65
N TRP D 722 2.74 -5.74 -37.94
CA TRP D 722 3.19 -4.62 -38.76
C TRP D 722 3.90 -3.53 -37.96
N ALA D 723 3.80 -3.54 -36.63
CA ALA D 723 4.63 -2.67 -35.82
C ALA D 723 6.04 -3.22 -35.68
N THR D 724 6.18 -4.55 -35.71
CA THR D 724 7.52 -5.13 -35.73
C THR D 724 8.32 -4.65 -36.92
N ARG D 725 7.66 -4.44 -38.06
CA ARG D 725 8.32 -4.06 -39.30
C ARG D 725 8.13 -2.59 -39.66
N SER D 726 7.56 -1.78 -38.75
CA SER D 726 7.30 -0.39 -39.05
C SER D 726 8.57 0.46 -39.06
N GLY D 727 9.69 -0.07 -38.57
CA GLY D 727 10.92 0.70 -38.60
C GLY D 727 10.96 1.87 -37.64
N VAL D 728 10.18 1.83 -36.57
CA VAL D 728 10.13 2.90 -35.58
C VAL D 728 11.23 2.62 -34.56
N THR D 729 12.34 3.33 -34.67
CA THR D 729 13.46 3.18 -33.76
C THR D 729 13.98 4.54 -33.35
N VAL D 730 14.70 4.59 -32.24
CA VAL D 730 15.17 5.82 -31.64
C VAL D 730 16.69 5.89 -31.76
N SER D 731 17.19 7.04 -32.21
CA SER D 731 18.62 7.30 -32.26
C SER D 731 18.84 8.81 -32.22
N MET D 732 20.06 9.21 -31.88
CA MET D 732 20.39 10.63 -31.86
C MET D 732 20.17 11.26 -33.23
N ALA D 733 20.33 10.49 -34.30
CA ALA D 733 20.07 11.02 -35.63
C ALA D 733 18.59 11.34 -35.82
N ASP D 734 17.71 10.68 -35.07
CA ASP D 734 16.28 10.90 -35.20
C ASP D 734 15.77 12.00 -34.27
N VAL D 735 16.52 12.36 -33.24
CA VAL D 735 16.13 13.44 -32.34
C VAL D 735 16.67 14.75 -32.93
N LEU D 736 15.91 15.33 -33.84
CA LEU D 736 16.36 16.53 -34.54
C LEU D 736 16.10 17.77 -33.69
N VAL D 737 16.93 18.78 -33.90
CA VAL D 737 16.83 20.07 -33.20
C VAL D 737 16.48 21.13 -34.23
N PRO D 738 15.44 21.93 -34.02
CA PRO D 738 15.10 22.97 -35.00
C PRO D 738 16.20 24.01 -35.09
N PRO D 739 16.62 24.40 -36.30
CA PRO D 739 17.72 25.37 -36.42
C PRO D 739 17.35 26.77 -35.97
N GLN D 740 16.06 27.08 -35.80
CA GLN D 740 15.64 28.42 -35.43
C GLN D 740 15.72 28.67 -33.92
N LYS D 741 16.14 27.67 -33.14
CA LYS D 741 16.18 27.83 -31.69
C LYS D 741 17.07 29.00 -31.28
N GLN D 742 18.24 29.11 -31.89
CA GLN D 742 19.21 30.11 -31.44
C GLN D 742 18.66 31.52 -31.57
N GLU D 743 18.07 31.85 -32.73
CA GLU D 743 17.57 33.21 -32.94
C GLU D 743 16.42 33.52 -31.98
N ILE D 744 15.52 32.56 -31.78
CA ILE D 744 14.39 32.78 -30.87
C ILE D 744 14.90 33.04 -29.46
N LEU D 745 15.83 32.21 -28.98
CA LEU D 745 16.36 32.39 -27.64
C LEU D 745 17.07 33.72 -27.50
N GLU D 746 17.86 34.11 -28.51
CA GLU D 746 18.56 35.38 -28.44
C GLU D 746 17.59 36.56 -28.40
N ARG D 747 16.55 36.52 -29.24
CA ARG D 747 15.58 37.61 -29.26
C ARG D 747 14.87 37.74 -27.92
N HIS D 748 14.44 36.61 -27.35
CA HIS D 748 13.73 36.69 -26.07
C HIS D 748 14.67 37.04 -24.93
N GLU D 749 15.96 36.67 -25.04
CA GLU D 749 16.93 37.12 -24.06
C GLU D 749 17.12 38.62 -24.12
N ALA D 750 17.14 39.19 -25.34
CA ALA D 750 17.19 40.64 -25.47
C ALA D 750 15.96 41.29 -24.85
N GLU D 751 14.79 40.70 -25.07
CA GLU D 751 13.58 41.23 -24.44
C GLU D 751 13.69 41.19 -22.92
N ALA D 752 14.21 40.09 -22.37
CA ALA D 752 14.38 39.99 -20.92
C ALA D 752 15.39 41.03 -20.42
N ASP D 753 16.42 41.30 -21.22
CA ASP D 753 17.36 42.35 -20.84
C ASP D 753 16.68 43.71 -20.80
N ALA D 754 15.78 43.95 -21.75
CA ALA D 754 14.97 45.18 -21.70
C ALA D 754 14.12 45.23 -20.45
N ILE D 755 13.54 44.08 -20.06
CA ILE D 755 12.79 44.01 -18.81
C ILE D 755 13.68 44.40 -17.64
N GLU D 756 14.91 43.87 -17.61
CA GLU D 756 15.82 44.19 -16.52
C GLU D 756 16.13 45.67 -16.49
N ARG D 757 16.34 46.27 -17.67
CA ARG D 757 16.62 47.71 -17.73
C ARG D 757 15.44 48.50 -17.15
N LYS D 758 14.22 48.15 -17.56
CA LYS D 758 13.05 48.88 -17.07
C LYS D 758 12.85 48.68 -15.58
N TYR D 759 13.19 47.49 -15.07
CA TYR D 759 13.10 47.27 -13.62
C TYR D 759 14.13 48.11 -12.88
N GLN D 760 15.34 48.22 -13.42
CA GLN D 760 16.34 49.09 -12.82
C GLN D 760 15.86 50.53 -12.82
N ARG D 761 15.18 50.95 -13.88
CA ARG D 761 14.61 52.29 -13.93
C ARG D 761 13.53 52.49 -12.88
N GLY D 762 13.01 51.41 -12.30
CA GLY D 762 12.02 51.50 -11.25
C GLY D 762 10.58 51.55 -11.72
N ALA D 763 10.27 51.00 -12.89
CA ALA D 763 8.91 51.02 -13.41
C ALA D 763 8.10 49.78 -13.04
N LEU D 764 8.72 48.79 -12.40
CA LEU D 764 8.05 47.52 -12.10
C LEU D 764 8.31 47.11 -10.66
N ASN D 765 7.30 46.49 -10.04
CA ASN D 765 7.50 45.81 -8.77
C ASN D 765 8.13 44.45 -9.00
N HIS D 766 8.65 43.86 -7.92
CA HIS D 766 9.33 42.58 -8.04
C HIS D 766 8.42 41.52 -8.62
N THR D 767 7.20 41.39 -8.08
CA THR D 767 6.26 40.42 -8.60
C THR D 767 5.87 40.73 -10.04
N GLU D 768 5.67 42.00 -10.35
CA GLU D 768 5.35 42.39 -11.73
C GLU D 768 6.48 42.01 -12.68
N ARG D 769 7.73 42.27 -12.27
CA ARG D 769 8.87 41.91 -13.11
C ARG D 769 8.93 40.41 -13.33
N ASN D 770 8.75 39.63 -12.26
CA ASN D 770 8.82 38.17 -12.38
C ASN D 770 7.73 37.66 -13.31
N GLU D 771 6.51 38.19 -13.16
CA GLU D 771 5.41 37.74 -14.01
C GLU D 771 5.64 38.15 -15.46
N SER D 772 6.19 39.33 -15.71
CA SER D 772 6.49 39.73 -17.08
C SER D 772 7.55 38.82 -17.71
N LEU D 773 8.59 38.48 -16.95
CA LEU D 773 9.61 37.57 -17.48
C LEU D 773 9.01 36.19 -17.78
N VAL D 774 8.17 35.68 -16.86
CA VAL D 774 7.51 34.41 -17.11
C VAL D 774 6.66 34.50 -18.36
N LYS D 775 5.97 35.63 -18.54
CA LYS D 775 5.12 35.83 -19.70
C LYS D 775 5.92 35.78 -20.99
N ILE D 776 7.07 36.44 -21.01
CA ILE D 776 7.92 36.42 -22.21
C ILE D 776 8.41 35.01 -22.49
N TRP D 777 8.89 34.32 -21.45
CA TRP D 777 9.51 33.02 -21.68
C TRP D 777 8.47 31.97 -22.06
N GLN D 778 7.23 32.12 -21.62
CA GLN D 778 6.19 31.18 -22.03
C GLN D 778 5.97 31.22 -23.54
N ASP D 779 5.84 32.43 -24.10
CA ASP D 779 5.70 32.53 -25.55
C ASP D 779 6.98 32.14 -26.26
N ALA D 780 8.14 32.36 -25.64
CA ALA D 780 9.38 31.84 -26.23
C ALA D 780 9.32 30.32 -26.37
N THR D 781 8.88 29.64 -25.31
CA THR D 781 8.76 28.18 -25.36
C THR D 781 7.75 27.75 -26.41
N GLU D 782 6.62 28.46 -26.50
CA GLU D 782 5.61 28.11 -27.49
C GLU D 782 6.15 28.28 -28.91
N GLU D 783 6.91 29.36 -29.15
CA GLU D 783 7.50 29.57 -30.47
C GLU D 783 8.52 28.48 -30.80
N VAL D 784 9.33 28.08 -29.81
CA VAL D 784 10.29 27.01 -30.05
C VAL D 784 9.55 25.71 -30.39
N GLY D 785 8.46 25.42 -29.68
CA GLY D 785 7.68 24.24 -30.00
C GLY D 785 7.09 24.30 -31.40
N LYS D 786 6.61 25.48 -31.80
CA LYS D 786 6.08 25.64 -33.15
C LYS D 786 7.16 25.36 -34.19
N ALA D 787 8.36 25.91 -33.98
CA ALA D 787 9.45 25.66 -34.90
C ALA D 787 9.80 24.18 -34.97
N LEU D 788 9.84 23.51 -33.81
CA LEU D 788 10.11 22.08 -33.79
C LEU D 788 9.07 21.31 -34.59
N GLU D 789 7.80 21.62 -34.37
CA GLU D 789 6.74 20.91 -35.09
C GLU D 789 6.83 21.16 -36.58
N GLU D 790 7.19 22.38 -36.99
CA GLU D 790 7.28 22.71 -38.41
C GLU D 790 8.54 22.14 -39.06
N PHE D 791 9.56 21.79 -38.28
CA PHE D 791 10.81 21.32 -38.85
C PHE D 791 10.84 19.81 -39.09
N TYR D 792 10.24 19.03 -38.21
CA TYR D 792 10.38 17.59 -38.28
C TYR D 792 9.72 17.05 -39.55
N PRO D 793 10.34 16.08 -40.24
CA PRO D 793 9.65 15.43 -41.35
C PRO D 793 8.54 14.52 -40.87
N ALA D 794 7.59 14.25 -41.77
CA ALA D 794 6.41 13.49 -41.40
C ALA D 794 6.72 12.04 -41.04
N ASP D 795 7.81 11.48 -41.56
CA ASP D 795 8.13 10.07 -41.38
C ASP D 795 9.17 9.84 -40.29
N ASN D 796 9.51 10.85 -39.51
CA ASN D 796 10.47 10.67 -38.44
C ASN D 796 9.87 9.76 -37.36
N PRO D 797 10.60 8.77 -36.85
CA PRO D 797 9.99 7.87 -35.85
C PRO D 797 9.45 8.58 -34.62
N ILE D 798 10.17 9.60 -34.13
CA ILE D 798 9.74 10.26 -32.90
C ILE D 798 8.41 10.96 -33.11
N ILE D 799 8.29 11.73 -34.19
CA ILE D 799 7.02 12.39 -34.49
C ILE D 799 5.98 11.37 -34.96
N THR D 800 6.42 10.28 -35.59
CA THR D 800 5.48 9.25 -36.02
C THR D 800 4.77 8.63 -34.83
N ILE D 801 5.50 8.37 -33.75
CA ILE D 801 4.89 7.76 -32.56
C ILE D 801 3.78 8.65 -32.02
N VAL D 802 4.00 9.96 -32.01
CA VAL D 802 3.04 10.88 -31.39
C VAL D 802 1.88 11.15 -32.32
N LYS D 803 2.16 11.57 -33.56
CA LYS D 803 1.10 11.98 -34.47
C LYS D 803 0.09 10.86 -34.70
N SER D 804 0.54 9.60 -34.69
CA SER D 804 -0.37 8.48 -34.85
C SER D 804 -1.26 8.26 -33.64
N GLY D 805 -1.00 8.98 -32.53
CA GLY D 805 -1.79 8.80 -31.34
C GLY D 805 -1.44 7.59 -30.51
N ALA D 806 -0.37 6.88 -30.87
CA ALA D 806 0.02 5.69 -30.12
C ALA D 806 0.36 6.04 -28.68
N THR D 807 1.21 7.03 -28.47
CA THR D 807 1.61 7.43 -27.13
C THR D 807 2.31 8.78 -27.20
N GLY D 808 2.44 9.41 -26.04
CA GLY D 808 3.17 10.66 -25.94
C GLY D 808 2.36 11.85 -26.39
N ASN D 809 3.01 13.01 -26.36
CA ASN D 809 2.40 14.26 -26.77
C ASN D 809 3.50 15.22 -27.21
N LEU D 810 3.11 16.28 -27.92
CA LEU D 810 4.09 17.21 -28.46
C LEU D 810 4.86 17.94 -27.36
N THR D 811 4.30 18.07 -26.17
CA THR D 811 5.02 18.72 -25.08
C THR D 811 6.26 17.93 -24.70
N GLN D 812 6.15 16.61 -24.60
CA GLN D 812 7.32 15.78 -24.29
C GLN D 812 8.35 15.85 -25.40
N THR D 813 7.90 15.88 -26.66
CA THR D 813 8.84 16.02 -27.77
C THR D 813 9.57 17.36 -27.70
N ARG D 814 8.86 18.43 -27.36
CA ARG D 814 9.50 19.72 -27.20
C ARG D 814 10.52 19.70 -26.08
N THR D 815 10.18 19.07 -24.96
CA THR D 815 11.13 18.96 -23.85
C THR D 815 12.36 18.17 -24.27
N LEU D 816 12.17 17.11 -25.05
CA LEU D 816 13.29 16.26 -25.45
C LEU D 816 14.21 16.98 -26.43
N ALA D 817 13.63 17.62 -27.46
CA ALA D 817 14.41 18.21 -28.54
C ALA D 817 14.34 19.72 -28.60
N GLY D 818 13.45 20.35 -27.83
CA GLY D 818 13.29 21.79 -27.86
C GLY D 818 13.98 22.47 -26.70
N MET D 819 13.20 22.84 -25.68
CA MET D 819 13.75 23.40 -24.45
C MET D 819 12.84 23.04 -23.29
N LYS D 820 13.45 22.74 -22.14
CA LYS D 820 12.67 22.36 -20.97
C LYS D 820 11.71 23.44 -20.55
N GLY D 821 12.08 24.70 -20.73
CA GLY D 821 11.21 25.81 -20.38
C GLY D 821 11.26 26.14 -18.91
N LEU D 822 10.25 26.89 -18.48
CA LEU D 822 10.17 27.35 -17.10
C LEU D 822 9.92 26.18 -16.16
N VAL D 823 10.42 26.34 -14.93
CA VAL D 823 10.24 25.36 -13.86
C VAL D 823 9.79 26.08 -12.60
N THR D 824 9.23 25.31 -11.67
CA THR D 824 8.63 25.85 -10.47
C THR D 824 9.55 25.65 -9.28
N ASN D 825 9.71 26.69 -8.47
CA ASN D 825 10.48 26.60 -7.23
C ASN D 825 9.64 25.84 -6.20
N PRO D 826 10.26 25.43 -5.09
CA PRO D 826 9.53 24.60 -4.11
C PRO D 826 8.22 25.24 -3.63
N LYS D 827 8.17 26.56 -3.50
CA LYS D 827 6.95 27.22 -3.06
C LYS D 827 5.80 27.08 -4.07
N GLY D 828 6.11 26.75 -5.32
CA GLY D 828 5.07 26.53 -6.31
C GLY D 828 4.84 27.72 -7.23
N GLU D 829 5.91 28.40 -7.62
CA GLU D 829 5.84 29.52 -8.55
C GLU D 829 6.98 29.42 -9.55
N PHE D 830 6.76 29.97 -10.74
CA PHE D 830 7.73 29.84 -11.82
C PHE D 830 8.99 30.64 -11.52
N ILE D 831 10.14 30.02 -11.71
CA ILE D 831 11.42 30.75 -11.61
C ILE D 831 11.60 31.61 -12.85
N PRO D 832 12.07 32.86 -12.73
CA PRO D 832 12.17 33.73 -13.91
C PRO D 832 13.25 33.32 -14.90
N ARG D 833 14.11 32.36 -14.56
CA ARG D 833 15.17 31.93 -15.48
C ARG D 833 14.78 30.58 -16.08
N PRO D 834 14.55 30.50 -17.39
CA PRO D 834 14.16 29.21 -17.98
C PRO D 834 15.34 28.27 -18.12
N ILE D 835 15.01 27.00 -18.33
CA ILE D 835 16.00 25.98 -18.64
C ILE D 835 16.11 25.94 -20.17
N LYS D 836 17.16 26.58 -20.69
CA LYS D 836 17.30 26.75 -22.13
C LYS D 836 17.98 25.57 -22.81
N SER D 837 18.37 24.53 -22.07
CA SER D 837 19.02 23.37 -22.65
C SER D 837 18.05 22.19 -22.65
N SER D 838 17.90 21.56 -23.81
CA SER D 838 17.07 20.37 -23.91
C SER D 838 17.82 19.15 -23.36
N PHE D 839 17.07 18.09 -23.10
CA PHE D 839 17.67 16.86 -22.60
C PHE D 839 18.61 16.22 -23.62
N ARG D 840 18.45 16.55 -24.91
CA ARG D 840 19.42 16.10 -25.89
C ARG D 840 20.75 16.83 -25.74
N GLU D 841 20.69 18.15 -25.54
CA GLU D 841 21.92 18.92 -25.34
C GLU D 841 22.58 18.59 -24.00
N GLY D 842 21.78 18.34 -22.97
CA GLY D 842 22.30 18.09 -21.64
C GLY D 842 22.21 19.31 -20.75
N LEU D 843 21.39 19.24 -19.71
CA LEU D 843 21.23 20.36 -18.81
C LEU D 843 22.50 20.61 -18.02
N THR D 844 22.80 21.88 -17.77
CA THR D 844 23.94 22.23 -16.93
C THR D 844 23.66 21.84 -15.48
N VAL D 845 24.67 22.04 -14.63
CA VAL D 845 24.56 21.59 -13.25
C VAL D 845 23.41 22.28 -12.54
N LEU D 846 23.32 23.61 -12.69
CA LEU D 846 22.34 24.38 -11.92
C LEU D 846 20.93 24.23 -12.47
N GLU D 847 20.77 24.16 -13.80
CA GLU D 847 19.45 23.87 -14.36
C GLU D 847 18.94 22.52 -13.89
N TYR D 848 19.82 21.52 -13.88
CA TYR D 848 19.44 20.20 -13.37
C TYR D 848 19.09 20.29 -11.89
N PHE D 849 19.85 21.08 -11.12
CA PHE D 849 19.55 21.22 -9.70
C PHE D 849 18.16 21.81 -9.49
N ILE D 850 17.80 22.85 -10.26
CA ILE D 850 16.50 23.49 -10.07
C ILE D 850 15.36 22.62 -10.58
N ASN D 851 15.61 21.74 -11.55
CA ASN D 851 14.55 20.83 -11.98
C ASN D 851 14.15 19.85 -10.88
N THR D 852 15.08 19.54 -9.97
CA THR D 852 14.79 18.62 -8.88
C THR D 852 13.69 19.13 -7.98
N HIS D 853 13.54 20.45 -7.86
CA HIS D 853 12.43 20.98 -7.05
C HIS D 853 11.10 20.44 -7.53
N GLY D 854 10.82 20.62 -8.83
CA GLY D 854 9.57 20.12 -9.38
C GLY D 854 9.48 18.61 -9.36
N ALA D 855 10.59 17.93 -9.67
CA ALA D 855 10.57 16.47 -9.65
C ALA D 855 10.15 15.95 -8.28
N ARG D 856 10.84 16.43 -7.23
CA ARG D 856 10.53 16.00 -5.87
C ARG D 856 9.11 16.39 -5.47
N LYS D 857 8.69 17.61 -5.84
CA LYS D 857 7.35 18.05 -5.48
C LYS D 857 6.31 17.09 -6.05
N GLY D 858 6.43 16.75 -7.34
CA GLY D 858 5.47 15.84 -7.93
C GLY D 858 5.50 14.46 -7.32
N LEU D 859 6.70 13.91 -7.13
CA LEU D 859 6.82 12.56 -6.57
C LEU D 859 6.22 12.49 -5.17
N ALA D 860 6.46 13.51 -4.35
CA ALA D 860 5.92 13.52 -3.00
C ALA D 860 4.43 13.84 -3.00
N ASP D 861 3.96 14.59 -3.99
CA ASP D 861 2.56 14.99 -4.02
C ASP D 861 1.64 13.83 -4.40
N THR D 862 2.05 13.02 -5.38
CA THR D 862 1.12 12.04 -5.94
C THR D 862 0.43 11.19 -4.87
N ALA D 863 1.17 10.79 -3.83
CA ALA D 863 0.61 9.92 -2.80
C ALA D 863 -0.56 10.58 -2.08
N LEU D 864 -0.38 11.84 -1.66
CA LEU D 864 -1.47 12.57 -1.03
C LEU D 864 -2.55 12.91 -2.06
N ARG D 865 -2.17 13.07 -3.32
CA ARG D 865 -3.12 13.43 -4.36
C ARG D 865 -4.16 12.34 -4.55
N THR D 866 -3.74 11.08 -4.52
CA THR D 866 -4.71 9.98 -4.64
C THR D 866 -5.72 9.98 -3.51
N ALA D 867 -5.35 10.54 -2.35
CA ALA D 867 -6.21 10.47 -1.17
C ALA D 867 -7.51 11.22 -1.38
N ASP D 868 -7.45 12.40 -2.01
CA ASP D 868 -8.66 13.18 -2.22
C ASP D 868 -9.64 12.46 -3.14
N SER D 869 -9.11 11.86 -4.22
CA SER D 869 -9.97 11.07 -5.10
C SER D 869 -10.60 9.91 -4.35
N GLY D 870 -9.83 9.23 -3.52
CA GLY D 870 -10.40 8.15 -2.72
C GLY D 870 -11.50 8.65 -1.80
N TYR D 871 -11.28 9.79 -1.15
CA TYR D 871 -12.28 10.41 -0.29
C TYR D 871 -13.58 10.64 -1.05
N LEU D 872 -13.48 11.30 -2.20
CA LEU D 872 -14.68 11.62 -2.98
C LEU D 872 -15.38 10.35 -3.44
N THR D 873 -14.60 9.33 -3.87
CA THR D 873 -15.22 8.09 -4.32
C THR D 873 -15.96 7.39 -3.18
N ARG D 874 -15.35 7.36 -2.00
CA ARG D 874 -16.03 6.76 -0.85
C ARG D 874 -17.36 7.46 -0.59
N ARG D 875 -17.35 8.79 -0.57
CA ARG D 875 -18.58 9.52 -0.27
C ARG D 875 -19.63 9.30 -1.36
N LEU D 876 -19.22 9.32 -2.63
CA LEU D 876 -20.17 9.10 -3.71
C LEU D 876 -20.78 7.72 -3.64
N VAL D 877 -19.96 6.70 -3.32
CA VAL D 877 -20.49 5.35 -3.19
C VAL D 877 -21.45 5.26 -2.01
N ASP D 878 -21.12 5.94 -0.91
CA ASP D 878 -21.97 5.85 0.28
C ASP D 878 -23.33 6.51 0.04
N VAL D 879 -23.36 7.68 -0.60
CA VAL D 879 -24.62 8.38 -0.76
C VAL D 879 -25.55 7.62 -1.71
N SER D 880 -25.01 7.08 -2.81
CA SER D 880 -25.80 6.41 -3.83
C SER D 880 -25.76 4.90 -3.69
N GLN D 881 -25.65 4.37 -2.48
CA GLN D 881 -25.53 2.93 -2.29
C GLN D 881 -26.80 2.20 -2.75
N ASP D 882 -27.97 2.75 -2.44
CA ASP D 882 -29.23 2.03 -2.60
C ASP D 882 -30.02 2.46 -3.83
N VAL D 883 -29.38 3.04 -4.83
CA VAL D 883 -30.06 3.40 -6.08
C VAL D 883 -29.93 2.21 -7.02
N ILE D 884 -31.01 1.42 -7.15
CA ILE D 884 -31.02 0.20 -7.93
C ILE D 884 -32.25 0.21 -8.83
N VAL D 885 -32.10 -0.29 -10.05
CA VAL D 885 -33.23 -0.41 -10.97
C VAL D 885 -34.16 -1.50 -10.43
N ARG D 886 -35.40 -1.11 -10.14
CA ARG D 886 -36.36 -2.00 -9.49
C ARG D 886 -37.52 -2.42 -10.38
N GLU D 887 -37.80 -1.69 -11.46
CA GLU D 887 -38.95 -2.00 -12.31
C GLU D 887 -38.61 -1.62 -13.74
N HIS D 888 -39.52 -1.97 -14.65
CA HIS D 888 -39.29 -1.73 -16.07
C HIS D 888 -39.63 -0.30 -16.45
N ASP D 889 -40.87 0.14 -16.20
CA ASP D 889 -41.31 1.48 -16.53
C ASP D 889 -42.13 2.04 -15.39
N CYS D 890 -41.95 3.34 -15.12
CA CYS D 890 -42.71 4.03 -14.09
C CYS D 890 -43.96 4.72 -14.63
N GLU D 891 -44.20 4.64 -15.94
CA GLU D 891 -45.41 5.20 -16.53
C GLU D 891 -45.52 6.69 -16.25
N THR D 892 -44.57 7.48 -16.75
CA THR D 892 -44.59 8.91 -16.57
C THR D 892 -44.17 9.59 -17.87
N GLU D 893 -44.69 10.80 -18.08
CA GLU D 893 -44.31 11.62 -19.22
C GLU D 893 -43.28 12.69 -18.87
N ARG D 894 -42.91 12.80 -17.59
CA ARG D 894 -41.97 13.84 -17.18
C ARG D 894 -40.58 13.59 -17.76
N GLY D 895 -39.90 14.67 -18.08
CA GLY D 895 -38.56 14.55 -18.64
C GLY D 895 -37.84 15.88 -18.58
N ILE D 896 -36.69 15.92 -19.26
CA ILE D 896 -35.87 17.13 -19.33
C ILE D 896 -35.57 17.44 -20.79
N ASN D 897 -35.33 18.71 -21.07
CA ASN D 897 -35.09 19.16 -22.43
C ASN D 897 -33.60 19.14 -22.75
N VAL D 898 -33.26 18.61 -23.93
CA VAL D 898 -31.89 18.59 -24.42
C VAL D 898 -31.88 19.19 -25.82
N THR D 899 -30.75 19.80 -26.17
CA THR D 899 -30.58 20.48 -27.44
C THR D 899 -29.63 19.67 -28.32
N LEU D 900 -30.03 19.43 -29.57
CA LEU D 900 -29.23 18.66 -30.51
C LEU D 900 -28.39 19.54 -31.41
N ALA D 901 -28.93 20.67 -31.85
CA ALA D 901 -28.22 21.53 -32.79
C ALA D 901 -28.73 22.96 -32.62
N GLU D 902 -27.96 23.90 -33.15
CA GLU D 902 -28.27 25.31 -33.07
C GLU D 902 -28.21 25.96 -34.44
N ARG D 903 -29.07 26.96 -34.65
CA ARG D 903 -29.05 27.72 -35.89
C ARG D 903 -27.85 28.66 -35.92
N GLY D 904 -27.56 29.19 -37.10
CA GLY D 904 -26.47 30.13 -37.27
C GLY D 904 -26.61 30.93 -38.55
N PRO D 905 -25.66 31.84 -38.78
CA PRO D 905 -25.71 32.65 -40.01
C PRO D 905 -25.55 31.83 -41.28
N ASP D 906 -25.03 30.60 -41.19
CA ASP D 906 -24.88 29.74 -42.36
C ASP D 906 -26.21 29.24 -42.90
N GLY D 907 -27.31 29.44 -42.18
CA GLY D 907 -28.61 28.97 -42.62
C GLY D 907 -28.92 27.58 -42.11
N THR D 908 -27.94 26.67 -42.20
CA THR D 908 -28.13 25.33 -41.70
C THR D 908 -28.02 25.30 -40.19
N LEU D 909 -28.46 24.19 -39.59
CA LEU D 909 -28.35 23.97 -38.16
C LEU D 909 -27.16 23.07 -37.89
N ILE D 910 -26.28 23.52 -36.99
CA ILE D 910 -25.02 22.83 -36.71
C ILE D 910 -25.19 22.02 -35.43
N ARG D 911 -24.73 20.77 -35.46
CA ARG D 911 -24.84 19.89 -34.30
C ARG D 911 -24.00 20.42 -33.15
N ASP D 912 -24.53 20.32 -31.94
CA ASP D 912 -23.82 20.76 -30.75
C ASP D 912 -22.82 19.70 -30.33
N ALA D 913 -21.57 20.12 -30.08
CA ALA D 913 -20.55 19.20 -29.61
C ALA D 913 -20.85 18.67 -28.21
N HIS D 914 -21.77 19.30 -27.49
CA HIS D 914 -22.16 18.87 -26.16
C HIS D 914 -23.14 17.70 -26.18
N VAL D 915 -23.62 17.30 -27.37
CA VAL D 915 -24.73 16.37 -27.46
C VAL D 915 -24.35 14.97 -27.03
N GLU D 916 -23.13 14.51 -27.36
CA GLU D 916 -22.80 13.10 -27.25
C GLU D 916 -22.97 12.56 -25.84
N THR D 917 -22.63 13.35 -24.82
CA THR D 917 -22.72 12.91 -23.44
C THR D 917 -24.00 13.36 -22.74
N SER D 918 -24.91 14.01 -23.47
CA SER D 918 -26.13 14.55 -22.85
C SER D 918 -27.39 13.90 -23.42
N ALA D 919 -27.48 13.84 -24.75
CA ALA D 919 -28.69 13.34 -25.41
C ALA D 919 -28.56 11.90 -25.88
N PHE D 920 -27.40 11.50 -26.38
CA PHE D 920 -27.23 10.14 -26.86
C PHE D 920 -27.43 9.15 -25.72
N ALA D 921 -28.02 8.00 -26.06
CA ALA D 921 -28.29 6.90 -25.14
C ALA D 921 -29.47 7.17 -24.23
N ARG D 922 -30.29 8.17 -24.54
CA ARG D 922 -31.48 8.48 -23.76
C ARG D 922 -32.71 7.81 -24.36
N THR D 923 -33.84 8.00 -23.71
CA THR D 923 -35.14 7.57 -24.21
C THR D 923 -36.08 8.76 -24.30
N LEU D 924 -36.83 8.83 -25.40
CA LEU D 924 -37.68 9.98 -25.64
C LEU D 924 -38.92 9.93 -24.74
N ALA D 925 -39.17 11.04 -24.04
CA ALA D 925 -40.36 11.14 -23.19
C ALA D 925 -41.60 11.39 -24.04
N THR D 926 -41.48 12.18 -25.09
CA THR D 926 -42.60 12.50 -25.97
C THR D 926 -42.13 12.45 -27.41
N ASP D 927 -43.08 12.25 -28.32
CA ASP D 927 -42.76 12.17 -29.74
C ASP D 927 -42.16 13.48 -30.23
N ALA D 928 -41.22 13.37 -31.17
CA ALA D 928 -40.58 14.53 -31.77
C ALA D 928 -41.31 14.91 -33.04
N VAL D 929 -41.78 16.15 -33.11
CA VAL D 929 -42.60 16.64 -34.21
C VAL D 929 -41.93 17.88 -34.81
N ASP D 930 -41.87 17.93 -36.13
CA ASP D 930 -41.32 19.07 -36.84
C ASP D 930 -42.40 20.16 -36.95
N ALA D 931 -42.15 21.17 -37.78
CA ALA D 931 -43.04 22.31 -37.88
C ALA D 931 -44.37 21.98 -38.53
N ASN D 932 -44.49 20.84 -39.22
CA ASN D 932 -45.71 20.51 -39.95
C ASN D 932 -46.27 19.15 -39.54
N GLY D 933 -46.12 18.79 -38.27
CA GLY D 933 -46.84 17.65 -37.71
C GLY D 933 -46.28 16.29 -38.04
N ASN D 934 -45.08 16.20 -38.60
CA ASN D 934 -44.48 14.90 -38.87
C ASN D 934 -43.80 14.38 -37.62
N VAL D 935 -44.32 13.27 -37.08
CA VAL D 935 -43.72 12.64 -35.91
C VAL D 935 -42.45 11.93 -36.34
N ILE D 936 -41.30 12.56 -36.12
CA ILE D 936 -40.04 12.00 -36.58
C ILE D 936 -39.72 10.71 -35.85
N ILE D 937 -39.83 10.72 -34.53
CA ILE D 937 -39.58 9.55 -33.69
C ILE D 937 -40.65 9.48 -32.61
N GLU D 938 -41.17 8.28 -32.38
CA GLU D 938 -42.18 8.08 -31.35
C GLU D 938 -41.52 7.94 -29.97
N ARG D 939 -42.33 8.18 -28.94
CA ARG D 939 -41.82 8.11 -27.58
C ARG D 939 -41.40 6.67 -27.25
N GLY D 940 -40.44 6.55 -26.33
CA GLY D 940 -39.91 5.25 -25.96
C GLY D 940 -38.77 4.76 -26.83
N HIS D 941 -38.42 5.50 -27.89
CA HIS D 941 -37.31 5.10 -28.74
C HIS D 941 -35.98 5.43 -28.07
N ASP D 942 -34.98 4.60 -28.34
CA ASP D 942 -33.64 4.79 -27.82
C ASP D 942 -32.87 5.68 -28.79
N LEU D 943 -32.32 6.79 -28.29
CA LEU D 943 -31.68 7.80 -29.13
C LEU D 943 -30.24 7.39 -29.44
N GLY D 944 -30.12 6.48 -30.40
CA GLY D 944 -28.83 6.18 -30.97
C GLY D 944 -28.40 7.23 -31.99
N ASP D 945 -27.21 7.04 -32.53
CA ASP D 945 -26.72 7.96 -33.56
C ASP D 945 -27.67 8.08 -34.74
N PRO D 946 -28.25 6.99 -35.27
CA PRO D 946 -29.23 7.16 -36.36
C PRO D 946 -30.42 8.01 -35.95
N ALA D 947 -30.88 7.89 -34.70
CA ALA D 947 -32.01 8.70 -34.26
C ALA D 947 -31.66 10.18 -34.25
N ILE D 948 -30.48 10.53 -33.76
CA ILE D 948 -30.04 11.91 -33.76
C ILE D 948 -29.89 12.41 -35.20
N ASP D 949 -29.34 11.58 -36.08
CA ASP D 949 -29.20 11.98 -37.48
C ASP D 949 -30.57 12.27 -38.10
N ALA D 950 -31.54 11.40 -37.84
CA ALA D 950 -32.89 11.63 -38.36
C ALA D 950 -33.49 12.90 -37.79
N LEU D 951 -33.31 13.13 -36.49
CA LEU D 951 -33.86 14.34 -35.87
C LEU D 951 -33.26 15.59 -36.51
N LEU D 952 -31.95 15.59 -36.75
CA LEU D 952 -31.33 16.71 -37.42
C LEU D 952 -31.83 16.84 -38.86
N ALA D 953 -32.04 15.71 -39.53
CA ALA D 953 -32.55 15.74 -40.91
C ALA D 953 -33.90 16.43 -41.02
N ALA D 954 -34.70 16.41 -39.95
CA ALA D 954 -36.00 17.04 -39.93
C ALA D 954 -35.98 18.44 -39.34
N GLY D 955 -34.81 18.96 -39.00
CA GLY D 955 -34.72 20.29 -38.43
C GLY D 955 -35.14 20.38 -36.97
N ILE D 956 -35.11 19.28 -36.24
CA ILE D 956 -35.46 19.29 -34.82
C ILE D 956 -34.25 19.78 -34.03
N THR D 957 -34.44 20.84 -33.26
CA THR D 957 -33.35 21.42 -32.49
C THR D 957 -33.29 20.92 -31.05
N THR D 958 -34.44 20.64 -30.45
CA THR D 958 -34.50 20.20 -29.07
C THR D 958 -35.50 19.06 -28.93
N VAL D 959 -35.28 18.22 -27.92
CA VAL D 959 -36.18 17.10 -27.62
C VAL D 959 -36.34 16.98 -26.12
N LYS D 960 -37.34 16.21 -25.71
CA LYS D 960 -37.61 15.92 -24.31
C LYS D 960 -37.30 14.44 -24.06
N VAL D 961 -36.41 14.18 -23.10
CA VAL D 961 -35.93 12.85 -22.83
C VAL D 961 -36.19 12.50 -21.36
N ARG D 962 -36.57 11.25 -21.13
CA ARG D 962 -36.76 10.77 -19.77
C ARG D 962 -35.41 10.69 -19.07
N SER D 963 -35.40 11.10 -17.79
CA SER D 963 -34.16 11.17 -17.03
C SER D 963 -34.42 10.62 -15.62
N VAL D 964 -33.33 10.19 -14.99
CA VAL D 964 -33.43 9.68 -13.62
C VAL D 964 -33.89 10.77 -12.67
N LEU D 965 -33.65 12.04 -13.04
CA LEU D 965 -34.04 13.15 -12.16
C LEU D 965 -35.55 13.18 -11.97
N THR D 966 -36.32 12.96 -13.04
CA THR D 966 -37.76 13.10 -13.01
C THR D 966 -38.48 11.77 -12.90
N CYS D 967 -37.77 10.69 -12.58
CA CYS D 967 -38.39 9.36 -12.49
C CYS D 967 -39.25 9.30 -11.23
N THR D 968 -40.56 9.18 -11.40
CA THR D 968 -41.49 9.05 -10.28
C THR D 968 -41.76 7.57 -10.03
N SER D 969 -40.84 6.96 -9.28
CA SER D 969 -40.91 5.53 -8.96
C SER D 969 -40.95 5.35 -7.45
N ALA D 970 -41.70 4.35 -7.00
CA ALA D 970 -41.85 4.12 -5.57
C ALA D 970 -40.51 3.83 -4.91
N THR D 971 -39.69 2.98 -5.53
CA THR D 971 -38.40 2.61 -4.98
C THR D 971 -37.39 2.50 -6.12
N GLY D 972 -36.19 3.05 -5.88
CA GLY D 972 -35.17 3.02 -6.91
C GLY D 972 -35.61 3.77 -8.16
N VAL D 973 -35.22 3.24 -9.32
CA VAL D 973 -35.57 3.81 -10.61
C VAL D 973 -36.03 2.68 -11.52
N CYS D 974 -36.69 3.06 -12.61
CA CYS D 974 -37.14 2.11 -13.61
C CYS D 974 -36.14 2.06 -14.76
N ALA D 975 -36.17 0.95 -15.50
CA ALA D 975 -35.21 0.76 -16.58
C ALA D 975 -35.40 1.81 -17.67
N MET D 976 -36.65 2.12 -18.01
CA MET D 976 -36.91 3.01 -19.15
C MET D 976 -36.36 4.42 -18.92
N CYS D 977 -36.44 4.94 -17.70
CA CYS D 977 -35.91 6.28 -17.47
C CYS D 977 -34.39 6.28 -17.47
N TYR D 978 -33.76 5.24 -16.93
CA TYR D 978 -32.30 5.18 -16.93
C TYR D 978 -31.75 5.06 -18.34
N GLY D 979 -32.44 4.32 -19.21
CA GLY D 979 -32.00 4.15 -20.58
C GLY D 979 -31.01 3.01 -20.75
N ARG D 980 -30.36 2.96 -21.90
CA ARG D 980 -29.42 1.87 -22.18
C ARG D 980 -28.24 1.94 -21.22
N SER D 981 -27.75 0.77 -20.83
CA SER D 981 -26.52 0.69 -20.04
C SER D 981 -25.33 0.94 -20.96
N MET D 982 -24.50 1.92 -20.59
CA MET D 982 -23.39 2.30 -21.46
C MET D 982 -22.43 1.14 -21.70
N ALA D 983 -22.36 0.20 -20.77
CA ALA D 983 -21.43 -0.91 -20.89
C ALA D 983 -21.87 -1.96 -21.91
N THR D 984 -23.19 -2.11 -22.13
CA THR D 984 -23.70 -3.13 -23.02
C THR D 984 -24.39 -2.58 -24.26
N GLY D 985 -24.87 -1.35 -24.24
CA GLY D 985 -25.53 -0.76 -25.38
C GLY D 985 -27.00 -1.12 -25.52
N LYS D 986 -27.57 -1.87 -24.57
CA LYS D 986 -28.97 -2.25 -24.59
C LYS D 986 -29.65 -1.71 -23.32
N LEU D 987 -30.98 -1.83 -23.30
CA LEU D 987 -31.75 -1.32 -22.18
C LEU D 987 -31.26 -1.94 -20.87
N VAL D 988 -31.15 -1.10 -19.84
CA VAL D 988 -30.57 -1.55 -18.57
C VAL D 988 -31.39 -2.71 -18.01
N ASP D 989 -30.69 -3.69 -17.45
CA ASP D 989 -31.35 -4.84 -16.87
C ASP D 989 -31.96 -4.50 -15.51
N ILE D 990 -33.11 -5.13 -15.23
CA ILE D 990 -33.75 -4.93 -13.93
C ILE D 990 -32.85 -5.49 -12.84
N GLY D 991 -32.61 -4.69 -11.81
CA GLY D 991 -31.77 -5.09 -10.70
C GLY D 991 -30.35 -4.57 -10.75
N GLU D 992 -29.93 -3.99 -11.87
CA GLU D 992 -28.57 -3.48 -11.97
C GLU D 992 -28.35 -2.36 -10.96
N ALA D 993 -27.21 -2.40 -10.29
CA ALA D 993 -26.86 -1.39 -9.28
C ALA D 993 -26.25 -0.17 -9.96
N VAL D 994 -27.14 0.65 -10.53
CA VAL D 994 -26.69 1.82 -11.28
C VAL D 994 -25.98 2.81 -10.36
N GLY D 995 -26.35 2.84 -9.08
CA GLY D 995 -25.72 3.79 -8.17
C GLY D 995 -24.24 3.55 -8.01
N ILE D 996 -23.85 2.29 -7.79
CA ILE D 996 -22.44 1.97 -7.63
C ILE D 996 -21.68 2.25 -8.91
N VAL D 997 -22.27 1.90 -10.07
CA VAL D 997 -21.61 2.16 -11.34
C VAL D 997 -21.38 3.65 -11.52
N ALA D 998 -22.39 4.47 -11.21
CA ALA D 998 -22.25 5.91 -11.37
C ALA D 998 -21.18 6.46 -10.43
N ALA D 999 -21.19 6.01 -9.18
CA ALA D 999 -20.19 6.49 -8.23
C ALA D 999 -18.78 6.14 -8.67
N GLN D 1000 -18.58 4.89 -9.11
CA GLN D 1000 -17.25 4.47 -9.55
C GLN D 1000 -16.83 5.21 -10.81
N SER D 1001 -17.75 5.42 -11.74
CA SER D 1001 -17.41 6.15 -12.96
C SER D 1001 -17.03 7.58 -12.66
N ILE D 1002 -17.72 8.22 -11.71
CA ILE D 1002 -17.37 9.60 -11.36
C ILE D 1002 -16.03 9.63 -10.63
N GLY D 1003 -15.77 8.65 -9.77
CA GLY D 1003 -14.56 8.69 -8.95
C GLY D 1003 -13.30 8.23 -9.66
N GLU D 1004 -13.43 7.39 -10.68
CA GLU D 1004 -12.24 6.84 -11.33
C GLU D 1004 -11.36 7.90 -11.97
N PRO D 1005 -11.86 8.84 -12.76
CA PRO D 1005 -10.99 9.87 -13.36
C PRO D 1005 -10.62 10.99 -12.41
N GLY D 1006 -10.88 10.84 -11.11
CA GLY D 1006 -10.60 11.93 -10.17
C GLY D 1006 -9.14 12.30 -10.12
N THR D 1007 -8.25 11.31 -10.19
CA THR D 1007 -6.82 11.56 -10.06
C THR D 1007 -6.30 12.47 -11.17
N GLN D 1008 -7.01 12.57 -12.29
CA GLN D 1008 -6.59 13.42 -13.39
C GLN D 1008 -7.06 14.86 -13.25
N LEU D 1009 -7.91 15.15 -12.27
CA LEU D 1009 -8.39 16.51 -12.08
C LEU D 1009 -7.35 17.35 -11.37
N THR D 1010 -7.37 18.65 -11.65
CA THR D 1010 -6.57 19.60 -10.88
C THR D 1010 -7.12 19.67 -9.46
N MET D 1011 -6.21 19.69 -8.49
CA MET D 1011 -6.59 19.62 -7.08
C MET D 1011 -6.04 20.83 -6.32
N ARG D 1012 -6.29 20.84 -5.02
CA ARG D 1012 -5.92 21.98 -4.18
C ARG D 1012 -4.42 22.06 -4.01
N THR D 1013 -3.96 23.22 -3.56
CA THR D 1013 -2.56 23.42 -3.20
C THR D 1013 -2.30 22.67 -1.90
N PHE D 1014 -1.67 21.50 -2.00
CA PHE D 1014 -1.51 20.64 -0.83
C PHE D 1014 -0.65 21.31 0.24
N HIS D 1015 0.45 21.95 -0.15
CA HIS D 1015 1.25 22.67 0.81
C HIS D 1015 0.46 23.85 1.37
N GLN D 1016 0.51 24.01 2.70
CA GLN D 1016 -0.37 24.95 3.39
C GLN D 1016 0.14 26.39 3.37
N GLY D 1017 1.29 26.65 2.76
CA GLY D 1017 1.79 28.01 2.71
C GLY D 1017 0.95 28.89 1.80
N GLY D 1018 1.09 30.20 2.00
CA GLY D 1018 0.38 31.18 1.22
C GLY D 1018 -1.00 31.50 1.77
N VAL D 1019 -1.62 32.51 1.17
CA VAL D 1019 -2.95 32.93 1.61
C VAL D 1019 -3.97 31.84 1.30
N THR D 1020 -5.06 31.85 2.05
CA THR D 1020 -6.11 30.85 1.87
C THR D 1020 -6.69 30.94 0.47
N GLY D 1021 -6.96 29.78 -0.13
CA GLY D 1021 -7.48 29.74 -1.47
C GLY D 1021 -8.97 30.07 -1.52
N GLY D 1022 -9.45 30.28 -2.75
CA GLY D 1022 -10.84 30.62 -2.99
C GLY D 1022 -10.99 31.75 -3.98
N ALA D 1023 -10.02 32.67 -3.99
CA ALA D 1023 -10.02 33.74 -4.99
C ALA D 1023 -9.32 33.28 -6.27
N ASP D 1024 -8.23 32.53 -6.12
CA ASP D 1024 -7.53 31.95 -7.26
C ASP D 1024 -8.04 30.54 -7.50
N ILE D 1025 -9.31 30.29 -7.16
CA ILE D 1025 -9.87 28.95 -7.25
C ILE D 1025 -9.76 28.43 -8.67
N VAL D 1026 -9.39 27.16 -8.80
CA VAL D 1026 -9.36 26.45 -10.08
C VAL D 1026 -10.45 25.38 -10.05
N GLY D 1027 -11.25 25.33 -11.11
CA GLY D 1027 -12.42 24.47 -11.13
C GLY D 1027 -12.11 23.02 -11.37
N GLY D 1028 -11.52 22.36 -10.36
CA GLY D 1028 -11.22 20.94 -10.45
C GLY D 1028 -11.90 20.12 -9.39
N LEU D 1029 -11.14 19.22 -8.74
CA LEU D 1029 -11.71 18.40 -7.69
C LEU D 1029 -12.32 19.21 -6.56
N PRO D 1030 -11.71 20.28 -6.06
CA PRO D 1030 -12.40 21.09 -5.04
C PRO D 1030 -13.74 21.61 -5.52
N ARG D 1031 -13.82 22.05 -6.77
CA ARG D 1031 -15.10 22.53 -7.30
C ARG D 1031 -16.13 21.40 -7.37
N VAL D 1032 -15.70 20.21 -7.81
CA VAL D 1032 -16.62 19.08 -7.89
C VAL D 1032 -17.14 18.73 -6.50
N GLN D 1033 -16.24 18.69 -5.51
CA GLN D 1033 -16.65 18.35 -4.15
C GLN D 1033 -17.58 19.41 -3.59
N GLU D 1034 -17.30 20.69 -3.87
CA GLU D 1034 -18.18 21.75 -3.43
C GLU D 1034 -19.57 21.59 -4.04
N LEU D 1035 -19.64 21.26 -5.33
CA LEU D 1035 -20.93 21.07 -5.98
C LEU D 1035 -21.69 19.91 -5.35
N PHE D 1036 -21.01 18.79 -5.12
CA PHE D 1036 -21.68 17.63 -4.53
C PHE D 1036 -22.02 17.87 -3.06
N GLU D 1037 -21.26 18.73 -2.38
CA GLU D 1037 -21.54 19.07 -0.99
C GLU D 1037 -22.47 20.27 -0.85
N ALA D 1038 -22.81 20.94 -1.96
CA ALA D 1038 -23.74 22.06 -1.92
C ALA D 1038 -23.26 23.17 -1.01
N ARG D 1039 -21.95 23.32 -0.87
CA ARG D 1039 -21.40 24.41 -0.08
C ARG D 1039 -21.52 25.72 -0.83
N VAL D 1040 -21.69 26.81 -0.07
CA VAL D 1040 -21.83 28.12 -0.70
C VAL D 1040 -20.55 28.45 -1.46
N PRO D 1041 -20.62 28.83 -2.73
CA PRO D 1041 -19.39 29.16 -3.47
C PRO D 1041 -18.65 30.32 -2.82
N ARG D 1042 -17.32 30.24 -2.84
CA ARG D 1042 -16.51 31.33 -2.28
C ARG D 1042 -16.51 32.55 -3.18
N ASN D 1043 -16.75 32.38 -4.48
CA ASN D 1043 -16.83 33.48 -5.43
C ASN D 1043 -18.25 33.60 -6.00
N LYS D 1044 -19.24 33.43 -5.14
CA LYS D 1044 -20.62 33.40 -5.59
C LYS D 1044 -21.04 34.75 -6.17
N ALA D 1045 -22.00 34.71 -7.08
CA ALA D 1045 -22.54 35.89 -7.72
C ALA D 1045 -24.06 35.89 -7.62
N PRO D 1046 -24.70 37.06 -7.63
CA PRO D 1046 -26.15 37.11 -7.51
C PRO D 1046 -26.84 36.78 -8.83
N ILE D 1047 -28.16 36.57 -8.72
CA ILE D 1047 -29.00 36.30 -9.88
C ILE D 1047 -30.25 37.17 -9.79
N ALA D 1048 -30.91 37.34 -10.93
CA ALA D 1048 -32.11 38.15 -11.00
C ALA D 1048 -33.29 37.35 -10.47
N ASP D 1049 -33.85 37.79 -9.34
CA ASP D 1049 -34.98 37.08 -8.73
C ASP D 1049 -36.24 37.17 -9.57
N VAL D 1050 -36.32 38.15 -10.48
CA VAL D 1050 -37.51 38.34 -11.30
C VAL D 1050 -37.08 38.96 -12.63
N ALA D 1051 -37.79 38.59 -13.69
CA ALA D 1051 -37.49 39.13 -15.00
C ALA D 1051 -37.89 40.61 -15.07
N GLY D 1052 -37.26 41.33 -16.00
CA GLY D 1052 -37.53 42.75 -16.15
C GLY D 1052 -36.39 43.42 -16.88
N ARG D 1053 -36.35 44.74 -16.76
CA ARG D 1053 -35.30 45.56 -17.35
C ARG D 1053 -34.39 46.12 -16.27
N VAL D 1054 -33.10 46.20 -16.56
CA VAL D 1054 -32.08 46.43 -15.55
C VAL D 1054 -31.60 47.87 -15.59
N ARG D 1055 -31.34 48.42 -14.41
CA ARG D 1055 -30.70 49.72 -14.24
C ARG D 1055 -29.51 49.57 -13.31
N LEU D 1056 -28.41 50.25 -13.65
CA LEU D 1056 -27.14 50.17 -12.93
C LEU D 1056 -26.88 51.54 -12.29
N GLU D 1057 -27.36 51.70 -11.05
CA GLU D 1057 -27.10 52.93 -10.31
C GLU D 1057 -25.86 52.77 -9.44
N GLU D 1058 -24.73 52.42 -10.08
CA GLU D 1058 -23.50 52.21 -9.34
C GLU D 1058 -22.93 53.53 -8.84
N SER D 1059 -21.91 53.43 -7.99
CA SER D 1059 -21.27 54.59 -7.39
C SER D 1059 -19.77 54.37 -7.39
N ASP D 1060 -19.06 55.21 -6.61
CA ASP D 1060 -17.61 55.19 -6.62
C ASP D 1060 -17.03 53.85 -6.18
N LYS D 1061 -17.71 53.11 -5.32
CA LYS D 1061 -17.14 51.89 -4.76
C LYS D 1061 -18.06 50.67 -4.81
N PHE D 1062 -19.29 50.78 -5.28
CA PHE D 1062 -20.19 49.64 -5.32
C PHE D 1062 -21.15 49.81 -6.50
N PHE D 1063 -21.71 48.68 -6.95
CA PHE D 1063 -22.75 48.69 -7.97
C PHE D 1063 -24.11 48.50 -7.31
N LYS D 1064 -25.10 49.24 -7.78
CA LYS D 1064 -26.49 48.99 -7.46
C LYS D 1064 -27.21 48.57 -8.73
N ILE D 1065 -27.77 47.35 -8.72
CA ILE D 1065 -28.49 46.80 -9.85
C ILE D 1065 -29.94 46.63 -9.44
N THR D 1066 -30.85 47.25 -10.19
CA THR D 1066 -32.27 47.14 -9.91
C THR D 1066 -32.98 46.67 -11.17
N ILE D 1067 -34.01 45.86 -10.98
CA ILE D 1067 -34.77 45.27 -12.09
C ILE D 1067 -36.22 45.69 -11.94
N VAL D 1068 -36.78 46.23 -13.03
CA VAL D 1068 -38.19 46.60 -13.11
C VAL D 1068 -38.91 45.49 -13.86
N PRO D 1069 -39.76 44.70 -13.21
CA PRO D 1069 -40.48 43.64 -13.91
C PRO D 1069 -41.68 44.17 -14.68
N ASP D 1070 -42.12 43.36 -15.65
CA ASP D 1070 -43.40 43.59 -16.32
C ASP D 1070 -44.56 42.99 -15.55
N ASP D 1071 -44.30 42.19 -14.52
CA ASP D 1071 -45.35 41.55 -13.73
C ASP D 1071 -45.55 42.35 -12.45
N GLY D 1072 -46.25 43.47 -12.59
CA GLY D 1072 -46.60 44.32 -11.47
C GLY D 1072 -45.71 45.53 -11.29
N GLY D 1073 -44.50 45.50 -11.83
CA GLY D 1073 -43.62 46.66 -11.77
C GLY D 1073 -42.82 46.81 -10.50
N GLU D 1074 -43.01 45.93 -9.52
CA GLU D 1074 -42.26 46.04 -8.28
C GLU D 1074 -40.81 45.63 -8.51
N GLU D 1075 -39.90 46.55 -8.23
CA GLU D 1075 -38.49 46.37 -8.57
C GLU D 1075 -37.78 45.50 -7.54
N VAL D 1076 -36.75 44.79 -7.99
CA VAL D 1076 -35.86 44.04 -7.09
C VAL D 1076 -34.47 44.64 -7.19
N VAL D 1077 -33.85 44.90 -6.04
CA VAL D 1077 -32.64 45.73 -5.98
C VAL D 1077 -31.56 45.01 -5.18
N TYR D 1078 -30.33 45.07 -5.69
CA TYR D 1078 -29.13 44.72 -4.95
C TYR D 1078 -28.23 45.94 -4.92
N ASP D 1079 -27.65 46.23 -3.75
CA ASP D 1079 -27.10 47.55 -3.49
C ASP D 1079 -25.60 47.60 -3.18
N LYS D 1080 -24.96 46.49 -2.81
CA LYS D 1080 -23.59 46.53 -2.31
C LYS D 1080 -22.73 45.47 -2.99
N LEU D 1081 -22.78 45.40 -4.31
CA LEU D 1081 -21.91 44.50 -5.04
C LEU D 1081 -20.54 45.13 -5.23
N SER D 1082 -19.49 44.38 -4.89
CA SER D 1082 -18.13 44.92 -4.89
C SER D 1082 -17.69 45.29 -6.30
N LYS D 1083 -16.81 46.30 -6.38
CA LYS D 1083 -16.27 46.73 -7.66
C LYS D 1083 -15.34 45.70 -8.29
N ARG D 1084 -14.84 44.73 -7.52
CA ARG D 1084 -13.92 43.75 -8.06
C ARG D 1084 -14.61 42.77 -9.00
N GLN D 1085 -15.91 42.53 -8.80
CA GLN D 1085 -16.61 41.52 -9.58
C GLN D 1085 -16.91 42.02 -10.99
N ARG D 1086 -16.52 41.24 -11.99
CA ARG D 1086 -16.86 41.55 -13.37
C ARG D 1086 -18.36 41.36 -13.58
N LEU D 1087 -18.97 42.28 -14.32
CA LEU D 1087 -20.38 42.13 -14.66
C LEU D 1087 -20.57 41.00 -15.65
N ARG D 1088 -21.69 40.29 -15.53
CA ARG D 1088 -21.95 39.16 -16.40
C ARG D 1088 -21.95 39.60 -17.86
N VAL D 1089 -21.52 38.69 -18.74
CA VAL D 1089 -21.40 38.96 -20.16
C VAL D 1089 -22.45 38.14 -20.90
N ILE D 1090 -23.26 38.81 -21.72
CA ILE D 1090 -24.25 38.12 -22.54
C ILE D 1090 -23.66 37.71 -23.88
N THR D 1091 -22.89 38.60 -24.51
CA THR D 1091 -22.12 38.29 -25.71
C THR D 1091 -23.01 37.72 -26.81
N HIS D 1092 -23.92 38.56 -27.28
CA HIS D 1092 -24.72 38.21 -28.44
C HIS D 1092 -23.81 37.90 -29.61
N GLU D 1093 -24.12 36.81 -30.34
CA GLU D 1093 -23.20 36.32 -31.36
C GLU D 1093 -22.92 37.40 -32.42
N ASP D 1094 -23.96 38.06 -32.90
CA ASP D 1094 -23.80 39.10 -33.92
C ASP D 1094 -23.53 40.47 -33.32
N GLY D 1095 -24.08 40.75 -32.14
CA GLY D 1095 -23.90 42.06 -31.55
C GLY D 1095 -22.62 42.21 -30.74
N THR D 1096 -22.16 41.12 -30.13
CA THR D 1096 -20.96 41.14 -29.29
C THR D 1096 -21.08 42.22 -28.21
N GLU D 1097 -22.28 42.33 -27.62
CA GLU D 1097 -22.52 43.35 -26.60
C GLU D 1097 -21.71 43.09 -25.34
N GLY D 1098 -21.39 41.84 -25.03
CA GLY D 1098 -20.57 41.56 -23.86
C GLY D 1098 -21.32 41.83 -22.58
N VAL D 1099 -20.71 42.65 -21.72
CA VAL D 1099 -21.27 42.92 -20.39
C VAL D 1099 -22.67 43.47 -20.54
N LEU D 1100 -23.59 42.95 -19.72
CA LEU D 1100 -24.92 43.52 -19.66
C LEU D 1100 -24.87 44.93 -19.07
N SER D 1101 -25.68 45.82 -19.62
CA SER D 1101 -25.66 47.22 -19.24
C SER D 1101 -27.08 47.69 -18.96
N ASP D 1102 -27.18 48.93 -18.49
CA ASP D 1102 -28.47 49.54 -18.20
C ASP D 1102 -29.37 49.49 -19.43
N GLY D 1103 -30.61 49.04 -19.26
CA GLY D 1103 -31.57 48.95 -20.33
C GLY D 1103 -31.78 47.55 -20.88
N ASP D 1104 -30.94 46.59 -20.50
CA ASP D 1104 -31.09 45.22 -20.97
C ASP D 1104 -32.23 44.53 -20.22
N HIS D 1105 -32.77 43.49 -20.85
CA HIS D 1105 -33.85 42.69 -20.29
C HIS D 1105 -33.31 41.33 -19.89
N VAL D 1106 -33.63 40.90 -18.66
CA VAL D 1106 -33.16 39.63 -18.12
C VAL D 1106 -34.36 38.82 -17.69
N GLU D 1107 -34.22 37.49 -17.78
CA GLU D 1107 -35.27 36.57 -17.39
C GLU D 1107 -35.11 36.21 -15.91
N VAL D 1108 -35.96 35.29 -15.45
CA VAL D 1108 -35.93 34.89 -14.04
C VAL D 1108 -34.65 34.11 -13.76
N GLY D 1109 -33.92 34.52 -12.71
CA GLY D 1109 -32.74 33.80 -12.28
C GLY D 1109 -31.50 34.02 -13.12
N ASP D 1110 -31.55 34.93 -14.09
CA ASP D 1110 -30.37 35.19 -14.92
C ASP D 1110 -29.24 35.76 -14.08
N GLN D 1111 -28.03 35.27 -14.31
CA GLN D 1111 -26.87 35.72 -13.56
C GLN D 1111 -26.55 37.18 -13.88
N LEU D 1112 -26.02 37.88 -12.89
CA LEU D 1112 -25.68 39.29 -13.01
C LEU D 1112 -24.17 39.56 -13.00
N MET D 1113 -23.42 38.90 -12.13
CA MET D 1113 -21.98 39.04 -12.05
C MET D 1113 -21.32 37.71 -12.42
N GLU D 1114 -20.24 37.80 -13.19
CA GLU D 1114 -19.52 36.59 -13.60
C GLU D 1114 -19.00 35.88 -12.37
N GLY D 1115 -19.29 34.59 -12.29
CA GLY D 1115 -18.86 33.77 -11.17
C GLY D 1115 -19.84 32.64 -10.92
N ALA D 1116 -19.60 31.93 -9.82
CA ALA D 1116 -20.46 30.81 -9.46
C ALA D 1116 -21.79 31.30 -8.93
N ALA D 1117 -22.82 30.46 -9.08
CA ALA D 1117 -24.17 30.75 -8.60
C ALA D 1117 -24.48 29.86 -7.41
N ASP D 1118 -25.01 30.45 -6.35
CA ASP D 1118 -25.32 29.70 -5.14
C ASP D 1118 -26.41 28.68 -5.42
N PRO D 1119 -26.16 27.38 -5.17
CA PRO D 1119 -27.23 26.39 -5.42
C PRO D 1119 -28.50 26.66 -4.63
N HIS D 1120 -28.39 27.09 -3.37
CA HIS D 1120 -29.58 27.33 -2.56
C HIS D 1120 -30.41 28.47 -3.13
N GLU D 1121 -29.77 29.57 -3.53
CA GLU D 1121 -30.51 30.67 -4.12
C GLU D 1121 -31.14 30.28 -5.45
N VAL D 1122 -30.43 29.47 -6.24
CA VAL D 1122 -30.99 29.00 -7.51
C VAL D 1122 -32.25 28.17 -7.25
N LEU D 1123 -32.17 27.26 -6.27
CA LEU D 1123 -33.34 26.45 -5.92
C LEU D 1123 -34.49 27.34 -5.45
N ARG D 1124 -34.18 28.33 -4.61
CA ARG D 1124 -35.24 29.19 -4.08
C ARG D 1124 -35.90 30.00 -5.19
N VAL D 1125 -35.13 30.49 -6.15
CA VAL D 1125 -35.69 31.35 -7.19
C VAL D 1125 -36.44 30.53 -8.24
N GLN D 1126 -35.81 29.48 -8.76
CA GLN D 1126 -36.38 28.70 -9.85
C GLN D 1126 -37.16 27.48 -9.38
N GLY D 1127 -36.54 26.61 -8.59
CA GLY D 1127 -37.20 25.43 -8.09
C GLY D 1127 -36.37 24.18 -8.25
N PRO D 1128 -36.85 23.07 -7.66
CA PRO D 1128 -36.06 21.83 -7.71
C PRO D 1128 -35.76 21.35 -9.13
N ARG D 1129 -36.71 21.52 -10.05
CA ARG D 1129 -36.50 21.04 -11.42
C ARG D 1129 -35.39 21.79 -12.13
N GLU D 1130 -35.01 22.97 -11.65
CA GLU D 1130 -33.97 23.77 -12.27
C GLU D 1130 -32.63 23.67 -11.55
N VAL D 1131 -32.64 23.55 -10.22
CA VAL D 1131 -31.38 23.43 -9.49
C VAL D 1131 -30.67 22.14 -9.84
N GLN D 1132 -31.43 21.06 -10.07
CA GLN D 1132 -30.81 19.81 -10.49
C GLN D 1132 -30.08 19.97 -11.82
N ILE D 1133 -30.72 20.65 -12.77
CA ILE D 1133 -30.09 20.90 -14.06
C ILE D 1133 -28.83 21.74 -13.87
N HIS D 1134 -28.91 22.77 -13.02
CA HIS D 1134 -27.75 23.61 -12.78
C HIS D 1134 -26.58 22.81 -12.22
N LEU D 1135 -26.84 21.98 -11.21
CA LEU D 1135 -25.77 21.18 -10.62
C LEU D 1135 -25.19 20.20 -11.63
N VAL D 1136 -26.05 19.52 -12.40
CA VAL D 1136 -25.56 18.56 -13.38
C VAL D 1136 -24.69 19.27 -14.42
N LYS D 1137 -25.15 20.42 -14.91
CA LYS D 1137 -24.39 21.15 -15.91
C LYS D 1137 -23.06 21.62 -15.35
N GLU D 1138 -23.04 22.11 -14.11
CA GLU D 1138 -21.79 22.57 -13.52
C GLU D 1138 -20.80 21.42 -13.39
N VAL D 1139 -21.24 20.29 -12.84
CA VAL D 1139 -20.33 19.16 -12.66
C VAL D 1139 -19.82 18.66 -14.01
N GLN D 1140 -20.73 18.55 -14.99
CA GLN D 1140 -20.32 18.04 -16.29
C GLN D 1140 -19.36 18.99 -16.97
N GLU D 1141 -19.58 20.31 -16.84
CA GLU D 1141 -18.64 21.27 -17.41
C GLU D 1141 -17.27 21.14 -16.76
N VAL D 1142 -17.24 21.01 -15.43
CA VAL D 1142 -15.96 20.88 -14.74
C VAL D 1142 -15.24 19.63 -15.21
N TYR D 1143 -15.96 18.52 -15.36
CA TYR D 1143 -15.31 17.28 -15.77
C TYR D 1143 -14.83 17.34 -17.22
N ARG D 1144 -15.67 17.86 -18.12
CA ARG D 1144 -15.35 17.83 -19.54
C ARG D 1144 -14.33 18.91 -19.93
N ALA D 1145 -14.17 19.96 -19.12
CA ALA D 1145 -13.16 20.95 -19.41
C ALA D 1145 -11.76 20.35 -19.36
N GLN D 1146 -11.57 19.33 -18.53
CA GLN D 1146 -10.27 18.69 -18.35
C GLN D 1146 -10.11 17.43 -19.19
N GLY D 1147 -11.00 17.22 -20.16
CA GLY D 1147 -10.85 16.10 -21.07
C GLY D 1147 -11.35 14.77 -20.54
N VAL D 1148 -12.33 14.78 -19.64
CA VAL D 1148 -12.93 13.55 -19.11
C VAL D 1148 -14.36 13.47 -19.60
N SER D 1149 -14.75 12.32 -20.14
CA SER D 1149 -16.08 12.10 -20.70
C SER D 1149 -16.86 11.19 -19.76
N ILE D 1150 -17.92 11.74 -19.16
CA ILE D 1150 -18.83 10.97 -18.32
C ILE D 1150 -20.25 11.30 -18.75
N HIS D 1151 -21.07 10.28 -18.94
CA HIS D 1151 -22.44 10.50 -19.39
C HIS D 1151 -23.24 11.21 -18.31
N ASP D 1152 -24.16 12.08 -18.73
CA ASP D 1152 -24.90 12.90 -17.78
C ASP D 1152 -25.73 12.05 -16.82
N LYS D 1153 -26.12 10.85 -17.23
CA LYS D 1153 -26.96 10.02 -16.36
C LYS D 1153 -26.23 9.65 -15.08
N HIS D 1154 -24.92 9.45 -15.14
CA HIS D 1154 -24.16 9.15 -13.94
C HIS D 1154 -24.18 10.31 -12.96
N ILE D 1155 -24.07 11.54 -13.46
CA ILE D 1155 -24.15 12.70 -12.57
C ILE D 1155 -25.57 12.85 -12.03
N GLU D 1156 -26.57 12.58 -12.86
CA GLU D 1156 -27.95 12.73 -12.42
C GLU D 1156 -28.31 11.72 -11.34
N VAL D 1157 -27.75 10.51 -11.42
CA VAL D 1157 -28.02 9.52 -10.38
C VAL D 1157 -27.59 10.05 -9.02
N ILE D 1158 -26.42 10.67 -8.94
CA ILE D 1158 -25.95 11.24 -7.68
C ILE D 1158 -26.79 12.46 -7.30
N VAL D 1159 -27.07 13.34 -8.27
CA VAL D 1159 -27.78 14.57 -7.95
C VAL D 1159 -29.18 14.29 -7.44
N ARG D 1160 -29.79 13.18 -7.88
CA ARG D 1160 -31.13 12.83 -7.43
C ARG D 1160 -31.18 12.63 -5.93
N GLN D 1161 -30.14 12.02 -5.36
CA GLN D 1161 -30.12 11.73 -3.94
C GLN D 1161 -30.05 12.99 -3.08
N MET D 1162 -29.59 14.11 -3.65
CA MET D 1162 -29.46 15.33 -2.86
C MET D 1162 -30.81 15.99 -2.61
N LEU D 1163 -31.77 15.80 -3.51
CA LEU D 1163 -33.09 16.45 -3.42
C LEU D 1163 -34.17 15.50 -2.92
N ARG D 1164 -33.81 14.53 -2.08
CA ARG D 1164 -34.74 13.48 -1.68
C ARG D 1164 -35.63 13.87 -0.50
N ARG D 1165 -35.33 14.96 0.20
CA ARG D 1165 -36.04 15.32 1.41
C ARG D 1165 -36.77 16.64 1.24
N VAL D 1166 -37.89 16.77 1.96
CA VAL D 1166 -38.69 18.00 1.98
C VAL D 1166 -38.76 18.50 3.42
N THR D 1167 -38.52 19.79 3.60
CA THR D 1167 -38.56 20.41 4.92
C THR D 1167 -39.97 20.95 5.17
N ILE D 1168 -40.46 20.75 6.39
CA ILE D 1168 -41.80 21.16 6.78
C ILE D 1168 -41.72 22.57 7.36
N ILE D 1169 -42.24 23.55 6.62
CA ILE D 1169 -42.28 24.91 7.14
C ILE D 1169 -43.51 25.12 8.02
N ASP D 1170 -44.58 24.35 7.78
CA ASP D 1170 -45.79 24.44 8.58
C ASP D 1170 -46.49 23.09 8.55
N SER D 1171 -47.11 22.73 9.66
CA SER D 1171 -47.80 21.46 9.78
C SER D 1171 -49.22 21.56 9.21
N GLY D 1172 -49.87 20.41 9.11
CA GLY D 1172 -51.24 20.33 8.62
C GLY D 1172 -51.99 19.25 9.35
N SER D 1173 -52.82 18.50 8.61
CA SER D 1173 -53.50 17.36 9.22
C SER D 1173 -52.50 16.33 9.72
N THR D 1174 -51.47 16.04 8.94
CA THR D 1174 -50.36 15.23 9.43
C THR D 1174 -49.54 16.05 10.42
N GLU D 1175 -49.12 15.41 11.51
CA GLU D 1175 -48.50 16.11 12.63
C GLU D 1175 -46.98 16.16 12.54
N PHE D 1176 -46.42 16.19 11.33
CA PHE D 1176 -44.98 16.37 11.18
C PHE D 1176 -44.56 17.67 11.85
N LEU D 1177 -43.52 17.60 12.66
CA LEU D 1177 -43.05 18.79 13.36
C LEU D 1177 -42.35 19.74 12.38
N PRO D 1178 -42.52 21.04 12.54
CA PRO D 1178 -41.85 21.99 11.63
C PRO D 1178 -40.35 21.95 11.83
N GLY D 1179 -39.63 22.24 10.73
CA GLY D 1179 -38.18 22.27 10.76
C GLY D 1179 -37.51 20.93 10.55
N SER D 1180 -38.27 19.84 10.46
CA SER D 1180 -37.72 18.52 10.25
C SER D 1180 -37.60 18.22 8.75
N LEU D 1181 -36.88 17.15 8.44
CA LEU D 1181 -36.67 16.69 7.08
C LEU D 1181 -37.26 15.29 6.93
N THR D 1182 -38.09 15.11 5.91
CA THR D 1182 -38.77 13.84 5.66
C THR D 1182 -38.64 13.47 4.19
N GLU D 1183 -38.64 12.15 3.93
CA GLU D 1183 -38.55 11.66 2.56
C GLU D 1183 -39.81 12.01 1.79
N ARG D 1184 -39.64 12.38 0.52
CA ARG D 1184 -40.78 12.83 -0.27
C ARG D 1184 -41.79 11.71 -0.52
N ALA D 1185 -41.32 10.47 -0.67
CA ALA D 1185 -42.24 9.36 -0.89
C ALA D 1185 -43.14 9.16 0.32
N GLU D 1186 -42.56 9.06 1.51
CA GLU D 1186 -43.36 8.92 2.72
C GLU D 1186 -44.19 10.17 2.96
N PHE D 1187 -43.66 11.34 2.59
CA PHE D 1187 -44.42 12.58 2.72
C PHE D 1187 -45.71 12.50 1.91
N GLU D 1188 -45.60 12.11 0.64
CA GLU D 1188 -46.78 11.98 -0.21
C GLU D 1188 -47.71 10.90 0.30
N ALA D 1189 -47.17 9.78 0.79
CA ALA D 1189 -48.01 8.72 1.31
C ALA D 1189 -48.82 9.22 2.51
N GLU D 1190 -48.18 9.94 3.42
CA GLU D 1190 -48.85 10.39 4.64
C GLU D 1190 -49.89 11.47 4.34
N ASN D 1191 -49.54 12.42 3.45
CA ASN D 1191 -50.47 13.50 3.14
C ASN D 1191 -51.75 13.01 2.47
N ARG D 1192 -51.72 11.81 1.88
CA ARG D 1192 -52.93 11.19 1.34
C ARG D 1192 -53.55 10.23 2.34
N ARG D 1193 -52.73 9.63 3.22
CA ARG D 1193 -53.25 8.74 4.25
C ARG D 1193 -54.13 9.49 5.24
N VAL D 1194 -53.73 10.70 5.63
CA VAL D 1194 -54.58 11.49 6.51
C VAL D 1194 -55.89 11.81 5.79
N VAL D 1195 -57.00 11.61 6.48
CA VAL D 1195 -58.31 11.63 5.80
C VAL D 1195 -58.80 13.05 5.60
N ALA D 1196 -58.97 13.81 6.68
CA ALA D 1196 -59.57 15.14 6.61
C ALA D 1196 -60.78 15.13 5.69
N GLU D 1197 -60.93 16.15 4.85
CA GLU D 1197 -61.98 16.18 3.84
C GLU D 1197 -61.56 15.47 2.55
N GLY D 1198 -60.62 14.55 2.63
CA GLY D 1198 -60.03 13.94 1.45
C GLY D 1198 -58.60 14.40 1.29
N GLY D 1199 -57.93 14.64 2.41
CA GLY D 1199 -56.55 15.11 2.41
C GLY D 1199 -56.44 16.57 2.78
N GLU D 1200 -55.47 16.86 3.64
CA GLU D 1200 -55.18 18.24 4.07
C GLU D 1200 -53.68 18.35 4.28
N PRO D 1201 -52.91 18.39 3.20
CA PRO D 1201 -51.45 18.24 3.31
C PRO D 1201 -50.80 19.37 4.10
N ALA D 1202 -49.70 19.03 4.76
CA ALA D 1202 -48.89 20.03 5.45
C ALA D 1202 -48.05 20.82 4.45
N ALA D 1203 -47.45 21.90 4.94
CA ALA D 1203 -46.67 22.80 4.10
C ALA D 1203 -45.21 22.34 4.08
N GLY D 1204 -44.93 21.40 3.18
CA GLY D 1204 -43.57 20.95 2.96
C GLY D 1204 -43.03 21.47 1.64
N ARG D 1205 -41.75 21.84 1.65
CA ARG D 1205 -41.11 22.38 0.46
C ARG D 1205 -39.75 21.75 0.25
N PRO D 1206 -39.25 21.71 -0.98
CA PRO D 1206 -37.98 21.04 -1.25
C PRO D 1206 -36.82 21.69 -0.51
N VAL D 1207 -35.85 20.87 -0.12
CA VAL D 1207 -34.61 21.32 0.50
C VAL D 1207 -33.45 20.60 -0.17
N LEU D 1208 -32.30 21.25 -0.20
CA LEU D 1208 -31.11 20.74 -0.87
C LEU D 1208 -29.97 20.66 0.13
N MET D 1209 -29.29 19.50 0.15
CA MET D 1209 -28.18 19.28 1.06
C MET D 1209 -27.14 18.40 0.38
N GLY D 1210 -25.91 18.47 0.88
CA GLY D 1210 -24.81 17.74 0.27
C GLY D 1210 -24.95 16.24 0.44
N ILE D 1211 -24.06 15.52 -0.26
CA ILE D 1211 -24.08 14.06 -0.21
C ILE D 1211 -23.77 13.55 1.18
N THR D 1212 -22.85 14.21 1.89
CA THR D 1212 -22.49 13.76 3.23
C THR D 1212 -23.71 13.81 4.16
N LYS D 1213 -24.42 14.94 4.18
CA LYS D 1213 -25.61 15.05 5.02
C LYS D 1213 -26.71 14.12 4.54
N ALA D 1214 -26.79 13.88 3.23
CA ALA D 1214 -27.79 12.95 2.71
C ALA D 1214 -27.53 11.55 3.24
N SER D 1215 -26.27 11.13 3.29
CA SER D 1215 -25.92 9.81 3.78
C SER D 1215 -26.05 9.72 5.30
N LEU D 1216 -25.74 10.80 6.02
CA LEU D 1216 -25.83 10.76 7.48
C LEU D 1216 -27.25 10.50 7.95
N ALA D 1217 -28.25 10.80 7.12
CA ALA D 1217 -29.65 10.62 7.48
C ALA D 1217 -30.16 9.21 7.19
N THR D 1218 -29.26 8.23 7.08
CA THR D 1218 -29.68 6.87 6.81
C THR D 1218 -30.49 6.33 7.97
N ASP D 1219 -31.51 5.53 7.65
CA ASP D 1219 -32.34 4.89 8.66
C ASP D 1219 -31.69 3.66 9.26
N SER D 1220 -30.54 3.23 8.73
CA SER D 1220 -29.85 2.05 9.22
C SER D 1220 -28.82 2.46 10.27
N TRP D 1221 -28.98 1.95 11.50
CA TRP D 1221 -27.99 2.25 12.54
C TRP D 1221 -26.70 1.46 12.32
N LEU D 1222 -26.78 0.31 11.66
CA LEU D 1222 -25.56 -0.41 11.29
C LEU D 1222 -24.69 0.44 10.39
N SER D 1223 -25.25 0.95 9.30
CA SER D 1223 -24.50 1.81 8.38
C SER D 1223 -24.04 3.08 9.08
N ALA D 1224 -24.93 3.67 9.91
CA ALA D 1224 -24.56 4.90 10.60
C ALA D 1224 -23.35 4.69 11.51
N ALA D 1225 -23.35 3.58 12.26
CA ALA D 1225 -22.20 3.27 13.10
C ALA D 1225 -20.97 2.90 12.28
N SER D 1226 -21.17 2.40 11.05
CA SER D 1226 -20.04 1.99 10.23
C SER D 1226 -19.09 3.14 9.90
N PHE D 1227 -19.59 4.37 9.85
CA PHE D 1227 -18.74 5.52 9.50
C PHE D 1227 -18.82 6.69 10.47
N GLN D 1228 -19.88 6.85 11.25
CA GLN D 1228 -19.91 7.88 12.27
C GLN D 1228 -19.23 7.39 13.54
N GLU D 1229 -19.21 8.24 14.57
CA GLU D 1229 -18.68 7.82 15.86
C GLU D 1229 -19.55 6.71 16.43
N THR D 1230 -18.95 5.53 16.62
CA THR D 1230 -19.73 4.34 16.95
C THR D 1230 -20.50 4.52 18.25
N THR D 1231 -19.85 5.07 19.28
CA THR D 1231 -20.50 5.22 20.58
C THR D 1231 -21.70 6.15 20.49
N ARG D 1232 -21.56 7.28 19.79
CA ARG D 1232 -22.66 8.22 19.66
C ARG D 1232 -23.86 7.57 18.97
N VAL D 1233 -23.62 6.91 17.83
CA VAL D 1233 -24.71 6.29 17.08
C VAL D 1233 -25.37 5.20 17.92
N LEU D 1234 -24.57 4.36 18.58
CA LEU D 1234 -25.14 3.29 19.39
C LEU D 1234 -25.95 3.83 20.56
N THR D 1235 -25.46 4.87 21.23
CA THR D 1235 -26.22 5.48 22.32
C THR D 1235 -27.56 6.03 21.81
N ASP D 1236 -27.51 6.78 20.70
CA ASP D 1236 -28.72 7.38 20.17
C ASP D 1236 -29.72 6.31 19.75
N ALA D 1237 -29.24 5.23 19.11
CA ALA D 1237 -30.12 4.15 18.72
C ALA D 1237 -30.73 3.45 19.93
N ALA D 1238 -29.91 3.20 20.96
CA ALA D 1238 -30.38 2.46 22.13
C ALA D 1238 -31.45 3.26 22.87
N ILE D 1239 -31.23 4.56 23.07
CA ILE D 1239 -32.23 5.37 23.75
C ILE D 1239 -33.49 5.47 22.91
N ASN D 1240 -33.35 5.57 21.59
CA ASN D 1240 -34.49 5.66 20.69
C ASN D 1240 -35.11 4.31 20.38
N CYS D 1241 -34.41 3.21 20.65
CA CYS D 1241 -34.94 1.86 20.40
C CYS D 1241 -35.37 1.70 18.95
N ARG D 1242 -34.55 2.20 18.02
CA ARG D 1242 -34.89 2.14 16.61
C ARG D 1242 -34.55 0.77 16.03
N SER D 1243 -34.97 0.56 14.79
CA SER D 1243 -34.76 -0.71 14.09
C SER D 1243 -34.12 -0.45 12.74
N ASP D 1244 -33.48 -1.49 12.21
CA ASP D 1244 -32.79 -1.44 10.93
C ASP D 1244 -33.43 -2.47 10.01
N LYS D 1245 -33.86 -2.02 8.83
CA LYS D 1245 -34.37 -2.92 7.81
C LYS D 1245 -33.20 -3.39 6.95
N LEU D 1246 -33.00 -4.71 6.89
CA LEU D 1246 -31.90 -5.28 6.11
C LEU D 1246 -32.30 -5.25 4.64
N ASN D 1247 -32.08 -4.08 4.02
CA ASN D 1247 -32.47 -3.86 2.64
C ASN D 1247 -31.34 -3.30 1.81
N GLY D 1248 -30.41 -2.58 2.45
CA GLY D 1248 -29.33 -1.95 1.73
C GLY D 1248 -28.17 -2.90 1.44
N LEU D 1249 -27.25 -2.42 0.61
CA LEU D 1249 -26.06 -3.20 0.28
C LEU D 1249 -25.04 -3.18 1.42
N LYS D 1250 -24.95 -2.07 2.15
CA LYS D 1250 -23.94 -1.96 3.20
C LYS D 1250 -24.15 -3.03 4.27
N GLU D 1251 -25.38 -3.15 4.79
CA GLU D 1251 -25.64 -4.06 5.90
C GLU D 1251 -25.70 -5.52 5.44
N ASN D 1252 -26.21 -5.79 4.24
CA ASN D 1252 -26.39 -7.17 3.81
C ASN D 1252 -25.08 -7.93 3.81
N VAL D 1253 -24.00 -7.29 3.35
CA VAL D 1253 -22.70 -7.96 3.35
C VAL D 1253 -22.25 -8.23 4.78
N ILE D 1254 -22.57 -7.33 5.71
CA ILE D 1254 -22.21 -7.54 7.11
C ILE D 1254 -22.93 -8.75 7.67
N ILE D 1255 -24.22 -8.88 7.39
CA ILE D 1255 -24.99 -10.02 7.88
C ILE D 1255 -24.51 -11.32 7.27
N GLY D 1256 -23.80 -11.27 6.16
CA GLY D 1256 -23.48 -12.46 5.41
C GLY D 1256 -24.59 -12.92 4.49
N LYS D 1257 -25.58 -12.07 4.25
CA LYS D 1257 -26.70 -12.37 3.38
C LYS D 1257 -26.47 -11.73 2.03
N LEU D 1258 -26.67 -12.49 0.96
CA LEU D 1258 -26.37 -11.99 -0.38
C LEU D 1258 -27.17 -10.74 -0.68
N ILE D 1259 -26.53 -9.79 -1.35
CA ILE D 1259 -27.08 -8.45 -1.56
C ILE D 1259 -28.34 -8.53 -2.40
N PRO D 1260 -29.32 -7.62 -2.19
CA PRO D 1260 -30.56 -7.60 -2.99
C PRO D 1260 -30.41 -6.85 -4.30
N ALA D 1261 -29.41 -7.22 -5.09
CA ALA D 1261 -29.16 -6.60 -6.38
C ALA D 1261 -28.60 -7.63 -7.34
N GLY D 1262 -28.75 -7.36 -8.63
CA GLY D 1262 -28.27 -8.30 -9.61
C GLY D 1262 -28.94 -9.65 -9.45
N THR D 1263 -28.14 -10.70 -9.33
CA THR D 1263 -28.67 -12.05 -9.19
C THR D 1263 -29.31 -12.28 -7.81
N GLY D 1264 -29.15 -11.37 -6.88
CA GLY D 1264 -29.62 -11.58 -5.51
C GLY D 1264 -31.06 -11.23 -5.25
N ILE D 1265 -31.75 -10.56 -6.18
CA ILE D 1265 -33.13 -10.17 -5.95
C ILE D 1265 -34.04 -11.38 -6.11
N SER D 1266 -35.21 -11.32 -5.48
CA SER D 1266 -36.11 -12.47 -5.47
C SER D 1266 -36.58 -12.82 -6.88
N ARG D 1267 -36.65 -11.83 -7.77
CA ARG D 1267 -37.12 -12.09 -9.13
C ARG D 1267 -36.29 -13.18 -9.80
N TYR D 1268 -34.97 -13.13 -9.64
CA TYR D 1268 -34.07 -14.12 -10.21
C TYR D 1268 -33.69 -15.21 -9.21
N ARG D 1269 -33.68 -14.89 -7.91
CA ARG D 1269 -33.22 -15.84 -6.91
C ARG D 1269 -34.15 -17.05 -6.80
N ASN D 1270 -35.42 -16.89 -7.16
CA ASN D 1270 -36.41 -17.95 -7.03
C ASN D 1270 -36.81 -18.56 -8.37
N ILE D 1271 -35.97 -18.44 -9.39
CA ILE D 1271 -36.30 -19.02 -10.69
C ILE D 1271 -36.42 -20.53 -10.57
N GLN D 1272 -37.44 -21.07 -11.23
CA GLN D 1272 -37.65 -22.52 -11.30
C GLN D 1272 -37.29 -23.01 -12.70
N VAL D 1273 -36.57 -24.12 -12.77
CA VAL D 1273 -36.06 -24.66 -14.02
C VAL D 1273 -36.50 -26.11 -14.14
N GLN D 1274 -36.98 -26.49 -15.32
CA GLN D 1274 -37.36 -27.87 -15.60
C GLN D 1274 -37.26 -28.09 -17.10
N PRO D 1275 -36.99 -29.32 -17.53
CA PRO D 1275 -36.93 -29.59 -18.97
C PRO D 1275 -38.31 -29.55 -19.60
N THR D 1276 -38.34 -29.24 -20.90
CA THR D 1276 -39.59 -29.31 -21.64
C THR D 1276 -40.03 -30.76 -21.79
N GLU D 1277 -41.36 -30.97 -21.80
CA GLU D 1277 -41.88 -32.32 -21.89
C GLU D 1277 -41.43 -33.02 -23.17
N GLU D 1278 -41.37 -32.29 -24.28
CA GLU D 1278 -40.92 -32.89 -25.53
C GLU D 1278 -39.48 -33.39 -25.40
N ALA D 1279 -38.60 -32.56 -24.83
CA ALA D 1279 -37.22 -32.98 -24.64
C ALA D 1279 -37.13 -34.16 -23.67
N ARG D 1280 -37.92 -34.14 -22.60
CA ARG D 1280 -37.90 -35.25 -21.65
C ARG D 1280 -38.31 -36.54 -22.33
N ALA D 1281 -39.36 -36.52 -23.15
CA ALA D 1281 -39.77 -37.71 -23.87
C ALA D 1281 -38.70 -38.17 -24.86
N ALA D 1282 -38.09 -37.21 -25.58
CA ALA D 1282 -37.09 -37.58 -26.58
C ALA D 1282 -35.89 -38.24 -25.94
N ALA D 1283 -35.40 -37.71 -24.81
CA ALA D 1283 -34.21 -38.22 -24.15
C ALA D 1283 -34.60 -39.46 -23.34
N TYR D 1284 -34.43 -40.63 -23.95
CA TYR D 1284 -34.74 -41.89 -23.30
C TYR D 1284 -36.19 -41.94 -22.83
N ASP E 164 -4.36 11.75 38.96
CA ASP E 164 -4.87 10.85 40.02
C ASP E 164 -6.05 11.49 40.75
N SER E 165 -6.99 10.68 41.21
CA SER E 165 -8.20 11.16 41.87
C SER E 165 -8.37 10.49 43.23
N VAL E 166 -7.25 10.15 43.88
CA VAL E 166 -7.31 9.70 45.26
C VAL E 166 -7.40 10.87 46.22
N ARG E 167 -7.29 12.10 45.71
CA ARG E 167 -7.23 13.27 46.58
C ARG E 167 -8.52 13.44 47.38
N ALA E 168 -9.65 12.99 46.84
CA ALA E 168 -10.91 13.11 47.57
C ALA E 168 -10.87 12.33 48.88
N TYR E 169 -10.34 11.11 48.85
CA TYR E 169 -10.21 10.34 50.08
C TYR E 169 -9.29 11.03 51.07
N LEU E 170 -8.15 11.53 50.61
CA LEU E 170 -7.22 12.22 51.50
C LEU E 170 -7.88 13.44 52.14
N LYS E 171 -8.63 14.21 51.36
CA LYS E 171 -9.35 15.35 51.91
C LYS E 171 -10.36 14.91 52.96
N GLN E 172 -11.16 13.90 52.63
CA GLN E 172 -12.27 13.51 53.51
C GLN E 172 -11.76 12.98 54.84
N ILE E 173 -10.67 12.20 54.82
CA ILE E 173 -10.08 11.72 56.07
C ILE E 173 -9.35 12.82 56.80
N GLY E 174 -9.07 13.94 56.14
CA GLY E 174 -8.35 15.04 56.77
C GLY E 174 -9.17 15.94 57.65
N LYS E 175 -10.47 15.67 57.79
CA LYS E 175 -11.36 16.48 58.61
C LYS E 175 -11.49 15.96 60.04
N VAL E 176 -10.74 14.93 60.40
CA VAL E 176 -10.76 14.37 61.75
C VAL E 176 -9.34 14.45 62.31
N ALA E 177 -9.20 14.99 63.51
CA ALA E 177 -7.90 15.22 64.11
C ALA E 177 -7.36 13.94 64.74
N LEU E 178 -6.03 13.89 64.87
CA LEU E 178 -5.38 12.73 65.46
C LEU E 178 -5.71 12.62 66.94
N LEU E 179 -5.62 11.40 67.47
CA LEU E 179 -5.88 11.16 68.88
C LEU E 179 -4.62 11.41 69.71
N ASN E 180 -4.82 11.89 70.93
CA ASN E 180 -3.72 11.95 71.89
C ASN E 180 -3.59 10.63 72.63
N ALA E 181 -2.48 10.46 73.34
CA ALA E 181 -2.19 9.19 73.99
C ALA E 181 -3.31 8.77 74.93
N GLU E 182 -3.97 9.74 75.58
CA GLU E 182 -4.99 9.41 76.57
C GLU E 182 -6.36 9.18 75.97
N GLU E 183 -6.60 9.61 74.72
CA GLU E 183 -7.89 9.39 74.10
C GLU E 183 -8.05 7.96 73.59
N GLU E 184 -6.95 7.31 73.20
CA GLU E 184 -7.04 5.96 72.65
C GLU E 184 -7.56 4.98 73.70
N VAL E 185 -7.03 5.07 74.92
CA VAL E 185 -7.50 4.21 76.00
C VAL E 185 -8.97 4.47 76.28
N GLU E 186 -9.38 5.74 76.31
CA GLU E 186 -10.77 6.08 76.55
C GLU E 186 -11.67 5.45 75.50
N LEU E 187 -11.28 5.57 74.22
CA LEU E 187 -12.10 5.02 73.14
C LEU E 187 -12.17 3.50 73.23
N ALA E 188 -11.04 2.84 73.48
CA ALA E 188 -11.06 1.38 73.58
C ALA E 188 -11.93 0.91 74.75
N LYS E 189 -11.80 1.57 75.89
CA LYS E 189 -12.61 1.21 77.06
C LYS E 189 -14.09 1.44 76.79
N ARG E 190 -14.42 2.54 76.11
CA ARG E 190 -15.82 2.78 75.74
C ARG E 190 -16.33 1.68 74.81
N ILE E 191 -15.52 1.27 73.85
CA ILE E 191 -15.94 0.22 72.92
C ILE E 191 -16.23 -1.06 73.68
N GLU E 192 -15.32 -1.43 74.59
CA GLU E 192 -15.51 -2.66 75.36
C GLU E 192 -16.77 -2.58 76.22
N ALA E 193 -16.99 -1.44 76.88
CA ALA E 193 -18.16 -1.30 77.73
C ALA E 193 -19.44 -1.37 76.91
N GLY E 194 -19.46 -0.73 75.74
CA GLY E 194 -20.64 -0.80 74.88
C GLY E 194 -20.90 -2.21 74.40
N LEU E 195 -19.85 -2.94 74.06
CA LEU E 195 -20.03 -4.33 73.65
C LEU E 195 -20.63 -5.16 74.77
N TYR E 196 -20.12 -4.97 76.00
CA TYR E 196 -20.68 -5.71 77.13
C TYR E 196 -22.14 -5.34 77.35
N ALA E 197 -22.48 -4.05 77.21
CA ALA E 197 -23.87 -3.63 77.37
C ALA E 197 -24.78 -4.28 76.32
N THR E 198 -24.33 -4.30 75.07
CA THR E 198 -25.12 -4.93 74.02
C THR E 198 -25.31 -6.41 74.31
N GLN E 199 -24.25 -7.08 74.76
CA GLN E 199 -24.37 -8.51 75.03
C GLN E 199 -25.29 -8.75 76.22
N LYS E 200 -25.29 -7.85 77.21
CA LYS E 200 -26.23 -7.97 78.33
C LYS E 200 -27.66 -7.86 77.85
N LEU E 201 -27.97 -6.81 77.08
CA LEU E 201 -29.33 -6.69 76.54
C LEU E 201 -29.72 -7.89 75.68
N ALA E 202 -28.77 -8.48 74.96
CA ALA E 202 -29.09 -9.65 74.15
C ALA E 202 -29.36 -10.87 75.02
N GLU E 203 -28.52 -11.10 76.03
CA GLU E 203 -28.61 -12.32 76.83
C GLU E 203 -29.83 -12.29 77.74
N LEU E 204 -30.06 -11.18 78.43
CA LEU E 204 -31.09 -11.16 79.48
C LEU E 204 -32.48 -11.41 78.90
N ALA E 205 -32.66 -11.24 77.59
CA ALA E 205 -33.97 -11.46 76.99
C ALA E 205 -34.35 -12.94 76.96
N GLU E 206 -33.37 -13.84 77.06
CA GLU E 206 -33.66 -15.27 76.98
C GLU E 206 -34.44 -15.81 78.17
N LYS E 207 -34.52 -15.04 79.27
CA LYS E 207 -35.23 -15.51 80.45
C LYS E 207 -36.13 -14.42 81.03
N GLY E 208 -36.47 -13.40 80.24
CA GLY E 208 -37.26 -12.29 80.75
C GLY E 208 -36.39 -11.26 81.44
N GLU E 209 -36.50 -11.19 82.77
CA GLU E 209 -35.66 -10.32 83.59
C GLU E 209 -35.70 -8.88 83.08
N LYS E 210 -36.90 -8.30 83.17
CA LYS E 210 -37.09 -6.92 82.77
C LYS E 210 -36.19 -5.99 83.58
N LEU E 211 -35.54 -5.06 82.89
CA LEU E 211 -34.78 -4.01 83.55
C LEU E 211 -35.62 -2.73 83.62
N PRO E 212 -35.35 -1.86 84.60
CA PRO E 212 -36.13 -0.63 84.70
C PRO E 212 -35.90 0.29 83.51
N VAL E 213 -36.89 1.12 83.23
CA VAL E 213 -36.86 1.95 82.03
C VAL E 213 -35.62 2.84 82.01
N GLN E 214 -35.29 3.45 83.16
CA GLN E 214 -34.11 4.31 83.20
C GLN E 214 -32.85 3.52 82.91
N GLN E 215 -32.69 2.34 83.54
CA GLN E 215 -31.52 1.52 83.28
C GLN E 215 -31.50 1.04 81.82
N ARG E 216 -32.66 0.70 81.28
CA ARG E 216 -32.73 0.27 79.88
C ARG E 216 -32.24 1.37 78.96
N ARG E 217 -32.74 2.59 79.15
CA ARG E 217 -32.32 3.70 78.30
C ARG E 217 -30.84 4.01 78.48
N ASP E 218 -30.35 3.98 79.73
CA ASP E 218 -28.93 4.24 79.96
C ASP E 218 -28.06 3.19 79.29
N MET E 219 -28.47 1.93 79.36
CA MET E 219 -27.68 0.85 78.75
C MET E 219 -27.71 0.94 77.24
N GLN E 220 -28.86 1.30 76.66
CA GLN E 220 -28.90 1.51 75.21
C GLN E 220 -28.02 2.69 74.80
N TRP E 221 -28.01 3.75 75.61
CA TRP E 221 -27.10 4.86 75.33
C TRP E 221 -25.65 4.40 75.41
N ILE E 222 -25.33 3.54 76.38
CA ILE E 222 -23.98 2.98 76.47
C ILE E 222 -23.64 2.21 75.20
N CYS E 223 -24.59 1.41 74.71
CA CYS E 223 -24.36 0.65 73.49
C CYS E 223 -24.07 1.56 72.32
N ARG E 224 -24.91 2.60 72.13
CA ARG E 224 -24.72 3.52 71.03
C ARG E 224 -23.41 4.28 71.17
N ASP E 225 -23.05 4.67 72.39
CA ASP E 225 -21.79 5.36 72.61
C ASP E 225 -20.61 4.47 72.29
N GLY E 226 -20.70 3.18 72.63
CA GLY E 226 -19.63 2.26 72.27
C GLY E 226 -19.48 2.12 70.77
N ASP E 227 -20.60 1.97 70.06
CA ASP E 227 -20.53 1.87 68.60
C ASP E 227 -19.94 3.14 68.00
N ARG E 228 -20.39 4.30 68.48
CA ARG E 228 -19.87 5.57 67.97
C ARG E 228 -18.39 5.74 68.29
N ALA E 229 -17.95 5.29 69.46
CA ALA E 229 -16.54 5.37 69.80
C ALA E 229 -15.71 4.46 68.91
N LYS E 230 -16.21 3.27 68.60
CA LYS E 230 -15.51 2.40 67.65
C LYS E 230 -15.39 3.08 66.30
N ASN E 231 -16.49 3.68 65.82
CA ASN E 231 -16.44 4.37 64.55
C ASN E 231 -15.43 5.50 64.58
N HIS E 232 -15.42 6.28 65.67
CA HIS E 232 -14.49 7.41 65.78
C HIS E 232 -13.04 6.92 65.81
N LEU E 233 -12.79 5.81 66.51
CA LEU E 233 -11.44 5.27 66.57
C LEU E 233 -10.96 4.84 65.20
N LEU E 234 -11.85 4.21 64.41
CA LEU E 234 -11.50 3.90 63.03
C LEU E 234 -11.24 5.17 62.23
N GLU E 235 -12.11 6.17 62.40
CA GLU E 235 -11.99 7.40 61.62
C GLU E 235 -10.64 8.08 61.86
N ALA E 236 -10.26 8.24 63.14
CA ALA E 236 -9.03 8.96 63.45
C ALA E 236 -7.78 8.21 63.01
N ASN E 237 -7.87 6.90 62.84
CA ASN E 237 -6.71 6.09 62.47
C ASN E 237 -6.69 5.70 61.00
N LEU E 238 -7.72 6.06 60.23
CA LEU E 238 -7.64 5.85 58.79
C LEU E 238 -6.41 6.52 58.18
N ARG E 239 -5.94 7.62 58.77
CA ARG E 239 -4.78 8.31 58.22
C ARG E 239 -3.52 7.46 58.28
N LEU E 240 -3.45 6.52 59.23
CA LEU E 240 -2.26 5.70 59.37
C LEU E 240 -2.07 4.78 58.16
N VAL E 241 -3.17 4.26 57.61
CA VAL E 241 -3.08 3.21 56.60
C VAL E 241 -2.39 3.73 55.34
N VAL E 242 -2.63 4.99 54.97
CA VAL E 242 -2.08 5.52 53.73
C VAL E 242 -0.56 5.61 53.81
N SER E 243 -0.02 5.97 54.98
CA SER E 243 1.43 6.07 55.13
C SER E 243 2.12 4.74 54.90
N LEU E 244 1.46 3.63 55.21
CA LEU E 244 2.00 2.30 54.93
C LEU E 244 1.73 1.87 53.50
N ALA E 245 0.54 2.19 52.97
CA ALA E 245 0.20 1.80 51.61
C ALA E 245 1.13 2.46 50.60
N LYS E 246 1.55 3.69 50.86
CA LYS E 246 2.46 4.37 49.94
C LYS E 246 3.80 3.66 49.80
N ARG E 247 4.16 2.79 50.76
CA ARG E 247 5.41 2.04 50.66
C ARG E 247 5.30 0.93 49.62
N TYR E 248 4.17 0.24 49.58
CA TYR E 248 4.02 -0.97 48.77
C TYR E 248 3.41 -0.70 47.40
N THR E 249 3.18 0.56 47.04
CA THR E 249 2.58 0.88 45.75
C THR E 249 3.54 0.55 44.62
N GLY E 250 2.96 0.19 43.47
CA GLY E 250 3.74 -0.11 42.28
C GLY E 250 4.15 -1.56 42.12
N ARG E 251 3.85 -2.42 43.08
CA ARG E 251 4.21 -3.83 42.99
C ARG E 251 3.27 -4.63 42.11
N GLY E 252 2.17 -4.01 41.65
CA GLY E 252 1.23 -4.71 40.79
C GLY E 252 -0.22 -4.37 41.09
N MET E 253 -0.52 -4.06 42.34
CA MET E 253 -1.88 -3.69 42.72
C MET E 253 -2.00 -2.18 42.87
N ALA E 254 -3.21 -1.68 42.67
CA ALA E 254 -3.46 -0.24 42.68
C ALA E 254 -3.21 0.35 44.06
N PHE E 255 -2.76 1.60 44.07
CA PHE E 255 -2.49 2.29 45.33
C PHE E 255 -3.75 2.38 46.19
N LEU E 256 -4.86 2.83 45.59
CA LEU E 256 -6.06 3.02 46.38
C LEU E 256 -6.66 1.69 46.83
N ASP E 257 -6.50 0.63 46.03
CA ASP E 257 -6.89 -0.69 46.49
C ASP E 257 -6.03 -1.13 47.68
N LEU E 258 -4.72 -0.85 47.62
CA LEU E 258 -3.86 -1.13 48.77
C LEU E 258 -4.39 -0.44 50.01
N ILE E 259 -4.71 0.85 49.90
CA ILE E 259 -5.24 1.59 51.05
C ILE E 259 -6.52 0.94 51.55
N GLN E 260 -7.44 0.65 50.63
CA GLN E 260 -8.76 0.15 51.02
C GLN E 260 -8.67 -1.20 51.72
N GLU E 261 -7.78 -2.09 51.25
CA GLU E 261 -7.72 -3.40 51.87
C GLU E 261 -6.82 -3.42 53.09
N GLY E 262 -5.91 -2.45 53.22
CA GLY E 262 -5.24 -2.25 54.49
C GLY E 262 -6.20 -1.76 55.56
N ASN E 263 -7.20 -0.98 55.15
CA ASN E 263 -8.22 -0.58 56.11
C ASN E 263 -8.88 -1.80 56.73
N LEU E 264 -9.02 -2.90 55.98
CA LEU E 264 -9.66 -4.10 56.52
C LEU E 264 -8.79 -4.79 57.55
N GLY E 265 -7.46 -4.62 57.47
CA GLY E 265 -6.61 -5.00 58.57
C GLY E 265 -6.69 -4.02 59.73
N LEU E 266 -6.99 -2.76 59.41
CA LEU E 266 -7.12 -1.75 60.47
C LEU E 266 -8.32 -2.05 61.38
N ILE E 267 -9.45 -2.45 60.79
CA ILE E 267 -10.59 -2.86 61.62
C ILE E 267 -10.21 -4.05 62.51
N ARG E 268 -9.47 -5.02 61.98
CA ARG E 268 -9.05 -6.14 62.82
C ARG E 268 -8.14 -5.66 63.95
N ALA E 269 -7.25 -4.73 63.65
CA ALA E 269 -6.37 -4.17 64.68
C ALA E 269 -7.18 -3.50 65.78
N VAL E 270 -8.18 -2.71 65.39
CA VAL E 270 -9.06 -2.11 66.38
C VAL E 270 -9.78 -3.18 67.18
N GLU E 271 -10.18 -4.26 66.52
CA GLU E 271 -10.88 -5.34 67.23
C GLU E 271 -10.01 -5.96 68.30
N LYS E 272 -8.73 -6.19 67.99
CA LYS E 272 -7.84 -6.87 68.92
C LYS E 272 -7.12 -5.92 69.88
N PHE E 273 -6.97 -4.65 69.52
CA PHE E 273 -6.20 -3.74 70.36
C PHE E 273 -6.82 -3.62 71.75
N ASP E 274 -5.96 -3.58 72.77
CA ASP E 274 -6.36 -3.39 74.15
C ASP E 274 -5.38 -2.44 74.83
N TYR E 275 -5.85 -1.78 75.88
CA TYR E 275 -5.05 -0.78 76.57
C TYR E 275 -4.23 -1.33 77.73
N THR E 276 -4.62 -2.49 78.27
CA THR E 276 -3.93 -3.02 79.44
C THR E 276 -2.46 -3.28 79.16
N LYS E 277 -2.10 -3.55 77.91
CA LYS E 277 -0.70 -3.76 77.56
C LYS E 277 0.13 -2.49 77.71
N GLY E 278 -0.52 -1.34 77.81
CA GLY E 278 0.21 -0.09 77.96
C GLY E 278 1.01 0.31 76.74
N TYR E 279 0.47 0.10 75.54
CA TYR E 279 1.14 0.43 74.29
C TYR E 279 0.22 1.26 73.42
N LYS E 280 0.84 2.03 72.51
CA LYS E 280 0.08 2.88 71.61
C LYS E 280 -0.70 2.05 70.60
N PHE E 281 -1.78 2.64 70.08
CA PHE E 281 -2.59 1.95 69.08
C PHE E 281 -1.78 1.69 67.82
N SER E 282 -0.93 2.65 67.42
CA SER E 282 -0.14 2.49 66.21
C SER E 282 0.76 1.27 66.30
N THR E 283 1.40 1.06 67.45
CA THR E 283 2.35 -0.03 67.60
C THR E 283 1.72 -1.37 67.21
N TYR E 284 0.47 -1.59 67.62
CA TYR E 284 -0.20 -2.84 67.31
C TYR E 284 -0.82 -2.82 65.92
N ALA E 285 -1.46 -1.70 65.55
CA ALA E 285 -2.19 -1.65 64.29
C ALA E 285 -1.27 -1.74 63.08
N THR E 286 -0.01 -1.32 63.22
CA THR E 286 0.91 -1.37 62.09
C THR E 286 1.12 -2.81 61.62
N TRP E 287 1.28 -3.75 62.55
CA TRP E 287 1.49 -5.14 62.16
C TRP E 287 0.31 -5.66 61.36
N TRP E 288 -0.90 -5.42 61.85
CA TRP E 288 -2.09 -5.93 61.18
C TRP E 288 -2.26 -5.29 59.81
N ILE E 289 -2.04 -3.98 59.71
CA ILE E 289 -2.15 -3.31 58.42
C ILE E 289 -1.12 -3.90 57.45
N ARG E 290 0.11 -4.10 57.91
CA ARG E 290 1.15 -4.60 57.02
C ARG E 290 0.84 -6.01 56.54
N GLN E 291 0.41 -6.90 57.44
CA GLN E 291 0.12 -8.26 57.00
C GLN E 291 -1.07 -8.28 56.06
N ALA E 292 -2.08 -7.43 56.33
CA ALA E 292 -3.23 -7.35 55.44
C ALA E 292 -2.82 -6.91 54.05
N ILE E 293 -1.98 -5.88 53.96
CA ILE E 293 -1.51 -5.41 52.65
C ILE E 293 -0.70 -6.49 51.96
N THR E 294 0.15 -7.19 52.72
CA THR E 294 0.97 -8.25 52.13
C THR E 294 0.10 -9.36 51.56
N ARG E 295 -0.89 -9.82 52.33
CA ARG E 295 -1.78 -10.87 51.84
C ARG E 295 -2.56 -10.40 50.62
N ALA E 296 -3.05 -9.16 50.66
CA ALA E 296 -3.79 -8.62 49.52
C ALA E 296 -2.93 -8.63 48.27
N MET E 297 -1.72 -8.12 48.36
CA MET E 297 -0.84 -8.09 47.19
C MET E 297 -0.51 -9.50 46.72
N ALA E 298 -0.28 -10.43 47.65
CA ALA E 298 0.05 -11.79 47.26
C ALA E 298 -1.10 -12.43 46.47
N ASP E 299 -2.33 -12.22 46.92
CA ASP E 299 -3.46 -12.87 46.27
C ASP E 299 -3.81 -12.23 44.94
N GLN E 300 -3.81 -10.90 44.88
CA GLN E 300 -4.44 -10.17 43.79
C GLN E 300 -3.45 -9.54 42.79
N ALA E 301 -2.14 -9.71 42.99
CA ALA E 301 -1.18 -8.98 42.17
C ALA E 301 -0.94 -9.60 40.80
N ARG E 302 -1.46 -10.80 40.53
CA ARG E 302 -1.15 -11.52 39.29
C ARG E 302 -2.42 -11.99 38.62
N THR E 303 -2.42 -11.97 37.29
CA THR E 303 -3.56 -12.48 36.53
C THR E 303 -3.75 -13.98 36.77
N ILE E 304 -2.65 -14.74 36.80
CA ILE E 304 -2.69 -16.16 37.13
C ILE E 304 -2.30 -16.27 38.60
N ARG E 305 -3.26 -16.67 39.44
CA ARG E 305 -3.06 -16.61 40.88
C ARG E 305 -1.96 -17.58 41.31
N ILE E 306 -1.14 -17.14 42.25
CA ILE E 306 -0.05 -17.93 42.81
C ILE E 306 -0.27 -18.02 44.32
N PRO E 307 -0.42 -19.22 44.89
CA PRO E 307 -0.65 -19.31 46.34
C PRO E 307 0.45 -18.61 47.14
N VAL E 308 0.13 -18.27 48.39
CA VAL E 308 0.95 -17.34 49.15
C VAL E 308 2.37 -17.90 49.33
N HIS E 309 2.48 -19.17 49.72
CA HIS E 309 3.81 -19.74 49.97
C HIS E 309 4.66 -19.72 48.70
N MET E 310 4.04 -19.99 47.54
CA MET E 310 4.74 -19.88 46.29
C MET E 310 5.20 -18.44 46.03
N VAL E 311 4.37 -17.45 46.35
CA VAL E 311 4.78 -16.07 46.20
C VAL E 311 5.97 -15.76 47.09
N GLU E 312 5.96 -16.27 48.33
CA GLU E 312 7.06 -16.01 49.25
C GLU E 312 8.36 -16.65 48.74
N VAL E 313 8.29 -17.88 48.23
CA VAL E 313 9.52 -18.50 47.72
C VAL E 313 9.99 -17.77 46.47
N ILE E 314 9.08 -17.28 45.63
CA ILE E 314 9.48 -16.50 44.46
C ILE E 314 10.19 -15.22 44.91
N ASN E 315 9.65 -14.56 45.93
CA ASN E 315 10.29 -13.33 46.43
C ASN E 315 11.67 -13.65 47.01
N LYS E 316 11.80 -14.77 47.71
CA LYS E 316 13.09 -15.15 48.26
C LYS E 316 14.10 -15.39 47.14
N LEU E 317 13.67 -16.08 46.08
CA LEU E 317 14.55 -16.29 44.93
C LEU E 317 14.96 -14.97 44.31
N GLY E 318 14.02 -14.04 44.16
CA GLY E 318 14.35 -12.75 43.58
C GLY E 318 15.36 -12.00 44.43
N ARG E 319 15.15 -12.03 45.75
CA ARG E 319 16.05 -11.35 46.67
C ARG E 319 17.46 -11.92 46.56
N ILE E 320 17.57 -13.25 46.56
CA ILE E 320 18.90 -13.88 46.48
C ILE E 320 19.55 -13.59 45.14
N GLN E 321 18.77 -13.68 44.06
CA GLN E 321 19.31 -13.47 42.72
C GLN E 321 19.83 -12.05 42.55
N ARG E 322 19.12 -11.07 43.12
CA ARG E 322 19.56 -9.69 43.00
C ARG E 322 20.94 -9.50 43.61
N GLU E 323 21.14 -10.01 44.83
CA GLU E 323 22.43 -9.89 45.49
C GLU E 323 23.52 -10.64 44.73
N LEU E 324 23.20 -11.86 44.27
CA LEU E 324 24.22 -12.63 43.59
C LEU E 324 24.60 -12.00 42.26
N LEU E 325 23.64 -11.37 41.57
CA LEU E 325 23.95 -10.66 40.35
C LEU E 325 24.78 -9.41 40.62
N GLN E 326 24.47 -8.70 41.70
CA GLN E 326 25.29 -7.55 42.08
C GLN E 326 26.72 -7.97 42.35
N ASP E 327 26.90 -9.13 42.99
CA ASP E 327 28.25 -9.62 43.28
C ASP E 327 28.95 -10.08 42.01
N LEU E 328 28.38 -11.07 41.32
CA LEU E 328 29.02 -11.68 40.16
C LEU E 328 29.03 -10.76 38.95
N GLY E 329 28.07 -9.85 38.84
CA GLY E 329 27.99 -8.96 37.69
C GLY E 329 27.27 -9.53 36.49
N ARG E 330 26.65 -10.69 36.61
CA ARG E 330 25.90 -11.29 35.50
C ARG E 330 24.84 -12.21 36.08
N GLU E 331 23.90 -12.59 35.23
CA GLU E 331 22.82 -13.48 35.66
C GLU E 331 23.39 -14.84 36.02
N PRO E 332 23.10 -15.37 37.21
CA PRO E 332 23.70 -16.64 37.61
C PRO E 332 23.12 -17.84 36.89
N THR E 333 23.93 -18.89 36.80
CA THR E 333 23.43 -20.18 36.37
C THR E 333 22.54 -20.79 37.46
N PRO E 334 21.60 -21.67 37.08
CA PRO E 334 20.68 -22.20 38.09
C PRO E 334 21.36 -22.86 39.27
N GLU E 335 22.49 -23.55 39.05
CA GLU E 335 23.16 -24.23 40.15
C GLU E 335 23.71 -23.24 41.17
N GLU E 336 24.15 -22.06 40.73
CA GLU E 336 24.64 -21.07 41.67
C GLU E 336 23.54 -20.60 42.61
N LEU E 337 22.32 -20.43 42.09
CA LEU E 337 21.19 -20.08 42.93
C LEU E 337 20.77 -21.26 43.80
N ALA E 338 20.89 -22.48 43.27
CA ALA E 338 20.57 -23.67 44.05
C ALA E 338 21.48 -23.79 45.28
N LYS E 339 22.76 -23.45 45.12
CA LYS E 339 23.70 -23.55 46.23
C LYS E 339 23.29 -22.66 47.40
N GLU E 340 22.44 -21.65 47.16
CA GLU E 340 21.97 -20.76 48.20
C GLU E 340 20.53 -21.05 48.62
N MET E 341 19.72 -21.62 47.72
CA MET E 341 18.35 -21.99 48.05
C MET E 341 18.23 -23.35 48.73
N ASP E 342 19.30 -24.15 48.73
CA ASP E 342 19.27 -25.48 49.32
C ASP E 342 18.24 -26.38 48.63
N ILE E 343 18.02 -26.13 47.33
CA ILE E 343 17.16 -26.97 46.50
C ILE E 343 17.86 -27.20 45.17
N THR E 344 17.38 -28.20 44.43
CA THR E 344 18.04 -28.60 43.20
C THR E 344 17.97 -27.49 42.16
N PRO E 345 18.96 -27.41 41.26
CA PRO E 345 18.92 -26.36 40.22
C PRO E 345 17.66 -26.41 39.36
N GLU E 346 17.19 -27.60 39.01
CA GLU E 346 15.96 -27.69 38.24
C GLU E 346 14.76 -27.16 39.01
N LYS E 347 14.79 -27.24 40.34
CA LYS E 347 13.70 -26.68 41.14
C LYS E 347 13.63 -25.16 40.97
N VAL E 348 14.77 -24.48 41.07
CA VAL E 348 14.78 -23.03 40.90
C VAL E 348 14.45 -22.68 39.45
N LEU E 349 14.89 -23.51 38.51
CA LEU E 349 14.52 -23.28 37.11
C LEU E 349 13.00 -23.38 36.91
N GLU E 350 12.33 -24.27 37.64
CA GLU E 350 10.88 -24.37 37.57
C GLU E 350 10.20 -23.20 38.26
N ILE E 351 10.76 -22.73 39.39
CA ILE E 351 10.20 -21.57 40.06
C ILE E 351 10.27 -20.36 39.13
N GLN E 352 11.40 -20.19 38.44
CA GLN E 352 11.51 -19.10 37.48
C GLN E 352 10.46 -19.18 36.39
N GLN E 353 10.10 -20.39 35.95
CA GLN E 353 9.03 -20.53 34.97
C GLN E 353 7.69 -20.15 35.58
N TYR E 354 7.43 -20.56 36.81
CA TYR E 354 6.19 -20.17 37.49
C TYR E 354 6.12 -18.66 37.65
N ALA E 355 7.25 -17.98 37.76
CA ALA E 355 7.25 -16.54 38.05
C ALA E 355 6.91 -15.69 36.83
N ARG E 356 7.06 -16.22 35.61
CA ARG E 356 6.94 -15.40 34.42
C ARG E 356 5.49 -14.95 34.23
N GLU E 357 5.30 -13.65 33.94
CA GLU E 357 3.98 -13.08 33.75
C GLU E 357 3.52 -13.26 32.30
N PRO E 358 2.20 -13.37 32.07
CA PRO E 358 1.71 -13.37 30.68
C PRO E 358 1.89 -12.00 30.03
N ILE E 359 2.05 -12.01 28.71
CA ILE E 359 2.13 -10.77 27.94
C ILE E 359 0.73 -10.38 27.50
N SER E 360 0.59 -9.11 27.11
CA SER E 360 -0.71 -8.59 26.69
C SER E 360 -0.99 -8.99 25.24
N LEU E 361 -2.10 -9.69 25.03
CA LEU E 361 -2.46 -10.15 23.69
C LEU E 361 -2.80 -8.99 22.76
N ASP E 362 -3.13 -7.82 23.29
CA ASP E 362 -3.54 -6.68 22.49
C ASP E 362 -2.39 -5.76 22.13
N GLN E 363 -1.15 -6.10 22.51
CA GLN E 363 -0.02 -5.24 22.19
C GLN E 363 0.18 -5.16 20.69
N THR E 364 0.51 -3.95 20.21
CA THR E 364 0.72 -3.73 18.80
C THR E 364 1.95 -4.47 18.31
N ILE E 365 1.91 -4.89 17.04
CA ILE E 365 3.02 -5.60 16.42
C ILE E 365 3.27 -4.98 15.05
N GLY E 366 4.53 -4.98 14.62
CA GLY E 366 4.90 -4.41 13.35
C GLY E 366 5.44 -2.99 13.41
N ASP E 367 5.74 -2.48 14.59
CA ASP E 367 6.29 -1.14 14.79
C ASP E 367 5.30 -0.04 14.42
N GLU E 368 4.04 -0.40 14.14
CA GLU E 368 3.02 0.57 13.80
C GLU E 368 1.68 0.06 14.32
N GLY E 369 0.66 0.89 14.19
CA GLY E 369 -0.67 0.53 14.64
C GLY E 369 -1.44 -0.28 13.62
N ASP E 370 -0.73 -1.03 12.79
CA ASP E 370 -1.39 -1.82 11.75
C ASP E 370 -2.22 -2.95 12.35
N SER E 371 -1.63 -3.68 13.30
CA SER E 371 -2.31 -4.83 13.89
C SER E 371 -1.68 -5.13 15.24
N GLN E 372 -2.34 -6.00 16.00
CA GLN E 372 -1.87 -6.45 17.29
C GLN E 372 -1.39 -7.90 17.19
N LEU E 373 -0.70 -8.34 18.24
CA LEU E 373 -0.06 -9.66 18.22
C LEU E 373 -1.08 -10.76 17.99
N GLY E 374 -2.25 -10.66 18.62
CA GLY E 374 -3.25 -11.71 18.51
C GLY E 374 -3.72 -11.98 17.10
N ASP E 375 -3.58 -11.00 16.20
CA ASP E 375 -4.08 -11.16 14.84
C ASP E 375 -3.27 -12.16 14.03
N PHE E 376 -2.09 -12.58 14.51
CA PHE E 376 -1.22 -13.45 13.75
C PHE E 376 -0.79 -14.70 14.53
N ILE E 377 -1.56 -15.13 15.52
CA ILE E 377 -1.28 -16.39 16.21
C ILE E 377 -1.92 -17.52 15.42
N GLU E 378 -1.11 -18.49 15.01
CA GLU E 378 -1.64 -19.66 14.33
C GLU E 378 -2.12 -20.68 15.35
N ASP E 379 -3.36 -21.14 15.20
CA ASP E 379 -3.93 -22.08 16.15
C ASP E 379 -3.45 -23.50 15.84
N SER E 380 -2.83 -24.14 16.83
CA SER E 380 -2.33 -25.50 16.63
C SER E 380 -3.46 -26.51 16.55
N GLU E 381 -4.46 -26.38 17.44
CA GLU E 381 -5.59 -27.29 17.47
C GLU E 381 -6.73 -26.77 16.59
N ALA E 382 -6.42 -26.60 15.31
CA ALA E 382 -7.39 -26.15 14.33
C ALA E 382 -8.15 -27.35 13.76
N VAL E 383 -9.31 -27.06 13.17
CA VAL E 383 -10.12 -28.08 12.51
C VAL E 383 -9.60 -28.27 11.10
N VAL E 384 -8.63 -29.17 10.93
CA VAL E 384 -8.05 -29.40 9.61
C VAL E 384 -9.10 -30.06 8.72
N ALA E 385 -9.33 -29.46 7.55
CA ALA E 385 -10.40 -29.94 6.68
C ALA E 385 -10.10 -31.34 6.14
N VAL E 386 -8.91 -31.53 5.57
CA VAL E 386 -8.61 -32.81 4.91
C VAL E 386 -8.72 -33.96 5.89
N ASP E 387 -8.27 -33.78 7.12
CA ASP E 387 -8.45 -34.83 8.13
C ASP E 387 -9.93 -35.02 8.43
N ALA E 388 -10.67 -33.93 8.62
CA ALA E 388 -12.06 -34.03 9.05
C ALA E 388 -12.87 -34.91 8.09
N VAL E 389 -12.72 -34.67 6.78
CA VAL E 389 -13.37 -35.54 5.81
C VAL E 389 -12.72 -36.92 5.81
N SER E 390 -11.39 -36.96 5.84
CA SER E 390 -10.71 -38.24 5.72
C SER E 390 -11.20 -39.24 6.76
N PHE E 391 -11.26 -38.83 8.02
CA PHE E 391 -11.76 -39.72 9.06
C PHE E 391 -13.10 -40.32 8.66
N THR E 392 -14.04 -39.47 8.24
CA THR E 392 -15.35 -40.00 7.86
C THR E 392 -15.23 -41.06 6.78
N LEU E 393 -14.40 -40.80 5.76
CA LEU E 393 -14.20 -41.81 4.72
C LEU E 393 -13.77 -43.13 5.35
N LEU E 394 -12.78 -43.10 6.25
CA LEU E 394 -12.38 -44.32 6.93
C LEU E 394 -13.56 -44.93 7.67
N GLN E 395 -14.29 -44.09 8.41
CA GLN E 395 -15.44 -44.60 9.17
C GLN E 395 -16.45 -45.25 8.25
N ASP E 396 -16.44 -44.89 6.96
CA ASP E 396 -17.25 -45.61 5.99
C ASP E 396 -16.50 -46.82 5.46
N GLN E 397 -15.25 -46.62 5.01
CA GLN E 397 -14.51 -47.70 4.39
C GLN E 397 -14.41 -48.89 5.34
N LEU E 398 -13.99 -48.64 6.58
CA LEU E 398 -13.92 -49.70 7.57
C LEU E 398 -15.25 -50.44 7.64
N GLN E 399 -16.36 -49.70 7.72
CA GLN E 399 -17.66 -50.34 7.76
C GLN E 399 -17.85 -51.28 6.57
N SER E 400 -17.52 -50.79 5.37
CA SER E 400 -17.66 -51.64 4.18
C SER E 400 -16.84 -52.92 4.31
N VAL E 401 -15.67 -52.85 4.94
CA VAL E 401 -14.90 -54.06 5.19
C VAL E 401 -15.62 -54.93 6.22
N LEU E 402 -16.07 -54.32 7.33
CA LEU E 402 -16.77 -55.09 8.35
C LEU E 402 -18.07 -55.66 7.79
N GLU E 403 -18.76 -54.89 6.93
CA GLU E 403 -19.96 -55.39 6.28
C GLU E 403 -19.66 -56.50 5.28
N THR E 404 -18.41 -56.68 4.87
CA THR E 404 -18.05 -57.79 4.02
C THR E 404 -18.04 -59.12 4.77
N LEU E 405 -17.94 -59.08 6.09
CA LEU E 405 -17.99 -60.29 6.91
C LEU E 405 -19.44 -60.73 7.08
N SER E 406 -19.62 -61.90 7.69
CA SER E 406 -20.94 -62.29 8.17
C SER E 406 -21.26 -61.52 9.45
N GLU E 407 -22.55 -61.24 9.64
CA GLU E 407 -22.96 -60.53 10.86
C GLU E 407 -22.47 -61.27 12.09
N ARG E 408 -22.39 -62.60 12.03
CA ARG E 408 -21.90 -63.39 13.15
C ARG E 408 -20.51 -62.93 13.55
N GLU E 409 -19.60 -62.77 12.58
CA GLU E 409 -18.26 -62.30 12.88
C GLU E 409 -18.25 -60.80 13.16
N ALA E 410 -19.02 -60.04 12.37
CA ALA E 410 -18.94 -58.58 12.45
C ALA E 410 -19.38 -58.07 13.82
N GLY E 411 -20.42 -58.67 14.40
CA GLY E 411 -20.94 -58.18 15.66
C GLY E 411 -19.91 -58.19 16.78
N VAL E 412 -19.06 -59.23 16.83
CA VAL E 412 -18.07 -59.34 17.89
C VAL E 412 -17.10 -58.17 17.82
N VAL E 413 -16.57 -57.87 16.63
CA VAL E 413 -15.65 -56.76 16.48
C VAL E 413 -16.35 -55.44 16.76
N ARG E 414 -17.57 -55.28 16.25
CA ARG E 414 -18.31 -54.04 16.47
C ARG E 414 -18.60 -53.81 17.94
N LEU E 415 -18.79 -54.90 18.71
CA LEU E 415 -19.00 -54.75 20.15
C LEU E 415 -17.68 -54.67 20.90
N ARG E 416 -16.67 -55.43 20.47
CA ARG E 416 -15.39 -55.44 21.17
C ARG E 416 -14.80 -54.04 21.24
N PHE E 417 -14.74 -53.36 20.10
CA PHE E 417 -14.15 -52.02 20.03
C PHE E 417 -15.17 -50.91 20.21
N GLY E 418 -16.44 -51.23 20.42
CA GLY E 418 -17.44 -50.22 20.70
C GLY E 418 -17.89 -49.42 19.51
N LEU E 419 -17.74 -49.94 18.29
CA LEU E 419 -18.17 -49.19 17.11
C LEU E 419 -19.66 -48.89 17.14
N THR E 420 -20.47 -49.84 17.60
CA THR E 420 -21.92 -49.65 17.56
C THR E 420 -22.38 -48.54 18.49
N ASP E 421 -21.76 -48.40 19.67
CA ASP E 421 -22.21 -47.41 20.63
C ASP E 421 -21.08 -46.60 21.27
N GLY E 422 -19.83 -46.79 20.85
CA GLY E 422 -18.73 -45.97 21.33
C GLY E 422 -18.09 -46.43 22.62
N GLN E 423 -18.59 -47.50 23.25
CA GLN E 423 -18.03 -47.99 24.50
C GLN E 423 -17.41 -49.36 24.28
N PRO E 424 -16.10 -49.53 24.47
CA PRO E 424 -15.52 -50.86 24.36
C PRO E 424 -16.11 -51.81 25.40
N ARG E 425 -16.17 -53.08 25.02
CA ARG E 425 -16.77 -54.12 25.87
C ARG E 425 -15.75 -55.22 26.13
N THR E 426 -15.72 -55.69 27.38
CA THR E 426 -14.82 -56.79 27.73
C THR E 426 -15.27 -58.07 27.05
N LEU E 427 -14.38 -59.06 27.06
CA LEU E 427 -14.70 -60.35 26.46
C LEU E 427 -15.96 -60.95 27.07
N ASP E 428 -16.12 -60.81 28.39
CA ASP E 428 -17.29 -61.40 29.04
C ASP E 428 -18.58 -60.72 28.61
N GLU E 429 -18.58 -59.38 28.54
CA GLU E 429 -19.81 -58.65 28.28
C GLU E 429 -20.38 -58.92 26.90
N ILE E 430 -19.51 -59.24 25.92
CA ILE E 430 -20.01 -59.57 24.59
C ILE E 430 -20.91 -60.80 24.65
N GLY E 431 -20.68 -61.68 25.64
CA GLY E 431 -21.52 -62.84 25.81
C GLY E 431 -22.91 -62.52 26.31
N GLN E 432 -23.18 -61.28 26.72
CA GLN E 432 -24.51 -60.91 27.17
C GLN E 432 -25.55 -60.98 26.07
N VAL E 433 -25.14 -60.98 24.80
CA VAL E 433 -26.06 -61.08 23.67
C VAL E 433 -25.68 -62.28 22.82
N TYR E 434 -24.42 -62.70 22.89
CA TYR E 434 -23.96 -63.84 22.10
C TYR E 434 -24.03 -65.15 22.88
N GLY E 435 -23.96 -65.11 24.21
CA GLY E 435 -24.16 -66.28 25.02
C GLY E 435 -22.93 -67.14 25.24
N VAL E 436 -22.01 -67.14 24.27
CA VAL E 436 -20.81 -67.98 24.40
C VAL E 436 -19.88 -67.42 25.47
N THR E 437 -19.01 -68.30 25.98
CA THR E 437 -18.13 -67.92 27.08
C THR E 437 -17.02 -66.99 26.60
N ARG E 438 -16.38 -66.32 27.57
CA ARG E 438 -15.40 -65.29 27.24
C ARG E 438 -14.22 -65.86 26.46
N GLU E 439 -13.78 -67.08 26.81
CA GLU E 439 -12.70 -67.70 26.05
C GLU E 439 -13.11 -67.95 24.61
N ARG E 440 -14.34 -68.41 24.40
CA ARG E 440 -14.81 -68.62 23.04
C ARG E 440 -14.93 -67.29 22.29
N ILE E 441 -15.36 -66.24 22.99
CA ILE E 441 -15.40 -64.92 22.35
C ILE E 441 -13.99 -64.48 21.96
N ARG E 442 -13.00 -64.79 22.79
CA ARG E 442 -11.62 -64.48 22.42
C ARG E 442 -11.20 -65.25 21.18
N GLN E 443 -11.58 -66.53 21.10
CA GLN E 443 -11.23 -67.33 19.93
C GLN E 443 -11.90 -66.79 18.67
N ILE E 444 -13.18 -66.40 18.76
CA ILE E 444 -13.86 -65.81 17.63
C ILE E 444 -13.19 -64.49 17.23
N GLU E 445 -12.82 -63.69 18.22
CA GLU E 445 -12.12 -62.44 17.95
C GLU E 445 -10.81 -62.71 17.22
N SER E 446 -10.08 -63.74 17.67
CA SER E 446 -8.83 -64.08 17.00
C SER E 446 -9.06 -64.51 15.57
N LYS E 447 -10.09 -65.33 15.32
CA LYS E 447 -10.40 -65.75 13.97
C LYS E 447 -10.69 -64.56 13.08
N THR E 448 -11.62 -63.69 13.51
CA THR E 448 -11.95 -62.52 12.72
C THR E 448 -10.74 -61.61 12.54
N MET E 449 -9.95 -61.45 13.60
CA MET E 449 -8.79 -60.56 13.58
C MET E 449 -7.75 -61.03 12.58
N SER E 450 -7.54 -62.35 12.49
CA SER E 450 -6.62 -62.89 11.50
C SER E 450 -7.20 -62.80 10.10
N LYS E 451 -8.51 -62.99 9.94
CA LYS E 451 -9.11 -62.87 8.62
C LYS E 451 -8.98 -61.46 8.07
N LEU E 452 -9.21 -60.44 8.91
CA LEU E 452 -9.14 -59.07 8.42
C LEU E 452 -7.71 -58.68 8.03
N ARG E 453 -6.72 -59.07 8.83
CA ARG E 453 -5.35 -58.66 8.56
C ARG E 453 -4.76 -59.34 7.33
N HIS E 454 -5.45 -60.32 6.76
CA HIS E 454 -4.93 -60.96 5.55
C HIS E 454 -4.87 -59.93 4.41
N PRO E 455 -3.89 -60.03 3.52
CA PRO E 455 -3.75 -59.00 2.48
C PRO E 455 -5.01 -58.76 1.65
N SER E 456 -5.88 -59.75 1.53
CA SER E 456 -7.09 -59.58 0.73
C SER E 456 -7.93 -58.40 1.22
N ARG E 457 -7.85 -58.04 2.50
CA ARG E 457 -8.58 -56.91 3.04
C ARG E 457 -7.70 -55.82 3.64
N SER E 458 -6.43 -56.12 3.97
CA SER E 458 -5.57 -55.09 4.54
C SER E 458 -5.34 -53.95 3.54
N GLN E 459 -4.99 -54.29 2.30
CA GLN E 459 -4.65 -53.27 1.32
C GLN E 459 -5.78 -52.28 1.11
N VAL E 460 -7.02 -52.68 1.41
CA VAL E 460 -8.16 -51.79 1.18
C VAL E 460 -8.03 -50.52 2.00
N LEU E 461 -7.50 -50.63 3.23
CA LEU E 461 -7.44 -49.47 4.12
C LEU E 461 -6.08 -49.32 4.81
N ARG E 462 -5.03 -49.96 4.32
CA ARG E 462 -3.73 -49.86 4.98
C ARG E 462 -3.28 -48.40 5.13
N ASP E 463 -3.30 -47.65 4.04
CA ASP E 463 -2.64 -46.34 4.02
C ASP E 463 -3.43 -45.27 4.76
N TYR E 464 -4.45 -45.60 5.54
CA TYR E 464 -5.16 -44.61 6.34
C TYR E 464 -4.49 -44.36 7.68
N LEU E 465 -3.49 -45.16 8.07
CA LEU E 465 -2.91 -45.04 9.40
C LEU E 465 -2.22 -43.69 9.62
N ASP E 466 -1.48 -43.20 8.63
CA ASP E 466 -0.72 -41.97 8.77
C ASP E 466 -1.61 -40.78 9.14
N ARG F 4 -12.80 75.28 -26.81
CA ARG F 4 -12.60 74.32 -27.93
C ARG F 4 -11.53 73.28 -27.58
N ASP F 5 -10.46 73.75 -26.94
CA ASP F 5 -9.35 72.88 -26.59
C ASP F 5 -9.80 71.72 -25.71
N TYR F 6 -10.77 71.97 -24.82
CA TYR F 6 -11.04 71.02 -23.75
C TYR F 6 -11.55 69.69 -24.27
N GLU F 7 -12.56 69.72 -25.15
CA GLU F 7 -13.10 68.47 -25.69
C GLU F 7 -12.13 67.82 -26.67
N ASP F 8 -11.35 68.62 -27.39
CA ASP F 8 -10.31 68.07 -28.25
C ASP F 8 -9.28 67.28 -27.43
N GLU F 9 -8.86 67.84 -26.29
CA GLU F 9 -8.01 67.10 -25.38
C GLU F 9 -8.75 65.90 -24.81
N LEU F 10 -10.03 66.08 -24.47
CA LEU F 10 -10.81 64.97 -23.93
C LEU F 10 -10.94 63.84 -24.94
N GLN F 11 -11.18 64.17 -26.21
CA GLN F 11 -11.27 63.13 -27.23
C GLN F 11 -9.96 62.37 -27.36
N SER F 12 -8.83 63.08 -27.32
CA SER F 12 -7.54 62.41 -27.38
C SER F 12 -7.36 61.48 -26.19
N GLU F 13 -7.75 61.92 -24.99
CA GLU F 13 -7.66 61.06 -23.82
C GLU F 13 -8.57 59.84 -23.96
N ARG F 14 -9.78 60.04 -24.46
CA ARG F 14 -10.69 58.92 -24.68
C ARG F 14 -10.10 57.92 -25.67
N ASP F 15 -9.40 58.42 -26.68
CA ASP F 15 -8.80 57.52 -27.68
C ASP F 15 -7.73 56.65 -27.05
N TYR F 16 -6.79 57.26 -26.33
CA TYR F 16 -5.70 56.49 -25.74
C TYR F 16 -6.23 55.49 -24.72
N VAL F 17 -7.11 55.94 -23.84
CA VAL F 17 -7.67 55.04 -22.82
C VAL F 17 -8.38 53.88 -23.48
N ALA F 18 -9.11 54.14 -24.57
CA ALA F 18 -9.68 53.05 -25.34
C ALA F 18 -8.59 52.12 -25.87
N GLY F 19 -7.42 52.67 -26.20
CA GLY F 19 -6.32 51.82 -26.62
C GLY F 19 -5.86 50.88 -25.53
N LEU F 20 -5.77 51.38 -24.30
CA LEU F 20 -5.37 50.53 -23.19
C LEU F 20 -6.37 49.40 -22.97
N TYR F 21 -7.67 49.70 -23.06
CA TYR F 21 -8.67 48.65 -22.92
C TYR F 21 -8.53 47.61 -24.01
N ALA F 22 -8.29 48.05 -25.25
CA ALA F 22 -8.09 47.10 -26.34
C ALA F 22 -6.89 46.19 -26.08
N ARG F 23 -5.78 46.78 -25.62
CA ARG F 23 -4.61 45.98 -25.32
C ARG F 23 -4.88 45.01 -24.17
N LEU F 24 -5.59 45.48 -23.14
CA LEU F 24 -5.91 44.59 -22.02
C LEU F 24 -6.81 43.45 -22.47
N ASP F 25 -7.78 43.75 -23.34
CA ASP F 25 -8.68 42.72 -23.83
C ASP F 25 -7.93 41.65 -24.62
N ALA F 26 -6.98 42.08 -25.45
CA ALA F 26 -6.15 41.12 -26.18
C ALA F 26 -5.38 40.24 -25.22
N GLU F 27 -4.85 40.83 -24.15
CA GLU F 27 -4.11 40.06 -23.14
C GLU F 27 -5.00 39.04 -22.46
N ARG F 28 -6.23 39.42 -22.09
CA ARG F 28 -7.12 38.50 -21.40
C ARG F 28 -7.48 37.32 -22.29
N ALA F 29 -7.75 37.57 -23.58
CA ALA F 29 -8.01 36.47 -24.50
C ALA F 29 -6.81 35.53 -24.59
N GLN F 30 -5.60 36.11 -24.61
CA GLN F 30 -4.40 35.28 -24.66
C GLN F 30 -4.31 34.38 -23.45
N SER F 31 -4.56 34.92 -22.25
CA SER F 31 -4.49 34.12 -21.04
C SER F 31 -5.61 33.08 -21.00
N GLN F 32 -6.82 33.46 -21.40
CA GLN F 32 -7.94 32.53 -21.35
C GLN F 32 -7.71 31.35 -22.28
N ARG F 33 -7.18 31.60 -23.47
CA ARG F 33 -6.90 30.50 -24.40
C ARG F 33 -5.92 29.51 -23.79
N ARG F 34 -4.82 30.01 -23.21
CA ARG F 34 -3.84 29.12 -22.60
C ARG F 34 -4.40 28.45 -21.36
N TYR F 35 -5.24 29.13 -20.58
CA TYR F 35 -5.84 28.52 -19.41
C TYR F 35 -6.66 27.30 -19.80
N ALA F 36 -7.50 27.43 -20.83
CA ALA F 36 -8.27 26.29 -21.30
C ALA F 36 -7.37 25.22 -21.90
N ALA F 37 -6.33 25.62 -22.63
CA ALA F 37 -5.42 24.64 -23.24
C ALA F 37 -4.72 23.83 -22.16
N ALA F 38 -4.25 24.48 -21.11
CA ALA F 38 -3.56 23.77 -20.04
C ALA F 38 -4.48 22.77 -19.35
N LEU F 39 -5.73 23.17 -19.10
CA LEU F 39 -6.67 22.26 -18.44
C LEU F 39 -6.93 21.02 -19.30
N ARG F 40 -7.13 21.22 -20.60
CA ARG F 40 -7.50 20.10 -21.47
C ARG F 40 -6.32 19.20 -21.76
N GLU F 41 -5.14 19.75 -21.99
CA GLU F 41 -3.93 18.95 -22.15
C GLU F 41 -2.72 19.81 -21.82
N HIS F 42 -1.78 19.24 -21.07
CA HIS F 42 -0.55 19.93 -20.73
C HIS F 42 0.66 19.09 -21.11
N GLY F 43 0.56 17.77 -20.93
CA GLY F 43 1.66 16.88 -21.23
C GLY F 43 2.73 16.80 -20.15
N GLY F 44 2.66 17.65 -19.14
CA GLY F 44 3.64 17.61 -18.07
C GLY F 44 3.16 16.80 -16.87
N THR F 45 4.01 16.75 -15.85
CA THR F 45 3.66 16.07 -14.62
C THR F 45 2.52 16.81 -13.92
N ALA F 46 1.79 16.08 -13.07
CA ALA F 46 0.60 16.64 -12.44
C ALA F 46 0.89 17.98 -11.76
N VAL F 47 1.93 18.02 -10.93
CA VAL F 47 2.27 19.27 -10.25
C VAL F 47 2.76 20.30 -11.25
N GLU F 48 3.52 19.87 -12.26
CA GLU F 48 3.97 20.81 -13.29
C GLU F 48 2.78 21.40 -14.04
N ARG F 49 1.70 20.63 -14.16
CA ARG F 49 0.53 21.09 -14.91
C ARG F 49 -0.28 22.11 -14.12
N ASP F 50 -0.80 21.71 -12.96
CA ASP F 50 -1.65 22.61 -12.18
C ASP F 50 -0.90 23.83 -11.69
N ALA F 51 0.44 23.77 -11.62
CA ALA F 51 1.19 24.95 -11.21
C ALA F 51 1.02 26.10 -12.21
N GLU F 52 0.96 25.78 -13.51
CA GLU F 52 0.73 26.83 -14.50
C GLU F 52 -0.70 27.34 -14.46
N VAL F 53 -1.66 26.44 -14.19
CA VAL F 53 -3.06 26.85 -14.17
C VAL F 53 -3.29 27.89 -13.08
N ARG F 54 -2.70 27.68 -11.91
CA ARG F 54 -2.86 28.66 -10.83
C ARG F 54 -2.29 30.02 -11.25
N ALA F 55 -1.14 30.02 -11.92
CA ALA F 55 -0.56 31.27 -12.39
C ALA F 55 -1.47 31.95 -13.41
N LEU F 56 -1.98 31.19 -14.37
CA LEU F 56 -2.87 31.77 -15.37
C LEU F 56 -4.17 32.27 -14.74
N ALA F 57 -4.75 31.48 -13.84
CA ALA F 57 -5.94 31.92 -13.13
C ALA F 57 -5.64 33.18 -12.31
N LYS F 58 -4.46 33.24 -11.70
CA LYS F 58 -4.06 34.44 -11.00
C LYS F 58 -4.00 35.64 -11.94
N ASP F 59 -3.45 35.43 -13.14
CA ASP F 59 -3.37 36.52 -14.11
C ASP F 59 -4.76 36.94 -14.59
N ILE F 60 -5.64 35.96 -14.84
CA ILE F 60 -6.98 36.29 -15.30
C ILE F 60 -7.72 37.08 -14.21
N ALA F 61 -7.60 36.66 -12.95
CA ALA F 61 -8.21 37.39 -11.86
C ALA F 61 -7.63 38.80 -11.77
N ARG F 62 -6.33 38.93 -12.00
CA ARG F 62 -5.70 40.26 -11.97
C ARG F 62 -6.29 41.17 -13.03
N LEU F 63 -6.50 40.65 -14.24
CA LEU F 63 -7.06 41.47 -15.32
C LEU F 63 -8.50 41.88 -15.01
N ASN F 64 -9.30 40.95 -14.47
CA ASN F 64 -10.70 41.26 -14.19
C ASN F 64 -10.83 42.34 -13.12
N VAL F 65 -9.90 42.38 -12.15
CA VAL F 65 -9.98 43.38 -11.11
C VAL F 65 -9.67 44.77 -11.67
N ALA F 66 -9.00 44.84 -12.82
CA ALA F 66 -8.42 46.08 -13.29
C ALA F 66 -9.18 46.72 -14.45
N ASP F 67 -10.05 45.98 -15.14
CA ASP F 67 -10.64 46.47 -16.39
C ASP F 67 -11.73 47.51 -16.17
N ASN F 68 -11.95 47.96 -14.93
CA ASN F 68 -12.93 49.01 -14.62
C ASN F 68 -12.19 50.19 -14.03
N GLY F 69 -12.35 51.37 -14.64
CA GLY F 69 -11.64 52.54 -14.18
C GLY F 69 -10.14 52.33 -14.23
N LEU F 70 -9.66 51.81 -15.36
CA LEU F 70 -8.26 51.36 -15.44
C LEU F 70 -7.29 52.50 -15.20
N CYS F 71 -7.55 53.67 -15.79
CA CYS F 71 -6.64 54.81 -15.73
C CYS F 71 -7.16 55.84 -14.75
N PHE F 72 -6.34 56.20 -13.75
CA PHE F 72 -6.72 57.22 -12.80
C PHE F 72 -6.59 58.63 -13.38
N GLY F 73 -5.58 58.87 -14.19
CA GLY F 73 -5.39 60.18 -14.78
C GLY F 73 -3.99 60.33 -15.32
N ARG F 74 -3.85 61.30 -16.23
CA ARG F 74 -2.56 61.57 -16.84
C ARG F 74 -1.62 62.25 -15.85
N LEU F 75 -0.33 62.18 -16.16
CA LEU F 75 0.70 62.89 -15.42
C LEU F 75 1.88 63.13 -16.35
N ASP F 76 2.65 64.18 -16.07
CA ASP F 76 3.77 64.53 -16.92
C ASP F 76 4.90 65.08 -16.07
N THR F 77 6.12 64.95 -16.59
CA THR F 77 7.29 65.47 -15.92
C THR F 77 7.68 66.83 -16.50
N LEU F 78 8.52 67.55 -15.77
CA LEU F 78 8.99 68.85 -16.24
C LEU F 78 9.76 68.75 -17.54
N ASP F 79 10.25 67.56 -17.89
CA ASP F 79 10.92 67.32 -19.16
C ASP F 79 9.93 67.07 -20.30
N ASP F 80 8.63 67.17 -20.03
CA ASP F 80 7.56 67.06 -21.02
C ASP F 80 7.22 65.62 -21.38
N ALA F 81 7.76 64.64 -20.67
CA ALA F 81 7.36 63.26 -20.88
C ALA F 81 6.07 62.95 -20.13
N ARG F 82 5.13 62.32 -20.82
CA ARG F 82 3.79 62.10 -20.30
C ARG F 82 3.65 60.66 -19.83
N LEU F 83 3.09 60.49 -18.63
CA LEU F 83 2.87 59.19 -18.01
C LEU F 83 1.39 59.02 -17.69
N TYR F 84 0.90 57.79 -17.79
CA TYR F 84 -0.43 57.43 -17.34
C TYR F 84 -0.33 56.52 -16.13
N ILE F 85 -1.15 56.80 -15.12
CA ILE F 85 -1.19 56.04 -13.88
C ILE F 85 -2.50 55.28 -13.83
N GLY F 86 -2.42 53.99 -13.51
CA GLY F 86 -3.61 53.17 -13.49
C GLY F 86 -3.45 51.97 -12.59
N ARG F 87 -4.46 51.10 -12.63
CA ARG F 87 -4.48 49.93 -11.76
C ARG F 87 -3.37 48.93 -12.07
N LEU F 88 -2.93 48.84 -13.32
CA LEU F 88 -1.93 47.88 -13.73
C LEU F 88 -0.90 48.55 -14.63
N GLY F 89 0.30 47.96 -14.65
CA GLY F 89 1.32 48.43 -15.56
C GLY F 89 1.25 47.69 -16.89
N ILE F 90 1.21 48.46 -17.97
CA ILE F 90 1.12 47.93 -19.33
C ILE F 90 2.26 48.53 -20.14
N PHE F 91 2.99 47.68 -20.84
CA PHE F 91 4.18 48.08 -21.58
C PHE F 91 4.11 47.55 -23.00
N ASP F 92 4.72 48.28 -23.93
CA ASP F 92 4.69 47.93 -25.35
C ASP F 92 5.88 47.05 -25.67
N ARG F 93 5.60 45.78 -25.98
CA ARG F 93 6.68 44.85 -26.28
C ARG F 93 7.45 45.26 -27.54
N ASP F 94 6.79 45.97 -28.44
CA ASP F 94 7.37 46.29 -29.74
C ASP F 94 8.24 47.54 -29.73
N ASN F 95 8.31 48.28 -28.63
CA ASN F 95 9.01 49.56 -28.60
C ASN F 95 9.89 49.65 -27.36
N ASP F 96 10.67 48.59 -27.10
CA ASP F 96 11.60 48.58 -25.98
C ASP F 96 10.88 48.81 -24.65
N PHE F 97 9.68 48.26 -24.55
CA PHE F 97 8.85 48.37 -23.34
C PHE F 97 8.69 49.83 -22.91
N GLU F 98 8.17 50.66 -23.82
CA GLU F 98 7.74 51.98 -23.43
C GLU F 98 6.53 51.85 -22.50
N PRO F 99 6.57 52.42 -21.29
CA PRO F 99 5.44 52.24 -20.37
C PRO F 99 4.20 53.00 -20.83
N LEU F 100 3.22 52.26 -21.34
CA LEU F 100 1.95 52.88 -21.73
C LEU F 100 1.12 53.25 -20.52
N LEU F 101 1.08 52.37 -19.52
CA LEU F 101 0.38 52.62 -18.27
C LEU F 101 1.25 52.13 -17.13
N LEU F 102 1.31 52.90 -16.05
CA LEU F 102 2.16 52.62 -14.92
C LEU F 102 1.30 52.29 -13.70
N ASP F 103 1.59 51.15 -13.07
CA ASP F 103 0.93 50.81 -11.82
C ASP F 103 1.19 51.90 -10.78
N TRP F 104 0.13 52.34 -10.10
CA TRP F 104 0.26 53.44 -9.16
C TRP F 104 1.16 53.08 -7.98
N ARG F 105 1.42 51.78 -7.77
CA ARG F 105 2.35 51.36 -6.73
C ARG F 105 3.80 51.44 -7.16
N ALA F 106 4.07 51.74 -8.43
CA ALA F 106 5.43 51.73 -8.93
C ALA F 106 6.25 52.87 -8.32
N PRO F 107 7.57 52.68 -8.19
CA PRO F 107 8.40 53.76 -7.62
C PRO F 107 8.27 55.11 -8.32
N MET F 108 8.36 55.14 -9.65
CA MET F 108 8.27 56.42 -10.34
C MET F 108 6.84 56.94 -10.44
N ALA F 109 5.84 56.12 -10.09
CA ALA F 109 4.46 56.59 -10.05
C ALA F 109 4.13 57.31 -8.75
N ARG F 110 5.02 57.27 -7.76
CA ARG F 110 4.73 57.90 -6.48
C ARG F 110 4.43 59.39 -6.59
N PRO F 111 5.13 60.18 -7.40
CA PRO F 111 4.80 61.61 -7.48
C PRO F 111 3.33 61.90 -7.74
N PHE F 112 2.59 60.92 -8.29
CA PHE F 112 1.16 61.13 -8.51
C PHE F 112 0.45 61.48 -7.21
N TYR F 113 0.87 60.87 -6.10
CA TYR F 113 0.26 61.14 -4.80
C TYR F 113 1.08 62.12 -3.97
N VAL F 114 2.41 62.12 -4.14
CA VAL F 114 3.26 62.93 -3.28
C VAL F 114 3.39 64.36 -3.80
N ALA F 115 3.33 64.56 -5.12
CA ALA F 115 3.62 65.86 -5.69
C ALA F 115 2.64 66.91 -5.21
N THR F 116 3.16 68.11 -4.94
CA THR F 116 2.35 69.25 -4.55
C THR F 116 3.03 70.52 -5.04
N ALA F 117 2.27 71.61 -5.08
CA ALA F 117 2.80 72.86 -5.58
C ALA F 117 3.97 73.36 -4.73
N ALA F 118 3.85 73.27 -3.41
CA ALA F 118 4.91 73.72 -2.52
C ALA F 118 6.12 72.82 -2.51
N ASN F 119 6.00 71.62 -3.08
CA ASN F 119 7.11 70.67 -3.13
C ASN F 119 6.92 69.73 -4.32
N PRO F 120 7.14 70.21 -5.55
CA PRO F 120 6.91 69.37 -6.73
C PRO F 120 8.00 68.32 -6.87
N GLU F 121 7.59 67.07 -7.08
CA GLU F 121 8.53 65.98 -7.30
C GLU F 121 8.86 65.86 -8.79
N ASN F 122 9.30 66.95 -9.40
CA ASN F 122 9.69 66.99 -10.81
C ASN F 122 8.54 66.61 -11.73
N MET F 123 7.31 66.89 -11.33
CA MET F 123 6.13 66.64 -12.14
C MET F 123 5.38 67.95 -12.34
N ARG F 124 4.81 68.13 -13.53
CA ARG F 124 4.34 69.44 -13.98
C ARG F 124 2.85 69.67 -13.72
N ARG F 125 1.97 68.81 -14.25
CA ARG F 125 0.53 69.05 -14.17
C ARG F 125 -0.18 67.71 -13.94
N ARG F 126 -0.61 67.50 -12.70
CA ARG F 126 -1.39 66.31 -12.38
C ARG F 126 -2.79 66.42 -12.98
N ARG F 127 -3.38 65.26 -13.29
CA ARG F 127 -4.71 65.19 -13.86
C ARG F 127 -5.46 64.03 -13.24
N GLN F 128 -6.80 64.15 -13.20
CA GLN F 128 -7.67 63.14 -12.62
C GLN F 128 -8.76 62.79 -13.61
N PHE F 129 -9.19 61.53 -13.61
CA PHE F 129 -10.17 61.02 -14.56
C PHE F 129 -11.43 60.56 -13.83
N HIS F 130 -12.58 60.97 -14.35
CA HIS F 130 -13.85 60.38 -13.97
C HIS F 130 -14.27 59.37 -15.03
N THR F 131 -14.91 58.29 -14.60
CA THR F 131 -15.18 57.16 -15.47
C THR F 131 -16.63 56.72 -15.32
N LEU F 132 -17.14 56.07 -16.37
CA LEU F 132 -18.46 55.46 -16.35
C LEU F 132 -18.32 54.08 -16.98
N GLY F 133 -18.01 53.09 -16.14
CA GLY F 133 -17.81 51.73 -16.60
C GLY F 133 -16.42 51.52 -17.17
N ARG F 134 -16.21 51.94 -18.42
CA ARG F 134 -14.88 51.92 -19.03
C ARG F 134 -14.46 53.31 -19.47
N LYS F 135 -15.35 54.01 -20.17
CA LYS F 135 -15.00 55.29 -20.78
C LYS F 135 -14.73 56.34 -19.72
N VAL F 136 -13.80 57.24 -20.02
CA VAL F 136 -13.52 58.40 -19.17
C VAL F 136 -14.51 59.50 -19.51
N VAL F 137 -15.19 60.04 -18.50
CA VAL F 137 -16.20 61.05 -18.73
C VAL F 137 -15.55 62.41 -18.91
N ASP F 138 -14.84 62.88 -17.89
CA ASP F 138 -14.18 64.17 -17.94
C ASP F 138 -13.04 64.18 -16.93
N PHE F 139 -12.21 65.22 -17.02
CA PHE F 139 -11.00 65.31 -16.21
C PHE F 139 -10.82 66.72 -15.70
N THR F 140 -9.98 66.85 -14.67
CA THR F 140 -9.62 68.14 -14.09
C THR F 140 -8.11 68.20 -13.95
N ASP F 141 -7.56 69.41 -14.09
CA ASP F 141 -6.12 69.63 -14.06
C ASP F 141 -5.69 70.27 -12.76
N GLU F 142 -4.38 70.23 -12.51
CA GLU F 142 -3.80 70.81 -11.31
C GLU F 142 -2.34 71.13 -11.59
N ILE F 143 -1.98 72.41 -11.51
CA ILE F 143 -0.62 72.83 -11.85
C ILE F 143 0.31 72.54 -10.67
N LEU F 144 1.59 72.30 -10.99
CA LEU F 144 2.62 72.11 -9.99
C LEU F 144 3.78 73.06 -10.28
N GLY F 145 4.45 73.49 -9.21
CA GLY F 145 5.53 74.45 -9.35
C GLY F 145 5.00 75.84 -9.65
N ARG F 146 5.93 76.70 -10.06
CA ARG F 146 5.60 78.08 -10.38
C ARG F 146 4.93 78.17 -11.75
N VAL G 5 3.75 -16.71 12.22
CA VAL G 5 5.16 -16.70 12.66
C VAL G 5 5.30 -17.48 13.97
N LEU G 6 4.41 -17.19 14.91
CA LEU G 6 4.33 -17.94 16.16
C LEU G 6 2.94 -18.55 16.30
N ARG G 7 2.87 -19.66 17.02
CA ARG G 7 1.65 -20.44 17.14
C ARG G 7 1.33 -20.74 18.59
N GLY G 8 0.05 -21.03 18.83
CA GLY G 8 -0.41 -21.40 20.16
C GLY G 8 -1.71 -22.14 20.05
N SER G 9 -2.31 -22.42 21.21
CA SER G 9 -3.55 -23.19 21.23
C SER G 9 -4.37 -22.80 22.45
N ARG G 10 -5.68 -23.05 22.34
CA ARG G 10 -6.58 -22.90 23.47
C ARG G 10 -6.26 -23.93 24.55
N LEU G 11 -7.03 -23.87 25.64
CA LEU G 11 -6.84 -24.77 26.76
C LEU G 11 -7.39 -26.17 26.50
N GLY G 12 -7.82 -26.48 25.28
CA GLY G 12 -8.39 -27.77 24.98
C GLY G 12 -8.05 -28.22 23.57
N ALA G 13 -8.67 -29.32 23.16
CA ALA G 13 -8.44 -29.92 21.86
C ALA G 13 -9.78 -30.26 21.21
N VAL G 14 -9.73 -30.57 19.91
CA VAL G 14 -10.93 -30.81 19.13
C VAL G 14 -11.14 -32.31 18.94
N SER G 15 -12.38 -32.69 18.67
CA SER G 15 -12.76 -34.08 18.41
C SER G 15 -13.57 -34.13 17.12
N TYR G 16 -13.25 -35.09 16.26
CA TYR G 16 -13.86 -35.17 14.94
C TYR G 16 -15.07 -36.09 14.86
N GLU G 17 -15.49 -36.71 15.96
CA GLU G 17 -16.60 -37.64 15.91
C GLU G 17 -17.85 -36.98 15.36
N THR G 18 -18.80 -37.79 14.88
CA THR G 18 -19.89 -37.31 14.05
C THR G 18 -21.27 -37.60 14.63
N ASP G 19 -21.44 -38.67 15.39
CA ASP G 19 -22.76 -39.21 15.72
C ASP G 19 -23.67 -38.13 16.29
N ARG G 20 -24.97 -38.42 16.27
CA ARG G 20 -26.02 -37.46 16.63
C ARG G 20 -27.07 -38.20 17.46
N ASN G 21 -28.25 -37.58 17.59
CA ASN G 21 -29.25 -38.01 18.56
C ASN G 21 -29.60 -39.49 18.49
N HIS G 22 -29.14 -40.22 17.47
CA HIS G 22 -29.42 -41.65 17.40
C HIS G 22 -28.87 -42.42 18.59
N ASP G 23 -27.91 -41.86 19.32
CA ASP G 23 -27.49 -42.39 20.61
C ASP G 23 -28.06 -41.52 21.72
N LEU G 24 -28.73 -42.15 22.68
CA LEU G 24 -29.43 -41.45 23.75
C LEU G 24 -28.86 -41.92 25.09
N ALA G 25 -28.39 -40.97 25.88
CA ALA G 25 -28.01 -41.28 27.26
C ALA G 25 -29.22 -41.10 28.17
N PRO G 26 -29.65 -42.13 28.90
CA PRO G 26 -30.87 -41.99 29.71
C PRO G 26 -30.69 -40.90 30.77
N ARG G 27 -31.56 -39.89 30.72
CA ARG G 27 -31.44 -38.73 31.58
C ARG G 27 -32.80 -38.34 32.13
N GLN G 28 -32.79 -37.71 33.31
CA GLN G 28 -34.00 -37.16 33.91
C GLN G 28 -33.64 -35.82 34.55
N VAL G 29 -34.66 -34.98 34.71
CA VAL G 29 -34.47 -33.58 35.09
C VAL G 29 -34.90 -33.42 36.54
N ALA G 30 -34.03 -32.78 37.34
CA ALA G 30 -34.37 -32.40 38.70
C ALA G 30 -34.80 -30.93 38.75
N ARG G 31 -35.58 -30.60 39.78
CA ARG G 31 -36.17 -29.28 39.95
C ARG G 31 -35.66 -28.66 41.23
N TYR G 32 -35.28 -27.38 41.16
CA TYR G 32 -34.72 -26.68 42.31
C TYR G 32 -35.41 -25.33 42.45
N ARG G 33 -35.48 -24.85 43.69
CA ARG G 33 -35.99 -23.52 43.98
C ARG G 33 -35.02 -22.79 44.91
N THR G 34 -34.85 -21.49 44.65
CA THR G 34 -33.87 -20.67 45.34
C THR G 34 -34.56 -19.80 46.40
N ASP G 35 -33.75 -18.97 47.06
CA ASP G 35 -34.25 -18.14 48.14
C ASP G 35 -35.26 -17.11 47.66
N ASN G 36 -35.00 -16.46 46.52
CA ASN G 36 -35.86 -15.38 46.05
C ASN G 36 -37.14 -15.88 45.39
N GLY G 37 -37.32 -17.18 45.26
CA GLY G 37 -38.50 -17.74 44.64
C GLY G 37 -38.35 -18.22 43.22
N GLU G 38 -37.21 -17.97 42.59
CA GLU G 38 -36.98 -18.45 41.24
C GLU G 38 -36.80 -19.97 41.25
N GLU G 39 -37.17 -20.60 40.14
CA GLU G 39 -37.11 -22.04 39.99
C GLU G 39 -36.28 -22.40 38.77
N PHE G 40 -35.63 -23.56 38.82
CA PHE G 40 -34.70 -23.97 37.79
C PHE G 40 -34.76 -25.49 37.61
N ASP G 41 -34.29 -25.93 36.44
CA ASP G 41 -34.26 -27.33 36.06
C ASP G 41 -32.84 -27.74 35.71
N VAL G 42 -32.49 -28.98 36.03
CA VAL G 42 -31.15 -29.49 35.72
C VAL G 42 -31.26 -30.93 35.21
N PRO G 43 -30.93 -31.20 33.94
CA PRO G 43 -30.93 -32.59 33.47
C PRO G 43 -29.75 -33.39 33.99
N PHE G 44 -30.02 -34.51 34.65
CA PHE G 44 -29.01 -35.44 35.11
C PHE G 44 -29.19 -36.80 34.43
N ALA G 45 -28.12 -37.57 34.41
CA ALA G 45 -28.20 -38.94 33.90
C ALA G 45 -29.01 -39.81 34.86
N ASP G 46 -29.51 -40.93 34.33
CA ASP G 46 -30.33 -41.82 35.15
C ASP G 46 -29.57 -42.49 36.27
N ASP G 47 -28.23 -42.41 36.27
CA ASP G 47 -27.48 -42.81 37.45
C ASP G 47 -27.86 -42.00 38.67
N ALA G 48 -28.46 -40.83 38.44
CA ALA G 48 -29.08 -40.03 39.51
C ALA G 48 -28.11 -39.71 40.63
N GLU G 49 -28.42 -40.15 41.85
CA GLU G 49 -27.72 -39.65 43.04
C GLU G 49 -27.80 -38.12 43.08
N ILE G 50 -28.97 -37.59 42.76
CA ILE G 50 -29.13 -36.15 42.59
C ILE G 50 -28.83 -35.44 43.89
N PRO G 51 -28.09 -34.34 43.89
CA PRO G 51 -27.79 -33.63 45.13
C PRO G 51 -29.00 -32.87 45.68
N GLY G 52 -29.00 -32.67 46.99
CA GLY G 52 -30.08 -31.94 47.62
C GLY G 52 -30.06 -30.46 47.37
N THR G 53 -28.89 -29.88 47.10
CA THR G 53 -28.75 -28.46 46.83
C THR G 53 -27.91 -28.27 45.58
N TRP G 54 -28.25 -27.25 44.81
CA TRP G 54 -27.59 -26.97 43.54
C TRP G 54 -27.41 -25.47 43.36
N LEU G 55 -26.26 -25.08 42.81
CA LEU G 55 -25.98 -23.68 42.52
C LEU G 55 -26.59 -23.34 41.17
N CYS G 56 -27.67 -22.55 41.18
CA CYS G 56 -28.44 -22.27 39.97
C CYS G 56 -27.83 -21.10 39.21
N ARG G 57 -28.52 -20.68 38.14
CA ARG G 57 -28.01 -19.61 37.29
C ARG G 57 -27.89 -18.31 38.05
N ASN G 58 -28.91 -17.96 38.84
CA ASN G 58 -28.92 -16.67 39.51
C ASN G 58 -27.84 -16.55 40.57
N GLY G 59 -27.25 -17.66 40.99
CA GLY G 59 -26.20 -17.65 41.99
C GLY G 59 -26.66 -17.99 43.40
N LEU G 60 -27.90 -18.41 43.57
CA LEU G 60 -28.42 -18.82 44.87
C LEU G 60 -28.40 -20.34 44.96
N GLU G 61 -27.88 -20.85 46.06
CA GLU G 61 -27.79 -22.30 46.28
C GLU G 61 -29.18 -22.82 46.58
N GLY G 62 -29.91 -23.14 45.52
CA GLY G 62 -31.27 -23.60 45.67
C GLY G 62 -31.36 -25.02 46.18
N THR G 63 -32.56 -25.37 46.65
CA THR G 63 -32.83 -26.67 47.24
C THR G 63 -33.80 -27.46 46.37
N LEU G 64 -33.69 -28.78 46.47
CA LEU G 64 -34.55 -29.68 45.71
C LEU G 64 -35.98 -29.64 46.27
N ILE G 65 -36.94 -29.93 45.40
CA ILE G 65 -38.35 -29.85 45.81
C ILE G 65 -38.90 -31.18 46.32
N GLU G 66 -38.29 -32.30 45.94
CA GLU G 66 -38.86 -33.61 46.29
C GLU G 66 -38.80 -33.90 47.78
N GLY G 67 -37.72 -33.53 48.45
CA GLY G 67 -37.56 -33.86 49.85
C GLY G 67 -38.12 -32.80 50.77
N ASP G 68 -38.65 -33.26 51.92
CA ASP G 68 -39.18 -32.34 52.91
C ASP G 68 -38.06 -31.56 53.60
N VAL G 69 -36.95 -32.23 53.89
CA VAL G 69 -35.79 -31.59 54.50
C VAL G 69 -34.55 -32.04 53.73
N PRO G 70 -33.73 -31.12 53.21
CA PRO G 70 -32.53 -31.55 52.47
C PRO G 70 -31.41 -31.99 53.41
N GLU G 71 -30.25 -32.30 52.84
CA GLU G 71 -29.11 -32.68 53.66
C GLU G 71 -28.77 -31.53 54.61
N PRO G 72 -28.54 -31.79 55.90
CA PRO G 72 -28.35 -30.68 56.85
C PRO G 72 -27.25 -29.72 56.44
N LYS G 73 -26.13 -30.22 55.92
CA LYS G 73 -25.03 -29.37 55.48
C LYS G 73 -24.60 -28.41 56.59
N LYS G 74 -24.56 -28.91 57.81
CA LYS G 74 -24.22 -28.08 58.96
C LYS G 74 -22.76 -27.65 58.89
N VAL G 75 -22.51 -26.42 59.37
CA VAL G 75 -21.18 -25.83 59.37
C VAL G 75 -20.96 -25.12 60.70
N LYS G 76 -19.69 -24.92 61.04
CA LYS G 76 -19.35 -24.29 62.30
C LYS G 76 -19.83 -22.84 62.31
N PRO G 77 -20.10 -22.29 63.50
CA PRO G 77 -20.60 -20.91 63.58
C PRO G 77 -19.48 -19.91 63.32
N PRO G 78 -19.81 -18.66 63.02
CA PRO G 78 -18.78 -17.65 62.76
C PRO G 78 -18.17 -17.12 64.04
N ARG G 79 -17.05 -16.42 63.88
CA ARG G 79 -16.34 -15.78 64.98
C ARG G 79 -16.59 -14.28 64.91
N THR G 80 -17.05 -13.69 66.00
CA THR G 80 -17.54 -12.31 66.02
C THR G 80 -16.74 -11.49 67.02
N HIS G 81 -17.08 -10.20 67.08
CA HIS G 81 -16.28 -9.25 67.84
C HIS G 81 -16.37 -9.51 69.34
N TRP G 82 -17.58 -9.79 69.86
CA TRP G 82 -17.64 -10.18 71.26
C TRP G 82 -16.86 -11.46 71.54
N ASP G 83 -17.00 -12.46 70.66
CA ASP G 83 -16.42 -13.76 70.96
C ASP G 83 -14.90 -13.66 71.06
N MET G 84 -14.29 -12.72 70.33
CA MET G 84 -12.87 -12.48 70.44
C MET G 84 -12.52 -11.53 71.58
N LEU G 85 -13.44 -10.64 71.97
CA LEU G 85 -13.21 -9.85 73.18
C LEU G 85 -13.17 -10.75 74.40
N LEU G 86 -14.04 -11.76 74.45
CA LEU G 86 -14.11 -12.66 75.60
C LEU G 86 -12.83 -13.47 75.78
N GLU G 87 -11.98 -13.53 74.76
CA GLU G 87 -10.70 -14.23 74.85
C GLU G 87 -9.63 -13.42 75.55
N ARG G 88 -9.92 -12.15 75.88
CA ARG G 88 -8.95 -11.29 76.53
C ARG G 88 -9.50 -10.59 77.77
N ARG G 89 -10.82 -10.58 77.98
CA ARG G 89 -11.43 -9.99 79.17
C ARG G 89 -12.27 -11.03 79.89
N SER G 90 -12.10 -11.11 81.20
CA SER G 90 -12.96 -11.96 82.01
C SER G 90 -14.29 -11.27 82.28
N VAL G 91 -15.35 -12.07 82.42
CA VAL G 91 -16.67 -11.50 82.69
C VAL G 91 -16.64 -10.69 83.98
N GLU G 92 -15.81 -11.09 84.94
CA GLU G 92 -15.66 -10.31 86.16
C GLU G 92 -15.09 -8.93 85.88
N GLU G 93 -14.14 -8.83 84.96
CA GLU G 93 -13.60 -7.53 84.57
C GLU G 93 -14.62 -6.71 83.79
N LEU G 94 -15.40 -7.36 82.93
CA LEU G 94 -16.43 -6.63 82.18
C LEU G 94 -17.52 -6.09 83.10
N GLU G 95 -17.85 -6.81 84.17
CA GLU G 95 -18.82 -6.30 85.12
C GLU G 95 -18.32 -5.01 85.76
N GLU G 96 -17.04 -4.99 86.15
CA GLU G 96 -16.47 -3.78 86.75
C GLU G 96 -16.41 -2.66 85.73
N LEU G 97 -16.10 -2.98 84.47
CA LEU G 97 -16.11 -1.96 83.42
C LEU G 97 -17.49 -1.34 83.27
N LEU G 98 -18.52 -2.18 83.24
CA LEU G 98 -19.89 -1.67 83.12
C LEU G 98 -20.25 -0.80 84.31
N LYS G 99 -19.87 -1.24 85.52
CA LYS G 99 -20.14 -0.43 86.71
C LYS G 99 -19.44 0.91 86.62
N GLU G 100 -18.18 0.92 86.19
CA GLU G 100 -17.42 2.16 86.11
C GLU G 100 -18.04 3.12 85.10
N ARG G 101 -18.45 2.63 83.94
CA ARG G 101 -19.06 3.51 82.95
C ARG G 101 -20.46 3.99 83.36
N LEU G 102 -21.23 3.13 84.02
CA LEU G 102 -22.54 3.56 84.50
C LEU G 102 -22.42 4.68 85.52
N ASP G 103 -21.29 4.75 86.22
CA ASP G 103 -21.11 5.79 87.23
C ASP G 103 -21.08 7.18 86.62
N LEU G 104 -20.49 7.33 85.43
CA LEU G 104 -20.36 8.64 84.81
C LEU G 104 -21.69 9.12 84.25
N ILE G 105 -22.37 8.28 83.47
CA ILE G 105 -23.67 8.67 82.92
C ILE G 105 -24.68 8.90 84.04
N LYS G 106 -24.53 8.22 85.17
CA LYS G 106 -25.41 8.45 86.32
C LYS G 106 -25.12 9.78 87.01
N ALA G 107 -23.98 10.41 86.71
CA ALA G 107 -23.59 11.62 87.43
C ALA G 107 -24.56 12.76 87.20
N LYS G 108 -25.03 12.95 85.96
CA LYS G 108 -25.88 14.08 85.63
C LYS G 108 -27.15 14.08 86.48
N SER J 24 -23.52 -16.74 -37.57
CA SER J 24 -23.73 -15.76 -38.67
C SER J 24 -22.40 -15.27 -39.24
N ALA J 25 -21.96 -14.10 -38.78
CA ALA J 25 -20.71 -13.53 -39.27
C ALA J 25 -19.49 -14.01 -38.48
N TYR J 26 -19.68 -14.36 -37.20
CA TYR J 26 -18.56 -14.75 -36.37
C TYR J 26 -18.02 -16.12 -36.78
N ASP J 27 -16.70 -16.28 -36.67
CA ASP J 27 -16.10 -17.58 -36.86
C ASP J 27 -16.48 -18.51 -35.71
N THR J 28 -16.21 -19.80 -35.90
CA THR J 28 -16.56 -20.77 -34.88
C THR J 28 -15.87 -20.43 -33.57
N PRO J 29 -16.60 -20.30 -32.46
CA PRO J 29 -15.96 -19.96 -31.19
C PRO J 29 -15.20 -21.14 -30.60
N LEU J 30 -14.37 -20.83 -29.61
CA LEU J 30 -13.55 -21.83 -28.94
C LEU J 30 -13.46 -21.50 -27.45
N GLY J 31 -13.55 -22.53 -26.63
CA GLY J 31 -13.43 -22.33 -25.19
C GLY J 31 -14.77 -22.04 -24.54
N ILE J 32 -14.72 -21.26 -23.47
CA ILE J 32 -15.90 -20.98 -22.64
C ILE J 32 -16.79 -19.94 -23.29
N THR J 33 -16.33 -19.33 -24.37
CA THR J 33 -17.17 -18.38 -25.10
C THR J 33 -18.19 -19.08 -26.00
N ASN J 34 -18.12 -20.41 -26.13
CA ASN J 34 -19.11 -21.18 -26.86
C ASN J 34 -20.12 -21.79 -25.90
N PRO J 35 -21.43 -21.62 -26.13
CA PRO J 35 -22.05 -20.87 -27.22
C PRO J 35 -21.97 -19.36 -27.00
N PRO J 36 -22.13 -18.57 -28.07
CA PRO J 36 -22.00 -17.12 -27.93
C PRO J 36 -23.04 -16.57 -26.95
N ILE J 37 -22.65 -15.52 -26.23
CA ILE J 37 -23.51 -14.97 -25.19
C ILE J 37 -24.78 -14.37 -25.80
N ASP J 38 -24.66 -13.78 -26.99
CA ASP J 38 -25.82 -13.16 -27.62
C ASP J 38 -26.85 -14.18 -28.08
N GLU J 39 -26.43 -15.41 -28.40
CA GLU J 39 -27.39 -16.46 -28.70
C GLU J 39 -28.05 -17.02 -27.44
N LEU J 40 -27.45 -16.82 -26.27
CA LEU J 40 -28.04 -17.25 -25.02
C LEU J 40 -29.01 -16.21 -24.47
N LEU J 41 -28.66 -14.93 -24.54
CA LEU J 41 -29.53 -13.88 -24.01
C LEU J 41 -30.83 -13.77 -24.79
N SER J 42 -30.89 -14.30 -26.01
CA SER J 42 -32.15 -14.32 -26.75
C SER J 42 -33.16 -15.28 -26.13
N ARG J 43 -32.74 -16.12 -25.20
CA ARG J 43 -33.60 -17.13 -24.59
C ARG J 43 -33.77 -16.93 -23.10
N ALA J 44 -33.44 -15.75 -22.57
CA ALA J 44 -33.57 -15.48 -21.15
C ALA J 44 -34.03 -14.04 -20.96
N SER J 45 -34.65 -13.79 -19.80
CA SER J 45 -35.14 -12.46 -19.51
C SER J 45 -33.99 -11.45 -19.42
N SER J 46 -32.89 -11.84 -18.80
CA SER J 46 -31.77 -10.93 -18.58
C SER J 46 -30.52 -11.75 -18.27
N LYS J 47 -29.38 -11.06 -18.21
CA LYS J 47 -28.13 -11.72 -17.84
C LYS J 47 -28.25 -12.38 -16.48
N TYR J 48 -28.79 -11.65 -15.49
CA TYR J 48 -28.90 -12.20 -14.14
C TYR J 48 -29.82 -13.41 -14.13
N ALA J 49 -30.92 -13.36 -14.87
CA ALA J 49 -31.80 -14.52 -14.97
C ALA J 49 -31.09 -15.70 -15.60
N LEU J 50 -30.30 -15.45 -16.65
CA LEU J 50 -29.56 -16.51 -17.31
C LEU J 50 -28.57 -17.17 -16.35
N VAL J 51 -27.91 -16.37 -15.51
CA VAL J 51 -26.93 -16.92 -14.58
C VAL J 51 -27.59 -17.95 -13.67
N ILE J 52 -28.72 -17.57 -13.05
CA ILE J 52 -29.40 -18.48 -12.13
C ILE J 52 -29.98 -19.67 -12.89
N TYR J 53 -30.48 -19.43 -14.10
CA TYR J 53 -31.00 -20.51 -14.94
C TYR J 53 -29.93 -21.59 -15.15
N ALA J 54 -28.75 -21.17 -15.61
CA ALA J 54 -27.66 -22.11 -15.85
C ALA J 54 -27.19 -22.76 -14.56
N ALA J 55 -27.10 -22.00 -13.47
CA ALA J 55 -26.64 -22.57 -12.22
C ALA J 55 -27.60 -23.64 -11.71
N LYS J 56 -28.91 -23.38 -11.79
CA LYS J 56 -29.89 -24.36 -11.36
C LYS J 56 -29.80 -25.63 -12.20
N ARG J 57 -29.68 -25.47 -13.52
CA ARG J 57 -29.58 -26.66 -14.36
C ARG J 57 -28.30 -27.44 -14.06
N ALA J 58 -27.19 -26.72 -13.80
CA ALA J 58 -25.95 -27.39 -13.48
C ALA J 58 -26.06 -28.17 -12.18
N ARG J 59 -26.72 -27.58 -11.17
CA ARG J 59 -26.94 -28.31 -9.93
C ARG J 59 -27.78 -29.55 -10.16
N GLN J 60 -28.83 -29.45 -10.99
CA GLN J 60 -29.64 -30.62 -11.29
C GLN J 60 -28.80 -31.71 -11.96
N ILE J 61 -27.96 -31.33 -12.91
CA ILE J 61 -27.13 -32.31 -13.60
C ILE J 61 -26.16 -32.97 -12.62
N ASN J 62 -25.55 -32.17 -11.74
CA ASN J 62 -24.64 -32.75 -10.75
C ASN J 62 -25.36 -33.70 -9.81
N ASP J 63 -26.58 -33.36 -9.39
CA ASP J 63 -27.35 -34.26 -8.55
C ASP J 63 -27.66 -35.55 -9.28
N TYR J 64 -28.02 -35.47 -10.56
CA TYR J 64 -28.27 -36.68 -11.32
C TYR J 64 -27.03 -37.55 -11.41
N TYR J 65 -25.86 -36.94 -11.66
CA TYR J 65 -24.62 -37.71 -11.69
C TYR J 65 -24.34 -38.38 -10.34
N ASN J 66 -24.54 -37.67 -9.25
CA ASN J 66 -24.29 -38.25 -7.93
C ASN J 66 -25.44 -39.11 -7.45
N GLN J 67 -26.61 -39.01 -8.08
CA GLN J 67 -27.77 -39.81 -7.69
C GLN J 67 -28.08 -39.63 -6.21
N GLU J 74 -34.70 -38.45 -9.43
CA GLU J 74 -35.65 -37.34 -9.30
C GLU J 74 -35.42 -36.30 -10.39
N TYR J 75 -34.16 -36.12 -10.77
CA TYR J 75 -33.77 -35.16 -11.79
C TYR J 75 -33.24 -35.89 -13.02
N VAL J 76 -33.71 -35.49 -14.20
CA VAL J 76 -33.28 -36.12 -15.44
C VAL J 76 -31.85 -35.72 -15.74
N GLY J 77 -31.09 -36.64 -16.33
CA GLY J 77 -29.72 -36.39 -16.67
C GLY J 77 -29.60 -35.44 -17.84
N PRO J 78 -28.41 -35.37 -18.44
CA PRO J 78 -28.21 -34.45 -19.57
C PRO J 78 -29.15 -34.78 -20.72
N LEU J 79 -29.86 -33.75 -21.20
CA LEU J 79 -30.75 -33.93 -22.34
C LEU J 79 -29.99 -34.02 -23.65
N VAL J 80 -28.74 -33.59 -23.69
CA VAL J 80 -27.90 -33.64 -24.88
C VAL J 80 -26.65 -34.43 -24.54
N GLU J 81 -26.05 -35.05 -25.55
CA GLU J 81 -24.91 -35.92 -25.33
C GLU J 81 -23.76 -35.13 -24.71
N PRO J 82 -23.24 -35.54 -23.56
CA PRO J 82 -22.12 -34.83 -22.95
C PRO J 82 -20.79 -35.25 -23.54
N GLY J 83 -19.78 -34.42 -23.29
CA GLY J 83 -18.44 -34.69 -23.77
C GLY J 83 -17.75 -35.75 -22.93
N LEU J 84 -16.45 -35.91 -23.17
CA LEU J 84 -15.66 -36.89 -22.45
C LEU J 84 -15.70 -36.61 -20.94
N GLN J 85 -15.37 -35.38 -20.55
CA GLN J 85 -15.41 -34.97 -19.15
C GLN J 85 -15.98 -33.56 -19.05
N GLU J 86 -16.98 -33.26 -19.88
CA GLU J 86 -17.54 -31.91 -19.93
C GLU J 86 -18.12 -31.53 -18.57
N LYS J 87 -17.88 -30.28 -18.17
CA LYS J 87 -18.37 -29.81 -16.88
C LYS J 87 -19.89 -29.67 -16.92
N PRO J 88 -20.57 -29.83 -15.79
CA PRO J 88 -22.05 -29.67 -15.80
C PRO J 88 -22.52 -28.32 -16.31
N LEU J 89 -21.80 -27.25 -16.00
CA LEU J 89 -22.23 -25.93 -16.44
C LEU J 89 -22.24 -25.80 -17.96
N SER J 90 -21.22 -26.35 -18.63
CA SER J 90 -21.22 -26.31 -20.09
C SER J 90 -22.39 -27.09 -20.66
N ILE J 91 -22.70 -28.25 -20.07
CA ILE J 91 -23.82 -29.04 -20.53
C ILE J 91 -25.13 -28.27 -20.37
N ALA J 92 -25.28 -27.60 -19.22
CA ALA J 92 -26.49 -26.81 -18.99
C ALA J 92 -26.60 -25.67 -19.99
N LEU J 93 -25.49 -24.98 -20.26
CA LEU J 93 -25.52 -23.89 -21.23
C LEU J 93 -25.85 -24.39 -22.63
N ARG J 94 -25.32 -25.56 -23.02
CA ARG J 94 -25.68 -26.12 -24.32
C ARG J 94 -27.15 -26.51 -24.39
N GLU J 95 -27.69 -27.07 -23.30
CA GLU J 95 -29.12 -27.36 -23.28
C GLU J 95 -29.94 -26.08 -23.44
N ILE J 96 -29.53 -25.01 -22.74
CA ILE J 96 -30.24 -23.74 -22.87
C ILE J 96 -30.19 -23.25 -24.30
N HIS J 97 -29.00 -23.33 -24.92
CA HIS J 97 -28.86 -22.90 -26.31
C HIS J 97 -29.70 -23.76 -27.24
N GLY J 98 -29.96 -25.01 -26.88
CA GLY J 98 -30.73 -25.92 -27.69
C GLY J 98 -32.23 -25.85 -27.50
N ASP J 99 -32.73 -24.90 -26.71
CA ASP J 99 -34.16 -24.77 -26.45
C ASP J 99 -34.74 -26.03 -25.82
N LEU J 100 -33.92 -26.77 -25.08
CA LEU J 100 -34.39 -27.99 -24.44
C LEU J 100 -34.99 -27.72 -23.07
N LEU J 101 -34.65 -26.60 -22.45
CA LEU J 101 -35.09 -26.27 -21.11
C LEU J 101 -36.07 -25.10 -21.12
N GLU J 102 -36.77 -24.94 -20.00
CA GLU J 102 -37.68 -23.82 -19.79
C GLU J 102 -37.57 -23.40 -18.33
N HIS J 103 -37.94 -22.13 -18.07
CA HIS J 103 -37.81 -21.58 -16.74
C HIS J 103 -38.92 -20.57 -16.50
N THR J 104 -39.17 -20.29 -15.21
CA THR J 104 -40.19 -19.35 -14.78
C THR J 104 -39.58 -18.38 -13.79
N GLU J 105 -39.91 -17.09 -13.94
CA GLU J 105 -39.37 -16.09 -13.04
C GLU J 105 -39.97 -16.25 -11.64
N GLY J 106 -39.22 -15.80 -10.64
CA GLY J 106 -39.60 -15.96 -9.25
C GLY J 106 -40.51 -14.90 -8.69
N GLU J 107 -40.93 -13.93 -9.50
CA GLU J 107 -41.80 -12.87 -9.01
C GLU J 107 -42.58 -12.23 -10.16
ZN ZN K . -38.99 6.13 -14.55
ZN ZN L . -17.86 -33.37 35.95
MG MG M . 4.02 -0.48 -12.62
#